data_7TGL
#
_entry.id   7TGL
#
_cell.length_a   126.501
_cell.length_b   236.745
_cell.length_c   330.810
_cell.angle_alpha   90.000
_cell.angle_beta   90.000
_cell.angle_gamma   90.000
#
_symmetry.space_group_name_H-M   'C 2 2 21'
#
loop_
_entity.id
_entity.type
_entity.pdbx_description
1 polymer 'Desferrioxamine synthetase DesD'
2 non-polymer GLYCEROL
3 non-polymer PYROPHOSPHATE
4 non-polymer 'ADENOSINE MONOPHOSPHATE'
5 non-polymer 'SULFATE ION'
6 non-polymer 'MAGNESIUM ION'
7 water water
#
_entity_poly.entity_id   1
_entity_poly.type   'polypeptide(L)'
_entity_poly.pdbx_seq_one_letter_code
;MGSSHHHHHHSSGLVPRGSHMSLTDAVAHLSPERWEEANRLLVRKALAEFAHERLFTPEPADGQDGRYVVRSDDGLTSYR
FTAVRRALDHWQVDAGSITRTRDGAELPLAALDFFIELRHTLGLSDEILPVYLEEISSTLSGTCYKLTKPQVTAAGLLEG
GFQALESGMTEGHPCFVANNGRLGFGVDEYLAYAPETAHPVRLVWLAAHRSRAAFTAGAGIDYASFVRQELGEETVERFD
GVLRGRGLDPADYLLIPVHPWQWWNKLSVTFAAEVARQNLVCLGESDDEYLAQQSIRTFFNATHPEKHYVKTALSVLNMG
FMRGLSAAYMEATPAINDWLDRLIDNDPVLKSTGLSIIRERAAVGYRHLEYEAATDRYSPYRKMLAALWRESPVPALRDG
ESLTTMAALVHVDHEGRSVAGELIARSGLAPTAWLRHYLRAYYTPLLHSFYAYDLAFMPHGENTILVLKDGVVQRAVYKD
IAEEIVVMDPDAVLPPEVRRVRAEVPEDMKLLSIFTDVFDCFFRFLAAGLATEEVLAEDDFWRTVAEVTREYQEAHPELD
DRFRQYDLFAPEFALSCLNRLQLRDNRQMVDLADPSAALQLVGTLRNPLAGL
;
_entity_poly.pdbx_strand_id   A,B,C,D,E
#
# COMPACT_ATOMS: atom_id res chain seq x y z
N MET A 21 31.45 -18.55 -2.84
CA MET A 21 32.31 -18.05 -3.91
C MET A 21 33.48 -19.06 -4.16
N SER A 22 33.38 -20.19 -3.48
CA SER A 22 34.33 -21.31 -3.48
C SER A 22 35.53 -20.97 -2.59
N LEU A 23 35.57 -21.61 -1.43
CA LEU A 23 36.64 -21.41 -0.48
C LEU A 23 38.00 -21.62 -1.10
N THR A 24 38.14 -22.58 -1.98
CA THR A 24 39.53 -22.79 -2.36
C THR A 24 39.94 -21.94 -3.55
N ASP A 25 39.03 -21.71 -4.50
CA ASP A 25 39.35 -20.78 -5.59
C ASP A 25 39.73 -19.41 -5.05
N ALA A 26 39.00 -18.93 -4.04
CA ALA A 26 39.28 -17.64 -3.43
C ALA A 26 40.77 -17.47 -3.15
N VAL A 27 41.44 -18.48 -2.60
CA VAL A 27 42.84 -18.33 -2.21
C VAL A 27 43.78 -19.03 -3.18
N ALA A 28 43.30 -19.34 -4.38
CA ALA A 28 44.15 -20.03 -5.34
C ALA A 28 45.37 -19.20 -5.74
N HIS A 29 45.24 -17.88 -5.76
CA HIS A 29 46.36 -17.04 -6.15
C HIS A 29 47.50 -17.06 -5.14
N LEU A 30 47.24 -17.58 -3.94
CA LEU A 30 48.25 -17.68 -2.90
C LEU A 30 48.95 -19.04 -2.98
N SER A 31 49.85 -19.17 -3.94
CA SER A 31 50.68 -20.38 -4.04
C SER A 31 52.13 -20.11 -3.60
N PRO A 32 52.89 -21.15 -3.21
CA PRO A 32 54.29 -20.88 -2.79
C PRO A 32 55.11 -20.17 -3.83
N GLU A 33 54.92 -20.54 -5.09
CA GLU A 33 55.72 -19.96 -6.16
C GLU A 33 55.45 -18.48 -6.25
N ARG A 34 54.17 -18.09 -6.34
CA ARG A 34 53.85 -16.68 -6.49
C ARG A 34 54.16 -15.87 -5.23
N TRP A 35 54.08 -16.44 -4.04
CA TRP A 35 54.45 -15.71 -2.85
C TRP A 35 55.95 -15.44 -2.80
N GLU A 36 56.77 -16.41 -3.25
CA GLU A 36 58.21 -16.18 -3.28
C GLU A 36 58.55 -15.02 -4.20
N GLU A 37 57.96 -15.03 -5.39
CA GLU A 37 58.18 -13.95 -6.35
C GLU A 37 57.74 -12.61 -5.76
N ALA A 38 56.45 -12.53 -5.36
CA ALA A 38 55.92 -11.35 -4.72
C ALA A 38 56.80 -10.86 -3.58
N ASN A 39 57.37 -11.76 -2.80
CA ASN A 39 58.22 -11.32 -1.71
C ASN A 39 59.51 -10.71 -2.24
N ARG A 40 60.13 -11.35 -3.24
CA ARG A 40 61.38 -10.81 -3.79
C ARG A 40 61.17 -9.43 -4.39
N LEU A 41 60.09 -9.25 -5.16
CA LEU A 41 59.78 -7.96 -5.74
C LEU A 41 59.66 -6.89 -4.65
N LEU A 42 58.89 -7.18 -3.60
CA LEU A 42 58.65 -6.17 -2.57
C LEU A 42 59.91 -5.85 -1.78
N VAL A 43 60.70 -6.86 -1.44
CA VAL A 43 61.96 -6.52 -0.78
C VAL A 43 62.86 -5.68 -1.69
N ARG A 44 62.97 -6.04 -2.98
CA ARG A 44 63.83 -5.21 -3.83
C ARG A 44 63.34 -3.77 -3.84
N LYS A 45 62.03 -3.56 -3.79
CA LYS A 45 61.53 -2.20 -3.71
C LYS A 45 61.77 -1.57 -2.33
N ALA A 46 61.70 -2.35 -1.26
CA ALA A 46 62.04 -1.81 0.05
C ALA A 46 63.50 -1.43 0.15
N LEU A 47 64.38 -2.14 -0.55
CA LEU A 47 65.79 -1.73 -0.55
C LEU A 47 65.99 -0.44 -1.35
N ALA A 48 65.42 -0.40 -2.56
CA ALA A 48 65.59 0.77 -3.42
C ALA A 48 65.08 2.02 -2.75
N GLU A 49 63.85 1.98 -2.25
CA GLU A 49 63.21 3.19 -1.77
C GLU A 49 63.62 3.57 -0.36
N PHE A 50 64.04 2.61 0.46
CA PHE A 50 64.49 3.00 1.78
C PHE A 50 65.93 3.47 1.76
N ALA A 51 66.72 3.02 0.80
CA ALA A 51 68.05 3.61 0.65
C ALA A 51 67.94 5.03 0.11
N HIS A 52 66.99 5.24 -0.80
CA HIS A 52 66.77 6.58 -1.35
C HIS A 52 66.41 7.58 -0.26
N GLU A 53 65.62 7.17 0.70
CA GLU A 53 65.20 8.03 1.79
C GLU A 53 66.17 7.97 2.96
N ARG A 54 67.30 7.30 2.78
CA ARG A 54 68.42 7.27 3.72
C ARG A 54 68.05 6.62 5.05
N LEU A 55 66.96 5.85 5.08
CA LEU A 55 66.63 5.07 6.26
C LEU A 55 67.71 4.04 6.58
N PHE A 56 68.28 3.41 5.57
CA PHE A 56 69.58 2.82 5.78
C PHE A 56 70.53 3.34 4.72
N THR A 57 71.81 3.05 4.91
CA THR A 57 72.83 3.46 3.96
C THR A 57 73.59 2.21 3.57
N PRO A 58 73.29 1.62 2.42
CA PRO A 58 73.98 0.41 2.01
C PRO A 58 75.48 0.67 1.88
N GLU A 59 76.26 -0.28 2.34
CA GLU A 59 77.69 -0.13 2.25
C GLU A 59 78.25 -1.08 1.19
N PRO A 60 79.24 -0.64 0.39
CA PRO A 60 79.86 -1.55 -0.59
C PRO A 60 80.39 -2.82 0.07
N ALA A 61 79.84 -3.96 -0.30
CA ALA A 61 80.19 -5.21 0.36
C ALA A 61 81.48 -5.78 -0.21
N ASP A 62 82.30 -6.36 0.68
CA ASP A 62 83.54 -7.02 0.31
C ASP A 62 84.42 -6.09 -0.53
N GLY A 63 84.81 -6.53 -1.72
CA GLY A 63 85.56 -5.68 -2.62
C GLY A 63 84.96 -5.62 -4.01
N GLN A 64 83.63 -5.60 -4.09
CA GLN A 64 82.90 -5.56 -5.36
C GLN A 64 82.30 -4.18 -5.60
N ASP A 65 82.38 -3.73 -6.85
CA ASP A 65 81.98 -2.37 -7.22
C ASP A 65 80.48 -2.17 -7.04
N GLY A 66 79.67 -2.97 -7.74
CA GLY A 66 78.23 -2.79 -7.72
C GLY A 66 77.50 -3.51 -6.61
N ARG A 67 78.19 -4.38 -5.88
CA ARG A 67 77.59 -5.11 -4.77
C ARG A 67 77.50 -4.20 -3.55
N TYR A 68 76.36 -4.24 -2.87
CA TYR A 68 76.10 -3.50 -1.64
C TYR A 68 75.55 -4.47 -0.60
N VAL A 69 75.47 -4.02 0.65
CA VAL A 69 74.85 -4.84 1.70
C VAL A 69 74.05 -3.96 2.64
N VAL A 70 72.99 -4.53 3.20
CA VAL A 70 72.16 -3.86 4.21
C VAL A 70 71.91 -4.87 5.32
N ARG A 71 72.28 -4.52 6.55
CA ARG A 71 72.18 -5.44 7.66
C ARG A 71 70.95 -5.13 8.54
N SER A 72 70.55 -6.12 9.32
CA SER A 72 69.40 -6.02 10.22
C SER A 72 69.77 -5.16 11.43
N ASP A 73 68.74 -4.77 12.19
CA ASP A 73 68.90 -4.07 13.47
C ASP A 73 70.10 -4.56 14.27
N ASP A 74 70.19 -5.88 14.50
CA ASP A 74 71.31 -6.40 15.28
C ASP A 74 72.58 -6.58 14.45
N GLY A 75 72.47 -6.59 13.12
CA GLY A 75 73.65 -6.79 12.28
C GLY A 75 74.04 -8.24 12.07
N LEU A 76 73.26 -9.20 12.57
CA LEU A 76 73.59 -10.60 12.37
C LEU A 76 73.07 -11.16 11.04
N THR A 77 72.03 -10.55 10.47
CA THR A 77 71.46 -10.95 9.19
C THR A 77 71.85 -9.93 8.12
N SER A 78 72.30 -10.41 6.95
CA SER A 78 72.79 -9.54 5.89
C SER A 78 71.95 -9.72 4.63
N TYR A 79 71.44 -8.62 4.09
CA TYR A 79 70.77 -8.60 2.79
C TYR A 79 71.75 -8.05 1.75
N ARG A 80 72.53 -8.93 1.12
CA ARG A 80 73.41 -8.49 0.03
C ARG A 80 72.61 -8.39 -1.27
N PHE A 81 73.01 -7.45 -2.12
CA PHE A 81 72.35 -7.24 -3.41
C PHE A 81 73.24 -6.41 -4.31
N THR A 82 73.03 -6.51 -5.61
CA THR A 82 73.70 -5.63 -6.54
C THR A 82 72.68 -4.60 -7.01
N ALA A 83 73.18 -3.41 -7.39
CA ALA A 83 72.29 -2.33 -7.79
C ALA A 83 73.03 -1.37 -8.68
N VAL A 84 72.26 -0.52 -9.38
CA VAL A 84 72.77 0.42 -10.37
C VAL A 84 72.29 1.80 -9.96
N ARG A 85 73.21 2.69 -9.58
CA ARG A 85 72.79 3.97 -9.02
C ARG A 85 72.60 4.99 -10.15
N ARG A 86 71.65 5.90 -9.94
CA ARG A 86 71.23 6.77 -11.03
C ARG A 86 70.74 8.08 -10.44
N ALA A 87 70.16 8.92 -11.32
CA ALA A 87 69.92 10.30 -10.97
C ALA A 87 68.90 10.37 -9.83
N LEU A 88 69.09 11.35 -8.96
CA LEU A 88 68.22 11.61 -7.82
C LEU A 88 68.35 10.52 -6.76
N ASP A 89 69.59 10.14 -6.46
CA ASP A 89 69.86 9.09 -5.48
C ASP A 89 68.98 7.86 -5.72
N HIS A 90 68.82 7.49 -7.00
CA HIS A 90 68.02 6.32 -7.37
C HIS A 90 68.82 5.06 -7.14
N TRP A 91 68.14 3.97 -6.79
CA TRP A 91 68.77 2.66 -6.67
C TRP A 91 68.00 1.66 -7.54
N GLN A 92 68.53 1.35 -8.72
CA GLN A 92 68.02 0.21 -9.49
C GLN A 92 68.60 -1.07 -8.88
N VAL A 93 67.83 -1.69 -7.98
CA VAL A 93 68.25 -2.93 -7.34
C VAL A 93 67.75 -4.09 -8.17
N ASP A 94 68.64 -5.03 -8.47
CA ASP A 94 68.29 -6.16 -9.31
C ASP A 94 67.59 -7.21 -8.47
N ALA A 95 66.33 -7.52 -8.81
CA ALA A 95 65.56 -8.43 -7.97
C ALA A 95 66.30 -9.76 -7.84
N GLY A 96 66.82 -10.30 -8.94
CA GLY A 96 67.50 -11.57 -8.91
C GLY A 96 68.69 -11.61 -7.97
N SER A 97 69.28 -10.46 -7.67
CA SER A 97 70.55 -10.47 -6.96
C SER A 97 70.40 -10.69 -5.47
N ILE A 98 69.23 -10.39 -4.87
CA ILE A 98 69.13 -10.28 -3.42
C ILE A 98 69.36 -11.63 -2.76
N THR A 99 70.15 -11.63 -1.67
CA THR A 99 70.21 -12.77 -0.78
C THR A 99 70.07 -12.33 0.66
N ARG A 100 69.66 -13.26 1.52
CA ARG A 100 69.53 -13.04 2.95
C ARG A 100 70.44 -14.05 3.63
N THR A 101 71.30 -13.58 4.52
CA THR A 101 72.34 -14.41 5.11
C THR A 101 72.38 -14.19 6.60
N ARG A 102 72.58 -15.26 7.36
CA ARG A 102 72.83 -15.15 8.80
C ARG A 102 73.58 -16.38 9.26
N ASP A 103 74.64 -16.16 10.03
CA ASP A 103 75.47 -17.21 10.62
C ASP A 103 76.00 -18.17 9.59
N GLY A 104 76.14 -17.72 8.34
CA GLY A 104 76.74 -18.51 7.28
C GLY A 104 75.79 -19.41 6.53
N ALA A 105 74.49 -19.11 6.55
CA ALA A 105 73.49 -19.90 5.85
C ALA A 105 72.54 -18.96 5.11
N GLU A 106 72.15 -19.33 3.91
CA GLU A 106 71.06 -18.57 3.30
C GLU A 106 69.77 -18.83 4.08
N LEU A 107 68.93 -17.79 4.15
CA LEU A 107 67.57 -17.81 4.68
C LEU A 107 66.65 -17.34 3.57
N PRO A 108 65.35 -17.62 3.68
CA PRO A 108 64.44 -17.24 2.59
C PRO A 108 64.08 -15.76 2.61
N LEU A 109 63.89 -15.19 1.42
CA LEU A 109 63.42 -13.82 1.34
C LEU A 109 61.98 -13.70 1.80
N ALA A 110 61.75 -12.94 2.86
CA ALA A 110 60.45 -12.81 3.50
C ALA A 110 60.26 -11.35 3.83
N ALA A 111 59.34 -10.69 3.13
CA ALA A 111 59.08 -9.28 3.42
C ALA A 111 58.73 -9.06 4.89
N LEU A 112 58.00 -9.99 5.52
CA LEU A 112 57.67 -9.78 6.94
C LEU A 112 58.92 -9.83 7.81
N ASP A 113 59.67 -10.95 7.78
CA ASP A 113 60.91 -11.00 8.56
C ASP A 113 61.75 -9.75 8.31
N PHE A 114 61.72 -9.21 7.10
CA PHE A 114 62.50 -8.02 6.77
C PHE A 114 62.09 -6.84 7.65
N PHE A 115 60.79 -6.49 7.63
CA PHE A 115 60.34 -5.35 8.41
C PHE A 115 60.52 -5.60 9.89
N ILE A 116 60.37 -6.84 10.34
CA ILE A 116 60.61 -7.12 11.74
C ILE A 116 62.08 -6.95 12.08
N GLU A 117 62.97 -7.53 11.25
CA GLU A 117 64.39 -7.44 11.57
C GLU A 117 64.91 -6.02 11.53
N LEU A 118 64.23 -5.10 10.83
CA LEU A 118 64.67 -3.72 10.69
C LEU A 118 63.78 -2.73 11.44
N ARG A 119 63.07 -3.21 12.47
CA ARG A 119 61.94 -2.45 13.03
C ARG A 119 62.40 -1.19 13.73
N HIS A 120 63.59 -1.22 14.33
CA HIS A 120 64.14 -0.08 15.05
C HIS A 120 64.86 0.85 14.08
N THR A 121 65.48 0.28 13.03
CA THR A 121 66.08 1.08 11.94
C THR A 121 65.02 1.83 11.15
N LEU A 122 63.95 1.15 10.77
CA LEU A 122 62.84 1.87 10.18
C LEU A 122 62.09 2.56 11.32
N GLY A 123 61.02 3.27 11.02
CA GLY A 123 60.41 3.98 12.13
C GLY A 123 59.30 3.25 12.85
N LEU A 124 59.41 1.93 13.07
CA LEU A 124 58.19 1.14 13.30
C LEU A 124 57.99 0.85 14.78
N SER A 125 57.16 1.66 15.44
CA SER A 125 56.88 1.45 16.85
C SER A 125 56.16 0.12 17.06
N ASP A 126 56.14 -0.32 18.32
CA ASP A 126 55.38 -1.51 18.66
C ASP A 126 53.91 -1.36 18.30
N GLU A 127 53.37 -0.14 18.29
CA GLU A 127 51.97 0.11 17.95
C GLU A 127 51.71 0.04 16.45
N ILE A 128 52.62 0.53 15.61
CA ILE A 128 52.33 0.55 14.18
C ILE A 128 52.72 -0.76 13.47
N LEU A 129 53.82 -1.40 13.89
CA LEU A 129 54.37 -2.59 13.24
C LEU A 129 53.31 -3.63 12.83
N PRO A 130 52.48 -4.14 13.73
CA PRO A 130 51.56 -5.22 13.32
C PRO A 130 50.59 -4.80 12.23
N VAL A 131 50.07 -3.60 12.29
CA VAL A 131 49.19 -3.16 11.22
C VAL A 131 49.96 -3.02 9.91
N TYR A 132 51.16 -2.41 9.96
CA TYR A 132 51.99 -2.31 8.76
C TYR A 132 52.17 -3.68 8.11
N LEU A 133 52.40 -4.71 8.92
CA LEU A 133 52.57 -6.05 8.35
C LEU A 133 51.29 -6.50 7.68
N GLU A 134 50.13 -6.25 8.30
CA GLU A 134 48.88 -6.45 7.59
C GLU A 134 48.90 -5.78 6.22
N GLU A 135 49.35 -4.54 6.15
CA GLU A 135 49.40 -3.84 4.86
C GLU A 135 50.40 -4.47 3.91
N ILE A 136 51.51 -4.97 4.45
CA ILE A 136 52.50 -5.65 3.62
C ILE A 136 51.88 -6.93 3.06
N SER A 137 51.46 -7.84 3.95
CA SER A 137 50.74 -9.05 3.56
C SER A 137 49.65 -8.74 2.54
N SER A 138 48.91 -7.67 2.75
CA SER A 138 47.81 -7.41 1.86
C SER A 138 48.31 -7.04 0.46
N THR A 139 49.32 -6.19 0.38
CA THR A 139 49.92 -5.83 -0.91
C THR A 139 50.52 -7.04 -1.61
N LEU A 140 51.30 -7.85 -0.87
CA LEU A 140 51.88 -9.08 -1.43
C LEU A 140 50.82 -9.97 -2.05
N SER A 141 49.67 -10.13 -1.38
CA SER A 141 48.61 -10.97 -1.95
C SER A 141 48.13 -10.44 -3.28
N GLY A 142 47.98 -9.12 -3.40
CA GLY A 142 47.61 -8.55 -4.68
C GLY A 142 48.66 -8.77 -5.75
N THR A 143 49.93 -8.81 -5.35
CA THR A 143 50.94 -9.17 -6.35
C THR A 143 50.78 -10.63 -6.74
N CYS A 144 50.50 -11.50 -5.76
CA CYS A 144 50.16 -12.88 -6.11
C CYS A 144 48.98 -12.94 -7.06
N TYR A 145 47.98 -12.08 -6.89
CA TYR A 145 46.87 -12.14 -7.81
C TYR A 145 47.29 -11.70 -9.19
N LYS A 146 47.95 -10.54 -9.28
CA LYS A 146 48.37 -10.03 -10.58
C LYS A 146 49.26 -11.02 -11.31
N LEU A 147 50.08 -11.76 -10.57
CA LEU A 147 50.92 -12.77 -11.20
C LEU A 147 50.11 -13.90 -11.83
N THR A 148 48.89 -14.15 -11.39
CA THR A 148 48.08 -15.11 -12.12
C THR A 148 47.39 -14.51 -13.33
N LYS A 149 47.52 -13.21 -13.59
CA LYS A 149 46.82 -12.68 -14.76
C LYS A 149 47.56 -13.07 -16.04
N PRO A 150 46.82 -13.32 -17.12
CA PRO A 150 47.47 -13.42 -18.45
C PRO A 150 48.47 -12.29 -18.64
N GLN A 151 49.71 -12.66 -18.95
CA GLN A 151 50.74 -11.68 -19.30
C GLN A 151 50.35 -10.91 -20.55
N VAL A 152 50.43 -9.59 -20.47
CA VAL A 152 50.15 -8.71 -21.58
C VAL A 152 51.37 -7.83 -21.78
N THR A 153 51.68 -7.49 -23.03
CA THR A 153 52.84 -6.67 -23.36
C THR A 153 52.43 -5.21 -23.41
N ALA A 154 53.43 -4.34 -23.52
CA ALA A 154 53.13 -2.91 -23.72
C ALA A 154 52.26 -2.70 -24.94
N ALA A 155 52.52 -3.42 -26.03
CA ALA A 155 51.63 -3.34 -27.18
C ALA A 155 50.24 -3.86 -26.83
N GLY A 156 50.18 -4.98 -26.13
CA GLY A 156 48.90 -5.55 -25.78
C GLY A 156 48.05 -4.61 -24.94
N LEU A 157 48.68 -3.90 -24.02
CA LEU A 157 47.94 -2.95 -23.21
C LEU A 157 47.32 -1.84 -24.05
N LEU A 158 48.12 -1.21 -24.91
CA LEU A 158 47.57 -0.09 -25.68
C LEU A 158 46.49 -0.55 -26.65
N GLU A 159 46.62 -1.77 -27.19
CA GLU A 159 45.58 -2.33 -28.03
C GLU A 159 44.29 -2.53 -27.25
N GLY A 160 44.40 -2.80 -25.94
CA GLY A 160 43.23 -3.07 -25.14
C GLY A 160 42.38 -1.85 -24.92
N GLY A 161 43.01 -0.70 -24.74
CA GLY A 161 42.29 0.55 -24.56
C GLY A 161 42.44 1.07 -23.14
N PHE A 162 41.64 2.10 -22.86
CA PHE A 162 41.73 2.85 -21.60
C PHE A 162 41.67 1.92 -20.38
N GLN A 163 40.64 1.06 -20.32
CA GLN A 163 40.41 0.29 -19.11
C GLN A 163 41.34 -0.91 -19.02
N ALA A 164 41.73 -1.46 -20.18
CA ALA A 164 42.74 -2.50 -20.16
C ALA A 164 44.02 -1.99 -19.52
N LEU A 165 44.32 -0.69 -19.74
CA LEU A 165 45.49 -0.08 -19.13
C LEU A 165 45.28 0.15 -17.65
N GLU A 166 44.12 0.70 -17.26
CA GLU A 166 43.87 0.97 -15.85
C GLU A 166 44.09 -0.28 -15.01
N SER A 167 43.42 -1.37 -15.40
CA SER A 167 43.53 -2.62 -14.66
C SER A 167 44.85 -3.32 -14.92
N GLY A 168 45.46 -3.07 -16.08
CA GLY A 168 46.75 -3.67 -16.39
C GLY A 168 47.85 -3.26 -15.44
N MET A 169 47.74 -2.08 -14.84
CA MET A 169 48.79 -1.52 -13.99
C MET A 169 49.09 -2.45 -12.81
N THR A 170 50.37 -2.54 -12.43
CA THR A 170 50.78 -3.52 -11.43
C THR A 170 51.54 -2.87 -10.27
N GLU A 171 52.31 -1.82 -10.54
CA GLU A 171 53.14 -1.29 -9.47
C GLU A 171 52.32 -0.51 -8.43
N GLY A 172 51.47 0.40 -8.89
CA GLY A 172 50.94 1.40 -7.98
C GLY A 172 51.90 2.57 -7.85
N HIS A 173 51.60 3.44 -6.89
CA HIS A 173 52.49 4.55 -6.60
C HIS A 173 53.90 4.00 -6.44
N PRO A 174 54.91 4.61 -7.11
CA PRO A 174 56.21 3.94 -7.23
C PRO A 174 57.12 4.21 -6.07
N CYS A 175 56.72 5.09 -5.15
CA CYS A 175 57.58 5.40 -4.01
C CYS A 175 57.22 4.58 -2.78
N PHE A 176 55.93 4.41 -2.52
CA PHE A 176 55.48 3.79 -1.28
C PHE A 176 55.66 2.29 -1.34
N VAL A 177 56.33 1.74 -0.33
CA VAL A 177 56.56 0.30 -0.31
C VAL A 177 55.24 -0.44 -0.06
N ALA A 178 54.50 -0.01 0.95
CA ALA A 178 53.22 -0.62 1.31
C ALA A 178 52.08 0.15 0.64
N ASN A 179 52.00 0.03 -0.68
CA ASN A 179 51.12 0.95 -1.41
C ASN A 179 49.76 0.40 -1.77
N ASN A 180 49.56 -0.91 -1.72
CA ASN A 180 48.28 -1.52 -2.09
C ASN A 180 47.73 -2.39 -0.97
N GLY A 181 47.59 -1.79 0.23
CA GLY A 181 47.15 -2.56 1.37
C GLY A 181 45.66 -2.84 1.31
N ARG A 182 44.85 -1.80 1.17
CA ARG A 182 43.39 -1.96 1.10
C ARG A 182 42.84 -2.73 2.31
N LEU A 183 43.20 -2.27 3.50
CA LEU A 183 42.91 -3.01 4.73
C LEU A 183 41.43 -2.88 5.10
N GLY A 184 40.70 -4.00 5.05
CA GLY A 184 39.27 -4.01 5.23
C GLY A 184 38.61 -4.90 4.19
N PHE A 185 39.31 -5.16 3.10
CA PHE A 185 38.80 -6.13 2.15
C PHE A 185 39.10 -7.50 2.70
N GLY A 186 38.09 -8.36 2.72
CA GLY A 186 38.34 -9.78 2.86
C GLY A 186 38.65 -10.37 1.49
N VAL A 187 39.12 -11.62 1.48
CA VAL A 187 39.63 -12.09 0.21
C VAL A 187 38.51 -12.10 -0.83
N ASP A 188 37.27 -12.38 -0.42
CA ASP A 188 36.22 -12.35 -1.43
C ASP A 188 36.00 -10.93 -1.92
N GLU A 189 36.03 -9.97 -0.99
CA GLU A 189 35.83 -8.57 -1.35
C GLU A 189 36.97 -8.05 -2.22
N TYR A 190 38.21 -8.44 -1.89
CA TYR A 190 39.36 -8.13 -2.74
C TYR A 190 39.08 -8.51 -4.19
N LEU A 191 38.73 -9.79 -4.42
CA LEU A 191 38.44 -10.26 -5.76
C LEU A 191 37.28 -9.49 -6.40
N ALA A 192 36.31 -9.04 -5.60
CA ALA A 192 35.17 -8.33 -6.16
C ALA A 192 35.52 -6.92 -6.55
N TYR A 193 36.33 -6.27 -5.73
CA TYR A 193 36.38 -4.82 -5.70
C TYR A 193 37.75 -4.23 -6.06
N ALA A 194 38.82 -5.02 -6.11
CA ALA A 194 40.12 -4.44 -6.37
C ALA A 194 40.22 -4.06 -7.83
N PRO A 195 40.75 -2.86 -8.15
CA PRO A 195 40.75 -2.45 -9.56
C PRO A 195 41.48 -3.45 -10.45
N GLU A 196 42.57 -4.03 -9.94
CA GLU A 196 43.36 -4.90 -10.80
C GLU A 196 42.69 -6.24 -11.10
N THR A 197 41.48 -6.52 -10.62
CA THR A 197 40.74 -7.71 -11.05
C THR A 197 39.68 -7.41 -12.09
N ALA A 198 39.43 -6.12 -12.38
CA ALA A 198 38.49 -5.68 -13.41
C ALA A 198 37.14 -6.38 -13.37
N HIS A 199 36.69 -6.79 -12.17
CA HIS A 199 35.35 -7.36 -12.13
C HIS A 199 34.31 -6.25 -12.06
N PRO A 200 33.25 -6.34 -12.87
CA PRO A 200 32.16 -5.37 -12.75
C PRO A 200 31.67 -5.22 -11.31
N VAL A 201 31.27 -3.99 -10.99
CA VAL A 201 30.59 -3.70 -9.75
C VAL A 201 29.33 -2.92 -10.06
N ARG A 202 28.25 -3.26 -9.36
CA ARG A 202 27.01 -2.51 -9.43
C ARG A 202 26.91 -1.65 -8.18
N LEU A 203 26.56 -0.38 -8.38
CA LEU A 203 26.51 0.54 -7.26
C LEU A 203 25.24 0.31 -6.45
N VAL A 204 25.35 0.49 -5.14
CA VAL A 204 24.16 0.55 -4.27
C VAL A 204 23.68 2.00 -4.18
N TRP A 205 22.39 2.20 -4.41
CA TRP A 205 21.78 3.53 -4.40
C TRP A 205 20.95 3.75 -3.15
N LEU A 206 21.11 4.91 -2.51
CA LEU A 206 20.35 5.30 -1.34
C LEU A 206 19.49 6.52 -1.63
N ALA A 207 18.28 6.52 -1.09
CA ALA A 207 17.52 7.75 -0.93
C ALA A 207 17.91 8.36 0.42
N ALA A 208 18.32 9.63 0.40
CA ALA A 208 18.73 10.32 1.63
C ALA A 208 17.85 11.54 1.87
N HIS A 209 17.26 11.59 3.07
CA HIS A 209 16.36 12.68 3.47
C HIS A 209 17.06 14.04 3.50
N ARG A 210 16.40 15.04 2.92
CA ARG A 210 17.05 16.32 2.72
C ARG A 210 17.29 17.09 4.02
N SER A 211 16.70 16.63 5.13
CA SER A 211 17.06 17.16 6.43
C SER A 211 18.48 16.79 6.84
N ARG A 212 19.10 15.82 6.15
CA ARG A 212 20.46 15.43 6.45
C ARG A 212 21.39 15.49 5.25
N ALA A 213 20.85 15.55 4.03
CA ALA A 213 21.66 15.34 2.84
C ALA A 213 21.51 16.53 1.90
N ALA A 214 22.61 16.85 1.22
CA ALA A 214 22.69 18.03 0.37
C ALA A 214 23.30 17.70 -0.97
N PHE A 215 22.61 18.08 -2.04
CA PHE A 215 23.11 17.96 -3.41
C PHE A 215 23.74 19.29 -3.80
N THR A 216 25.03 19.26 -4.13
CA THR A 216 25.83 20.44 -4.48
C THR A 216 26.14 20.37 -5.97
N ALA A 217 25.53 21.26 -6.76
CA ALA A 217 25.62 21.21 -8.21
C ALA A 217 26.62 22.22 -8.77
N GLY A 218 27.36 21.81 -9.80
CA GLY A 218 28.25 22.72 -10.47
C GLY A 218 27.52 23.54 -11.50
N ALA A 219 28.30 24.34 -12.24
CA ALA A 219 27.75 25.28 -13.20
C ALA A 219 26.89 24.58 -14.25
N GLY A 220 25.59 24.88 -14.28
CA GLY A 220 24.74 24.29 -15.28
C GLY A 220 24.21 22.91 -14.96
N ILE A 221 24.24 22.48 -13.70
CA ILE A 221 23.71 21.19 -13.30
C ILE A 221 22.38 21.41 -12.60
N ASP A 222 21.35 20.76 -13.10
CA ASP A 222 20.07 20.68 -12.42
C ASP A 222 19.94 19.25 -11.87
N TYR A 223 19.39 19.12 -10.64
CA TYR A 223 19.26 17.79 -10.04
C TYR A 223 18.30 16.91 -10.84
N ALA A 224 17.05 17.34 -10.98
CA ALA A 224 16.07 16.50 -11.65
C ALA A 224 16.52 16.07 -13.03
N SER A 225 17.35 16.89 -13.70
CA SER A 225 17.85 16.49 -15.01
C SER A 225 19.11 15.64 -14.88
N PHE A 226 19.99 15.98 -13.94
CA PHE A 226 21.22 15.23 -13.75
C PHE A 226 20.94 13.76 -13.48
N VAL A 227 20.07 13.46 -12.52
CA VAL A 227 19.81 12.06 -12.20
C VAL A 227 19.08 11.35 -13.34
N ARG A 228 18.30 12.06 -14.17
CA ARG A 228 17.66 11.39 -15.31
C ARG A 228 18.65 11.08 -16.42
N GLN A 229 19.64 11.94 -16.68
CA GLN A 229 20.71 11.56 -17.62
C GLN A 229 21.55 10.42 -17.06
N GLU A 230 21.75 10.40 -15.74
CA GLU A 230 22.68 9.47 -15.13
C GLU A 230 22.02 8.15 -14.70
N LEU A 231 20.71 8.01 -14.86
CA LEU A 231 20.09 6.74 -14.52
C LEU A 231 18.99 6.37 -15.48
N GLY A 232 18.50 7.32 -16.27
CA GLY A 232 17.40 7.06 -17.17
C GLY A 232 16.08 7.26 -16.46
N GLU A 233 15.08 7.75 -17.19
CA GLU A 233 13.82 8.07 -16.53
C GLU A 233 13.18 6.82 -15.92
N GLU A 234 13.40 5.65 -16.51
CA GLU A 234 12.70 4.46 -16.03
C GLU A 234 13.21 4.07 -14.64
N THR A 235 14.52 4.10 -14.45
CA THR A 235 15.08 3.83 -13.13
C THR A 235 14.65 4.89 -12.12
N VAL A 236 14.60 6.16 -12.54
CA VAL A 236 14.23 7.24 -11.61
C VAL A 236 12.81 7.03 -11.10
N GLU A 237 11.86 6.75 -12.01
CA GLU A 237 10.49 6.48 -11.57
C GLU A 237 10.44 5.30 -10.61
N ARG A 238 11.25 4.27 -10.87
CA ARG A 238 11.24 3.08 -10.01
C ARG A 238 11.67 3.41 -8.59
N PHE A 239 12.78 4.15 -8.45
CA PHE A 239 13.25 4.58 -7.14
C PHE A 239 12.18 5.43 -6.45
N ASP A 240 11.58 6.36 -7.18
CA ASP A 240 10.52 7.15 -6.58
C ASP A 240 9.37 6.26 -6.13
N GLY A 241 9.19 5.10 -6.79
CA GLY A 241 8.13 4.19 -6.38
C GLY A 241 8.47 3.44 -5.11
N VAL A 242 9.74 3.04 -4.96
CA VAL A 242 10.20 2.45 -3.71
C VAL A 242 9.87 3.36 -2.54
N LEU A 243 10.09 4.67 -2.73
CA LEU A 243 9.74 5.65 -1.69
C LEU A 243 8.22 5.70 -1.46
N ARG A 244 7.45 5.92 -2.53
CA ARG A 244 5.99 5.93 -2.39
C ARG A 244 5.48 4.66 -1.73
N GLY A 245 6.05 3.50 -2.08
CA GLY A 245 5.63 2.26 -1.45
C GLY A 245 5.72 2.31 0.07
N ARG A 246 6.71 3.04 0.61
CA ARG A 246 6.95 3.17 2.04
C ARG A 246 6.23 4.37 2.65
N GLY A 247 5.28 4.97 1.93
CA GLY A 247 4.56 6.13 2.44
C GLY A 247 5.34 7.44 2.42
N LEU A 248 6.38 7.53 1.58
CA LEU A 248 7.33 8.63 1.57
C LEU A 248 7.22 9.44 0.28
N ASP A 249 7.60 10.71 0.39
CA ASP A 249 7.49 11.60 -0.73
C ASP A 249 8.87 11.79 -1.34
N PRO A 250 9.06 11.39 -2.60
CA PRO A 250 10.38 11.55 -3.24
C PRO A 250 10.93 12.96 -3.16
N ALA A 251 10.06 13.96 -2.99
CA ALA A 251 10.55 15.34 -2.99
C ALA A 251 11.38 15.64 -1.74
N ASP A 252 11.24 14.83 -0.68
CA ASP A 252 12.03 15.03 0.53
C ASP A 252 13.39 14.31 0.47
N TYR A 253 13.73 13.68 -0.63
CA TYR A 253 14.90 12.80 -0.67
C TYR A 253 15.79 13.22 -1.82
N LEU A 254 17.08 12.91 -1.70
CA LEU A 254 17.94 12.88 -2.87
C LEU A 254 18.63 11.52 -2.93
N LEU A 255 19.38 11.30 -4.03
CA LEU A 255 20.05 10.01 -4.27
C LEU A 255 21.55 10.07 -3.96
N ILE A 256 22.06 9.04 -3.30
CA ILE A 256 23.49 8.91 -3.07
C ILE A 256 23.95 7.55 -3.55
N PRO A 257 24.92 7.45 -4.48
CA PRO A 257 25.50 6.15 -4.80
C PRO A 257 26.61 5.79 -3.81
N VAL A 258 26.57 4.55 -3.31
CA VAL A 258 27.51 4.07 -2.31
C VAL A 258 28.16 2.79 -2.84
N HIS A 259 29.44 2.64 -2.51
CA HIS A 259 30.20 1.41 -2.73
C HIS A 259 29.56 0.24 -1.97
N PRO A 260 29.47 -0.94 -2.58
CA PRO A 260 28.80 -2.05 -1.89
C PRO A 260 29.52 -2.44 -0.63
N TRP A 261 30.85 -2.41 -0.63
CA TRP A 261 31.54 -2.69 0.62
C TRP A 261 31.09 -1.73 1.72
N GLN A 262 30.95 -0.43 1.39
CA GLN A 262 30.53 0.53 2.39
C GLN A 262 29.13 0.19 2.92
N TRP A 263 28.23 -0.20 2.02
CA TRP A 263 26.85 -0.40 2.44
C TRP A 263 26.69 -1.65 3.30
N TRP A 264 27.39 -2.71 2.96
CA TRP A 264 27.19 -3.96 3.69
C TRP A 264 27.97 -4.02 5.00
N ASN A 265 29.14 -3.40 5.05
CA ASN A 265 29.99 -3.55 6.23
C ASN A 265 29.94 -2.37 7.17
N LYS A 266 29.36 -1.25 6.74
CA LYS A 266 29.46 0.00 7.48
C LYS A 266 28.11 0.72 7.57
N LEU A 267 27.60 1.20 6.43
CA LEU A 267 26.39 2.02 6.46
C LEU A 267 25.25 1.31 7.14
N SER A 268 24.98 0.05 6.76
CA SER A 268 23.85 -0.70 7.30
C SER A 268 24.00 -1.06 8.78
N VAL A 269 25.16 -0.83 9.38
CA VAL A 269 25.36 -1.08 10.81
C VAL A 269 25.57 0.21 11.55
N THR A 270 26.57 0.99 11.13
CA THR A 270 26.90 2.23 11.83
C THR A 270 25.77 3.24 11.70
N PHE A 271 25.10 3.27 10.54
CA PHE A 271 23.98 4.16 10.27
C PHE A 271 22.64 3.45 10.36
N ALA A 272 22.56 2.39 11.17
CA ALA A 272 21.29 1.67 11.31
C ALA A 272 20.16 2.60 11.72
N ALA A 273 20.44 3.54 12.63
CA ALA A 273 19.42 4.48 13.06
C ALA A 273 18.83 5.22 11.86
N GLU A 274 19.68 5.62 10.91
CA GLU A 274 19.18 6.41 9.80
C GLU A 274 18.32 5.56 8.88
N VAL A 275 18.76 4.32 8.63
CA VAL A 275 17.99 3.41 7.78
C VAL A 275 16.66 3.08 8.43
N ALA A 276 16.66 2.76 9.73
CA ALA A 276 15.43 2.38 10.39
C ALA A 276 14.42 3.53 10.40
N ARG A 277 14.88 4.77 10.66
CA ARG A 277 13.97 5.91 10.71
C ARG A 277 13.59 6.43 9.34
N GLN A 278 14.16 5.85 8.29
CA GLN A 278 13.93 6.25 6.91
C GLN A 278 14.56 7.61 6.57
N ASN A 279 15.55 8.03 7.35
CA ASN A 279 16.46 9.07 6.85
C ASN A 279 17.28 8.55 5.68
N LEU A 280 17.42 7.22 5.57
CA LEU A 280 18.06 6.56 4.46
C LEU A 280 17.17 5.40 4.04
N VAL A 281 16.94 5.25 2.74
CA VAL A 281 16.17 4.14 2.20
C VAL A 281 17.03 3.45 1.17
N CYS A 282 17.20 2.14 1.34
CA CYS A 282 17.98 1.38 0.39
C CYS A 282 17.13 1.13 -0.84
N LEU A 283 17.59 1.56 -2.02
CA LEU A 283 16.74 1.53 -3.19
C LEU A 283 16.97 0.31 -4.07
N GLY A 284 18.22 0.00 -4.37
CA GLY A 284 18.51 -1.16 -5.20
C GLY A 284 19.92 -1.07 -5.75
N GLU A 285 20.14 -1.84 -6.79
CA GLU A 285 21.37 -1.78 -7.55
C GLU A 285 21.15 -0.96 -8.80
N SER A 286 22.27 -0.50 -9.34
CA SER A 286 22.33 0.23 -10.60
C SER A 286 22.27 -0.76 -11.75
N ASP A 287 21.56 -0.38 -12.83
CA ASP A 287 21.58 -1.18 -14.04
C ASP A 287 22.92 -1.11 -14.77
N ASP A 288 23.62 0.03 -14.71
CA ASP A 288 24.94 0.10 -15.33
C ASP A 288 25.98 -0.57 -14.46
N GLU A 289 26.99 -1.11 -15.11
CA GLU A 289 28.11 -1.76 -14.44
C GLU A 289 29.32 -0.84 -14.43
N TYR A 290 29.98 -0.72 -13.26
CA TYR A 290 31.16 0.12 -13.09
C TYR A 290 32.42 -0.73 -12.89
N LEU A 291 33.59 -0.13 -13.19
CA LEU A 291 34.88 -0.75 -12.89
C LEU A 291 35.72 0.15 -12.02
N ALA A 292 36.25 -0.41 -10.93
CA ALA A 292 37.14 0.34 -10.05
C ALA A 292 38.39 0.82 -10.78
N GLN A 293 38.64 2.12 -10.74
CA GLN A 293 39.87 2.73 -11.18
C GLN A 293 40.96 2.55 -10.11
N GLN A 294 42.18 2.98 -10.44
CA GLN A 294 43.34 2.61 -9.62
C GLN A 294 43.20 3.06 -8.17
N SER A 295 42.46 4.14 -7.94
CA SER A 295 42.17 4.70 -6.63
C SER A 295 41.16 3.89 -5.82
N ILE A 296 40.80 2.67 -6.26
CA ILE A 296 39.72 1.81 -5.76
C ILE A 296 38.35 2.48 -5.63
N ARG A 297 38.25 3.58 -4.87
CA ARG A 297 36.95 4.16 -4.54
C ARG A 297 36.29 4.94 -5.69
N THR A 298 36.93 5.02 -6.86
CA THR A 298 36.37 5.75 -8.00
C THR A 298 36.02 4.78 -9.11
N PHE A 299 34.84 4.98 -9.69
CA PHE A 299 34.26 3.99 -10.58
C PHE A 299 34.00 4.56 -11.95
N PHE A 300 34.60 3.93 -12.96
CA PHE A 300 34.34 4.26 -14.36
C PHE A 300 33.16 3.45 -14.86
N ASN A 301 32.25 4.11 -15.58
CA ASN A 301 31.02 3.47 -16.04
C ASN A 301 31.31 2.64 -17.29
N ALA A 302 31.35 1.32 -17.13
CA ALA A 302 31.73 0.45 -18.26
C ALA A 302 30.61 0.33 -19.27
N THR A 303 29.36 0.26 -18.80
CA THR A 303 28.23 0.14 -19.71
C THR A 303 28.14 1.36 -20.62
N HIS A 304 28.34 2.54 -20.06
CA HIS A 304 28.21 3.81 -20.77
C HIS A 304 29.39 4.69 -20.38
N PRO A 305 30.48 4.60 -21.13
CA PRO A 305 31.64 5.46 -20.83
C PRO A 305 31.40 6.94 -21.06
N GLU A 306 30.36 7.34 -21.80
CA GLU A 306 30.05 8.78 -21.87
C GLU A 306 29.71 9.31 -20.49
N LYS A 307 29.03 8.49 -19.67
CA LYS A 307 28.55 8.92 -18.38
C LYS A 307 29.70 9.19 -17.40
N HIS A 308 29.33 9.73 -16.24
CA HIS A 308 30.25 10.21 -15.22
C HIS A 308 30.94 9.07 -14.49
N TYR A 309 32.22 9.28 -14.18
CA TYR A 309 32.85 8.59 -13.07
C TYR A 309 32.02 8.81 -11.80
N VAL A 310 32.18 7.93 -10.82
CA VAL A 310 31.51 8.06 -9.53
C VAL A 310 32.53 7.78 -8.44
N LYS A 311 32.84 8.80 -7.66
CA LYS A 311 33.75 8.66 -6.53
C LYS A 311 32.94 8.46 -5.26
N THR A 312 33.39 7.53 -4.42
CA THR A 312 32.54 6.97 -3.37
C THR A 312 33.31 6.98 -2.06
N ALA A 313 32.55 6.96 -0.98
CA ALA A 313 33.17 6.91 0.32
C ALA A 313 33.40 5.45 0.68
N LEU A 314 34.62 5.13 1.06
CA LEU A 314 35.04 3.75 1.30
C LEU A 314 35.97 3.73 2.50
N SER A 315 35.40 3.42 3.68
CA SER A 315 36.13 3.47 4.95
C SER A 315 37.05 2.25 5.12
N VAL A 316 38.14 2.28 4.36
CA VAL A 316 39.16 1.24 4.26
C VAL A 316 40.51 1.95 4.14
N LEU A 317 41.59 1.30 4.61
CA LEU A 317 42.89 1.97 4.80
C LEU A 317 43.83 1.63 3.67
N ASN A 318 44.16 2.62 2.84
CA ASN A 318 45.09 2.41 1.74
C ASN A 318 46.11 3.53 1.67
N MET A 319 47.38 3.18 1.88
CA MET A 319 48.54 4.04 1.60
C MET A 319 48.51 5.34 2.40
N GLY A 320 48.51 5.18 3.73
CA GLY A 320 48.62 6.31 4.62
C GLY A 320 47.32 7.01 4.97
N PHE A 321 46.27 6.89 4.14
CA PHE A 321 44.96 7.48 4.44
C PHE A 321 43.85 6.43 4.43
N MET A 322 42.85 6.63 5.31
CA MET A 322 41.53 6.07 5.07
C MET A 322 40.85 6.83 3.94
N ARG A 323 39.98 6.13 3.22
CA ARG A 323 39.45 6.66 1.97
C ARG A 323 37.97 7.03 2.06
N GLY A 324 37.50 7.38 3.28
CA GLY A 324 36.22 8.05 3.41
C GLY A 324 36.21 9.41 2.75
N LEU A 325 35.00 9.90 2.47
CA LEU A 325 34.80 11.15 1.76
C LEU A 325 33.99 12.11 2.64
N SER A 326 34.57 13.27 2.91
CA SER A 326 33.95 14.25 3.80
C SER A 326 32.72 14.86 3.14
N ALA A 327 31.56 14.71 3.80
CA ALA A 327 30.35 15.36 3.31
C ALA A 327 30.45 16.87 3.46
N ALA A 328 31.15 17.33 4.51
CA ALA A 328 31.45 18.74 4.65
C ALA A 328 32.06 19.30 3.38
N TYR A 329 33.16 18.69 2.94
CA TYR A 329 33.91 19.20 1.81
C TYR A 329 33.18 19.08 0.49
N MET A 330 32.07 18.35 0.46
CA MET A 330 31.35 18.18 -0.79
C MET A 330 30.69 19.47 -1.19
N GLU A 331 30.26 20.26 -0.19
CA GLU A 331 29.67 21.57 -0.42
C GLU A 331 30.57 22.48 -1.26
N ALA A 332 31.89 22.43 -1.03
CA ALA A 332 32.82 23.28 -1.76
C ALA A 332 33.27 22.71 -3.10
N THR A 333 33.00 21.42 -3.40
CA THR A 333 33.76 20.75 -4.44
C THR A 333 33.42 21.24 -5.86
N PRO A 334 32.16 21.14 -6.32
CA PRO A 334 31.89 21.60 -7.70
C PRO A 334 32.27 23.07 -7.96
N ALA A 335 32.25 23.93 -6.92
CA ALA A 335 32.62 25.33 -7.10
C ALA A 335 34.10 25.48 -7.43
N ILE A 336 34.97 24.85 -6.64
CA ILE A 336 36.40 24.83 -6.92
C ILE A 336 36.67 24.31 -8.32
N ASN A 337 35.98 23.25 -8.73
CA ASN A 337 36.21 22.71 -10.07
C ASN A 337 35.76 23.70 -11.13
N ASP A 338 34.57 24.28 -10.97
CA ASP A 338 34.08 25.30 -11.90
C ASP A 338 35.12 26.41 -12.11
N TRP A 339 35.76 26.81 -11.02
CA TRP A 339 36.62 27.99 -11.04
C TRP A 339 37.93 27.71 -11.77
N LEU A 340 38.47 26.50 -11.62
CA LEU A 340 39.69 26.14 -12.34
C LEU A 340 39.41 25.83 -13.81
N ASP A 341 38.20 25.38 -14.13
CA ASP A 341 37.76 25.32 -15.52
C ASP A 341 37.74 26.71 -16.14
N ARG A 342 37.06 27.67 -15.49
CA ARG A 342 37.01 29.07 -15.95
C ARG A 342 38.41 29.66 -16.03
N LEU A 343 39.26 29.35 -15.05
CA LEU A 343 40.63 29.85 -15.07
C LEU A 343 41.39 29.40 -16.31
N ILE A 344 41.24 28.12 -16.69
CA ILE A 344 42.05 27.57 -17.76
C ILE A 344 41.53 27.96 -19.13
N ASP A 345 40.21 28.08 -19.30
CA ASP A 345 39.67 28.70 -20.51
C ASP A 345 40.24 30.11 -20.68
N ASN A 346 40.21 30.91 -19.62
CA ASN A 346 40.59 32.32 -19.69
C ASN A 346 42.08 32.54 -19.47
N ASP A 347 42.94 31.66 -19.95
CA ASP A 347 44.38 31.87 -19.88
C ASP A 347 44.99 31.18 -21.09
N PRO A 348 45.37 31.95 -22.12
CA PRO A 348 45.83 31.33 -23.37
C PRO A 348 47.20 30.69 -23.26
N VAL A 349 47.96 31.00 -22.21
CA VAL A 349 49.21 30.26 -21.96
C VAL A 349 48.91 28.79 -21.74
N LEU A 350 47.83 28.50 -21.00
CA LEU A 350 47.47 27.11 -20.71
C LEU A 350 46.69 26.49 -21.86
N LYS A 351 45.72 27.22 -22.41
CA LYS A 351 45.00 26.72 -23.57
C LYS A 351 45.94 26.23 -24.67
N SER A 352 47.15 26.79 -24.74
CA SER A 352 48.16 26.35 -25.69
C SER A 352 48.74 24.98 -25.36
N THR A 353 48.50 24.45 -24.18
CA THR A 353 48.95 23.10 -23.83
C THR A 353 47.82 22.09 -23.83
N GLY A 354 46.62 22.47 -24.30
CA GLY A 354 45.50 21.57 -24.39
C GLY A 354 45.02 21.04 -23.06
N LEU A 355 45.69 21.47 -21.99
CA LEU A 355 45.37 21.05 -20.63
C LEU A 355 43.91 21.31 -20.29
N SER A 356 43.27 20.29 -19.73
CA SER A 356 41.91 20.37 -19.23
C SER A 356 41.83 19.59 -17.94
N ILE A 357 40.74 19.78 -17.21
CA ILE A 357 40.42 18.89 -16.11
C ILE A 357 39.07 18.24 -16.40
N ILE A 358 38.89 17.04 -15.83
CA ILE A 358 37.55 16.47 -15.77
C ILE A 358 36.93 16.99 -14.48
N ARG A 359 35.97 17.88 -14.61
CA ARG A 359 35.47 18.59 -13.45
C ARG A 359 34.64 17.65 -12.58
N GLU A 360 34.90 17.67 -11.28
CA GLU A 360 33.95 17.07 -10.35
C GLU A 360 32.66 17.88 -10.41
N ARG A 361 31.69 17.40 -11.22
CA ARG A 361 30.55 18.21 -11.62
C ARG A 361 29.45 18.32 -10.56
N ALA A 362 29.43 17.43 -9.58
CA ALA A 362 28.32 17.35 -8.63
C ALA A 362 28.79 16.54 -7.44
N ALA A 363 28.15 16.76 -6.29
CA ALA A 363 28.47 15.95 -5.12
C ALA A 363 27.23 15.80 -4.25
N VAL A 364 27.24 14.78 -3.38
CA VAL A 364 26.24 14.64 -2.35
C VAL A 364 26.94 14.35 -1.05
N GLY A 365 26.32 14.80 0.04
CA GLY A 365 26.89 14.59 1.35
C GLY A 365 25.82 14.34 2.39
N TYR A 366 26.04 13.37 3.28
CA TYR A 366 25.11 13.11 4.37
C TYR A 366 25.76 13.62 5.65
N ARG A 367 25.06 14.52 6.33
CA ARG A 367 25.50 15.01 7.63
C ARG A 367 24.78 14.17 8.69
N HIS A 368 25.55 13.42 9.46
CA HIS A 368 25.03 12.56 10.51
C HIS A 368 25.11 13.38 11.80
N LEU A 369 23.96 13.84 12.30
CA LEU A 369 24.04 14.83 13.37
C LEU A 369 24.55 14.22 14.66
N GLU A 370 24.14 12.99 14.94
CA GLU A 370 24.59 12.34 16.15
C GLU A 370 26.10 12.10 16.11
N TYR A 371 26.63 11.60 15.00
CA TYR A 371 28.07 11.38 15.03
C TYR A 371 28.83 12.71 15.01
N GLU A 372 28.30 13.76 14.36
CA GLU A 372 28.93 15.08 14.48
C GLU A 372 29.01 15.53 15.92
N ALA A 373 27.87 15.44 16.64
CA ALA A 373 27.84 15.75 18.06
C ALA A 373 28.86 14.93 18.85
N ALA A 374 29.26 13.77 18.33
CA ALA A 374 30.08 12.82 19.07
C ALA A 374 31.54 12.82 18.64
N THR A 375 31.88 13.51 17.56
CA THR A 375 33.23 13.52 17.02
C THR A 375 33.73 14.95 16.86
N ASP A 376 35.02 15.07 16.52
CA ASP A 376 35.62 16.32 16.12
C ASP A 376 35.54 16.44 14.59
N ARG A 377 36.08 17.52 14.03
CA ARG A 377 35.98 17.73 12.58
C ARG A 377 36.77 16.67 11.82
N TYR A 378 37.93 16.30 12.36
CA TYR A 378 38.84 15.41 11.63
C TYR A 378 38.62 13.95 12.04
N SER A 379 37.35 13.55 12.05
CA SER A 379 37.09 12.19 12.47
C SER A 379 36.59 11.37 11.30
N PRO A 380 37.08 10.14 11.16
CA PRO A 380 36.58 9.27 10.08
C PRO A 380 35.08 9.06 10.11
N TYR A 381 34.45 9.18 11.29
CA TYR A 381 33.00 9.02 11.33
C TYR A 381 32.26 10.05 10.51
N ARG A 382 32.88 11.18 10.18
CA ARG A 382 32.23 12.14 9.30
C ARG A 382 32.47 11.88 7.82
N LYS A 383 33.39 10.99 7.45
CA LYS A 383 33.62 10.75 6.03
C LYS A 383 33.02 9.40 5.55
N MET A 384 31.98 8.90 6.22
CA MET A 384 31.44 7.59 5.85
C MET A 384 30.32 7.62 4.81
N LEU A 385 29.74 8.77 4.47
CA LEU A 385 28.65 8.73 3.50
C LEU A 385 28.65 10.03 2.69
N ALA A 386 29.21 9.96 1.49
CA ALA A 386 29.37 11.09 0.60
C ALA A 386 29.82 10.52 -0.74
N ALA A 387 29.56 11.27 -1.80
CA ALA A 387 29.85 10.83 -3.15
C ALA A 387 29.96 12.05 -4.05
N LEU A 388 30.75 11.93 -5.11
CA LEU A 388 30.80 12.94 -6.16
C LEU A 388 30.78 12.28 -7.52
N TRP A 389 30.22 12.97 -8.50
CA TRP A 389 30.38 12.56 -9.88
C TRP A 389 31.49 13.37 -10.50
N ARG A 390 32.04 12.85 -11.60
CA ARG A 390 33.14 13.49 -12.30
C ARG A 390 32.94 13.27 -13.80
N GLU A 391 33.26 14.30 -14.60
CA GLU A 391 33.14 14.22 -16.05
C GLU A 391 33.91 13.03 -16.60
N SER A 392 33.46 12.54 -17.75
CA SER A 392 34.26 11.51 -18.40
C SER A 392 35.22 12.15 -19.41
N PRO A 393 36.45 11.61 -19.55
CA PRO A 393 37.35 12.12 -20.57
C PRO A 393 37.05 11.59 -21.96
N VAL A 394 36.00 10.80 -22.14
CA VAL A 394 35.82 10.09 -23.39
C VAL A 394 35.14 10.97 -24.44
N PRO A 395 33.93 11.50 -24.23
CA PRO A 395 33.24 12.15 -25.36
C PRO A 395 33.98 13.36 -25.90
N ALA A 396 35.04 13.82 -25.21
CA ALA A 396 35.91 14.91 -25.65
C ALA A 396 36.95 14.46 -26.67
N LEU A 397 36.93 13.21 -27.09
CA LEU A 397 37.96 12.68 -27.97
C LEU A 397 37.62 12.97 -29.41
N ARG A 398 38.63 13.40 -30.15
CA ARG A 398 38.56 13.56 -31.59
C ARG A 398 39.10 12.29 -32.24
N ASP A 399 38.76 12.11 -33.52
CA ASP A 399 39.11 10.90 -34.25
C ASP A 399 40.60 10.55 -34.10
N GLY A 400 40.88 9.27 -33.84
CA GLY A 400 42.24 8.79 -33.67
C GLY A 400 42.80 8.85 -32.27
N GLU A 401 42.11 9.51 -31.35
CA GLU A 401 42.64 9.74 -30.02
C GLU A 401 42.29 8.58 -29.08
N SER A 402 43.16 8.34 -28.11
CA SER A 402 43.01 7.27 -27.14
C SER A 402 43.28 7.80 -25.73
N LEU A 403 43.01 6.97 -24.74
CA LEU A 403 43.20 7.34 -23.34
C LEU A 403 44.19 6.40 -22.66
N THR A 404 44.78 6.88 -21.57
CA THR A 404 45.63 6.06 -20.72
C THR A 404 46.02 6.85 -19.48
N THR A 405 46.03 6.16 -18.34
CA THR A 405 46.60 6.78 -17.15
C THR A 405 48.08 7.05 -17.37
N MET A 406 48.56 8.16 -16.86
CA MET A 406 49.98 8.37 -17.06
C MET A 406 50.83 7.41 -16.21
N ALA A 407 50.26 6.75 -15.20
CA ALA A 407 51.03 5.74 -14.50
C ALA A 407 51.49 4.62 -15.44
N ALA A 408 50.90 4.51 -16.63
CA ALA A 408 51.36 3.52 -17.60
C ALA A 408 52.79 3.76 -18.05
N LEU A 409 53.24 5.03 -18.07
CA LEU A 409 54.54 5.32 -18.65
C LEU A 409 55.68 4.64 -17.89
N VAL A 410 55.46 4.27 -16.63
CA VAL A 410 56.46 3.61 -15.83
C VAL A 410 56.07 2.16 -15.56
N HIS A 411 55.19 1.62 -16.40
CA HIS A 411 54.84 0.22 -16.36
C HIS A 411 55.76 -0.57 -17.30
N VAL A 412 56.38 -1.63 -16.80
CA VAL A 412 57.27 -2.45 -17.62
C VAL A 412 56.67 -3.87 -17.73
N ASP A 413 56.39 -4.29 -18.96
CA ASP A 413 55.79 -5.61 -19.24
C ASP A 413 56.81 -6.71 -18.93
N HIS A 414 56.37 -7.96 -19.07
CA HIS A 414 57.24 -9.10 -18.79
C HIS A 414 58.43 -9.21 -19.75
N GLU A 415 58.59 -8.29 -20.72
CA GLU A 415 59.69 -8.31 -21.65
C GLU A 415 60.72 -7.22 -21.37
N GLY A 416 60.50 -6.38 -20.36
CA GLY A 416 61.37 -5.24 -20.16
C GLY A 416 61.01 -4.02 -20.97
N ARG A 417 59.92 -4.04 -21.71
CA ARG A 417 59.45 -2.87 -22.44
C ARG A 417 58.53 -2.05 -21.53
N SER A 418 58.71 -0.73 -21.55
CA SER A 418 57.77 0.19 -20.90
C SER A 418 56.70 0.64 -21.90
N VAL A 419 55.56 1.07 -21.38
CA VAL A 419 54.57 1.64 -22.29
C VAL A 419 55.15 2.90 -22.94
N ALA A 420 55.87 3.70 -22.17
CA ALA A 420 56.69 4.76 -22.77
C ALA A 420 57.55 4.20 -23.89
N GLY A 421 58.33 3.16 -23.59
CA GLY A 421 59.07 2.44 -24.61
C GLY A 421 58.26 2.18 -25.88
N GLU A 422 57.12 1.51 -25.76
CA GLU A 422 56.34 1.19 -26.95
C GLU A 422 55.77 2.44 -27.61
N LEU A 423 55.39 3.44 -26.83
CA LEU A 423 54.84 4.65 -27.43
C LEU A 423 55.90 5.38 -28.26
N ILE A 424 57.11 5.48 -27.73
CA ILE A 424 58.20 6.14 -28.46
C ILE A 424 58.45 5.43 -29.79
N ALA A 425 58.60 4.11 -29.77
CA ALA A 425 58.66 3.34 -31.01
C ALA A 425 57.51 3.68 -31.94
N ARG A 426 56.28 3.48 -31.48
CA ARG A 426 55.12 3.65 -32.33
C ARG A 426 55.03 5.06 -32.91
N SER A 427 55.53 6.07 -32.20
CA SER A 427 55.46 7.41 -32.77
C SER A 427 56.51 7.65 -33.85
N GLY A 428 57.60 6.88 -33.83
CA GLY A 428 58.68 7.03 -34.79
C GLY A 428 59.62 8.18 -34.55
N LEU A 429 59.31 9.09 -33.64
CA LEU A 429 60.11 10.29 -33.42
C LEU A 429 61.36 9.95 -32.61
N ALA A 430 62.31 10.88 -32.64
CA ALA A 430 63.44 10.77 -31.74
C ALA A 430 62.92 10.77 -30.32
N PRO A 431 63.50 9.96 -29.45
CA PRO A 431 63.10 9.97 -28.03
C PRO A 431 62.92 11.39 -27.47
N THR A 432 63.91 12.27 -27.60
CA THR A 432 63.79 13.61 -27.02
C THR A 432 62.67 14.42 -27.66
N ALA A 433 62.26 14.06 -28.88
CA ALA A 433 61.15 14.77 -29.53
C ALA A 433 59.81 14.32 -28.94
N TRP A 434 59.63 12.99 -28.85
CA TRP A 434 58.45 12.45 -28.17
C TRP A 434 58.31 13.03 -26.78
N LEU A 435 59.39 12.97 -26.01
CA LEU A 435 59.38 13.52 -24.66
C LEU A 435 58.92 14.97 -24.67
N ARG A 436 59.51 15.79 -25.54
CA ARG A 436 59.13 17.20 -25.62
C ARG A 436 57.62 17.37 -25.81
N HIS A 437 57.00 16.49 -26.59
CA HIS A 437 55.54 16.57 -26.73
C HIS A 437 54.86 16.29 -25.39
N TYR A 438 55.42 15.33 -24.63
CA TYR A 438 54.85 14.94 -23.36
C TYR A 438 54.95 16.05 -22.33
N LEU A 439 56.15 16.63 -22.14
CA LEU A 439 56.18 17.66 -21.11
C LEU A 439 55.49 18.94 -21.55
N ARG A 440 55.39 19.19 -22.87
CA ARG A 440 54.65 20.39 -23.26
C ARG A 440 53.18 20.26 -22.89
N ALA A 441 52.64 19.04 -22.83
CA ALA A 441 51.27 18.80 -22.39
C ALA A 441 51.13 18.68 -20.88
N TYR A 442 52.12 18.05 -20.23
CA TYR A 442 51.99 17.63 -18.84
C TYR A 442 52.75 18.53 -17.87
N TYR A 443 54.04 18.73 -18.13
CA TYR A 443 54.93 19.42 -17.20
C TYR A 443 54.76 20.93 -17.28
N THR A 444 54.81 21.47 -18.50
CA THR A 444 54.72 22.92 -18.68
C THR A 444 53.52 23.54 -17.98
N PRO A 445 52.31 22.97 -18.05
CA PRO A 445 51.17 23.61 -17.35
C PRO A 445 51.35 23.68 -15.85
N LEU A 446 52.12 22.76 -15.26
CA LEU A 446 52.41 22.86 -13.85
C LEU A 446 53.22 24.12 -13.56
N LEU A 447 54.33 24.29 -14.30
CA LEU A 447 55.15 25.50 -14.18
C LEU A 447 54.29 26.76 -14.22
N HIS A 448 53.51 26.93 -15.29
CA HIS A 448 52.71 28.14 -15.39
C HIS A 448 51.74 28.28 -14.23
N SER A 449 51.25 27.17 -13.66
CA SER A 449 50.32 27.29 -12.54
C SER A 449 51.02 27.78 -11.29
N PHE A 450 52.20 27.26 -11.01
CA PHE A 450 52.93 27.68 -9.82
C PHE A 450 53.37 29.15 -9.95
N TYR A 451 54.19 29.44 -10.97
CA TYR A 451 54.76 30.78 -11.10
C TYR A 451 53.68 31.85 -11.29
N ALA A 452 52.81 31.67 -12.28
CA ALA A 452 51.80 32.66 -12.63
C ALA A 452 50.56 32.64 -11.74
N TYR A 453 50.40 31.63 -10.88
CA TYR A 453 49.17 31.56 -10.10
C TYR A 453 49.35 31.02 -8.69
N ASP A 454 50.55 30.61 -8.27
CA ASP A 454 50.81 29.99 -6.97
C ASP A 454 50.03 28.69 -6.77
N LEU A 455 49.65 28.01 -7.85
CA LEU A 455 48.78 26.86 -7.79
C LEU A 455 49.58 25.56 -7.92
N ALA A 456 49.49 24.71 -6.91
CA ALA A 456 50.10 23.39 -6.93
C ALA A 456 49.04 22.30 -7.08
N PHE A 457 49.49 21.12 -7.50
CA PHE A 457 48.62 19.95 -7.58
C PHE A 457 49.22 18.77 -6.86
N MET A 458 48.58 17.61 -7.01
CA MET A 458 49.14 16.32 -6.63
C MET A 458 49.15 15.49 -7.92
N PRO A 459 50.07 15.79 -8.82
CA PRO A 459 49.96 15.27 -10.20
C PRO A 459 50.78 14.01 -10.49
N HIS A 460 50.52 12.92 -9.75
CA HIS A 460 51.26 11.68 -9.94
C HIS A 460 50.55 10.79 -10.96
N GLY A 461 50.91 9.50 -10.96
CA GLY A 461 50.42 8.62 -12.01
C GLY A 461 48.91 8.49 -11.99
N GLU A 462 48.34 8.33 -10.79
CA GLU A 462 46.91 8.06 -10.67
C GLU A 462 46.10 9.27 -11.06
N ASN A 463 46.57 10.47 -10.72
CA ASN A 463 45.78 11.70 -10.87
C ASN A 463 45.90 12.33 -12.25
N THR A 464 46.68 11.74 -13.16
CA THR A 464 46.88 12.29 -14.49
C THR A 464 46.45 11.31 -15.57
N ILE A 465 45.85 11.85 -16.63
CA ILE A 465 45.46 11.10 -17.82
C ILE A 465 45.99 11.82 -19.06
N LEU A 466 46.50 11.04 -20.01
CA LEU A 466 47.08 11.54 -21.25
C LEU A 466 46.21 11.13 -22.43
N VAL A 467 45.93 12.08 -23.31
CA VAL A 467 45.38 11.76 -24.62
C VAL A 467 46.51 11.37 -25.56
N LEU A 468 46.31 10.30 -26.32
CA LEU A 468 47.29 9.84 -27.30
C LEU A 468 46.71 9.86 -28.71
N LYS A 469 47.52 10.29 -29.66
CA LYS A 469 47.25 10.05 -31.07
C LYS A 469 48.57 9.67 -31.73
N ASP A 470 48.51 8.69 -32.63
CA ASP A 470 49.68 8.29 -33.40
C ASP A 470 50.90 8.09 -32.51
N GLY A 471 50.66 7.71 -31.25
CA GLY A 471 51.74 7.46 -30.30
C GLY A 471 52.27 8.65 -29.52
N VAL A 472 51.79 9.86 -29.78
CA VAL A 472 52.35 11.06 -29.20
C VAL A 472 51.34 11.73 -28.28
N VAL A 473 51.85 12.37 -27.23
CA VAL A 473 51.02 12.89 -26.14
C VAL A 473 50.39 14.19 -26.62
N GLN A 474 49.10 14.16 -26.94
CA GLN A 474 48.44 15.34 -27.51
C GLN A 474 48.15 16.40 -26.47
N ARG A 475 47.68 15.99 -25.30
CA ARG A 475 47.32 16.92 -24.23
C ARG A 475 47.19 16.12 -22.94
N ALA A 476 47.22 16.82 -21.81
CA ALA A 476 46.99 16.18 -20.53
C ALA A 476 45.61 16.52 -19.98
N VAL A 477 45.12 15.63 -19.12
CA VAL A 477 43.90 15.81 -18.36
C VAL A 477 44.24 15.60 -16.88
N TYR A 478 43.73 16.49 -16.02
CA TYR A 478 43.93 16.40 -14.58
C TYR A 478 42.63 16.08 -13.85
N LYS A 479 42.77 15.40 -12.71
CA LYS A 479 41.65 15.01 -11.86
C LYS A 479 42.14 14.88 -10.43
N ASP A 480 41.19 14.65 -9.51
CA ASP A 480 41.39 14.77 -8.05
C ASP A 480 41.80 16.22 -7.72
N ILE A 481 40.86 17.14 -8.01
CA ILE A 481 41.11 18.58 -7.93
C ILE A 481 40.82 19.15 -6.55
N ALA A 482 39.52 19.24 -6.20
CA ALA A 482 39.13 19.98 -5.01
C ALA A 482 39.86 19.47 -3.77
N GLU A 483 40.02 18.15 -3.67
CA GLU A 483 40.63 17.57 -2.49
C GLU A 483 42.10 17.91 -2.37
N GLU A 484 42.76 18.28 -3.47
CA GLU A 484 44.20 18.16 -3.54
C GLU A 484 44.95 19.43 -3.86
N ILE A 485 44.35 20.38 -4.61
CA ILE A 485 45.09 21.57 -5.03
C ILE A 485 45.30 22.49 -3.86
N VAL A 486 46.37 23.26 -3.91
CA VAL A 486 46.65 24.29 -2.90
C VAL A 486 47.02 25.58 -3.62
N VAL A 487 46.56 26.70 -3.09
CA VAL A 487 46.91 28.04 -3.57
C VAL A 487 47.76 28.68 -2.48
N MET A 488 49.04 28.88 -2.77
CA MET A 488 50.02 29.18 -1.74
C MET A 488 50.22 30.68 -1.59
N ASP A 489 49.14 31.34 -1.22
CA ASP A 489 49.11 32.79 -1.18
C ASP A 489 47.91 33.16 -0.36
N PRO A 490 48.04 33.17 0.97
CA PRO A 490 46.89 33.50 1.82
C PRO A 490 46.20 34.79 1.40
N ASP A 491 46.88 35.69 0.72
CA ASP A 491 46.20 36.95 0.44
C ASP A 491 45.61 37.05 -0.97
N ALA A 492 45.74 36.01 -1.82
CA ALA A 492 45.29 36.10 -3.21
C ALA A 492 43.77 36.05 -3.29
N VAL A 493 43.19 36.72 -4.31
CA VAL A 493 41.75 36.98 -4.36
C VAL A 493 41.03 35.83 -5.07
N LEU A 494 39.89 35.39 -4.51
CA LEU A 494 39.15 34.25 -5.04
C LEU A 494 37.67 34.43 -4.73
N PRO A 495 36.82 33.63 -5.35
CA PRO A 495 35.41 33.53 -4.94
C PRO A 495 35.28 32.85 -3.59
N PRO A 496 34.10 32.91 -2.94
CA PRO A 496 34.02 32.55 -1.53
C PRO A 496 34.35 31.09 -1.27
N GLU A 497 33.62 30.15 -1.90
CA GLU A 497 33.78 28.73 -1.59
C GLU A 497 35.15 28.17 -2.00
N VAL A 498 35.95 28.92 -2.79
CA VAL A 498 37.30 28.50 -3.17
C VAL A 498 38.32 28.89 -2.12
N ARG A 499 37.93 29.71 -1.13
CA ARG A 499 38.96 30.38 -0.36
C ARG A 499 39.54 29.38 0.63
N ARG A 500 38.83 28.24 0.79
CA ARG A 500 39.28 27.11 1.62
C ARG A 500 40.68 26.63 1.23
N VAL A 501 40.99 26.64 -0.07
CA VAL A 501 42.18 25.93 -0.55
C VAL A 501 43.50 26.67 -0.33
N ARG A 502 43.44 27.90 0.19
CA ARG A 502 44.63 28.72 0.40
C ARG A 502 45.44 28.18 1.56
N ALA A 503 46.75 28.42 1.54
CA ALA A 503 47.59 27.94 2.64
C ALA A 503 48.91 28.71 2.71
N GLU A 504 49.40 28.89 3.94
CA GLU A 504 50.69 29.51 4.22
C GLU A 504 51.72 28.38 4.28
N VAL A 505 52.45 28.18 3.20
CA VAL A 505 53.41 27.09 3.06
C VAL A 505 54.81 27.67 3.07
N PRO A 506 55.72 27.14 3.90
CA PRO A 506 57.08 27.68 3.97
C PRO A 506 57.69 27.94 2.60
N GLU A 507 58.50 28.99 2.53
CA GLU A 507 59.04 29.44 1.25
C GLU A 507 59.96 28.37 0.65
N ASP A 508 60.87 27.84 1.46
CA ASP A 508 61.80 26.79 1.05
C ASP A 508 61.10 25.53 0.54
N MET A 509 59.85 25.35 0.92
CA MET A 509 59.08 24.17 0.55
C MET A 509 58.07 24.43 -0.55
N LYS A 510 57.85 25.70 -0.93
CA LYS A 510 56.81 26.03 -1.88
C LYS A 510 56.98 25.30 -3.19
N LEU A 511 58.21 24.88 -3.50
CA LEU A 511 58.58 24.31 -4.80
C LEU A 511 58.60 22.79 -4.78
N LEU A 512 58.37 22.18 -3.62
CA LEU A 512 58.35 20.73 -3.54
C LEU A 512 57.24 20.13 -4.37
N SER A 513 56.19 20.90 -4.66
CA SER A 513 55.11 20.35 -5.46
C SER A 513 55.58 19.96 -6.85
N ILE A 514 56.68 20.55 -7.31
CA ILE A 514 57.38 20.09 -8.51
C ILE A 514 58.53 19.17 -8.15
N PHE A 515 59.39 19.60 -7.22
CA PHE A 515 60.60 18.85 -6.92
C PHE A 515 60.28 17.43 -6.47
N THR A 516 59.36 17.28 -5.51
CA THR A 516 59.11 15.95 -4.98
C THR A 516 57.98 15.23 -5.69
N ASP A 517 56.88 15.93 -5.98
CA ASP A 517 55.75 15.24 -6.60
C ASP A 517 56.02 14.90 -8.07
N VAL A 518 56.83 15.67 -8.77
CA VAL A 518 57.08 15.46 -10.18
C VAL A 518 58.46 14.86 -10.45
N PHE A 519 59.51 15.36 -9.80
CA PHE A 519 60.84 14.80 -10.11
C PHE A 519 61.16 13.57 -9.27
N ASP A 520 61.12 13.72 -7.95
CA ASP A 520 61.60 12.63 -7.10
C ASP A 520 60.71 11.41 -7.20
N CYS A 521 59.43 11.60 -7.56
CA CYS A 521 58.43 10.54 -7.50
C CYS A 521 57.91 10.06 -8.85
N PHE A 522 58.12 10.81 -9.92
CA PHE A 522 57.77 10.33 -11.26
C PHE A 522 58.98 10.31 -12.19
N PHE A 523 59.53 11.49 -12.54
CA PHE A 523 60.61 11.53 -13.51
C PHE A 523 61.78 10.64 -13.07
N ARG A 524 62.05 10.61 -11.76
CA ARG A 524 63.15 9.76 -11.27
C ARG A 524 63.07 8.36 -11.88
N PHE A 525 61.86 7.76 -11.91
CA PHE A 525 61.59 6.44 -12.43
C PHE A 525 61.49 6.42 -13.96
N LEU A 526 60.76 7.36 -14.55
CA LEU A 526 60.63 7.43 -15.99
C LEU A 526 61.99 7.56 -16.68
N ALA A 527 62.79 8.55 -16.27
CA ALA A 527 64.12 8.71 -16.84
C ALA A 527 64.96 7.45 -16.65
N ALA A 528 64.85 6.81 -15.49
CA ALA A 528 65.68 5.64 -15.19
C ALA A 528 65.19 4.37 -15.85
N GLY A 529 63.91 4.28 -16.20
CA GLY A 529 63.42 3.09 -16.86
C GLY A 529 63.84 3.15 -18.30
N LEU A 530 63.73 4.34 -18.89
CA LEU A 530 64.11 4.50 -20.28
C LEU A 530 65.62 4.37 -20.47
N ALA A 531 66.38 4.55 -19.41
CA ALA A 531 67.82 4.42 -19.52
C ALA A 531 68.24 2.95 -19.57
N THR A 532 67.62 2.12 -18.73
CA THR A 532 67.94 0.69 -18.77
C THR A 532 67.33 0.03 -19.99
N GLU A 533 66.19 0.53 -20.45
CA GLU A 533 65.56 0.06 -21.66
C GLU A 533 66.34 0.42 -22.92
N GLU A 534 67.38 1.25 -22.79
CA GLU A 534 68.19 1.74 -23.90
C GLU A 534 67.29 2.39 -24.96
N VAL A 535 66.62 3.43 -24.49
CA VAL A 535 65.76 4.27 -25.33
C VAL A 535 66.11 5.73 -25.21
N LEU A 536 66.75 6.16 -24.13
CA LEU A 536 67.09 7.55 -23.89
C LEU A 536 67.88 7.65 -22.59
N ALA A 537 69.15 8.04 -22.67
CA ALA A 537 70.00 8.09 -21.49
C ALA A 537 69.58 9.24 -20.59
N GLU A 538 69.99 9.15 -19.33
CA GLU A 538 69.51 10.10 -18.33
C GLU A 538 69.88 11.54 -18.67
N ASP A 539 71.13 11.76 -19.12
CA ASP A 539 71.55 13.13 -19.46
C ASP A 539 70.63 13.72 -20.51
N ASP A 540 70.31 12.95 -21.55
CA ASP A 540 69.42 13.45 -22.59
C ASP A 540 68.01 13.65 -22.07
N PHE A 541 67.59 12.86 -21.09
CA PHE A 541 66.28 13.07 -20.47
C PHE A 541 66.23 14.42 -19.80
N TRP A 542 67.13 14.65 -18.85
CA TRP A 542 67.08 15.85 -18.02
C TRP A 542 67.39 17.11 -18.83
N ARG A 543 68.28 17.00 -19.83
CA ARG A 543 68.52 18.12 -20.73
C ARG A 543 67.23 18.58 -21.39
N THR A 544 66.38 17.63 -21.76
CA THR A 544 65.10 17.99 -22.39
C THR A 544 64.19 18.68 -21.40
N VAL A 545 64.28 18.32 -20.12
CA VAL A 545 63.45 18.98 -19.12
C VAL A 545 63.88 20.43 -18.96
N ALA A 546 65.18 20.65 -18.86
CA ALA A 546 65.70 22.02 -18.78
C ALA A 546 65.28 22.83 -20.00
N GLU A 547 65.31 22.22 -21.18
CA GLU A 547 65.07 22.96 -22.41
C GLU A 547 63.60 23.35 -22.59
N VAL A 548 62.66 22.55 -22.09
CA VAL A 548 61.27 23.02 -22.08
C VAL A 548 61.05 23.96 -20.92
N THR A 549 61.91 23.91 -19.91
CA THR A 549 61.84 24.86 -18.81
C THR A 549 62.20 26.26 -19.27
N ARG A 550 63.39 26.43 -19.85
CA ARG A 550 63.79 27.74 -20.37
C ARG A 550 62.83 28.22 -21.45
N GLU A 551 62.42 27.32 -22.34
CA GLU A 551 61.43 27.63 -23.37
C GLU A 551 60.20 28.33 -22.81
N TYR A 552 59.73 27.89 -21.63
CA TYR A 552 58.62 28.55 -20.95
C TYR A 552 59.06 29.82 -20.24
N GLN A 553 60.26 29.81 -19.65
CA GLN A 553 60.70 30.96 -18.85
C GLN A 553 60.96 32.16 -19.77
N GLU A 554 61.79 31.97 -20.79
CA GLU A 554 62.12 33.05 -21.72
C GLU A 554 60.88 33.59 -22.42
N ALA A 555 59.83 32.77 -22.58
CA ALA A 555 58.61 33.25 -23.20
C ALA A 555 57.79 34.14 -22.27
N HIS A 556 58.20 34.30 -21.02
CA HIS A 556 57.46 35.08 -20.04
C HIS A 556 58.44 35.79 -19.09
N PRO A 557 59.16 36.80 -19.58
CA PRO A 557 60.07 37.52 -18.69
C PRO A 557 59.35 38.35 -17.63
N GLU A 558 58.05 38.61 -17.79
CA GLU A 558 57.34 39.40 -16.79
C GLU A 558 57.26 38.72 -15.44
N LEU A 559 57.80 37.52 -15.28
CA LEU A 559 57.83 36.86 -13.99
C LEU A 559 59.24 36.49 -13.57
N ASP A 560 60.26 37.03 -14.25
CA ASP A 560 61.66 36.74 -13.92
C ASP A 560 61.94 36.93 -12.43
N ASP A 561 61.18 37.79 -11.76
CA ASP A 561 61.34 37.97 -10.32
C ASP A 561 61.07 36.67 -9.57
N ARG A 562 59.93 36.05 -9.83
CA ARG A 562 59.61 34.78 -9.19
C ARG A 562 60.48 33.64 -9.71
N PHE A 563 60.84 33.68 -10.98
CA PHE A 563 61.78 32.73 -11.58
C PHE A 563 63.04 32.58 -10.74
N ARG A 564 63.58 33.71 -10.24
CA ARG A 564 64.81 33.72 -9.43
C ARG A 564 64.54 33.44 -7.94
N GLN A 565 63.37 33.87 -7.44
CA GLN A 565 62.94 33.51 -6.09
C GLN A 565 62.86 32.00 -5.91
N TYR A 566 62.22 31.31 -6.85
CA TYR A 566 61.99 29.87 -6.83
C TYR A 566 62.81 29.24 -7.93
N ASP A 567 64.09 29.07 -7.67
CA ASP A 567 65.05 28.72 -8.71
C ASP A 567 64.98 27.22 -8.96
N LEU A 568 64.29 26.81 -10.04
CA LEU A 568 64.24 25.40 -10.42
C LEU A 568 65.59 24.85 -10.87
N PHE A 569 66.63 25.68 -11.00
CA PHE A 569 67.94 25.23 -11.43
C PHE A 569 68.97 25.25 -10.30
N ALA A 570 68.54 25.42 -9.05
CA ALA A 570 69.40 25.37 -7.87
C ALA A 570 70.19 24.07 -7.87
N PRO A 571 71.43 24.06 -7.37
CA PRO A 571 72.25 22.83 -7.47
C PRO A 571 71.85 21.72 -6.52
N GLU A 572 70.91 21.96 -5.60
CA GLU A 572 70.42 20.94 -4.68
C GLU A 572 69.01 21.33 -4.25
N PHE A 573 68.21 20.32 -3.87
CA PHE A 573 66.94 20.57 -3.20
C PHE A 573 66.69 19.52 -2.15
N ALA A 574 65.72 19.82 -1.30
CA ALA A 574 65.43 18.99 -0.14
C ALA A 574 65.00 17.59 -0.57
N LEU A 575 65.48 16.59 0.16
CA LEU A 575 64.99 15.23 -0.03
C LEU A 575 63.82 15.02 0.93
N SER A 576 62.60 15.10 0.41
CA SER A 576 61.40 14.82 1.20
C SER A 576 61.12 13.34 1.07
N CYS A 577 61.05 12.65 2.21
CA CYS A 577 60.90 11.20 2.27
C CYS A 577 59.45 10.80 2.48
N LEU A 578 58.91 10.01 1.56
CA LEU A 578 57.49 9.67 1.58
C LEU A 578 57.21 8.45 2.45
N ASN A 579 57.96 7.36 2.26
CA ASN A 579 57.77 6.19 3.11
C ASN A 579 57.87 6.57 4.58
N ARG A 580 58.93 7.32 4.94
CA ARG A 580 59.11 7.80 6.31
C ARG A 580 57.83 8.37 6.90
N LEU A 581 57.02 9.05 6.10
CA LEU A 581 55.69 9.46 6.56
C LEU A 581 54.86 8.26 7.02
N GLN A 582 54.64 7.30 6.12
CA GLN A 582 53.73 6.19 6.43
C GLN A 582 54.26 5.29 7.54
N LEU A 583 55.58 5.05 7.60
CA LEU A 583 56.11 4.36 8.77
C LEU A 583 55.83 5.12 10.08
N ARG A 584 55.79 6.46 10.04
CA ARG A 584 55.54 7.21 11.26
C ARG A 584 54.10 7.07 11.73
N ASP A 585 53.15 7.23 10.80
CA ASP A 585 51.73 7.08 11.10
C ASP A 585 51.04 6.63 9.82
N ASN A 586 50.57 5.37 9.77
CA ASN A 586 49.97 4.84 8.55
C ASN A 586 48.45 4.84 8.56
N ARG A 587 47.81 5.56 9.49
CA ARG A 587 46.38 5.85 9.37
C ARG A 587 46.11 7.26 8.86
N GLN A 588 47.03 8.21 9.13
CA GLN A 588 46.93 9.60 8.69
C GLN A 588 48.38 10.11 8.55
N MET A 589 48.94 9.94 7.35
CA MET A 589 50.34 10.31 7.09
C MET A 589 50.64 11.76 7.41
N VAL A 590 49.63 12.62 7.32
CA VAL A 590 49.74 14.06 7.47
C VAL A 590 48.47 14.56 8.12
N ASP A 591 48.57 15.60 8.96
CA ASP A 591 47.35 16.29 9.36
C ASP A 591 46.86 17.11 8.18
N LEU A 592 45.56 17.04 7.90
CA LEU A 592 45.05 17.76 6.74
C LEU A 592 45.05 19.26 6.96
N ALA A 593 44.93 19.69 8.22
CA ALA A 593 44.95 21.13 8.52
C ALA A 593 46.34 21.73 8.39
N ASP A 594 47.38 20.99 8.76
CA ASP A 594 48.78 21.44 8.64
C ASP A 594 49.58 20.37 7.88
N PRO A 595 49.37 20.26 6.56
CA PRO A 595 50.04 19.19 5.79
C PRO A 595 51.55 19.33 5.75
N SER A 596 52.09 20.53 6.01
CA SER A 596 53.52 20.76 5.91
C SER A 596 54.29 20.28 7.15
N ALA A 597 53.61 20.15 8.30
CA ALA A 597 54.31 19.85 9.55
C ALA A 597 54.88 18.45 9.54
N ALA A 598 54.17 17.51 8.93
CA ALA A 598 54.50 16.09 9.01
C ALA A 598 55.61 15.68 8.04
N LEU A 599 55.98 16.52 7.08
CA LEU A 599 57.03 16.15 6.14
C LEU A 599 58.34 15.85 6.87
N GLN A 600 59.14 15.00 6.24
CA GLN A 600 60.41 14.56 6.78
C GLN A 600 61.46 14.81 5.70
N LEU A 601 62.36 15.76 5.98
CA LEU A 601 63.40 16.25 5.09
C LEU A 601 64.72 15.82 5.68
N VAL A 602 65.47 14.99 4.96
CA VAL A 602 66.70 14.38 5.47
C VAL A 602 67.79 14.61 4.43
N GLY A 603 68.42 15.77 4.45
CA GLY A 603 69.44 16.06 3.46
C GLY A 603 68.88 16.59 2.15
N THR A 604 69.68 16.48 1.10
CA THR A 604 69.36 17.08 -0.19
C THR A 604 69.69 16.12 -1.32
N LEU A 605 69.20 16.48 -2.50
CA LEU A 605 69.46 15.74 -3.73
C LEU A 605 70.06 16.67 -4.76
N ARG A 606 71.14 16.25 -5.40
CA ARG A 606 71.65 16.94 -6.57
C ARG A 606 70.53 17.11 -7.59
N ASN A 607 70.10 18.35 -7.82
CA ASN A 607 69.16 18.62 -8.90
C ASN A 607 69.80 18.24 -10.23
N PRO A 608 69.12 17.44 -11.06
CA PRO A 608 69.67 17.10 -12.39
C PRO A 608 69.62 18.23 -13.41
N LEU A 609 69.03 19.38 -13.09
CA LEU A 609 69.03 20.52 -13.98
C LEU A 609 70.23 21.46 -13.76
N ALA A 610 71.30 20.97 -13.14
CA ALA A 610 72.51 21.77 -12.92
C ALA A 610 73.48 21.62 -14.09
N MET B 21 19.83 -11.74 1.83
CA MET B 21 20.44 -12.09 0.54
C MET B 21 20.21 -10.94 -0.47
N SER B 22 18.94 -10.57 -0.63
CA SER B 22 18.55 -9.38 -1.35
C SER B 22 18.91 -8.11 -0.56
N LEU B 23 19.28 -7.05 -1.28
CA LEU B 23 19.63 -5.78 -0.64
C LEU B 23 18.51 -5.26 0.25
N THR B 24 17.34 -5.03 -0.32
CA THR B 24 16.26 -4.45 0.46
C THR B 24 15.84 -5.36 1.61
N ASP B 25 16.01 -6.68 1.46
CA ASP B 25 15.57 -7.60 2.50
C ASP B 25 16.55 -7.64 3.65
N ALA B 26 17.84 -7.46 3.37
CA ALA B 26 18.78 -7.67 4.45
C ALA B 26 18.59 -6.62 5.53
N VAL B 27 17.98 -5.48 5.19
CA VAL B 27 17.69 -4.47 6.21
C VAL B 27 16.18 -4.33 6.45
N ALA B 28 15.38 -5.30 5.96
CA ALA B 28 13.94 -5.22 6.15
C ALA B 28 13.59 -5.15 7.64
N HIS B 29 14.41 -5.77 8.50
CA HIS B 29 14.08 -5.77 9.91
C HIS B 29 14.19 -4.40 10.54
N LEU B 30 14.93 -3.46 9.93
CA LEU B 30 15.03 -2.08 10.42
C LEU B 30 13.88 -1.24 9.89
N SER B 31 12.77 -1.24 10.63
CA SER B 31 11.58 -0.42 10.39
C SER B 31 11.47 0.66 11.46
N PRO B 32 10.73 1.73 11.21
CA PRO B 32 10.60 2.75 12.25
C PRO B 32 9.89 2.24 13.51
N GLU B 33 8.89 1.37 13.35
CA GLU B 33 8.12 0.92 14.51
C GLU B 33 8.98 0.06 15.43
N ARG B 34 9.79 -0.82 14.84
CA ARG B 34 10.64 -1.69 15.65
C ARG B 34 11.81 -0.91 16.25
N TRP B 35 12.38 0.04 15.49
CA TRP B 35 13.45 0.87 16.03
C TRP B 35 12.98 1.63 17.27
N GLU B 36 11.80 2.26 17.20
CA GLU B 36 11.24 2.94 18.38
C GLU B 36 11.17 2.00 19.58
N GLU B 37 10.55 0.83 19.39
CA GLU B 37 10.46 -0.14 20.49
C GLU B 37 11.83 -0.54 21.02
N ALA B 38 12.78 -0.80 20.12
CA ALA B 38 14.10 -1.18 20.54
C ALA B 38 14.74 -0.10 21.40
N ASN B 39 14.55 1.17 21.00
CA ASN B 39 15.16 2.28 21.73
C ASN B 39 14.52 2.47 23.09
N ARG B 40 13.20 2.30 23.17
CA ARG B 40 12.53 2.35 24.45
C ARG B 40 13.06 1.29 25.40
N LEU B 41 13.14 0.05 24.92
CA LEU B 41 13.62 -1.06 25.75
C LEU B 41 15.06 -0.87 26.17
N LEU B 42 15.88 -0.28 25.31
CA LEU B 42 17.27 -0.06 25.66
C LEU B 42 17.47 1.17 26.55
N VAL B 43 16.67 2.22 26.37
CA VAL B 43 16.76 3.33 27.32
C VAL B 43 16.33 2.89 28.72
N ARG B 44 15.27 2.07 28.83
CA ARG B 44 14.85 1.66 30.18
C ARG B 44 15.93 0.82 30.86
N LYS B 45 16.65 0.00 30.09
CA LYS B 45 17.73 -0.75 30.71
C LYS B 45 18.87 0.18 31.07
N ALA B 46 19.10 1.20 30.26
CA ALA B 46 20.05 2.24 30.63
C ALA B 46 19.69 2.86 31.98
N LEU B 47 18.46 3.37 32.12
CA LEU B 47 18.08 3.99 33.39
C LEU B 47 18.28 3.03 34.55
N ALA B 48 17.66 1.86 34.45
CA ALA B 48 17.69 0.89 35.54
C ALA B 48 19.11 0.57 35.95
N GLU B 49 19.94 0.18 34.97
CA GLU B 49 21.27 -0.31 35.29
C GLU B 49 22.25 0.80 35.66
N PHE B 50 22.19 1.95 34.97
CA PHE B 50 23.09 3.04 35.35
C PHE B 50 22.70 3.60 36.70
N ALA B 51 21.42 3.52 37.06
CA ALA B 51 20.99 3.88 38.41
C ALA B 51 21.64 2.96 39.44
N HIS B 52 21.45 1.65 39.25
CA HIS B 52 22.07 0.63 40.08
C HIS B 52 23.56 0.93 40.30
N GLU B 53 24.25 1.30 39.23
CA GLU B 53 25.68 1.55 39.34
C GLU B 53 26.00 2.94 39.87
N ARG B 54 24.98 3.72 40.25
CA ARG B 54 25.18 5.05 40.83
C ARG B 54 25.99 5.95 39.91
N LEU B 55 25.78 5.80 38.60
CA LEU B 55 26.27 6.77 37.63
C LEU B 55 25.41 8.02 37.67
N PHE B 56 24.16 7.86 38.08
CA PHE B 56 23.36 9.00 38.43
C PHE B 56 22.35 8.56 39.47
N THR B 57 21.83 9.54 40.21
CA THR B 57 20.89 9.29 41.30
C THR B 57 19.55 9.94 40.96
N PRO B 58 18.59 9.18 40.48
CA PRO B 58 17.30 9.78 40.09
C PRO B 58 16.57 10.30 41.31
N GLU B 59 16.02 11.51 41.18
CA GLU B 59 15.33 12.15 42.29
C GLU B 59 13.83 12.08 42.09
N PRO B 60 13.04 11.85 43.15
CA PRO B 60 11.59 11.81 42.99
C PRO B 60 11.09 13.13 42.41
N ALA B 61 10.05 13.06 41.58
CA ALA B 61 9.61 14.19 40.79
C ALA B 61 8.10 14.36 40.88
N ASP B 62 7.66 15.61 40.90
CA ASP B 62 6.24 15.97 40.86
C ASP B 62 5.43 15.29 41.96
N GLY B 63 6.06 14.90 43.07
CA GLY B 63 5.34 14.37 44.22
C GLY B 63 4.65 13.04 44.03
N GLN B 64 4.39 12.64 42.79
CA GLN B 64 3.89 11.30 42.52
C GLN B 64 4.84 10.27 43.08
N ASP B 65 4.29 9.19 43.64
CA ASP B 65 5.07 8.27 44.46
C ASP B 65 6.17 7.59 43.64
N GLY B 66 5.78 6.90 42.58
CA GLY B 66 6.83 6.20 41.86
C GLY B 66 7.63 7.02 40.87
N ARG B 67 7.33 8.30 40.69
CA ARG B 67 7.90 9.07 39.60
C ARG B 67 9.32 9.51 39.95
N TYR B 68 10.20 9.48 38.94
CA TYR B 68 11.62 9.80 39.09
C TYR B 68 12.08 10.55 37.85
N VAL B 69 13.21 11.26 37.98
CA VAL B 69 13.75 12.05 36.87
C VAL B 69 15.26 11.90 36.82
N VAL B 70 15.81 11.94 35.61
CA VAL B 70 17.25 11.93 35.40
C VAL B 70 17.54 12.94 34.31
N ARG B 71 18.54 13.79 34.56
CA ARG B 71 18.82 14.92 33.68
C ARG B 71 20.16 14.73 33.00
N SER B 72 20.31 15.43 31.87
CA SER B 72 21.49 15.29 31.01
C SER B 72 22.66 16.11 31.55
N ASP B 73 23.79 16.04 30.84
CA ASP B 73 25.00 16.75 31.28
C ASP B 73 24.73 18.25 31.45
N ASP B 74 24.08 18.87 30.47
CA ASP B 74 23.80 20.30 30.52
C ASP B 74 22.51 20.62 31.29
N GLY B 75 21.80 19.63 31.81
CA GLY B 75 20.63 19.87 32.61
C GLY B 75 19.34 20.13 31.84
N LEU B 76 19.40 20.30 30.52
CA LEU B 76 18.21 20.73 29.79
C LEU B 76 17.27 19.57 29.46
N THR B 77 17.79 18.43 28.96
CA THR B 77 16.99 17.24 28.68
C THR B 77 16.70 16.45 29.95
N SER B 78 15.43 16.14 30.18
CA SER B 78 15.01 15.40 31.36
C SER B 78 14.34 14.10 30.92
N TYR B 79 14.81 12.98 31.45
CA TYR B 79 14.19 11.68 31.28
C TYR B 79 13.38 11.38 32.52
N ARG B 80 12.07 11.30 32.37
CA ARG B 80 11.17 11.01 33.48
C ARG B 80 10.60 9.62 33.32
N PHE B 81 10.46 8.88 34.42
CA PHE B 81 10.03 7.48 34.37
C PHE B 81 9.49 7.05 35.73
N THR B 82 8.62 6.03 35.74
CA THR B 82 8.19 5.41 36.99
C THR B 82 8.97 4.11 37.22
N ALA B 83 9.24 3.80 38.48
CA ALA B 83 10.05 2.62 38.75
C ALA B 83 9.66 2.00 40.10
N VAL B 84 9.71 0.67 40.14
CA VAL B 84 9.58 -0.08 41.37
C VAL B 84 10.99 -0.43 41.83
N ARG B 85 11.39 0.09 43.00
CA ARG B 85 12.69 -0.26 43.55
C ARG B 85 12.56 -1.56 44.32
N ARG B 86 13.58 -2.40 44.21
CA ARG B 86 13.58 -3.72 44.82
C ARG B 86 14.95 -4.01 45.41
N ALA B 87 15.13 -5.24 45.87
CA ALA B 87 16.32 -5.57 46.63
C ALA B 87 17.58 -5.46 45.77
N LEU B 88 18.70 -5.20 46.45
CA LEU B 88 20.00 -5.02 45.81
C LEU B 88 20.02 -3.80 44.90
N ASP B 89 19.31 -2.74 45.32
CA ASP B 89 19.26 -1.47 44.59
C ASP B 89 18.74 -1.66 43.17
N HIS B 90 17.79 -2.55 42.98
CA HIS B 90 17.27 -2.82 41.66
C HIS B 90 16.23 -1.76 41.28
N TRP B 91 16.24 -1.36 40.01
CA TRP B 91 15.28 -0.36 39.55
C TRP B 91 14.42 -0.96 38.42
N GLN B 92 13.18 -1.31 38.74
CA GLN B 92 12.25 -1.79 37.71
C GLN B 92 11.61 -0.61 37.02
N VAL B 93 12.31 -0.07 36.02
CA VAL B 93 11.77 1.01 35.21
C VAL B 93 10.66 0.49 34.32
N ASP B 94 9.53 1.17 34.31
CA ASP B 94 8.49 0.86 33.33
C ASP B 94 8.82 1.56 32.02
N ALA B 95 9.05 0.77 30.96
CA ALA B 95 9.47 1.35 29.69
C ALA B 95 8.36 2.19 29.08
N GLY B 96 7.10 1.84 29.36
CA GLY B 96 6.02 2.65 28.86
C GLY B 96 5.91 4.01 29.51
N SER B 97 6.59 4.20 30.63
CA SER B 97 6.48 5.43 31.40
C SER B 97 7.50 6.49 31.00
N ILE B 98 8.46 6.17 30.15
CA ILE B 98 9.64 7.01 29.95
C ILE B 98 9.30 8.09 28.94
N THR B 99 9.58 9.33 29.30
CA THR B 99 9.37 10.46 28.41
C THR B 99 10.63 11.31 28.39
N ARG B 100 10.93 11.86 27.21
CA ARG B 100 12.06 12.75 27.03
C ARG B 100 11.56 14.18 26.90
N THR B 101 12.13 15.09 27.69
CA THR B 101 11.65 16.47 27.80
C THR B 101 12.81 17.43 27.60
N ARG B 102 12.61 18.42 26.72
CA ARG B 102 13.53 19.53 26.54
C ARG B 102 12.73 20.76 26.16
N ASP B 103 12.95 21.87 26.88
CA ASP B 103 12.18 23.12 26.69
C ASP B 103 10.68 22.87 26.80
N GLY B 104 10.30 22.03 27.75
CA GLY B 104 8.89 21.67 27.92
C GLY B 104 8.26 21.13 26.66
N ALA B 105 8.97 20.25 25.95
CA ALA B 105 8.49 19.59 24.74
C ALA B 105 8.91 18.12 24.75
N GLU B 106 8.01 17.25 24.32
CA GLU B 106 8.33 15.83 24.25
C GLU B 106 9.21 15.52 23.05
N LEU B 107 10.35 14.87 23.31
CA LEU B 107 11.24 14.39 22.24
C LEU B 107 11.16 12.86 22.10
N PRO B 108 11.42 12.32 20.92
CA PRO B 108 11.46 10.86 20.78
C PRO B 108 12.62 10.27 21.56
N LEU B 109 12.39 9.03 22.05
CA LEU B 109 13.41 8.29 22.77
C LEU B 109 14.44 7.73 21.80
N ALA B 110 15.70 8.00 22.08
CA ALA B 110 16.78 7.69 21.13
C ALA B 110 18.02 7.37 21.94
N ALA B 111 18.39 6.09 21.96
CA ALA B 111 19.52 5.67 22.77
C ALA B 111 20.79 6.42 22.39
N LEU B 112 20.98 6.72 21.10
CA LEU B 112 22.20 7.43 20.71
C LEU B 112 22.24 8.83 21.32
N ASP B 113 21.14 9.60 21.18
CA ASP B 113 21.08 10.93 21.80
C ASP B 113 21.36 10.84 23.31
N PHE B 114 20.61 9.98 24.01
CA PHE B 114 20.85 9.68 25.41
C PHE B 114 22.34 9.62 25.77
N PHE B 115 23.08 8.73 25.12
CA PHE B 115 24.46 8.53 25.53
C PHE B 115 25.33 9.73 25.23
N ILE B 116 24.96 10.54 24.24
CA ILE B 116 25.67 11.79 23.99
C ILE B 116 25.36 12.81 25.08
N GLU B 117 24.07 13.03 25.34
CA GLU B 117 23.61 13.90 26.43
C GLU B 117 24.28 13.60 27.75
N LEU B 118 24.69 12.37 28.00
CA LEU B 118 25.27 11.99 29.28
C LEU B 118 26.70 11.52 29.13
N ARG B 119 27.38 12.00 28.09
CA ARG B 119 28.70 11.47 27.80
C ARG B 119 29.66 11.72 28.97
N HIS B 120 29.50 12.83 29.69
CA HIS B 120 30.37 13.17 30.81
C HIS B 120 29.91 12.53 32.10
N THR B 121 28.59 12.43 32.31
CA THR B 121 28.06 11.67 33.47
C THR B 121 28.55 10.23 33.43
N LEU B 122 28.35 9.55 32.31
CA LEU B 122 29.01 8.27 32.16
C LEU B 122 30.48 8.53 31.81
N GLY B 123 31.30 7.49 31.89
CA GLY B 123 32.71 7.82 31.73
C GLY B 123 33.19 7.85 30.30
N LEU B 124 32.50 8.56 29.41
CA LEU B 124 32.67 8.33 27.96
C LEU B 124 33.63 9.34 27.32
N SER B 125 34.89 8.91 27.19
CA SER B 125 35.91 9.71 26.54
C SER B 125 35.56 9.98 25.08
N ASP B 126 36.04 11.12 24.59
CA ASP B 126 35.89 11.44 23.17
C ASP B 126 36.39 10.33 22.27
N GLU B 127 37.38 9.57 22.73
CA GLU B 127 37.93 8.50 21.91
C GLU B 127 36.99 7.31 21.87
N ILE B 128 36.38 6.96 23.00
CA ILE B 128 35.56 5.76 23.05
C ILE B 128 34.14 6.00 22.56
N LEU B 129 33.58 7.20 22.82
CA LEU B 129 32.16 7.49 22.59
C LEU B 129 31.63 7.02 21.25
N PRO B 130 32.26 7.31 20.10
CA PRO B 130 31.70 6.83 18.82
C PRO B 130 31.72 5.32 18.68
N VAL B 131 32.70 4.64 19.27
CA VAL B 131 32.75 3.18 19.15
C VAL B 131 31.63 2.56 19.98
N TYR B 132 31.44 3.07 21.20
CA TYR B 132 30.31 2.66 22.01
C TYR B 132 29.00 2.90 21.27
N LEU B 133 28.88 4.05 20.61
CA LEU B 133 27.65 4.33 19.88
C LEU B 133 27.37 3.27 18.81
N GLU B 134 28.43 2.81 18.13
CA GLU B 134 28.27 1.70 17.19
C GLU B 134 27.78 0.45 17.89
N GLU B 135 28.45 0.07 18.97
CA GLU B 135 28.00 -1.06 19.77
C GLU B 135 26.55 -0.87 20.18
N ILE B 136 26.12 0.39 20.40
CA ILE B 136 24.71 0.61 20.72
C ILE B 136 23.84 0.45 19.47
N SER B 137 24.16 1.17 18.38
CA SER B 137 23.43 0.93 17.14
C SER B 137 23.30 -0.56 16.83
N SER B 138 24.33 -1.34 17.15
CA SER B 138 24.32 -2.74 16.74
C SER B 138 23.42 -3.58 17.63
N THR B 139 23.46 -3.34 18.94
CA THR B 139 22.52 -3.98 19.85
C THR B 139 21.06 -3.65 19.49
N LEU B 140 20.81 -2.43 19.04
CA LEU B 140 19.45 -2.03 18.68
C LEU B 140 18.97 -2.78 17.43
N SER B 141 19.86 -3.00 16.46
CA SER B 141 19.49 -3.76 15.29
C SER B 141 19.16 -5.19 15.65
N GLY B 142 19.96 -5.79 16.53
CA GLY B 142 19.68 -7.16 16.92
C GLY B 142 18.31 -7.30 17.55
N THR B 143 17.98 -6.38 18.46
CA THR B 143 16.62 -6.31 18.99
C THR B 143 15.62 -6.14 17.86
N CYS B 144 15.87 -5.18 16.97
CA CYS B 144 14.98 -5.01 15.83
C CYS B 144 14.81 -6.33 15.06
N TYR B 145 15.91 -7.06 14.83
CA TYR B 145 15.75 -8.34 14.14
C TYR B 145 14.87 -9.28 14.95
N LYS B 146 15.18 -9.42 16.24
CA LYS B 146 14.47 -10.39 17.08
C LYS B 146 12.98 -10.08 17.14
N LEU B 147 12.59 -8.79 17.14
CA LEU B 147 11.20 -8.39 16.99
C LEU B 147 10.56 -8.82 15.67
N THR B 148 11.29 -9.36 14.71
CA THR B 148 10.62 -9.91 13.53
C THR B 148 10.38 -11.38 13.67
N LYS B 149 10.99 -12.01 14.66
CA LYS B 149 10.80 -13.42 14.84
C LYS B 149 9.38 -13.69 15.33
N PRO B 150 8.81 -14.85 14.99
CA PRO B 150 7.47 -15.19 15.49
C PRO B 150 7.49 -15.22 17.01
N GLN B 151 6.48 -14.58 17.61
CA GLN B 151 6.38 -14.57 19.06
C GLN B 151 6.19 -15.99 19.59
N VAL B 152 6.81 -16.26 20.73
CA VAL B 152 6.85 -17.61 21.30
C VAL B 152 6.80 -17.49 22.80
N THR B 153 5.88 -18.24 23.42
CA THR B 153 5.69 -18.20 24.85
C THR B 153 6.80 -18.96 25.57
N ALA B 154 6.88 -18.75 26.88
CA ALA B 154 7.75 -19.59 27.68
C ALA B 154 7.42 -21.05 27.43
N ALA B 155 6.14 -21.40 27.43
CA ALA B 155 5.73 -22.77 27.13
C ALA B 155 6.20 -23.21 25.74
N GLY B 156 6.09 -22.30 24.77
CA GLY B 156 6.51 -22.64 23.40
C GLY B 156 7.98 -22.95 23.30
N LEU B 157 8.83 -22.11 23.90
CA LEU B 157 10.27 -22.35 23.93
C LEU B 157 10.59 -23.69 24.58
N LEU B 158 10.00 -23.94 25.76
CA LEU B 158 10.22 -25.23 26.43
C LEU B 158 9.89 -26.39 25.49
N GLU B 159 8.73 -26.30 24.81
CA GLU B 159 8.31 -27.36 23.91
C GLU B 159 9.21 -27.43 22.68
N GLY B 160 9.87 -26.32 22.33
CA GLY B 160 10.72 -26.31 21.15
C GLY B 160 12.03 -27.07 21.33
N GLY B 161 12.67 -26.93 22.49
CA GLY B 161 13.86 -27.71 22.80
C GLY B 161 15.12 -26.86 22.98
N PHE B 162 16.24 -27.58 23.09
CA PHE B 162 17.46 -26.98 23.58
C PHE B 162 17.87 -25.76 22.75
N GLN B 163 17.83 -25.89 21.42
CA GLN B 163 18.29 -24.77 20.60
C GLN B 163 17.20 -23.72 20.38
N ALA B 164 15.92 -24.10 20.51
CA ALA B 164 14.87 -23.09 20.55
C ALA B 164 15.04 -22.16 21.75
N LEU B 165 15.58 -22.70 22.84
CA LEU B 165 15.85 -21.84 23.98
C LEU B 165 17.04 -20.92 23.70
N GLU B 166 18.19 -21.48 23.25
CA GLU B 166 19.37 -20.67 22.95
C GLU B 166 19.06 -19.60 21.92
N SER B 167 18.51 -20.02 20.79
CA SER B 167 18.25 -19.05 19.75
C SER B 167 17.07 -18.16 20.10
N GLY B 168 16.38 -18.44 21.20
CA GLY B 168 15.16 -17.74 21.52
C GLY B 168 15.33 -16.69 22.60
N MET B 169 16.43 -16.80 23.32
CA MET B 169 16.80 -15.75 24.25
C MET B 169 16.90 -14.42 23.54
N THR B 170 16.59 -13.36 24.28
CA THR B 170 16.62 -12.03 23.70
C THR B 170 17.40 -11.00 24.50
N GLU B 171 17.40 -11.06 25.83
CA GLU B 171 18.07 -10.02 26.60
C GLU B 171 19.59 -10.09 26.42
N GLY B 172 20.17 -11.26 26.55
CA GLY B 172 21.61 -11.33 26.66
C GLY B 172 22.02 -11.07 28.10
N HIS B 173 23.29 -10.80 28.32
CA HIS B 173 23.73 -10.49 29.67
C HIS B 173 22.85 -9.39 30.24
N PRO B 174 22.21 -9.59 31.39
CA PRO B 174 21.24 -8.60 31.89
C PRO B 174 21.87 -7.34 32.45
N CYS B 175 23.12 -7.38 32.89
CA CYS B 175 23.73 -6.17 33.46
C CYS B 175 24.20 -5.21 32.37
N PHE B 176 25.01 -5.67 31.44
CA PHE B 176 25.63 -4.80 30.46
C PHE B 176 24.58 -4.21 29.52
N VAL B 177 24.53 -2.89 29.45
CA VAL B 177 23.62 -2.23 28.51
C VAL B 177 24.05 -2.53 27.07
N ALA B 178 25.33 -2.37 26.74
CA ALA B 178 25.82 -2.62 25.39
C ALA B 178 26.37 -4.04 25.26
N ASN B 179 25.46 -5.02 25.32
CA ASN B 179 25.87 -6.41 25.49
C ASN B 179 25.92 -7.21 24.18
N ASN B 180 25.30 -6.72 23.11
CA ASN B 180 25.16 -7.51 21.89
C ASN B 180 25.69 -6.73 20.67
N GLY B 181 26.91 -6.21 20.80
CA GLY B 181 27.52 -5.47 19.71
C GLY B 181 27.80 -6.27 18.46
N ARG B 182 28.59 -7.35 18.57
CA ARG B 182 29.03 -8.10 17.40
C ARG B 182 29.66 -7.17 16.36
N LEU B 183 30.61 -6.34 16.83
CA LEU B 183 31.26 -5.32 15.99
C LEU B 183 32.26 -5.98 15.08
N GLY B 184 31.94 -6.04 13.79
CA GLY B 184 32.71 -6.77 12.80
C GLY B 184 31.77 -7.36 11.77
N PHE B 185 30.63 -7.85 12.21
CA PHE B 185 29.67 -8.37 11.25
C PHE B 185 29.11 -7.21 10.46
N GLY B 186 29.10 -7.34 9.15
CA GLY B 186 28.20 -6.55 8.34
C GLY B 186 26.81 -7.16 8.38
N VAL B 187 25.84 -6.41 7.85
CA VAL B 187 24.44 -6.81 8.05
C VAL B 187 24.22 -8.23 7.53
N ASP B 188 24.81 -8.56 6.38
CA ASP B 188 24.64 -9.90 5.85
C ASP B 188 25.32 -10.92 6.74
N GLU B 189 26.46 -10.55 7.30
CA GLU B 189 27.14 -11.48 8.19
C GLU B 189 26.39 -11.68 9.49
N TYR B 190 25.74 -10.62 10.00
CA TYR B 190 24.88 -10.76 11.18
C TYR B 190 23.77 -11.79 10.94
N LEU B 191 23.08 -11.68 9.81
CA LEU B 191 22.01 -12.61 9.50
C LEU B 191 22.52 -14.05 9.39
N ALA B 192 23.74 -14.25 8.92
CA ALA B 192 24.30 -15.58 8.82
C ALA B 192 24.82 -16.13 10.14
N TYR B 193 25.46 -15.32 10.97
CA TYR B 193 26.23 -15.89 12.06
C TYR B 193 25.69 -15.61 13.46
N ALA B 194 24.68 -14.77 13.62
CA ALA B 194 24.19 -14.39 14.96
C ALA B 194 23.38 -15.53 15.59
N PRO B 195 23.60 -15.82 16.88
CA PRO B 195 22.84 -16.91 17.51
C PRO B 195 21.34 -16.75 17.36
N GLU B 196 20.81 -15.54 17.63
CA GLU B 196 19.38 -15.28 17.57
C GLU B 196 18.76 -15.51 16.18
N THR B 197 19.55 -15.65 15.11
CA THR B 197 18.95 -15.97 13.81
C THR B 197 18.86 -17.45 13.58
N ALA B 198 19.65 -18.23 14.31
CA ALA B 198 19.60 -19.68 14.22
C ALA B 198 19.78 -20.17 12.78
N HIS B 199 20.56 -19.44 11.93
CA HIS B 199 20.83 -20.00 10.61
C HIS B 199 22.00 -20.97 10.70
N PRO B 200 21.93 -22.10 10.00
CA PRO B 200 22.96 -23.12 10.17
C PRO B 200 24.24 -22.70 9.45
N VAL B 201 25.37 -23.02 10.08
CA VAL B 201 26.68 -22.56 9.65
C VAL B 201 27.59 -23.77 9.46
N ARG B 202 28.31 -23.81 8.34
CA ARG B 202 29.33 -24.81 8.10
C ARG B 202 30.70 -24.23 8.46
N LEU B 203 31.41 -24.91 9.35
CA LEU B 203 32.74 -24.47 9.73
C LEU B 203 33.72 -24.70 8.58
N VAL B 204 34.75 -23.86 8.51
CA VAL B 204 35.80 -24.04 7.52
C VAL B 204 36.94 -24.82 8.16
N TRP B 205 37.41 -25.85 7.46
CA TRP B 205 38.47 -26.71 7.95
C TRP B 205 39.78 -26.38 7.27
N LEU B 206 40.84 -26.31 8.07
CA LEU B 206 42.14 -25.96 7.55
C LEU B 206 43.17 -26.97 8.05
N ALA B 207 44.17 -27.21 7.22
CA ALA B 207 45.32 -28.02 7.62
C ALA B 207 46.43 -27.09 8.06
N ALA B 208 46.95 -27.33 9.25
CA ALA B 208 48.01 -26.53 9.84
C ALA B 208 49.25 -27.40 9.98
N HIS B 209 50.37 -26.87 9.56
CA HIS B 209 51.65 -27.56 9.66
C HIS B 209 52.07 -27.69 11.12
N ARG B 210 52.54 -28.88 11.51
CA ARG B 210 52.94 -29.04 12.90
C ARG B 210 54.09 -28.11 13.31
N SER B 211 54.80 -27.49 12.35
CA SER B 211 55.86 -26.57 12.73
C SER B 211 55.32 -25.36 13.48
N ARG B 212 54.07 -24.95 13.21
CA ARG B 212 53.42 -23.85 13.91
C ARG B 212 52.18 -24.26 14.72
N ALA B 213 51.59 -25.44 14.50
CA ALA B 213 50.34 -25.80 15.17
C ALA B 213 50.55 -26.95 16.16
N ALA B 214 49.70 -27.00 17.19
CA ALA B 214 49.82 -28.04 18.23
C ALA B 214 48.45 -28.50 18.74
N PHE B 215 48.22 -29.81 18.67
CA PHE B 215 46.99 -30.43 19.17
C PHE B 215 47.20 -30.95 20.59
N THR B 216 46.42 -30.43 21.53
CA THR B 216 46.53 -30.79 22.94
C THR B 216 45.33 -31.66 23.32
N ALA B 217 45.61 -32.87 23.83
CA ALA B 217 44.57 -33.87 24.04
C ALA B 217 44.31 -34.10 25.51
N GLY B 218 43.05 -33.94 25.93
CA GLY B 218 42.60 -34.38 27.23
C GLY B 218 42.73 -35.89 27.43
N ALA B 219 42.54 -36.31 28.68
CA ALA B 219 42.74 -37.70 29.08
C ALA B 219 41.88 -38.65 28.26
N GLY B 220 42.49 -39.69 27.70
CA GLY B 220 41.73 -40.68 26.96
C GLY B 220 41.38 -40.28 25.54
N ILE B 221 41.92 -39.16 25.06
CA ILE B 221 41.77 -38.67 23.70
C ILE B 221 43.04 -38.95 22.94
N ASP B 222 42.89 -39.21 21.64
CA ASP B 222 44.00 -39.49 20.73
C ASP B 222 43.68 -38.77 19.43
N TYR B 223 44.64 -37.99 18.89
CA TYR B 223 44.34 -37.17 17.73
C TYR B 223 43.72 -37.99 16.60
N ALA B 224 44.37 -39.08 16.20
CA ALA B 224 43.88 -39.90 15.09
C ALA B 224 42.42 -40.33 15.26
N SER B 225 42.08 -40.95 16.40
CA SER B 225 40.71 -41.43 16.56
C SER B 225 39.73 -40.27 16.71
N PHE B 226 40.13 -39.22 17.44
CA PHE B 226 39.28 -38.06 17.69
C PHE B 226 38.81 -37.38 16.42
N VAL B 227 39.70 -37.23 15.43
CA VAL B 227 39.27 -36.56 14.21
C VAL B 227 38.36 -37.45 13.39
N ARG B 228 38.53 -38.78 13.49
CA ARG B 228 37.67 -39.66 12.72
C ARG B 228 36.28 -39.79 13.33
N GLN B 229 36.16 -39.76 14.66
CA GLN B 229 34.83 -39.66 15.25
C GLN B 229 34.13 -38.36 14.85
N GLU B 230 34.86 -37.26 14.89
CA GLU B 230 34.21 -35.96 14.74
C GLU B 230 33.93 -35.63 13.27
N LEU B 231 34.74 -36.10 12.32
CA LEU B 231 34.52 -35.77 10.92
C LEU B 231 34.09 -36.94 10.05
N GLY B 232 34.36 -38.18 10.47
CA GLY B 232 34.11 -39.33 9.62
C GLY B 232 35.34 -39.72 8.83
N GLU B 233 35.64 -41.02 8.76
CA GLU B 233 36.77 -41.49 7.96
C GLU B 233 36.67 -41.06 6.51
N GLU B 234 35.47 -41.18 5.93
CA GLU B 234 35.34 -40.81 4.54
C GLU B 234 35.84 -39.38 4.32
N THR B 235 35.59 -38.48 5.28
CA THR B 235 36.03 -37.09 5.12
C THR B 235 37.51 -36.89 5.46
N VAL B 236 37.99 -37.46 6.58
CA VAL B 236 39.42 -37.34 6.93
C VAL B 236 40.30 -37.78 5.77
N GLU B 237 39.93 -38.90 5.10
CA GLU B 237 40.74 -39.39 3.98
C GLU B 237 40.57 -38.50 2.75
N ARG B 238 39.42 -37.85 2.59
CA ARG B 238 39.32 -36.86 1.54
C ARG B 238 40.29 -35.73 1.79
N PHE B 239 40.48 -35.35 3.06
CA PHE B 239 41.39 -34.25 3.37
C PHE B 239 42.83 -34.64 3.11
N ASP B 240 43.22 -35.83 3.58
CA ASP B 240 44.55 -36.34 3.24
C ASP B 240 44.75 -36.40 1.73
N GLY B 241 43.69 -36.71 0.99
CA GLY B 241 43.78 -36.66 -0.45
C GLY B 241 44.25 -35.31 -0.94
N VAL B 242 43.54 -34.26 -0.53
CA VAL B 242 43.86 -32.89 -0.93
C VAL B 242 45.29 -32.53 -0.58
N LEU B 243 45.73 -32.92 0.62
CA LEU B 243 47.10 -32.64 1.04
C LEU B 243 48.11 -33.31 0.11
N ARG B 244 47.96 -34.63 -0.11
CA ARG B 244 48.91 -35.32 -0.98
C ARG B 244 48.90 -34.75 -2.39
N GLY B 245 47.75 -34.28 -2.88
CA GLY B 245 47.72 -33.68 -4.21
C GLY B 245 48.63 -32.47 -4.34
N ARG B 246 48.77 -31.69 -3.27
CA ARG B 246 49.63 -30.52 -3.26
C ARG B 246 51.07 -30.87 -2.92
N GLY B 247 51.38 -32.14 -2.71
CA GLY B 247 52.69 -32.56 -2.31
C GLY B 247 52.95 -32.59 -0.82
N LEU B 248 51.92 -32.61 0.02
CA LEU B 248 52.09 -32.44 1.45
C LEU B 248 51.76 -33.73 2.18
N ASP B 249 52.58 -34.07 3.17
CA ASP B 249 52.35 -35.30 3.91
C ASP B 249 51.35 -35.05 5.04
N PRO B 250 50.20 -35.72 5.04
CA PRO B 250 49.24 -35.54 6.14
C PRO B 250 49.82 -35.74 7.54
N ALA B 251 50.88 -36.53 7.71
CA ALA B 251 51.42 -36.64 9.06
C ALA B 251 52.03 -35.32 9.53
N ASP B 252 52.38 -34.44 8.60
CA ASP B 252 52.96 -33.17 8.96
C ASP B 252 51.93 -32.12 9.36
N TYR B 253 50.64 -32.48 9.40
CA TYR B 253 49.57 -31.50 9.50
C TYR B 253 48.59 -31.92 10.58
N LEU B 254 47.85 -30.95 11.10
CA LEU B 254 46.69 -31.25 11.91
C LEU B 254 45.59 -30.24 11.61
N LEU B 255 44.37 -30.54 12.06
CA LEU B 255 43.14 -29.93 11.55
C LEU B 255 42.62 -28.88 12.51
N ILE B 256 42.08 -27.81 11.95
CA ILE B 256 41.58 -26.70 12.75
C ILE B 256 40.29 -26.20 12.13
N PRO B 257 39.18 -26.22 12.88
CA PRO B 257 37.95 -25.61 12.40
C PRO B 257 37.99 -24.12 12.69
N VAL B 258 37.56 -23.32 11.71
CA VAL B 258 37.58 -21.87 11.86
C VAL B 258 36.20 -21.36 11.51
N HIS B 259 35.79 -20.33 12.25
CA HIS B 259 34.57 -19.61 11.94
C HIS B 259 34.68 -18.99 10.55
N PRO B 260 33.65 -19.10 9.73
CA PRO B 260 33.78 -18.63 8.34
C PRO B 260 34.12 -17.14 8.27
N TRP B 261 33.51 -16.35 9.14
CA TRP B 261 33.87 -14.94 9.19
C TRP B 261 35.36 -14.75 9.40
N GLN B 262 35.98 -15.53 10.28
CA GLN B 262 37.39 -15.38 10.55
C GLN B 262 38.24 -15.79 9.35
N TRP B 263 37.78 -16.79 8.57
CA TRP B 263 38.50 -17.13 7.37
C TRP B 263 38.42 -16.01 6.35
N TRP B 264 37.21 -15.58 5.99
CA TRP B 264 37.08 -14.74 4.81
C TRP B 264 37.64 -13.34 5.05
N ASN B 265 37.48 -12.80 6.26
CA ASN B 265 37.86 -11.44 6.62
C ASN B 265 39.16 -11.37 7.36
N LYS B 266 39.66 -12.48 7.93
CA LYS B 266 40.89 -12.30 8.68
C LYS B 266 42.02 -13.20 8.19
N LEU B 267 41.91 -14.51 8.40
CA LEU B 267 43.02 -15.41 8.13
C LEU B 267 43.48 -15.34 6.67
N SER B 268 42.55 -15.32 5.71
CA SER B 268 42.97 -15.24 4.31
C SER B 268 43.67 -13.95 3.92
N VAL B 269 43.51 -12.88 4.71
CA VAL B 269 44.29 -11.66 4.44
C VAL B 269 45.40 -11.53 5.49
N THR B 270 45.01 -11.35 6.75
CA THR B 270 46.01 -11.18 7.79
C THR B 270 47.03 -12.32 7.85
N PHE B 271 46.67 -13.52 7.40
CA PHE B 271 47.57 -14.68 7.45
C PHE B 271 47.93 -15.19 6.06
N ALA B 272 47.66 -14.39 5.02
CA ALA B 272 48.03 -14.72 3.65
C ALA B 272 49.41 -15.38 3.57
N ALA B 273 50.37 -14.93 4.37
CA ALA B 273 51.70 -15.53 4.31
C ALA B 273 51.61 -17.00 4.57
N GLU B 274 50.88 -17.37 5.61
CA GLU B 274 50.82 -18.77 6.02
C GLU B 274 50.08 -19.61 4.99
N VAL B 275 48.97 -19.08 4.45
CA VAL B 275 48.22 -19.84 3.46
C VAL B 275 49.08 -20.15 2.25
N ALA B 276 49.84 -19.16 1.76
CA ALA B 276 50.55 -19.35 0.50
C ALA B 276 51.84 -20.14 0.65
N ARG B 277 52.52 -20.05 1.80
CA ARG B 277 53.64 -20.96 1.99
C ARG B 277 53.20 -22.36 2.30
N GLN B 278 51.89 -22.58 2.40
CA GLN B 278 51.29 -23.85 2.75
C GLN B 278 51.58 -24.26 4.18
N ASN B 279 51.72 -23.29 5.09
CA ASN B 279 51.62 -23.64 6.50
C ASN B 279 50.16 -23.79 6.92
N LEU B 280 49.24 -23.21 6.17
CA LEU B 280 47.83 -23.48 6.28
C LEU B 280 47.33 -23.85 4.91
N VAL B 281 46.46 -24.85 4.85
CA VAL B 281 45.81 -25.25 3.62
C VAL B 281 44.32 -25.21 3.87
N CYS B 282 43.61 -24.53 2.98
CA CYS B 282 42.16 -24.44 3.08
C CYS B 282 41.54 -25.72 2.52
N LEU B 283 41.08 -26.59 3.41
CA LEU B 283 40.49 -27.88 2.99
C LEU B 283 39.06 -27.70 2.48
N GLY B 284 38.20 -27.07 3.26
CA GLY B 284 36.86 -26.75 2.80
C GLY B 284 35.89 -26.70 3.95
N GLU B 285 34.60 -26.79 3.61
CA GLU B 285 33.52 -26.80 4.58
C GLU B 285 33.34 -28.17 5.22
N SER B 286 32.76 -28.15 6.42
CA SER B 286 32.41 -29.38 7.14
C SER B 286 31.10 -29.94 6.60
N ASP B 287 30.97 -31.25 6.67
CA ASP B 287 29.70 -31.80 6.24
C ASP B 287 28.60 -31.54 7.25
N ASP B 288 28.91 -31.43 8.55
CA ASP B 288 27.88 -31.17 9.55
C ASP B 288 27.46 -29.70 9.59
N GLU B 289 26.22 -29.47 10.00
CA GLU B 289 25.66 -28.13 10.15
C GLU B 289 25.69 -27.76 11.62
N TYR B 290 26.28 -26.60 11.92
CA TYR B 290 26.50 -26.12 13.28
C TYR B 290 25.61 -24.92 13.55
N LEU B 291 25.24 -24.71 14.84
CA LEU B 291 24.38 -23.59 15.28
C LEU B 291 25.09 -22.72 16.31
N ALA B 292 25.24 -21.43 16.00
CA ALA B 292 25.84 -20.49 16.94
C ALA B 292 25.09 -20.42 18.28
N GLN B 293 25.82 -20.61 19.37
CA GLN B 293 25.29 -20.44 20.72
C GLN B 293 25.42 -18.98 21.15
N GLN B 294 25.09 -18.69 22.41
CA GLN B 294 25.00 -17.30 22.81
C GLN B 294 26.34 -16.59 22.83
N SER B 295 27.45 -17.35 22.85
CA SER B 295 28.78 -16.77 22.75
C SER B 295 29.12 -16.32 21.34
N ILE B 296 28.31 -16.69 20.33
CA ILE B 296 28.47 -16.29 18.93
C ILE B 296 29.55 -17.16 18.27
N ARG B 297 30.60 -17.47 19.04
CA ARG B 297 31.83 -18.09 18.59
C ARG B 297 31.88 -19.58 18.93
N THR B 298 30.88 -20.08 19.67
CA THR B 298 30.80 -21.47 20.06
C THR B 298 29.62 -22.09 19.34
N PHE B 299 29.82 -23.28 18.79
CA PHE B 299 28.85 -23.90 17.91
C PHE B 299 28.41 -25.25 18.44
N PHE B 300 27.10 -25.45 18.42
CA PHE B 300 26.48 -26.73 18.72
C PHE B 300 26.29 -27.48 17.41
N ASN B 301 26.65 -28.76 17.39
CA ASN B 301 26.50 -29.58 16.20
C ASN B 301 25.03 -29.94 16.05
N ALA B 302 24.37 -29.31 15.06
CA ALA B 302 22.94 -29.53 14.88
C ALA B 302 22.67 -30.85 14.17
N THR B 303 23.52 -31.21 13.19
CA THR B 303 23.35 -32.50 12.52
C THR B 303 23.48 -33.65 13.49
N HIS B 304 24.46 -33.56 14.41
CA HIS B 304 24.82 -34.66 15.29
C HIS B 304 25.01 -34.12 16.70
N PRO B 305 23.91 -33.93 17.44
CA PRO B 305 24.04 -33.31 18.77
C PRO B 305 24.88 -34.10 19.75
N GLU B 306 25.22 -35.37 19.45
CA GLU B 306 26.17 -36.09 20.28
C GLU B 306 27.59 -35.55 20.13
N LYS B 307 27.91 -35.01 18.96
CA LYS B 307 29.28 -34.62 18.67
C LYS B 307 29.67 -33.36 19.45
N HIS B 308 30.97 -33.11 19.54
CA HIS B 308 31.47 -32.03 20.36
C HIS B 308 31.01 -30.67 19.85
N TYR B 309 30.83 -29.75 20.79
CA TYR B 309 30.82 -28.33 20.48
C TYR B 309 32.18 -27.90 19.91
N VAL B 310 32.16 -26.80 19.18
CA VAL B 310 33.40 -26.22 18.68
C VAL B 310 33.45 -24.72 19.00
N LYS B 311 34.41 -24.32 19.82
CA LYS B 311 34.70 -22.92 20.11
C LYS B 311 35.79 -22.42 19.14
N THR B 312 35.48 -21.39 18.38
CA THR B 312 36.33 -20.87 17.32
C THR B 312 36.91 -19.50 17.71
N ALA B 313 37.99 -19.10 17.05
CA ALA B 313 38.55 -17.77 17.26
C ALA B 313 37.79 -16.79 16.36
N LEU B 314 37.13 -15.79 16.96
CA LEU B 314 36.32 -14.84 16.20
C LEU B 314 36.77 -13.42 16.55
N SER B 315 37.55 -12.79 15.66
CA SER B 315 38.21 -11.51 15.94
C SER B 315 37.25 -10.34 15.70
N VAL B 316 36.23 -10.32 16.54
CA VAL B 316 35.06 -9.44 16.50
C VAL B 316 34.86 -8.93 17.93
N LEU B 317 34.29 -7.71 18.07
CA LEU B 317 34.15 -7.07 19.39
C LEU B 317 32.74 -7.23 19.96
N ASN B 318 32.65 -7.71 21.19
CA ASN B 318 31.34 -7.93 21.82
C ASN B 318 31.47 -7.85 23.34
N MET B 319 30.63 -7.01 23.95
CA MET B 319 30.57 -6.86 25.40
C MET B 319 31.97 -6.83 26.05
N GLY B 320 32.82 -5.94 25.54
CA GLY B 320 34.06 -5.65 26.23
C GLY B 320 35.26 -6.54 25.99
N PHE B 321 35.26 -7.37 24.94
CA PHE B 321 36.40 -8.23 24.68
C PHE B 321 36.48 -8.54 23.19
N MET B 322 37.69 -8.67 22.66
CA MET B 322 37.85 -9.35 21.39
C MET B 322 37.55 -10.82 21.63
N ARG B 323 36.73 -11.43 20.78
CA ARG B 323 36.41 -12.84 21.01
C ARG B 323 37.36 -13.77 20.26
N GLY B 324 38.59 -13.33 20.04
CA GLY B 324 39.65 -14.22 19.66
C GLY B 324 39.94 -15.24 20.74
N LEU B 325 40.83 -16.18 20.39
CA LEU B 325 41.11 -17.36 21.21
C LEU B 325 42.62 -17.59 21.23
N SER B 326 43.22 -17.61 22.41
CA SER B 326 44.67 -17.56 22.52
C SER B 326 45.28 -18.94 22.27
N ALA B 327 46.13 -19.05 21.24
CA ALA B 327 46.75 -20.33 20.95
C ALA B 327 47.59 -20.84 22.12
N ALA B 328 48.35 -19.97 22.77
CA ALA B 328 49.18 -20.43 23.88
C ALA B 328 48.34 -21.13 24.95
N TYR B 329 47.13 -20.64 25.20
CA TYR B 329 46.38 -21.16 26.33
C TYR B 329 45.67 -22.46 26.00
N MET B 330 45.55 -22.83 24.74
CA MET B 330 45.02 -24.16 24.47
C MET B 330 45.91 -25.25 24.98
N GLU B 331 47.18 -24.97 25.24
CA GLU B 331 48.09 -26.04 25.65
C GLU B 331 47.77 -26.55 27.05
N ALA B 332 47.22 -25.68 27.90
CA ALA B 332 46.79 -26.08 29.23
C ALA B 332 45.30 -26.38 29.34
N THR B 333 44.49 -25.97 28.35
CA THR B 333 43.04 -26.04 28.52
C THR B 333 42.52 -27.42 28.89
N PRO B 334 42.85 -28.50 28.18
CA PRO B 334 42.21 -29.77 28.55
C PRO B 334 42.78 -30.34 29.84
N ALA B 335 44.04 -30.01 30.18
CA ALA B 335 44.57 -30.48 31.44
C ALA B 335 43.76 -29.91 32.61
N ILE B 336 43.29 -28.66 32.48
CA ILE B 336 42.55 -28.01 33.55
C ILE B 336 41.16 -28.62 33.70
N ASN B 337 40.46 -28.85 32.58
CA ASN B 337 39.18 -29.55 32.60
C ASN B 337 39.32 -30.95 33.19
N ASP B 338 40.40 -31.66 32.81
CA ASP B 338 40.64 -32.98 33.36
C ASP B 338 40.75 -32.92 34.87
N TRP B 339 41.52 -31.96 35.38
CA TRP B 339 41.72 -31.81 36.82
C TRP B 339 40.38 -31.53 37.53
N LEU B 340 39.60 -30.59 37.00
CA LEU B 340 38.33 -30.28 37.62
C LEU B 340 37.39 -31.48 37.63
N ASP B 341 37.35 -32.23 36.53
CA ASP B 341 36.43 -33.37 36.49
C ASP B 341 36.80 -34.42 37.53
N ARG B 342 38.10 -34.69 37.69
CA ARG B 342 38.55 -35.54 38.79
C ARG B 342 38.17 -34.93 40.14
N LEU B 343 38.28 -33.61 40.27
CA LEU B 343 37.99 -32.99 41.57
C LEU B 343 36.53 -33.16 41.94
N ILE B 344 35.63 -33.03 40.97
CA ILE B 344 34.21 -33.18 41.23
C ILE B 344 33.86 -34.64 41.51
N ASP B 345 34.44 -35.58 40.74
CA ASP B 345 34.14 -36.99 40.95
C ASP B 345 34.56 -37.46 42.33
N ASN B 346 35.73 -37.02 42.81
CA ASN B 346 36.30 -37.51 44.05
C ASN B 346 35.87 -36.70 45.28
N ASP B 347 34.81 -35.90 45.17
CA ASP B 347 34.27 -35.16 46.31
C ASP B 347 32.79 -35.42 46.45
N PRO B 348 32.36 -36.20 47.45
CA PRO B 348 30.95 -36.54 47.56
C PRO B 348 30.05 -35.33 47.78
N VAL B 349 30.55 -34.27 48.42
CA VAL B 349 29.72 -33.07 48.60
C VAL B 349 29.28 -32.50 47.24
N LEU B 350 30.22 -32.39 46.29
CA LEU B 350 29.85 -31.97 44.94
C LEU B 350 29.08 -33.06 44.20
N LYS B 351 29.54 -34.32 44.29
CA LYS B 351 28.89 -35.40 43.57
C LYS B 351 27.42 -35.52 43.93
N SER B 352 27.09 -35.23 45.19
CA SER B 352 25.70 -35.30 45.64
C SER B 352 24.83 -34.20 45.05
N THR B 353 25.43 -33.20 44.43
CA THR B 353 24.69 -32.11 43.82
C THR B 353 24.31 -32.40 42.38
N GLY B 354 24.87 -33.45 41.79
CA GLY B 354 24.71 -33.71 40.38
C GLY B 354 25.64 -32.92 39.48
N LEU B 355 26.49 -32.07 40.06
CA LEU B 355 27.28 -31.16 39.26
C LEU B 355 28.14 -31.91 38.25
N SER B 356 28.07 -31.48 37.00
CA SER B 356 29.05 -31.89 36.01
C SER B 356 29.54 -30.64 35.29
N ILE B 357 30.79 -30.68 34.83
CA ILE B 357 31.22 -29.77 33.77
C ILE B 357 31.11 -30.54 32.49
N ILE B 358 30.81 -29.85 31.40
CA ILE B 358 31.03 -30.43 30.08
C ILE B 358 32.47 -30.06 29.71
N ARG B 359 33.36 -31.04 29.69
CA ARG B 359 34.78 -30.76 29.57
C ARG B 359 35.15 -30.20 28.19
N GLU B 360 36.13 -29.27 28.19
CA GLU B 360 36.85 -28.95 26.97
C GLU B 360 37.88 -30.05 26.75
N ARG B 361 37.62 -30.93 25.78
CA ARG B 361 38.30 -32.22 25.69
C ARG B 361 39.57 -32.18 24.85
N ALA B 362 39.61 -31.33 23.82
CA ALA B 362 40.80 -31.19 23.00
C ALA B 362 40.84 -29.78 22.42
N ALA B 363 42.05 -29.29 22.19
CA ALA B 363 42.20 -27.97 21.61
C ALA B 363 43.39 -27.98 20.64
N VAL B 364 43.30 -27.15 19.62
CA VAL B 364 44.44 -26.85 18.74
C VAL B 364 44.73 -25.37 18.84
N GLY B 365 46.00 -25.04 18.70
CA GLY B 365 46.41 -23.65 18.59
C GLY B 365 47.45 -23.51 17.49
N TYR B 366 47.48 -22.32 16.90
CA TYR B 366 48.43 -21.98 15.85
C TYR B 366 49.32 -20.83 16.33
N ARG B 367 50.63 -21.07 16.42
CA ARG B 367 51.58 -20.02 16.80
C ARG B 367 52.12 -19.36 15.52
N HIS B 368 51.65 -18.14 15.22
CA HIS B 368 52.18 -17.33 14.11
C HIS B 368 53.50 -16.69 14.56
N LEU B 369 54.63 -17.25 14.10
CA LEU B 369 55.94 -16.81 14.61
C LEU B 369 56.18 -15.34 14.36
N GLU B 370 55.90 -14.87 13.15
CA GLU B 370 56.19 -13.49 12.80
C GLU B 370 55.34 -12.53 13.64
N TYR B 371 54.01 -12.77 13.72
CA TYR B 371 53.17 -11.86 14.49
C TYR B 371 53.49 -11.92 15.97
N GLU B 372 53.86 -13.09 16.49
CA GLU B 372 54.36 -13.12 17.86
C GLU B 372 55.51 -12.15 18.08
N ALA B 373 56.46 -12.11 17.14
CA ALA B 373 57.65 -11.31 17.39
C ALA B 373 57.36 -9.83 17.27
N ALA B 374 56.28 -9.48 16.60
CA ALA B 374 55.86 -8.11 16.43
C ALA B 374 54.85 -7.66 17.47
N THR B 375 54.53 -8.49 18.47
CA THR B 375 53.49 -8.17 19.44
C THR B 375 53.91 -8.64 20.83
N ASP B 376 53.13 -8.27 21.84
CA ASP B 376 53.39 -8.71 23.20
C ASP B 376 52.38 -9.80 23.65
N ARG B 377 52.67 -10.41 24.82
CA ARG B 377 51.85 -11.50 25.37
C ARG B 377 50.35 -11.29 25.16
N TYR B 378 49.84 -10.15 25.62
CA TYR B 378 48.40 -9.89 25.54
C TYR B 378 48.15 -9.03 24.30
N SER B 379 47.73 -9.68 23.22
CA SER B 379 47.58 -9.02 21.93
C SER B 379 46.61 -9.76 21.05
N PRO B 380 45.68 -9.06 20.41
CA PRO B 380 44.73 -9.76 19.55
C PRO B 380 45.39 -10.50 18.40
N TYR B 381 46.57 -10.06 17.94
CA TYR B 381 47.21 -10.78 16.84
C TYR B 381 47.61 -12.19 17.25
N ARG B 382 47.84 -12.44 18.55
CA ARG B 382 48.14 -13.80 18.99
C ARG B 382 46.92 -14.66 19.27
N LYS B 383 45.70 -14.21 18.92
CA LYS B 383 44.46 -14.90 19.28
C LYS B 383 43.57 -15.15 18.06
N MET B 384 44.14 -15.11 16.86
CA MET B 384 43.35 -15.23 15.66
C MET B 384 43.13 -16.66 15.18
N LEU B 385 43.93 -17.64 15.61
CA LEU B 385 43.69 -18.97 15.02
C LEU B 385 43.88 -20.05 16.09
N ALA B 386 42.75 -20.49 16.67
CA ALA B 386 42.70 -21.61 17.59
C ALA B 386 41.27 -22.15 17.68
N ALA B 387 41.17 -23.32 18.28
CA ALA B 387 39.88 -23.97 18.44
C ALA B 387 39.99 -24.92 19.60
N LEU B 388 38.88 -25.09 20.33
CA LEU B 388 38.71 -26.18 21.28
C LEU B 388 37.42 -26.93 20.99
N TRP B 389 37.41 -28.20 21.36
CA TRP B 389 36.20 -29.03 21.36
C TRP B 389 35.67 -29.17 22.77
N ARG B 390 34.34 -29.09 22.92
CA ARG B 390 33.64 -29.24 24.20
C ARG B 390 32.62 -30.36 24.15
N GLU B 391 32.56 -31.16 25.22
CA GLU B 391 31.62 -32.29 25.32
C GLU B 391 30.17 -31.87 25.13
N SER B 392 29.46 -32.61 24.35
CA SER B 392 28.04 -32.31 24.26
C SER B 392 27.33 -32.82 25.51
N PRO B 393 26.45 -32.01 26.11
CA PRO B 393 25.71 -32.45 27.30
C PRO B 393 24.56 -33.38 26.99
N VAL B 394 24.39 -33.79 25.74
CA VAL B 394 23.16 -34.43 25.30
C VAL B 394 23.15 -35.91 25.62
N PRO B 395 24.14 -36.71 25.21
CA PRO B 395 24.06 -38.15 25.51
C PRO B 395 23.92 -38.45 26.99
N ALA B 396 24.45 -37.61 27.87
CA ALA B 396 24.32 -37.84 29.30
C ALA B 396 22.87 -37.81 29.78
N LEU B 397 21.94 -37.30 28.98
CA LEU B 397 20.55 -37.24 29.40
C LEU B 397 19.95 -38.62 29.54
N ARG B 398 19.24 -38.82 30.65
CA ARG B 398 18.41 -40.00 30.85
C ARG B 398 16.97 -39.65 30.49
N ASP B 399 16.13 -40.68 30.53
CA ASP B 399 14.78 -40.56 30.00
C ASP B 399 13.99 -39.50 30.76
N GLY B 400 13.30 -38.64 30.02
CA GLY B 400 12.51 -37.57 30.59
C GLY B 400 13.26 -36.28 30.87
N GLU B 401 14.57 -36.23 30.61
CA GLU B 401 15.37 -35.06 30.93
C GLU B 401 15.51 -34.16 29.70
N SER B 402 15.73 -32.86 29.96
CA SER B 402 15.92 -31.89 28.89
C SER B 402 16.87 -30.77 29.34
N LEU B 403 17.47 -30.07 28.36
CA LEU B 403 18.45 -29.03 28.64
C LEU B 403 17.88 -27.62 28.45
N THR B 404 18.44 -26.66 29.21
CA THR B 404 18.19 -25.24 28.92
C THR B 404 19.38 -24.39 29.35
N THR B 405 19.65 -23.32 28.60
CA THR B 405 20.57 -22.32 29.14
C THR B 405 19.98 -21.73 30.41
N MET B 406 20.81 -21.61 31.45
CA MET B 406 20.32 -20.98 32.67
C MET B 406 19.80 -19.58 32.39
N ALA B 407 20.30 -18.95 31.32
CA ALA B 407 19.78 -17.66 30.86
C ALA B 407 18.26 -17.65 30.69
N ALA B 408 17.62 -18.81 30.49
CA ALA B 408 16.20 -18.80 30.22
C ALA B 408 15.41 -18.44 31.45
N LEU B 409 15.97 -18.64 32.64
CA LEU B 409 15.23 -18.35 33.86
C LEU B 409 14.78 -16.89 33.91
N VAL B 410 15.57 -15.98 33.36
CA VAL B 410 15.18 -14.59 33.37
C VAL B 410 14.63 -14.14 32.02
N HIS B 411 14.31 -15.06 31.13
CA HIS B 411 13.73 -14.64 29.86
C HIS B 411 12.23 -14.50 30.04
N VAL B 412 11.66 -13.39 29.56
CA VAL B 412 10.25 -13.09 29.75
C VAL B 412 9.58 -13.01 28.38
N ASP B 413 8.54 -13.82 28.17
CA ASP B 413 7.90 -13.88 26.87
C ASP B 413 6.94 -12.70 26.67
N HIS B 414 6.24 -12.70 25.53
CA HIS B 414 5.47 -11.51 25.22
C HIS B 414 4.21 -11.40 26.09
N GLU B 415 3.89 -12.45 26.84
CA GLU B 415 2.77 -12.43 27.77
C GLU B 415 3.16 -12.06 29.20
N GLY B 416 4.43 -11.81 29.48
CA GLY B 416 4.84 -11.54 30.83
C GLY B 416 5.20 -12.76 31.65
N ARG B 417 5.08 -13.96 31.08
CA ARG B 417 5.50 -15.18 31.75
C ARG B 417 6.98 -15.41 31.51
N SER B 418 7.71 -15.70 32.59
CA SER B 418 9.11 -16.13 32.52
C SER B 418 9.19 -17.65 32.41
N VAL B 419 10.23 -18.13 31.74
CA VAL B 419 10.45 -19.57 31.68
C VAL B 419 10.59 -20.13 33.08
N ALA B 420 11.15 -19.34 34.00
CA ALA B 420 11.10 -19.72 35.41
C ALA B 420 9.66 -19.99 35.84
N GLY B 421 8.80 -18.97 35.78
CA GLY B 421 7.36 -19.14 35.85
C GLY B 421 6.80 -20.41 35.24
N GLU B 422 6.97 -20.63 33.94
CA GLU B 422 6.40 -21.83 33.30
C GLU B 422 6.93 -23.11 33.94
N LEU B 423 8.22 -23.15 34.28
CA LEU B 423 8.75 -24.34 34.93
C LEU B 423 8.09 -24.55 36.29
N ILE B 424 8.05 -23.50 37.11
CA ILE B 424 7.41 -23.59 38.42
C ILE B 424 5.99 -24.13 38.29
N ALA B 425 5.19 -23.52 37.42
CA ALA B 425 3.86 -24.04 37.16
C ALA B 425 3.92 -25.52 36.80
N ARG B 426 4.45 -25.84 35.62
CA ARG B 426 4.48 -27.22 35.15
C ARG B 426 4.94 -28.19 36.22
N SER B 427 5.86 -27.76 37.10
CA SER B 427 6.34 -28.65 38.15
C SER B 427 5.24 -29.02 39.14
N GLY B 428 4.30 -28.11 39.39
CA GLY B 428 3.34 -28.31 40.44
C GLY B 428 3.89 -28.16 41.84
N LEU B 429 5.04 -27.52 41.99
CA LEU B 429 5.68 -27.37 43.28
C LEU B 429 5.39 -25.98 43.82
N ALA B 430 5.31 -25.88 45.15
CA ALA B 430 5.40 -24.55 45.75
C ALA B 430 6.63 -23.86 45.21
N PRO B 431 6.55 -22.57 44.91
CA PRO B 431 7.71 -21.84 44.38
C PRO B 431 9.01 -22.11 45.16
N THR B 432 9.00 -21.87 46.48
CA THR B 432 10.21 -22.11 47.27
C THR B 432 10.70 -23.54 47.13
N ALA B 433 9.78 -24.52 47.07
CA ALA B 433 10.23 -25.89 46.83
C ALA B 433 11.01 -25.98 45.53
N TRP B 434 10.49 -25.34 44.48
CA TRP B 434 11.16 -25.37 43.18
C TRP B 434 12.50 -24.65 43.25
N LEU B 435 12.50 -23.44 43.81
CA LEU B 435 13.74 -22.67 43.91
C LEU B 435 14.81 -23.45 44.66
N ARG B 436 14.42 -24.21 45.68
CA ARG B 436 15.41 -24.93 46.46
C ARG B 436 16.11 -26.01 45.62
N HIS B 437 15.42 -26.61 44.66
CA HIS B 437 16.10 -27.66 43.90
C HIS B 437 17.16 -27.07 42.97
N TYR B 438 16.80 -26.01 42.24
CA TYR B 438 17.74 -25.20 41.46
C TYR B 438 18.95 -24.77 42.29
N LEU B 439 18.71 -24.10 43.41
CA LEU B 439 19.80 -23.72 44.29
C LEU B 439 20.69 -24.90 44.71
N ARG B 440 20.12 -26.06 45.04
CA ARG B 440 21.02 -27.14 45.44
C ARG B 440 21.85 -27.60 44.26
N ALA B 441 21.35 -27.45 43.04
CA ALA B 441 22.08 -27.98 41.90
C ALA B 441 23.09 -26.98 41.38
N TYR B 442 22.74 -25.70 41.48
CA TYR B 442 23.50 -24.61 40.90
C TYR B 442 24.30 -23.86 41.93
N TYR B 443 23.66 -23.45 43.02
CA TYR B 443 24.32 -22.50 43.92
C TYR B 443 25.23 -23.21 44.92
N THR B 444 24.84 -24.41 45.36
CA THR B 444 25.61 -25.11 46.38
C THR B 444 27.04 -25.46 45.95
N PRO B 445 27.27 -25.99 44.75
CA PRO B 445 28.67 -26.26 44.36
C PRO B 445 29.57 -25.02 44.39
N LEU B 446 29.02 -23.84 44.04
CA LEU B 446 29.78 -22.60 44.15
C LEU B 446 30.22 -22.36 45.58
N LEU B 447 29.37 -22.68 46.55
CA LEU B 447 29.78 -22.49 47.93
C LEU B 447 30.88 -23.45 48.29
N HIS B 448 30.64 -24.74 48.07
CA HIS B 448 31.66 -25.74 48.38
C HIS B 448 32.96 -25.45 47.62
N SER B 449 32.88 -25.04 46.35
CA SER B 449 34.11 -24.71 45.64
C SER B 449 34.87 -23.60 46.34
N PHE B 450 34.15 -22.54 46.71
CA PHE B 450 34.83 -21.43 47.37
C PHE B 450 35.38 -21.84 48.74
N TYR B 451 34.57 -22.55 49.54
CA TYR B 451 34.99 -22.74 50.93
C TYR B 451 35.99 -23.89 51.08
N ALA B 452 35.88 -24.93 50.27
CA ALA B 452 36.79 -26.05 50.40
C ALA B 452 37.98 -25.98 49.45
N TYR B 453 37.90 -25.17 48.39
CA TYR B 453 38.91 -25.22 47.36
C TYR B 453 39.37 -23.85 46.88
N ASP B 454 38.98 -22.78 47.54
CA ASP B 454 39.34 -21.42 47.13
C ASP B 454 39.10 -21.19 45.65
N LEU B 455 38.11 -21.89 45.07
CA LEU B 455 37.91 -21.90 43.63
C LEU B 455 36.67 -21.09 43.26
N ALA B 456 36.76 -20.33 42.17
CA ALA B 456 35.66 -19.50 41.69
C ALA B 456 35.44 -19.69 40.19
N PHE B 457 34.22 -19.45 39.76
CA PHE B 457 33.87 -19.58 38.35
C PHE B 457 33.49 -18.23 37.78
N MET B 458 32.97 -18.23 36.55
CA MET B 458 32.16 -17.13 36.01
C MET B 458 30.81 -17.73 35.68
N PRO B 459 29.97 -17.93 36.68
CA PRO B 459 28.78 -18.79 36.49
C PRO B 459 27.49 -18.03 36.22
N HIS B 460 27.46 -17.26 35.14
CA HIS B 460 26.28 -16.51 34.78
C HIS B 460 25.39 -17.40 33.90
N GLY B 461 24.37 -16.79 33.28
CA GLY B 461 23.38 -17.55 32.57
C GLY B 461 23.87 -18.23 31.32
N GLU B 462 24.93 -17.69 30.69
CA GLU B 462 25.53 -18.29 29.49
C GLU B 462 26.54 -19.39 29.81
N ASN B 463 27.25 -19.31 30.93
CA ASN B 463 28.26 -20.31 31.26
C ASN B 463 27.66 -21.47 32.05
N THR B 464 26.34 -21.60 32.08
CA THR B 464 25.66 -22.54 32.97
C THR B 464 24.45 -23.14 32.27
N ILE B 465 24.30 -24.47 32.39
CA ILE B 465 23.23 -25.23 31.74
C ILE B 465 22.49 -26.05 32.79
N LEU B 466 21.16 -26.03 32.71
CA LEU B 466 20.32 -26.76 33.66
C LEU B 466 19.69 -28.00 33.01
N VAL B 467 19.76 -29.15 33.72
CA VAL B 467 19.03 -30.36 33.34
C VAL B 467 17.70 -30.37 34.05
N LEU B 468 16.64 -30.68 33.30
CA LEU B 468 15.27 -30.54 33.76
C LEU B 468 14.50 -31.85 33.60
N LYS B 469 13.80 -32.24 34.66
CA LYS B 469 12.79 -33.29 34.59
C LYS B 469 11.54 -32.80 35.28
N ASP B 470 10.39 -32.91 34.61
CA ASP B 470 9.10 -32.60 35.23
C ASP B 470 9.00 -31.16 35.68
N GLY B 471 9.69 -30.27 34.95
CA GLY B 471 9.76 -28.86 35.27
C GLY B 471 10.70 -28.49 36.40
N VAL B 472 11.42 -29.44 36.95
CA VAL B 472 12.24 -29.23 38.14
C VAL B 472 13.70 -29.47 37.78
N VAL B 473 14.57 -28.67 38.39
CA VAL B 473 16.01 -28.70 38.12
C VAL B 473 16.62 -29.93 38.80
N GLN B 474 17.14 -30.85 37.98
CA GLN B 474 17.80 -32.06 38.46
C GLN B 474 19.25 -31.80 38.79
N ARG B 475 19.98 -31.17 37.88
CA ARG B 475 21.40 -30.95 38.12
C ARG B 475 21.86 -29.79 37.25
N ALA B 476 22.99 -29.20 37.63
CA ALA B 476 23.53 -28.11 36.83
C ALA B 476 24.79 -28.56 36.09
N VAL B 477 25.08 -27.87 34.99
CA VAL B 477 26.20 -28.20 34.12
C VAL B 477 27.00 -26.93 33.86
N TYR B 478 28.27 -26.92 34.27
CA TYR B 478 29.12 -25.76 34.06
C TYR B 478 29.92 -25.89 32.77
N LYS B 479 30.28 -24.74 32.23
CA LYS B 479 31.03 -24.68 30.99
C LYS B 479 31.77 -23.36 30.98
N ASP B 480 32.67 -23.21 29.98
CA ASP B 480 33.62 -22.10 29.87
C ASP B 480 34.55 -22.10 31.08
N ILE B 481 35.43 -23.11 31.11
CA ILE B 481 36.11 -23.54 32.34
C ILE B 481 37.53 -23.02 32.46
N ALA B 482 38.39 -23.39 31.49
CA ALA B 482 39.81 -23.03 31.56
C ALA B 482 40.04 -21.51 31.52
N GLU B 483 39.35 -20.79 30.63
CA GLU B 483 39.52 -19.34 30.58
C GLU B 483 39.08 -18.67 31.87
N GLU B 484 38.17 -19.27 32.60
CA GLU B 484 37.48 -18.47 33.61
C GLU B 484 37.76 -18.88 35.05
N ILE B 485 38.13 -20.12 35.32
CA ILE B 485 38.23 -20.47 36.75
C ILE B 485 39.45 -19.81 37.34
N VAL B 486 39.44 -19.69 38.67
CA VAL B 486 40.57 -19.15 39.41
C VAL B 486 40.62 -19.81 40.78
N VAL B 487 41.84 -20.18 41.19
CA VAL B 487 42.08 -20.72 42.52
C VAL B 487 42.75 -19.64 43.37
N MET B 488 41.94 -18.92 44.16
CA MET B 488 42.39 -17.84 45.02
C MET B 488 43.24 -18.35 46.18
N ASP B 489 44.35 -19.03 45.85
CA ASP B 489 45.37 -19.42 46.82
C ASP B 489 46.69 -19.62 46.10
N PRO B 490 47.57 -18.61 46.07
CA PRO B 490 48.80 -18.73 45.28
C PRO B 490 49.70 -19.88 45.71
N ASP B 491 49.55 -20.37 46.94
CA ASP B 491 50.40 -21.43 47.47
C ASP B 491 49.79 -22.81 47.33
N ALA B 492 48.69 -22.93 46.58
CA ALA B 492 47.89 -24.14 46.61
C ALA B 492 48.55 -25.26 45.80
N VAL B 493 47.99 -26.45 45.93
CA VAL B 493 48.68 -27.69 45.55
C VAL B 493 47.92 -28.34 44.40
N LEU B 494 48.37 -28.05 43.18
CA LEU B 494 47.75 -28.52 41.94
C LEU B 494 48.78 -29.24 41.10
N PRO B 495 48.34 -30.03 40.13
CA PRO B 495 49.27 -30.50 39.08
C PRO B 495 49.85 -29.34 38.36
N PRO B 496 51.05 -29.47 37.77
CA PRO B 496 51.75 -28.31 37.21
C PRO B 496 51.05 -27.70 36.00
N GLU B 497 50.41 -28.51 35.15
CA GLU B 497 49.64 -27.99 34.03
C GLU B 497 48.53 -27.02 34.45
N VAL B 498 48.15 -27.02 35.72
CA VAL B 498 46.98 -26.30 36.22
C VAL B 498 47.34 -25.08 37.07
N ARG B 499 48.60 -24.96 37.51
CA ARG B 499 48.94 -23.89 38.44
C ARG B 499 48.65 -22.50 37.89
N ARG B 500 48.67 -22.33 36.56
CA ARG B 500 48.41 -21.01 35.98
C ARG B 500 47.08 -20.41 36.41
N VAL B 501 46.18 -21.20 37.00
CA VAL B 501 44.88 -20.65 37.41
C VAL B 501 44.92 -20.03 38.80
N ARG B 502 46.01 -20.22 39.56
CA ARG B 502 46.13 -19.61 40.88
C ARG B 502 46.36 -18.11 40.76
N ALA B 503 46.00 -17.39 41.81
CA ALA B 503 45.99 -15.93 41.76
C ALA B 503 45.90 -15.32 43.16
N GLU B 504 46.64 -14.22 43.37
CA GLU B 504 46.49 -13.46 44.60
C GLU B 504 45.29 -12.54 44.42
N VAL B 505 44.32 -12.65 45.31
CA VAL B 505 43.16 -11.77 45.32
C VAL B 505 43.13 -11.08 46.68
N PRO B 506 42.73 -9.81 46.75
CA PRO B 506 42.57 -9.18 48.06
C PRO B 506 41.67 -10.01 48.94
N GLU B 507 41.80 -9.80 50.26
CA GLU B 507 41.00 -10.57 51.21
C GLU B 507 39.51 -10.33 51.00
N ASP B 508 39.05 -9.09 51.12
CA ASP B 508 37.79 -8.74 50.51
C ASP B 508 37.92 -8.90 49.00
N MET B 509 36.82 -8.73 48.28
CA MET B 509 36.80 -9.12 46.87
C MET B 509 36.83 -10.65 46.59
N LYS B 510 37.42 -11.49 47.46
CA LYS B 510 37.47 -12.92 47.14
C LYS B 510 36.07 -13.49 46.92
N LEU B 511 35.11 -13.03 47.73
CA LEU B 511 33.72 -13.47 47.72
C LEU B 511 32.92 -12.86 46.57
N LEU B 512 33.55 -12.00 45.77
CA LEU B 512 32.81 -11.26 44.76
C LEU B 512 32.33 -12.16 43.63
N SER B 513 32.96 -13.34 43.44
CA SER B 513 32.42 -14.28 42.46
C SER B 513 31.01 -14.71 42.85
N ILE B 514 30.72 -14.82 44.14
CA ILE B 514 29.35 -15.05 44.60
C ILE B 514 28.61 -13.72 44.60
N PHE B 515 29.05 -12.79 45.47
CA PHE B 515 28.33 -11.53 45.71
C PHE B 515 27.93 -10.84 44.42
N THR B 516 28.87 -10.73 43.47
CA THR B 516 28.58 -9.96 42.27
C THR B 516 28.09 -10.85 41.14
N ASP B 517 28.79 -11.96 40.85
CA ASP B 517 28.45 -12.67 39.62
C ASP B 517 27.18 -13.52 39.75
N VAL B 518 26.82 -13.91 40.98
CA VAL B 518 25.63 -14.71 41.23
C VAL B 518 24.52 -13.81 41.75
N PHE B 519 24.73 -13.19 42.93
CA PHE B 519 23.67 -12.39 43.56
C PHE B 519 23.31 -11.15 42.73
N ASP B 520 24.30 -10.24 42.52
CA ASP B 520 23.98 -8.91 41.99
C ASP B 520 23.70 -8.92 40.49
N CYS B 521 24.19 -9.93 39.78
CA CYS B 521 24.10 -9.97 38.33
C CYS B 521 23.14 -11.02 37.78
N PHE B 522 22.68 -11.95 38.61
CA PHE B 522 21.67 -12.89 38.15
C PHE B 522 20.47 -12.92 39.10
N PHE B 523 20.72 -13.16 40.40
CA PHE B 523 19.61 -13.31 41.35
C PHE B 523 18.79 -12.04 41.49
N ARG B 524 19.44 -10.87 41.56
CA ARG B 524 18.73 -9.60 41.51
C ARG B 524 17.63 -9.65 40.45
N PHE B 525 17.95 -10.17 39.27
CA PHE B 525 16.98 -10.16 38.19
C PHE B 525 15.96 -11.27 38.34
N LEU B 526 16.37 -12.45 38.81
CA LEU B 526 15.47 -13.58 38.90
C LEU B 526 14.45 -13.38 40.01
N ALA B 527 14.94 -12.92 41.18
CA ALA B 527 14.08 -12.47 42.26
C ALA B 527 13.05 -11.46 41.76
N ALA B 528 13.52 -10.30 41.27
CA ALA B 528 12.61 -9.25 40.85
C ALA B 528 11.65 -9.71 39.75
N GLY B 529 12.03 -10.71 38.96
CA GLY B 529 11.14 -11.12 37.88
C GLY B 529 9.97 -11.93 38.39
N LEU B 530 10.29 -12.88 39.27
CA LEU B 530 9.24 -13.70 39.87
C LEU B 530 8.37 -12.88 40.81
N ALA B 531 8.92 -11.80 41.37
CA ALA B 531 8.10 -10.89 42.16
C ALA B 531 7.13 -10.10 41.28
N THR B 532 7.62 -9.50 40.20
CA THR B 532 6.68 -8.79 39.34
C THR B 532 5.74 -9.76 38.64
N GLU B 533 6.03 -11.04 38.67
CA GLU B 533 5.16 -12.03 38.07
C GLU B 533 4.17 -12.61 39.08
N GLU B 534 4.18 -12.11 40.33
CA GLU B 534 3.33 -12.61 41.40
C GLU B 534 3.40 -14.13 41.50
N VAL B 535 4.58 -14.67 41.22
CA VAL B 535 4.87 -16.07 41.44
C VAL B 535 5.50 -16.30 42.81
N LEU B 536 6.51 -15.48 43.16
CA LEU B 536 7.21 -15.58 44.44
C LEU B 536 7.63 -14.20 44.92
N ALA B 537 7.29 -13.88 46.18
CA ALA B 537 7.68 -12.63 46.82
C ALA B 537 9.19 -12.53 46.95
N GLU B 538 9.71 -11.29 46.83
CA GLU B 538 11.15 -11.09 47.01
C GLU B 538 11.64 -11.69 48.32
N ASP B 539 10.97 -11.36 49.42
CA ASP B 539 11.52 -11.76 50.72
C ASP B 539 11.57 -13.27 50.82
N ASP B 540 10.63 -13.96 50.17
CA ASP B 540 10.66 -15.42 50.15
C ASP B 540 11.88 -15.93 49.41
N PHE B 541 12.15 -15.35 48.24
CA PHE B 541 13.31 -15.74 47.42
C PHE B 541 14.61 -15.68 48.21
N TRP B 542 14.88 -14.56 48.86
CA TRP B 542 16.15 -14.43 49.54
C TRP B 542 16.21 -15.27 50.81
N ARG B 543 15.08 -15.42 51.51
CA ARG B 543 15.04 -16.39 52.62
C ARG B 543 15.42 -17.77 52.14
N THR B 544 15.02 -18.14 50.92
CA THR B 544 15.38 -19.46 50.46
C THR B 544 16.88 -19.57 50.21
N VAL B 545 17.48 -18.53 49.57
CA VAL B 545 18.92 -18.52 49.36
C VAL B 545 19.65 -18.63 50.71
N ALA B 546 19.21 -17.88 51.72
CA ALA B 546 19.87 -17.97 53.02
C ALA B 546 19.78 -19.39 53.56
N GLU B 547 18.61 -20.03 53.46
CA GLU B 547 18.43 -21.39 53.97
C GLU B 547 19.39 -22.36 53.29
N VAL B 548 19.42 -22.35 51.95
CA VAL B 548 20.35 -23.23 51.24
C VAL B 548 21.79 -22.97 51.66
N THR B 549 22.15 -21.69 51.88
CA THR B 549 23.49 -21.37 52.37
C THR B 549 23.75 -22.03 53.72
N ARG B 550 22.78 -21.92 54.65
CA ARG B 550 22.89 -22.58 55.95
C ARG B 550 22.78 -24.08 55.82
N GLU B 551 22.04 -24.59 54.83
CA GLU B 551 21.98 -26.03 54.70
C GLU B 551 23.37 -26.60 54.45
N TYR B 552 24.24 -25.79 53.79
CA TYR B 552 25.61 -26.16 53.46
C TYR B 552 26.57 -25.95 54.64
N GLN B 553 26.57 -24.76 55.24
CA GLN B 553 27.56 -24.43 56.26
C GLN B 553 27.41 -25.32 57.48
N GLU B 554 26.16 -25.54 57.93
CA GLU B 554 25.93 -26.42 59.07
C GLU B 554 26.42 -27.83 58.79
N ALA B 555 26.46 -28.22 57.52
CA ALA B 555 26.87 -29.57 57.14
C ALA B 555 28.37 -29.76 57.21
N HIS B 556 29.13 -28.71 57.53
CA HIS B 556 30.59 -28.73 57.42
C HIS B 556 31.19 -27.83 58.49
N PRO B 557 31.05 -28.20 59.76
CA PRO B 557 31.61 -27.35 60.81
C PRO B 557 33.13 -27.27 60.78
N GLU B 558 33.80 -28.22 60.10
CA GLU B 558 35.25 -28.19 59.94
C GLU B 558 35.74 -26.96 59.19
N LEU B 559 34.83 -26.16 58.64
CA LEU B 559 35.16 -24.98 57.84
C LEU B 559 34.63 -23.69 58.45
N ASP B 560 34.28 -23.69 59.75
CA ASP B 560 33.65 -22.51 60.33
C ASP B 560 34.56 -21.29 60.28
N ASP B 561 35.87 -21.48 60.48
CA ASP B 561 36.81 -20.36 60.39
C ASP B 561 36.64 -19.61 59.08
N ARG B 562 36.55 -20.35 57.97
CA ARG B 562 36.40 -19.72 56.66
C ARG B 562 35.01 -19.15 56.45
N PHE B 563 33.98 -19.69 57.12
CA PHE B 563 32.63 -19.15 57.05
C PHE B 563 32.54 -17.77 57.68
N ARG B 564 33.21 -17.57 58.82
CA ARG B 564 33.28 -16.26 59.45
C ARG B 564 34.18 -15.32 58.66
N GLN B 565 35.32 -15.82 58.18
CA GLN B 565 36.26 -14.96 57.48
C GLN B 565 35.69 -14.47 56.15
N TYR B 566 34.81 -15.24 55.53
CA TYR B 566 34.20 -14.87 54.27
C TYR B 566 32.69 -14.95 54.45
N ASP B 567 32.18 -13.95 55.14
CA ASP B 567 30.82 -13.94 55.69
C ASP B 567 29.79 -13.72 54.59
N LEU B 568 29.09 -14.77 54.17
CA LEU B 568 28.02 -14.56 53.21
C LEU B 568 26.83 -13.83 53.81
N PHE B 569 26.85 -13.53 55.10
CA PHE B 569 25.71 -12.92 55.76
C PHE B 569 25.97 -11.50 56.25
N ALA B 570 27.09 -10.89 55.88
CA ALA B 570 27.45 -9.59 56.43
C ALA B 570 26.45 -8.53 55.98
N PRO B 571 26.26 -7.45 56.76
CA PRO B 571 25.14 -6.55 56.47
C PRO B 571 25.27 -5.83 55.15
N GLU B 572 26.50 -5.68 54.64
CA GLU B 572 26.73 -5.06 53.35
C GLU B 572 27.84 -5.80 52.61
N PHE B 573 27.86 -5.64 51.29
CA PHE B 573 29.01 -6.05 50.50
C PHE B 573 29.19 -5.06 49.37
N ALA B 574 30.33 -5.16 48.69
CA ALA B 574 30.74 -4.11 47.77
C ALA B 574 29.90 -4.13 46.50
N LEU B 575 29.63 -2.93 45.96
CA LEU B 575 28.85 -2.80 44.73
C LEU B 575 29.83 -2.76 43.58
N SER B 576 30.22 -3.94 43.11
CA SER B 576 31.09 -4.01 41.94
C SER B 576 30.31 -3.61 40.70
N CYS B 577 30.70 -2.50 40.08
CA CYS B 577 30.02 -2.01 38.90
C CYS B 577 30.57 -2.71 37.66
N LEU B 578 29.67 -3.04 36.74
CA LEU B 578 30.07 -3.71 35.51
C LEU B 578 29.98 -2.81 34.29
N ASN B 579 28.86 -2.12 34.09
CA ASN B 579 28.83 -1.17 33.00
C ASN B 579 29.91 -0.10 33.12
N ARG B 580 30.40 0.19 34.33
CA ARG B 580 31.50 1.16 34.46
C ARG B 580 32.78 0.62 33.83
N LEU B 581 33.04 -0.69 33.97
CA LEU B 581 34.21 -1.30 33.34
C LEU B 581 34.18 -1.11 31.83
N GLN B 582 33.01 -1.29 31.21
CA GLN B 582 32.92 -1.22 29.76
C GLN B 582 32.95 0.20 29.25
N LEU B 583 32.38 1.14 30.01
CA LEU B 583 32.49 2.55 29.65
C LEU B 583 33.93 3.05 29.74
N ARG B 584 34.76 2.46 30.62
CA ARG B 584 36.12 2.96 30.73
C ARG B 584 37.01 2.43 29.62
N ASP B 585 36.87 1.16 29.26
CA ASP B 585 37.65 0.55 28.18
C ASP B 585 36.80 -0.55 27.55
N ASN B 586 36.26 -0.29 26.36
CA ASN B 586 35.36 -1.24 25.73
C ASN B 586 36.09 -2.24 24.82
N ARG B 587 37.41 -2.21 24.78
CA ARG B 587 38.21 -3.21 24.11
C ARG B 587 38.70 -4.31 25.05
N GLN B 588 38.91 -3.94 26.31
CA GLN B 588 39.57 -4.80 27.29
C GLN B 588 39.15 -4.29 28.68
N MET B 589 37.98 -4.78 29.15
CA MET B 589 37.40 -4.30 30.41
C MET B 589 38.27 -4.62 31.62
N VAL B 590 39.04 -5.73 31.59
CA VAL B 590 39.88 -6.19 32.70
C VAL B 590 41.16 -6.79 32.11
N ASP B 591 42.31 -6.32 32.55
CA ASP B 591 43.56 -6.99 32.20
C ASP B 591 43.51 -8.43 32.74
N LEU B 592 44.08 -9.37 31.98
CA LEU B 592 44.08 -10.76 32.40
C LEU B 592 45.28 -11.13 33.28
N ALA B 593 46.25 -10.22 33.46
CA ALA B 593 47.33 -10.42 34.43
C ALA B 593 47.00 -9.86 35.81
N ASP B 594 46.01 -8.97 35.89
CA ASP B 594 45.60 -8.34 37.15
C ASP B 594 44.13 -7.94 37.03
N PRO B 595 43.23 -8.93 37.08
CA PRO B 595 41.82 -8.65 36.75
C PRO B 595 41.08 -7.89 37.83
N SER B 596 41.63 -7.83 39.04
CA SER B 596 40.98 -7.17 40.15
C SER B 596 41.16 -5.65 40.15
N ALA B 597 42.27 -5.15 39.58
CA ALA B 597 42.54 -3.71 39.62
C ALA B 597 41.61 -2.93 38.71
N ALA B 598 40.97 -3.60 37.76
CA ALA B 598 39.99 -2.90 36.93
C ALA B 598 38.69 -2.68 37.68
N LEU B 599 38.39 -3.50 38.69
CA LEU B 599 37.10 -3.47 39.35
C LEU B 599 36.81 -2.11 39.97
N GLN B 600 35.61 -1.61 39.73
CA GLN B 600 35.21 -0.30 40.23
C GLN B 600 34.13 -0.50 41.30
N LEU B 601 34.53 -0.51 42.55
CA LEU B 601 33.62 -0.63 43.69
C LEU B 601 33.20 0.78 44.11
N VAL B 602 31.89 1.01 44.16
CA VAL B 602 31.34 2.33 44.48
C VAL B 602 30.38 2.13 45.64
N GLY B 603 30.90 2.10 46.86
CA GLY B 603 30.00 1.90 47.98
C GLY B 603 29.48 0.48 48.10
N THR B 604 28.37 0.34 48.81
CA THR B 604 27.92 -0.99 49.20
C THR B 604 26.44 -1.17 48.97
N LEU B 605 26.03 -2.44 48.98
CA LEU B 605 24.65 -2.87 48.86
C LEU B 605 24.21 -3.49 50.18
N ARG B 606 22.99 -3.19 50.61
CA ARG B 606 22.39 -3.92 51.72
C ARG B 606 22.23 -5.39 51.32
N ASN B 607 22.91 -6.28 52.05
CA ASN B 607 22.91 -7.71 51.73
C ASN B 607 21.56 -8.33 52.07
N PRO B 608 20.82 -8.87 51.10
CA PRO B 608 19.50 -9.45 51.42
C PRO B 608 19.61 -10.61 52.38
N LEU B 609 20.77 -11.24 52.51
CA LEU B 609 20.90 -12.37 53.40
C LEU B 609 21.14 -11.95 54.84
N ALA B 610 21.16 -10.65 55.14
CA ALA B 610 21.55 -10.22 56.48
C ALA B 610 20.50 -10.64 57.51
N GLY B 611 19.27 -10.15 57.38
CA GLY B 611 18.35 -10.40 58.47
C GLY B 611 17.86 -11.84 58.60
N LEU B 612 18.33 -12.74 57.74
CA LEU B 612 17.69 -14.05 57.57
C LEU B 612 18.68 -15.21 57.84
N MET C 21 -8.63 62.02 -1.76
CA MET C 21 -9.41 61.00 -2.51
C MET C 21 -9.40 59.63 -1.76
N SER C 22 -8.43 58.76 -2.05
CA SER C 22 -8.27 57.55 -1.24
C SER C 22 -8.15 57.91 0.23
N LEU C 23 -7.28 58.88 0.56
CA LEU C 23 -7.08 59.33 1.94
C LEU C 23 -8.40 59.62 2.66
N THR C 24 -9.27 60.40 2.03
CA THR C 24 -10.54 60.64 2.69
C THR C 24 -11.47 59.44 2.55
N ASP C 25 -11.42 58.68 1.44
CA ASP C 25 -12.37 57.58 1.27
C ASP C 25 -12.13 56.48 2.28
N ALA C 26 -10.87 56.25 2.66
CA ALA C 26 -10.52 55.15 3.54
C ALA C 26 -11.13 55.31 4.93
N VAL C 27 -11.40 56.53 5.36
CA VAL C 27 -12.00 56.76 6.66
C VAL C 27 -13.46 57.19 6.55
N ALA C 28 -14.04 57.20 5.33
CA ALA C 28 -15.39 57.70 5.14
C ALA C 28 -16.41 56.97 6.00
N HIS C 29 -16.20 55.68 6.24
CA HIS C 29 -17.15 54.93 7.06
C HIS C 29 -17.18 55.44 8.49
N LEU C 30 -16.16 56.19 8.90
CA LEU C 30 -16.09 56.75 10.25
C LEU C 30 -16.76 58.12 10.26
N SER C 31 -18.10 58.11 10.36
CA SER C 31 -19.01 59.24 10.49
C SER C 31 -19.61 59.29 11.90
N PRO C 32 -20.14 60.45 12.34
CA PRO C 32 -20.67 60.53 13.72
C PRO C 32 -21.92 59.70 13.96
N GLU C 33 -22.82 59.63 12.97
CA GLU C 33 -24.04 58.81 13.09
C GLU C 33 -23.69 57.33 13.20
N ARG C 34 -22.77 56.85 12.36
CA ARG C 34 -22.35 55.46 12.44
C ARG C 34 -21.62 55.17 13.73
N TRP C 35 -20.78 56.10 14.20
CA TRP C 35 -20.09 55.89 15.47
C TRP C 35 -21.05 55.90 16.65
N GLU C 36 -22.13 56.70 16.56
CA GLU C 36 -23.17 56.68 17.59
C GLU C 36 -23.83 55.30 17.69
N GLU C 37 -24.41 54.82 16.58
CA GLU C 37 -25.04 53.50 16.59
C GLU C 37 -24.03 52.43 16.95
N ALA C 38 -22.82 52.54 16.44
CA ALA C 38 -21.80 51.55 16.78
C ALA C 38 -21.59 51.48 18.28
N ASN C 39 -21.41 52.64 18.92
CA ASN C 39 -21.18 52.63 20.35
C ASN C 39 -22.39 52.12 21.12
N ARG C 40 -23.62 52.42 20.66
CA ARG C 40 -24.81 51.88 21.31
C ARG C 40 -24.82 50.34 21.28
N LEU C 41 -24.69 49.75 20.08
CA LEU C 41 -24.75 48.30 19.99
C LEU C 41 -23.68 47.63 20.84
N LEU C 42 -22.51 48.27 20.96
CA LEU C 42 -21.43 47.65 21.72
C LEU C 42 -21.66 47.73 23.22
N VAL C 43 -22.31 48.79 23.71
CA VAL C 43 -22.55 48.88 25.15
C VAL C 43 -23.73 48.00 25.57
N ARG C 44 -24.74 47.80 24.72
CA ARG C 44 -25.76 46.83 25.09
C ARG C 44 -25.17 45.42 25.15
N LYS C 45 -24.24 45.10 24.25
CA LYS C 45 -23.53 43.82 24.38
C LYS C 45 -22.71 43.76 25.66
N ALA C 46 -21.98 44.84 25.97
CA ALA C 46 -21.08 44.85 27.13
C ALA C 46 -21.84 44.74 28.44
N LEU C 47 -22.99 45.41 28.55
CA LEU C 47 -23.79 45.24 29.76
C LEU C 47 -24.29 43.81 29.87
N ALA C 48 -24.93 43.30 28.81
CA ALA C 48 -25.54 41.99 28.82
C ALA C 48 -24.53 40.89 29.14
N GLU C 49 -23.37 40.92 28.51
CA GLU C 49 -22.44 39.82 28.73
C GLU C 49 -21.64 39.99 30.01
N PHE C 50 -21.38 41.22 30.45
CA PHE C 50 -20.70 41.39 31.73
C PHE C 50 -21.64 41.15 32.90
N ALA C 51 -22.95 41.22 32.69
CA ALA C 51 -23.89 40.82 33.72
C ALA C 51 -23.99 39.31 33.81
N HIS C 52 -24.02 38.65 32.64
CA HIS C 52 -23.96 37.21 32.56
C HIS C 52 -22.77 36.67 33.35
N GLU C 53 -21.56 37.14 33.02
CA GLU C 53 -20.38 36.72 33.75
C GLU C 53 -20.32 37.31 35.15
N ARG C 54 -21.36 38.05 35.55
CA ARG C 54 -21.55 38.57 36.91
C ARG C 54 -20.36 39.39 37.40
N LEU C 55 -19.63 40.02 36.47
CA LEU C 55 -18.62 41.00 36.84
C LEU C 55 -19.26 42.20 37.54
N PHE C 56 -20.55 42.44 37.27
CA PHE C 56 -21.37 43.30 38.10
C PHE C 56 -22.80 42.76 38.08
N THR C 57 -23.66 43.36 38.90
CA THR C 57 -25.05 42.96 38.93
C THR C 57 -25.94 44.19 38.77
N PRO C 58 -26.95 44.11 37.90
CA PRO C 58 -27.88 45.24 37.72
C PRO C 58 -29.06 45.20 38.69
N GLU C 59 -29.38 46.41 39.32
CA GLU C 59 -30.43 46.60 40.31
C GLU C 59 -31.69 47.09 39.64
N PRO C 60 -32.85 46.49 39.90
CA PRO C 60 -34.11 47.05 39.36
C PRO C 60 -34.24 48.48 39.82
N ALA C 61 -34.39 49.38 38.85
CA ALA C 61 -34.35 50.81 39.11
C ALA C 61 -35.75 51.40 39.07
N ASP C 62 -36.00 52.36 39.97
CA ASP C 62 -37.21 53.17 39.96
C ASP C 62 -38.48 52.32 39.92
N GLY C 63 -38.53 51.29 40.78
CA GLY C 63 -39.71 50.45 40.92
C GLY C 63 -40.38 50.08 39.62
N GLN C 64 -39.58 49.78 38.60
CA GLN C 64 -40.08 49.29 37.31
C GLN C 64 -39.54 47.88 37.11
N ASP C 65 -40.43 46.93 36.85
CA ASP C 65 -39.99 45.56 36.61
C ASP C 65 -38.93 45.50 35.52
N GLY C 66 -39.18 46.21 34.41
CA GLY C 66 -38.26 46.14 33.28
C GLY C 66 -36.98 46.93 33.44
N ARG C 67 -37.01 48.01 34.24
CA ARG C 67 -35.87 48.90 34.32
C ARG C 67 -34.78 48.33 35.24
N TYR C 68 -33.53 48.69 34.95
CA TYR C 68 -32.37 48.25 35.71
C TYR C 68 -31.33 49.38 35.71
N VAL C 69 -30.31 49.22 36.55
CA VAL C 69 -29.25 50.23 36.64
C VAL C 69 -27.92 49.55 36.94
N VAL C 70 -26.87 50.04 36.28
CA VAL C 70 -25.49 49.72 36.65
C VAL C 70 -24.72 51.02 36.75
N ARG C 71 -23.98 51.17 37.84
CA ARG C 71 -23.21 52.37 38.12
C ARG C 71 -21.72 52.04 38.07
N SER C 72 -20.90 53.08 38.08
CA SER C 72 -19.49 53.00 37.72
C SER C 72 -18.61 52.64 38.91
N ASP C 73 -17.28 52.76 38.73
CA ASP C 73 -16.36 52.61 39.86
C ASP C 73 -16.68 53.60 40.97
N ASP C 74 -16.99 54.85 40.60
CA ASP C 74 -17.19 55.90 41.58
C ASP C 74 -18.65 56.20 41.86
N GLY C 75 -19.57 55.54 41.16
CA GLY C 75 -20.97 55.59 41.50
C GLY C 75 -21.75 56.74 40.89
N LEU C 76 -21.10 57.77 40.37
CA LEU C 76 -21.86 58.91 39.91
C LEU C 76 -22.50 58.64 38.56
N THR C 77 -21.74 58.06 37.63
CA THR C 77 -22.26 57.66 36.32
C THR C 77 -23.21 56.47 36.45
N SER C 78 -24.46 56.66 36.02
CA SER C 78 -25.51 55.65 36.12
C SER C 78 -25.87 55.18 34.71
N TYR C 79 -25.78 53.87 34.47
CA TYR C 79 -26.17 53.26 33.21
C TYR C 79 -27.52 52.59 33.38
N ARG C 80 -28.56 53.20 32.81
CA ARG C 80 -29.93 52.76 32.97
C ARG C 80 -30.42 52.11 31.67
N PHE C 81 -31.15 51.01 31.78
CA PHE C 81 -31.60 50.27 30.59
C PHE C 81 -32.70 49.28 30.97
N THR C 82 -33.64 49.08 30.04
CA THR C 82 -34.62 48.02 30.16
C THR C 82 -34.07 46.73 29.54
N ALA C 83 -34.62 45.60 29.97
CA ALA C 83 -34.02 44.32 29.66
C ALA C 83 -35.05 43.21 29.88
N VAL C 84 -34.79 42.07 29.22
CA VAL C 84 -35.59 40.86 29.34
C VAL C 84 -34.69 39.71 29.74
N ARG C 85 -35.06 39.01 30.82
CA ARG C 85 -34.24 37.93 31.35
C ARG C 85 -34.73 36.58 30.85
N ARG C 86 -33.78 35.69 30.56
CA ARG C 86 -34.08 34.39 29.95
C ARG C 86 -33.10 33.34 30.46
N ALA C 87 -33.28 32.10 29.98
CA ALA C 87 -32.61 30.95 30.57
C ALA C 87 -31.11 31.08 30.45
N LEU C 88 -30.42 30.50 31.43
CA LEU C 88 -28.97 30.62 31.57
C LEU C 88 -28.52 32.07 31.78
N ASP C 89 -29.28 32.84 32.54
CA ASP C 89 -28.88 34.22 32.90
C ASP C 89 -28.57 35.03 31.65
N HIS C 90 -29.51 35.06 30.71
CA HIS C 90 -29.34 35.83 29.48
C HIS C 90 -30.06 37.17 29.62
N TRP C 91 -29.37 38.24 29.25
CA TRP C 91 -29.90 39.60 29.41
C TRP C 91 -30.11 40.21 28.04
N GLN C 92 -31.30 39.97 27.47
CA GLN C 92 -31.62 40.52 26.16
C GLN C 92 -31.96 42.00 26.31
N VAL C 93 -30.95 42.86 26.15
CA VAL C 93 -31.04 44.28 26.46
C VAL C 93 -31.51 45.08 25.26
N ASP C 94 -32.43 45.99 25.49
CA ASP C 94 -32.88 46.90 24.45
C ASP C 94 -31.77 47.85 24.03
N ALA C 95 -31.66 48.12 22.74
CA ALA C 95 -30.65 49.05 22.27
C ALA C 95 -31.09 50.50 22.43
N GLY C 96 -32.37 50.78 22.19
CA GLY C 96 -32.82 52.16 22.33
C GLY C 96 -32.86 52.66 23.76
N SER C 97 -32.73 51.76 24.73
CA SER C 97 -33.11 52.02 26.11
C SER C 97 -31.97 52.50 27.01
N ILE C 98 -30.73 52.51 26.55
CA ILE C 98 -29.62 52.82 27.44
C ILE C 98 -29.44 54.32 27.55
N THR C 99 -29.30 54.81 28.79
CA THR C 99 -28.99 56.21 29.08
C THR C 99 -27.80 56.28 30.03
N ARG C 100 -26.96 57.27 29.81
CA ARG C 100 -25.82 57.58 30.64
C ARG C 100 -26.15 58.85 31.40
N THR C 101 -26.33 58.76 32.71
CA THR C 101 -26.71 59.91 33.54
C THR C 101 -25.62 60.19 34.57
N ARG C 102 -25.20 61.45 34.64
CA ARG C 102 -24.27 61.94 35.66
C ARG C 102 -24.76 63.28 36.17
N ASP C 103 -25.02 63.37 37.48
CA ASP C 103 -25.64 64.54 38.11
C ASP C 103 -26.99 64.86 37.48
N GLY C 104 -27.62 63.88 36.84
CA GLY C 104 -28.89 64.09 36.18
C GLY C 104 -28.80 64.49 34.72
N ALA C 105 -27.60 64.51 34.14
CA ALA C 105 -27.42 64.86 32.73
C ALA C 105 -27.23 63.61 31.87
N GLU C 106 -27.97 63.53 30.76
CA GLU C 106 -27.77 62.49 29.75
C GLU C 106 -26.49 62.74 28.98
N LEU C 107 -25.48 61.94 29.25
CA LEU C 107 -24.21 61.91 28.53
C LEU C 107 -24.30 60.98 27.34
N PRO C 108 -23.46 61.18 26.31
CA PRO C 108 -23.50 60.29 25.15
C PRO C 108 -22.91 58.93 25.48
N LEU C 109 -23.38 57.92 24.76
CA LEU C 109 -22.91 56.57 25.01
C LEU C 109 -21.53 56.41 24.40
N ALA C 110 -20.49 56.36 25.24
CA ALA C 110 -19.12 56.18 24.76
C ALA C 110 -18.57 54.88 25.31
N ALA C 111 -18.30 53.92 24.41
CA ALA C 111 -17.76 52.65 24.87
C ALA C 111 -16.39 52.82 25.48
N LEU C 112 -15.58 53.73 24.93
CA LEU C 112 -14.28 54.01 25.54
C LEU C 112 -14.45 54.51 26.96
N ASP C 113 -15.27 55.55 27.15
CA ASP C 113 -15.57 56.04 28.49
C ASP C 113 -16.12 54.91 29.38
N PHE C 114 -16.93 54.02 28.81
CA PHE C 114 -17.54 52.94 29.60
C PHE C 114 -16.49 52.09 30.30
N PHE C 115 -15.50 51.61 29.56
CA PHE C 115 -14.52 50.73 30.16
C PHE C 115 -13.64 51.46 31.18
N ILE C 116 -13.43 52.77 31.00
CA ILE C 116 -12.58 53.50 31.95
C ILE C 116 -13.32 53.75 33.25
N GLU C 117 -14.62 54.06 33.17
CA GLU C 117 -15.43 54.21 34.37
C GLU C 117 -15.55 52.92 35.17
N LEU C 118 -15.15 51.77 34.59
CA LEU C 118 -15.30 50.46 35.23
C LEU C 118 -13.99 49.68 35.23
N ARG C 119 -12.84 50.37 35.13
CA ARG C 119 -11.57 49.67 35.01
C ARG C 119 -11.29 48.77 36.21
N HIS C 120 -11.81 49.12 37.38
CA HIS C 120 -11.55 48.31 38.56
C HIS C 120 -12.62 47.26 38.80
N THR C 121 -13.88 47.57 38.46
CA THR C 121 -14.97 46.58 38.52
C THR C 121 -14.70 45.41 37.57
N LEU C 122 -14.13 45.68 36.41
CA LEU C 122 -13.61 44.65 35.54
C LEU C 122 -12.16 44.38 35.94
N GLY C 123 -11.50 43.47 35.25
CA GLY C 123 -10.17 43.12 35.69
C GLY C 123 -9.12 43.97 35.01
N LEU C 124 -9.53 45.12 34.49
CA LEU C 124 -8.63 45.88 33.62
C LEU C 124 -7.47 46.45 34.44
N SER C 125 -6.26 46.04 34.09
CA SER C 125 -5.09 46.49 34.82
C SER C 125 -4.51 47.73 34.15
N ASP C 126 -3.69 48.47 34.92
CA ASP C 126 -2.96 49.60 34.35
C ASP C 126 -2.14 49.22 33.11
N GLU C 127 -1.92 47.94 32.86
CA GLU C 127 -1.04 47.51 31.78
C GLU C 127 -1.78 46.93 30.60
N ILE C 128 -3.10 46.74 30.72
CA ILE C 128 -3.91 46.15 29.67
C ILE C 128 -4.93 47.14 29.12
N LEU C 129 -5.52 47.94 30.00
CA LEU C 129 -6.57 48.88 29.62
C LEU C 129 -6.26 49.69 28.35
N PRO C 130 -5.10 50.31 28.18
CA PRO C 130 -4.80 50.92 26.88
C PRO C 130 -5.09 49.98 25.72
N VAL C 131 -4.32 48.90 25.62
CA VAL C 131 -4.41 48.00 24.46
C VAL C 131 -5.84 47.47 24.30
N TYR C 132 -6.51 47.15 25.41
CA TYR C 132 -7.91 46.75 25.30
C TYR C 132 -8.73 47.81 24.57
N LEU C 133 -8.50 49.08 24.91
CA LEU C 133 -9.28 50.18 24.33
C LEU C 133 -9.04 50.29 22.83
N GLU C 134 -7.79 50.15 22.39
CA GLU C 134 -7.52 50.00 20.97
C GLU C 134 -8.40 48.90 20.37
N GLU C 135 -8.45 47.73 21.02
CA GLU C 135 -9.26 46.65 20.46
C GLU C 135 -10.72 47.02 20.42
N ILE C 136 -11.20 47.77 21.42
CA ILE C 136 -12.55 48.28 21.36
C ILE C 136 -12.70 49.24 20.18
N SER C 137 -11.75 50.17 20.02
CA SER C 137 -11.83 51.11 18.90
C SER C 137 -11.92 50.38 17.58
N SER C 138 -11.09 49.36 17.39
CA SER C 138 -11.12 48.67 16.10
C SER C 138 -12.42 47.91 15.88
N THR C 139 -12.93 47.25 16.93
CA THR C 139 -14.24 46.64 16.82
C THR C 139 -15.31 47.65 16.44
N LEU C 140 -15.29 48.84 17.07
CA LEU C 140 -16.26 49.86 16.72
C LEU C 140 -16.06 50.36 15.29
N SER C 141 -14.80 50.62 14.89
CA SER C 141 -14.47 50.93 13.51
C SER C 141 -15.17 49.99 12.52
N GLY C 142 -15.05 48.68 12.75
CA GLY C 142 -15.63 47.70 11.84
C GLY C 142 -17.15 47.79 11.75
N THR C 143 -17.81 47.89 12.92
CA THR C 143 -19.25 48.12 12.92
C THR C 143 -19.63 49.27 11.99
N CYS C 144 -18.83 50.35 12.00
CA CYS C 144 -19.09 51.47 11.10
C CYS C 144 -18.99 51.03 9.64
N TYR C 145 -17.93 50.31 9.27
CA TYR C 145 -17.87 49.79 7.91
C TYR C 145 -19.12 48.98 7.60
N LYS C 146 -19.45 48.04 8.48
CA LYS C 146 -20.58 47.15 8.19
C LYS C 146 -21.87 47.96 8.01
N LEU C 147 -21.99 49.10 8.70
CA LEU C 147 -23.14 49.98 8.52
C LEU C 147 -23.15 50.67 7.16
N THR C 148 -22.01 50.79 6.47
CA THR C 148 -22.04 51.33 5.12
C THR C 148 -22.41 50.28 4.09
N LYS C 149 -22.26 49.00 4.44
CA LYS C 149 -22.57 47.94 3.49
C LYS C 149 -24.05 48.00 3.11
N PRO C 150 -24.41 47.66 1.88
CA PRO C 150 -25.82 47.51 1.52
C PRO C 150 -26.53 46.61 2.52
N GLN C 151 -27.66 47.08 3.05
CA GLN C 151 -28.48 46.21 3.87
C GLN C 151 -28.95 45.02 3.03
N VAL C 152 -29.04 43.86 3.66
CA VAL C 152 -29.50 42.65 3.00
C VAL C 152 -30.30 41.84 3.99
N THR C 153 -31.47 41.38 3.57
CA THR C 153 -32.28 40.51 4.41
C THR C 153 -31.58 39.16 4.58
N ALA C 154 -32.09 38.37 5.54
CA ALA C 154 -31.63 36.99 5.64
C ALA C 154 -31.92 36.24 4.34
N ALA C 155 -33.11 36.43 3.77
CA ALA C 155 -33.43 35.86 2.48
C ALA C 155 -32.35 36.20 1.46
N GLY C 156 -32.00 37.48 1.37
CA GLY C 156 -31.03 37.90 0.38
C GLY C 156 -29.67 37.27 0.57
N LEU C 157 -29.30 37.00 1.82
CA LEU C 157 -28.02 36.33 2.08
C LEU C 157 -28.05 34.90 1.57
N LEU C 158 -29.18 34.21 1.78
CA LEU C 158 -29.34 32.87 1.25
C LEU C 158 -29.24 32.86 -0.27
N GLU C 159 -29.89 33.82 -0.92
CA GLU C 159 -29.76 33.95 -2.38
C GLU C 159 -28.34 34.30 -2.81
N GLY C 160 -27.58 35.00 -1.97
CA GLY C 160 -26.22 35.34 -2.33
C GLY C 160 -25.27 34.16 -2.27
N GLY C 161 -25.48 33.27 -1.31
CA GLY C 161 -24.74 32.04 -1.23
C GLY C 161 -23.85 31.96 -0.01
N PHE C 162 -22.88 31.05 -0.11
CA PHE C 162 -22.03 30.68 1.01
C PHE C 162 -21.20 31.86 1.50
N GLN C 163 -20.60 32.60 0.56
CA GLN C 163 -19.71 33.68 0.96
C GLN C 163 -20.50 34.94 1.35
N ALA C 164 -21.58 35.26 0.64
CA ALA C 164 -22.44 36.33 1.10
C ALA C 164 -22.83 36.14 2.56
N LEU C 165 -22.96 34.89 2.99
CA LEU C 165 -23.20 34.60 4.40
C LEU C 165 -21.97 34.86 5.24
N GLU C 166 -20.78 34.47 4.76
CA GLU C 166 -19.55 34.74 5.50
C GLU C 166 -19.35 36.23 5.69
N SER C 167 -19.08 36.92 4.58
CA SER C 167 -18.85 38.36 4.63
C SER C 167 -20.03 39.09 5.26
N GLY C 168 -21.25 38.56 5.10
CA GLY C 168 -22.45 39.24 5.58
C GLY C 168 -22.64 39.23 7.09
N MET C 169 -21.85 38.46 7.84
CA MET C 169 -22.03 38.41 9.29
C MET C 169 -21.66 39.73 9.93
N THR C 170 -22.38 40.10 10.98
CA THR C 170 -22.04 41.35 11.63
C THR C 170 -21.54 41.17 13.06
N GLU C 171 -22.04 40.19 13.78
CA GLU C 171 -21.73 40.11 15.21
C GLU C 171 -20.31 39.63 15.47
N GLY C 172 -19.93 38.49 14.91
CA GLY C 172 -18.76 37.79 15.38
C GLY C 172 -19.13 36.90 16.55
N HIS C 173 -18.12 36.56 17.36
CA HIS C 173 -18.38 35.67 18.49
C HIS C 173 -19.42 36.29 19.39
N PRO C 174 -20.50 35.58 19.72
CA PRO C 174 -21.62 36.21 20.44
C PRO C 174 -21.33 36.57 21.90
N CYS C 175 -20.40 35.87 22.56
CA CYS C 175 -20.07 36.17 23.95
C CYS C 175 -19.03 37.29 24.10
N PHE C 176 -17.90 37.17 23.41
CA PHE C 176 -16.81 38.12 23.59
C PHE C 176 -17.21 39.53 23.21
N VAL C 177 -16.82 40.50 24.04
CA VAL C 177 -17.10 41.89 23.73
C VAL C 177 -16.04 42.47 22.80
N ALA C 178 -14.76 42.37 23.15
CA ALA C 178 -13.68 42.82 22.27
C ALA C 178 -13.35 41.75 21.21
N ASN C 179 -14.36 41.41 20.42
CA ASN C 179 -14.35 40.19 19.60
C ASN C 179 -13.85 40.40 18.18
N ASN C 180 -13.69 41.64 17.73
CA ASN C 180 -13.23 41.90 16.37
C ASN C 180 -12.02 42.83 16.39
N GLY C 181 -11.02 42.45 17.22
CA GLY C 181 -9.77 43.17 17.39
C GLY C 181 -9.07 43.59 16.12
N ARG C 182 -8.40 42.65 15.44
CA ARG C 182 -7.69 42.96 14.20
C ARG C 182 -6.58 43.99 14.45
N LEU C 183 -5.88 43.88 15.58
CA LEU C 183 -4.83 44.84 15.89
C LEU C 183 -3.58 44.51 15.08
N GLY C 184 -3.28 45.35 14.09
CA GLY C 184 -2.04 45.33 13.36
C GLY C 184 -2.30 45.87 11.98
N PHE C 185 -3.57 45.87 11.59
CA PHE C 185 -3.92 46.45 10.30
C PHE C 185 -3.94 47.96 10.41
N GLY C 186 -3.42 48.62 9.39
CA GLY C 186 -3.79 49.99 9.15
C GLY C 186 -5.24 50.05 8.70
N VAL C 187 -5.79 51.26 8.64
CA VAL C 187 -7.11 51.39 8.07
C VAL C 187 -7.11 50.88 6.63
N ASP C 188 -6.01 51.10 5.90
CA ASP C 188 -5.93 50.63 4.54
C ASP C 188 -5.78 49.12 4.51
N GLU C 189 -4.98 48.57 5.43
CA GLU C 189 -4.87 47.13 5.53
C GLU C 189 -6.22 46.50 5.94
N TYR C 190 -7.01 47.19 6.77
CA TYR C 190 -8.34 46.67 7.10
C TYR C 190 -9.20 46.52 5.86
N LEU C 191 -9.27 47.57 5.05
CA LEU C 191 -10.19 47.52 3.91
C LEU C 191 -9.76 46.44 2.91
N ALA C 192 -8.47 46.17 2.80
CA ALA C 192 -8.05 45.09 1.92
C ALA C 192 -8.39 43.73 2.52
N TYR C 193 -8.00 43.51 3.77
CA TYR C 193 -7.80 42.16 4.28
C TYR C 193 -8.94 41.69 5.20
N ALA C 194 -9.99 42.39 5.29
CA ALA C 194 -10.89 41.95 6.36
C ALA C 194 -12.10 41.21 5.79
N PRO C 195 -12.61 40.22 6.52
CA PRO C 195 -13.65 39.35 5.94
C PRO C 195 -14.92 40.09 5.59
N GLU C 196 -15.34 41.05 6.43
CA GLU C 196 -16.57 41.80 6.20
C GLU C 196 -16.47 42.78 5.03
N THR C 197 -15.25 43.11 4.56
CA THR C 197 -15.11 43.90 3.35
C THR C 197 -15.21 43.08 2.08
N ALA C 198 -14.93 41.76 2.17
CA ALA C 198 -15.09 40.82 1.06
C ALA C 198 -14.27 41.22 -0.16
N HIS C 199 -13.03 41.71 0.08
CA HIS C 199 -12.21 42.10 -1.07
C HIS C 199 -11.29 40.96 -1.52
N PRO C 200 -11.14 40.79 -2.84
CA PRO C 200 -10.21 39.79 -3.33
C PRO C 200 -8.80 40.06 -2.84
N VAL C 201 -8.12 38.99 -2.42
CA VAL C 201 -6.73 39.01 -2.01
C VAL C 201 -5.96 37.96 -2.82
N ARG C 202 -4.78 38.32 -3.29
CA ARG C 202 -3.87 37.37 -3.90
C ARG C 202 -2.76 37.07 -2.91
N LEU C 203 -2.62 35.80 -2.54
CA LEU C 203 -1.58 35.43 -1.61
C LEU C 203 -0.20 35.58 -2.24
N VAL C 204 0.80 35.70 -1.38
CA VAL C 204 2.19 35.82 -1.79
C VAL C 204 2.83 34.45 -1.64
N TRP C 205 3.47 33.99 -2.71
CA TRP C 205 4.13 32.69 -2.75
C TRP C 205 5.62 32.85 -2.50
N LEU C 206 6.13 32.23 -1.45
CA LEU C 206 7.56 32.14 -1.21
C LEU C 206 8.05 30.74 -1.59
N ALA C 207 9.34 30.64 -1.87
CA ALA C 207 10.05 29.36 -1.96
C ALA C 207 11.04 29.27 -0.81
N ALA C 208 10.95 28.21 -0.02
CA ALA C 208 11.68 28.12 1.23
C ALA C 208 12.59 26.92 1.19
N HIS C 209 13.85 27.12 1.57
CA HIS C 209 14.88 26.10 1.44
C HIS C 209 14.69 24.96 2.43
N ARG C 210 14.80 23.72 1.91
CA ARG C 210 14.48 22.50 2.65
C ARG C 210 15.45 22.21 3.77
N SER C 211 16.46 23.05 3.97
CA SER C 211 17.20 23.08 5.22
C SER C 211 16.46 23.79 6.34
N ARG C 212 15.32 24.44 6.05
CA ARG C 212 14.58 25.07 7.12
C ARG C 212 13.08 24.75 6.98
N ALA C 213 12.66 24.44 5.76
CA ALA C 213 11.25 24.25 5.45
C ALA C 213 10.90 22.78 5.33
N ALA C 214 9.68 22.45 5.76
CA ALA C 214 9.22 21.06 5.89
C ALA C 214 7.77 20.96 5.45
N PHE C 215 7.54 20.26 4.34
CA PHE C 215 6.20 19.91 3.89
C PHE C 215 5.72 18.65 4.60
N THR C 216 4.46 18.65 5.01
CA THR C 216 3.85 17.57 5.80
C THR C 216 2.52 17.23 5.16
N ALA C 217 2.37 15.97 4.74
CA ALA C 217 1.27 15.54 3.88
C ALA C 217 0.40 14.51 4.55
N GLY C 218 -0.91 14.61 4.29
CA GLY C 218 -1.86 13.63 4.76
C GLY C 218 -1.97 12.41 3.84
N ALA C 219 -2.91 11.54 4.19
CA ALA C 219 -3.11 10.26 3.52
C ALA C 219 -3.32 10.45 2.02
N GLY C 220 -2.34 10.05 1.22
CA GLY C 220 -2.52 10.03 -0.22
C GLY C 220 -2.22 11.34 -0.90
N ILE C 221 -1.27 12.12 -0.34
CA ILE C 221 -0.90 13.42 -0.85
C ILE C 221 0.59 13.37 -1.19
N ASP C 222 0.92 13.83 -2.38
CA ASP C 222 2.29 13.86 -2.87
C ASP C 222 2.62 15.30 -3.21
N TYR C 223 3.79 15.77 -2.77
CA TYR C 223 4.12 17.19 -2.92
C TYR C 223 3.99 17.65 -4.37
N ALA C 224 4.73 17.01 -5.29
CA ALA C 224 4.71 17.42 -6.69
C ALA C 224 3.29 17.49 -7.25
N SER C 225 2.52 16.42 -7.11
CA SER C 225 1.15 16.45 -7.64
C SER C 225 0.26 17.41 -6.86
N PHE C 226 0.61 17.73 -5.60
CA PHE C 226 -0.21 18.68 -4.86
C PHE C 226 -0.09 20.07 -5.46
N VAL C 227 1.12 20.60 -5.54
CA VAL C 227 1.29 21.98 -6.01
C VAL C 227 0.78 22.13 -7.43
N ARG C 228 0.96 21.11 -8.27
CA ARG C 228 0.47 21.25 -9.63
C ARG C 228 -1.05 21.34 -9.65
N GLN C 229 -1.73 20.55 -8.80
CA GLN C 229 -3.19 20.66 -8.74
C GLN C 229 -3.63 22.00 -8.15
N GLU C 230 -2.87 22.53 -7.19
CA GLU C 230 -3.30 23.72 -6.48
C GLU C 230 -2.95 25.01 -7.24
N LEU C 231 -1.76 25.07 -7.88
CA LEU C 231 -1.36 26.23 -8.69
C LEU C 231 -1.39 26.02 -10.19
N GLY C 232 -1.44 24.78 -10.69
CA GLY C 232 -1.29 24.50 -12.12
C GLY C 232 0.15 24.37 -12.64
N GLU C 233 0.36 23.45 -13.60
CA GLU C 233 1.70 23.21 -14.18
C GLU C 233 2.31 24.50 -14.74
N GLU C 234 1.46 25.40 -15.24
CA GLU C 234 1.95 26.64 -15.85
C GLU C 234 2.62 27.53 -14.81
N THR C 235 1.97 27.71 -13.66
CA THR C 235 2.56 28.50 -12.59
C THR C 235 3.80 27.83 -12.01
N VAL C 236 3.75 26.50 -11.82
CA VAL C 236 4.84 25.82 -11.14
C VAL C 236 6.13 25.98 -11.92
N GLU C 237 6.06 25.84 -13.25
CA GLU C 237 7.27 26.04 -14.05
C GLU C 237 7.73 27.48 -13.96
N ARG C 238 6.80 28.43 -14.05
CA ARG C 238 7.17 29.83 -13.91
C ARG C 238 7.95 30.07 -12.62
N PHE C 239 7.45 29.54 -11.50
CA PHE C 239 8.16 29.67 -10.23
C PHE C 239 9.52 29.00 -10.29
N ASP C 240 9.57 27.78 -10.84
CA ASP C 240 10.84 27.10 -10.99
C ASP C 240 11.81 27.95 -11.80
N GLY C 241 11.30 28.71 -12.77
CA GLY C 241 12.18 29.54 -13.57
C GLY C 241 12.82 30.64 -12.76
N VAL C 242 12.02 31.31 -11.91
CA VAL C 242 12.54 32.35 -11.03
C VAL C 242 13.72 31.82 -10.24
N LEU C 243 13.62 30.58 -9.76
CA LEU C 243 14.73 30.01 -9.00
C LEU C 243 15.93 29.76 -9.90
N ARG C 244 15.70 29.25 -11.10
CA ARG C 244 16.81 29.00 -12.03
C ARG C 244 17.51 30.29 -12.39
N GLY C 245 16.74 31.34 -12.70
CA GLY C 245 17.33 32.65 -12.97
C GLY C 245 18.30 33.05 -11.89
N ARG C 246 18.00 32.73 -10.64
CA ARG C 246 18.88 33.05 -9.53
C ARG C 246 19.95 32.00 -9.33
N GLY C 247 20.02 31.00 -10.22
CA GLY C 247 20.96 29.90 -10.15
C GLY C 247 20.66 28.85 -9.09
N LEU C 248 19.38 28.56 -8.84
CA LEU C 248 18.96 27.74 -7.71
C LEU C 248 18.17 26.53 -8.20
N ASP C 249 18.14 25.47 -7.38
CA ASP C 249 17.58 24.21 -7.83
C ASP C 249 16.18 24.02 -7.27
N PRO C 250 15.14 24.08 -8.11
CA PRO C 250 13.77 23.97 -7.58
C PRO C 250 13.57 22.77 -6.67
N ALA C 251 14.47 21.77 -6.73
CA ALA C 251 14.42 20.60 -5.89
C ALA C 251 14.86 20.88 -4.46
N ASP C 252 15.54 22.01 -4.23
CA ASP C 252 15.98 22.35 -2.88
C ASP C 252 14.95 23.18 -2.12
N TYR C 253 13.88 23.61 -2.78
CA TYR C 253 12.92 24.51 -2.19
C TYR C 253 11.54 23.87 -2.26
N LEU C 254 10.64 24.39 -1.42
CA LEU C 254 9.22 24.10 -1.45
C LEU C 254 8.46 25.42 -1.29
N LEU C 255 7.16 25.37 -1.51
CA LEU C 255 6.35 26.58 -1.63
C LEU C 255 5.57 26.84 -0.35
N ILE C 256 5.57 28.10 0.09
CA ILE C 256 4.78 28.46 1.25
C ILE C 256 3.93 29.67 0.87
N PRO C 257 2.62 29.60 1.02
CA PRO C 257 1.78 30.78 0.77
C PRO C 257 1.68 31.64 2.00
N VAL C 258 1.93 32.94 1.88
CA VAL C 258 1.85 33.79 3.05
C VAL C 258 0.80 34.88 2.80
N HIS C 259 0.26 35.37 3.91
CA HIS C 259 -0.66 36.51 3.87
C HIS C 259 0.11 37.78 3.47
N PRO C 260 -0.40 38.55 2.50
CA PRO C 260 0.38 39.72 2.05
C PRO C 260 0.75 40.65 3.19
N TRP C 261 -0.15 40.85 4.16
CA TRP C 261 0.21 41.60 5.34
C TRP C 261 1.45 41.03 6.01
N GLN C 262 1.50 39.69 6.16
CA GLN C 262 2.63 39.09 6.86
C GLN C 262 3.90 39.27 6.07
N TRP C 263 3.79 39.24 4.74
CA TRP C 263 4.99 39.38 3.93
C TRP C 263 5.54 40.80 4.00
N TRP C 264 4.68 41.80 3.81
CA TRP C 264 5.15 43.17 3.70
C TRP C 264 5.56 43.73 5.06
N ASN C 265 4.83 43.39 6.12
CA ASN C 265 5.10 44.02 7.40
C ASN C 265 5.97 43.18 8.32
N LYS C 266 6.05 41.86 8.11
CA LYS C 266 6.79 41.03 9.07
C LYS C 266 7.94 40.29 8.42
N LEU C 267 7.67 39.43 7.45
CA LEU C 267 8.70 38.52 6.95
C LEU C 267 9.82 39.28 6.25
N SER C 268 9.48 40.21 5.35
CA SER C 268 10.49 40.97 4.62
C SER C 268 11.41 41.78 5.53
N VAL C 269 11.07 41.93 6.80
CA VAL C 269 11.91 42.71 7.69
C VAL C 269 12.49 41.77 8.72
N THR C 270 11.61 41.17 9.52
CA THR C 270 12.05 40.32 10.61
C THR C 270 12.87 39.14 10.11
N PHE C 271 12.53 38.63 8.92
CA PHE C 271 13.23 37.53 8.29
C PHE C 271 14.09 38.00 7.10
N ALA C 272 14.53 39.25 7.08
CA ALA C 272 15.29 39.69 5.91
C ALA C 272 16.57 38.85 5.73
N ALA C 273 17.16 38.36 6.82
CA ALA C 273 18.35 37.51 6.70
C ALA C 273 18.07 36.31 5.82
N GLU C 274 16.88 35.71 5.97
CA GLU C 274 16.56 34.57 5.14
C GLU C 274 16.31 34.97 3.69
N VAL C 275 15.71 36.13 3.47
CA VAL C 275 15.45 36.55 2.09
C VAL C 275 16.75 36.88 1.38
N ALA C 276 17.59 37.67 2.04
CA ALA C 276 18.89 38.02 1.48
C ALA C 276 19.71 36.78 1.16
N ARG C 277 19.82 35.85 2.13
CA ARG C 277 20.67 34.67 1.96
C ARG C 277 20.09 33.69 0.96
N GLN C 278 18.83 33.88 0.55
CA GLN C 278 18.08 33.03 -0.38
C GLN C 278 17.60 31.74 0.25
N ASN C 279 17.57 31.66 1.59
CA ASN C 279 16.74 30.68 2.26
C ASN C 279 15.27 30.91 1.99
N LEU C 280 14.89 32.15 1.65
CA LEU C 280 13.55 32.46 1.20
C LEU C 280 13.65 33.27 -0.09
N VAL C 281 12.75 33.02 -1.03
CA VAL C 281 12.73 33.72 -2.31
C VAL C 281 11.29 34.07 -2.65
N CYS C 282 11.06 35.35 -2.96
CA CYS C 282 9.71 35.85 -3.21
C CYS C 282 9.36 35.58 -4.66
N LEU C 283 8.31 34.81 -4.89
CA LEU C 283 7.97 34.36 -6.23
C LEU C 283 6.89 35.18 -6.90
N GLY C 284 6.11 35.94 -6.15
CA GLY C 284 5.05 36.70 -6.78
C GLY C 284 3.69 36.34 -6.27
N GLU C 285 2.69 36.68 -7.06
CA GLU C 285 1.30 36.57 -6.63
C GLU C 285 0.65 35.33 -7.23
N SER C 286 -0.27 34.76 -6.47
CA SER C 286 -1.14 33.72 -7.01
C SER C 286 -2.05 34.30 -8.09
N ASP C 287 -2.33 33.49 -9.12
CA ASP C 287 -3.31 33.91 -10.12
C ASP C 287 -4.74 33.79 -9.60
N ASP C 288 -4.99 32.91 -8.65
CA ASP C 288 -6.30 32.80 -8.05
C ASP C 288 -6.56 33.91 -7.06
N GLU C 289 -7.84 34.24 -6.88
CA GLU C 289 -8.30 35.30 -5.99
C GLU C 289 -8.98 34.69 -4.76
N TYR C 290 -8.45 34.98 -3.56
CA TYR C 290 -9.00 34.46 -2.31
C TYR C 290 -9.85 35.49 -1.53
N LEU C 291 -10.82 34.96 -0.79
CA LEU C 291 -11.71 35.72 0.08
C LEU C 291 -11.47 35.32 1.53
N ALA C 292 -10.98 36.25 2.34
CA ALA C 292 -10.79 35.96 3.75
C ALA C 292 -12.11 35.62 4.44
N GLN C 293 -12.04 34.58 5.28
CA GLN C 293 -13.13 34.02 6.08
C GLN C 293 -13.19 34.67 7.46
N GLN C 294 -13.98 34.09 8.35
CA GLN C 294 -14.35 34.76 9.60
C GLN C 294 -13.16 34.92 10.53
N SER C 295 -12.49 33.82 10.88
CA SER C 295 -11.10 33.93 11.32
C SER C 295 -10.35 34.67 10.23
N ILE C 296 -9.43 35.55 10.58
CA ILE C 296 -8.97 36.42 9.50
C ILE C 296 -7.91 35.72 8.64
N ARG C 297 -7.15 34.80 9.23
CA ARG C 297 -6.00 34.15 8.63
C ARG C 297 -6.34 33.06 7.61
N THR C 298 -7.61 32.69 7.43
CA THR C 298 -7.95 31.57 6.56
C THR C 298 -8.68 32.07 5.31
N PHE C 299 -8.19 31.70 4.15
CA PHE C 299 -8.71 32.18 2.88
C PHE C 299 -9.41 31.08 2.10
N PHE C 300 -10.48 31.50 1.40
CA PHE C 300 -11.29 30.62 0.56
C PHE C 300 -11.07 31.04 -0.89
N ASN C 301 -10.86 30.04 -1.76
CA ASN C 301 -10.52 30.32 -3.13
C ASN C 301 -11.77 30.75 -3.88
N ALA C 302 -11.89 32.06 -4.17
CA ALA C 302 -13.07 32.53 -4.90
C ALA C 302 -13.03 32.15 -6.38
N THR C 303 -11.83 32.03 -6.95
CA THR C 303 -11.73 31.65 -8.36
C THR C 303 -12.10 30.18 -8.58
N HIS C 304 -11.68 29.31 -7.67
CA HIS C 304 -11.91 27.87 -7.79
C HIS C 304 -12.33 27.34 -6.43
N PRO C 305 -13.61 27.49 -6.10
CA PRO C 305 -14.11 27.10 -4.78
C PRO C 305 -13.84 25.66 -4.42
N GLU C 306 -13.48 24.83 -5.41
CA GLU C 306 -13.23 23.44 -5.09
C GLU C 306 -11.81 23.20 -4.60
N LYS C 307 -10.90 24.14 -4.85
CA LYS C 307 -9.54 24.05 -4.32
C LYS C 307 -9.53 24.29 -2.82
N HIS C 308 -8.37 24.05 -2.21
CA HIS C 308 -8.24 24.11 -0.76
C HIS C 308 -8.31 25.53 -0.22
N TYR C 309 -8.84 25.65 1.01
CA TYR C 309 -8.59 26.83 1.84
C TYR C 309 -7.10 26.89 2.13
N VAL C 310 -6.58 28.11 2.29
CA VAL C 310 -5.22 28.29 2.78
C VAL C 310 -5.31 29.06 4.08
N LYS C 311 -4.68 28.52 5.12
CA LYS C 311 -4.64 29.14 6.43
C LYS C 311 -3.20 29.61 6.64
N THR C 312 -3.05 30.89 6.92
CA THR C 312 -1.77 31.56 6.90
C THR C 312 -1.44 32.07 8.28
N ALA C 313 -0.15 32.11 8.59
CA ALA C 313 0.32 32.75 9.80
C ALA C 313 0.20 34.27 9.62
N LEU C 314 -0.48 34.93 10.58
CA LEU C 314 -0.89 36.34 10.50
C LEU C 314 -0.65 37.01 11.86
N SER C 315 0.53 37.62 12.02
CA SER C 315 1.01 38.00 13.35
C SER C 315 0.36 39.32 13.81
N VAL C 316 -0.95 39.24 14.02
CA VAL C 316 -1.77 40.31 14.57
C VAL C 316 -2.56 39.73 15.74
N LEU C 317 -3.13 40.62 16.57
CA LEU C 317 -3.92 40.22 17.72
C LEU C 317 -5.42 40.33 17.42
N ASN C 318 -6.16 39.21 17.59
CA ASN C 318 -7.63 39.20 17.51
C ASN C 318 -8.27 38.22 18.50
N MET C 319 -9.22 38.74 19.29
CA MET C 319 -9.96 38.02 20.34
C MET C 319 -9.04 37.10 21.16
N GLY C 320 -8.03 37.71 21.75
CA GLY C 320 -7.28 37.07 22.81
C GLY C 320 -6.17 36.13 22.39
N PHE C 321 -5.77 36.12 21.10
CA PHE C 321 -4.68 35.27 20.63
C PHE C 321 -3.96 35.92 19.46
N MET C 322 -2.64 35.99 19.53
CA MET C 322 -1.84 36.36 18.37
C MET C 322 -2.00 35.27 17.28
N ARG C 323 -2.48 35.67 16.11
CA ARG C 323 -2.87 34.69 15.09
C ARG C 323 -1.72 34.22 14.21
N GLY C 324 -0.54 34.08 14.79
CA GLY C 324 0.51 33.33 14.14
C GLY C 324 0.15 31.86 14.02
N LEU C 325 1.03 31.06 13.43
CA LEU C 325 0.78 29.66 13.15
C LEU C 325 2.04 28.87 13.45
N SER C 326 1.97 27.94 14.39
CA SER C 326 3.17 27.27 14.87
C SER C 326 3.72 26.29 13.80
N ALA C 327 4.94 26.53 13.32
CA ALA C 327 5.51 25.60 12.36
C ALA C 327 5.71 24.22 12.97
N ALA C 328 6.08 24.16 14.25
CA ALA C 328 6.34 22.87 14.87
C ALA C 328 5.05 22.06 15.02
N TYR C 329 3.95 22.72 15.33
CA TYR C 329 2.70 21.97 15.35
C TYR C 329 2.22 21.57 13.94
N MET C 330 2.89 22.00 12.85
CA MET C 330 2.42 21.66 11.51
C MET C 330 2.73 20.19 11.20
N GLU C 331 3.88 19.68 11.69
CA GLU C 331 4.30 18.30 11.44
C GLU C 331 3.28 17.26 11.88
N ALA C 332 2.37 17.62 12.77
CA ALA C 332 1.36 16.69 13.27
C ALA C 332 -0.04 16.97 12.75
N THR C 333 -0.25 18.13 12.11
CA THR C 333 -1.61 18.53 11.73
C THR C 333 -2.30 17.57 10.77
N PRO C 334 -1.73 17.23 9.60
CA PRO C 334 -2.48 16.34 8.70
C PRO C 334 -2.69 14.94 9.27
N ALA C 335 -1.81 14.47 10.16
CA ALA C 335 -2.01 13.18 10.79
C ALA C 335 -3.29 13.17 11.62
N ILE C 336 -3.48 14.21 12.42
CA ILE C 336 -4.64 14.29 13.30
C ILE C 336 -5.91 14.27 12.46
N ASN C 337 -5.91 15.01 11.36
CA ASN C 337 -7.12 15.12 10.55
C ASN C 337 -7.43 13.81 9.88
N ASP C 338 -6.39 13.10 9.42
CA ASP C 338 -6.58 11.74 8.91
C ASP C 338 -7.15 10.84 10.00
N TRP C 339 -6.51 10.84 11.17
CA TRP C 339 -6.93 10.01 12.28
C TRP C 339 -8.40 10.19 12.61
N LEU C 340 -8.87 11.44 12.63
CA LEU C 340 -10.26 11.70 12.97
C LEU C 340 -11.21 11.28 11.85
N ASP C 341 -10.85 11.58 10.59
CA ASP C 341 -11.68 11.15 9.47
C ASP C 341 -11.91 9.65 9.51
N ARG C 342 -10.84 8.88 9.71
CA ARG C 342 -10.94 7.43 9.82
C ARG C 342 -11.80 7.04 11.02
N LEU C 343 -11.68 7.77 12.13
CA LEU C 343 -12.55 7.50 13.27
C LEU C 343 -14.02 7.77 12.96
N ILE C 344 -14.31 8.81 12.19
CA ILE C 344 -15.71 9.08 11.88
C ILE C 344 -16.26 8.07 10.85
N ASP C 345 -15.43 7.58 9.93
CA ASP C 345 -15.88 6.51 9.04
C ASP C 345 -16.14 5.22 9.80
N ASN C 346 -15.27 4.89 10.75
CA ASN C 346 -15.33 3.66 11.54
C ASN C 346 -16.21 3.80 12.77
N ASP C 347 -17.35 4.49 12.64
CA ASP C 347 -18.32 4.57 13.73
C ASP C 347 -19.69 4.87 13.16
N PRO C 348 -20.63 3.89 13.21
CA PRO C 348 -21.89 4.06 12.46
C PRO C 348 -22.85 5.04 13.08
N VAL C 349 -22.66 5.44 14.33
CA VAL C 349 -23.54 6.46 14.88
C VAL C 349 -23.22 7.81 14.25
N LEU C 350 -21.94 8.14 14.14
CA LEU C 350 -21.57 9.38 13.46
C LEU C 350 -21.98 9.33 11.99
N LYS C 351 -21.85 8.17 11.34
CA LYS C 351 -22.15 8.12 9.91
C LYS C 351 -23.64 8.34 9.64
N SER C 352 -24.50 7.96 10.59
CA SER C 352 -25.91 8.26 10.45
C SER C 352 -26.23 9.73 10.71
N THR C 353 -25.31 10.48 11.30
CA THR C 353 -25.48 11.93 11.44
C THR C 353 -25.11 12.69 10.18
N GLY C 354 -24.30 12.08 9.30
CA GLY C 354 -23.74 12.79 8.17
C GLY C 354 -22.62 13.73 8.55
N LEU C 355 -22.01 13.53 9.72
CA LEU C 355 -20.93 14.40 10.16
C LEU C 355 -19.71 14.16 9.30
N SER C 356 -19.15 15.25 8.78
CA SER C 356 -17.87 15.23 8.12
C SER C 356 -16.99 16.30 8.74
N ILE C 357 -15.68 16.17 8.56
CA ILE C 357 -14.77 17.28 8.80
C ILE C 357 -14.07 17.58 7.47
N ILE C 358 -13.96 18.86 7.14
CA ILE C 358 -13.06 19.24 6.06
C ILE C 358 -11.65 19.23 6.64
N ARG C 359 -10.81 18.35 6.12
CA ARG C 359 -9.54 18.05 6.75
C ARG C 359 -8.49 19.08 6.41
N GLU C 360 -7.59 19.30 7.36
CA GLU C 360 -6.33 19.97 7.09
C GLU C 360 -5.48 18.93 6.39
N ARG C 361 -5.38 19.04 5.06
CA ARG C 361 -4.77 18.00 4.23
C ARG C 361 -3.25 18.09 4.19
N ALA C 362 -2.68 19.30 4.25
CA ALA C 362 -1.24 19.41 4.15
C ALA C 362 -0.79 20.70 4.81
N ALA C 363 0.48 20.75 5.18
CA ALA C 363 0.99 21.91 5.89
C ALA C 363 2.47 22.10 5.56
N VAL C 364 2.92 23.36 5.66
CA VAL C 364 4.34 23.72 5.55
C VAL C 364 4.74 24.50 6.79
N GLY C 365 6.00 24.34 7.17
CA GLY C 365 6.50 24.94 8.39
C GLY C 365 7.92 25.40 8.19
N TYR C 366 8.22 26.63 8.61
CA TYR C 366 9.55 27.20 8.44
C TYR C 366 10.19 27.38 9.80
N ARG C 367 11.36 26.78 9.96
CA ARG C 367 12.11 26.80 11.22
C ARG C 367 13.22 27.84 11.09
N HIS C 368 13.02 29.01 11.69
CA HIS C 368 14.07 30.01 11.79
C HIS C 368 15.02 29.57 12.91
N LEU C 369 16.26 29.22 12.56
CA LEU C 369 17.15 28.61 13.54
C LEU C 369 17.66 29.63 14.55
N GLU C 370 17.93 30.84 14.09
CA GLU C 370 18.45 31.88 14.97
C GLU C 370 17.38 32.39 15.94
N TYR C 371 16.17 32.69 15.46
CA TYR C 371 15.15 33.08 16.42
C TYR C 371 14.79 31.92 17.36
N GLU C 372 14.95 30.67 16.90
CA GLU C 372 14.76 29.52 17.81
C GLU C 372 15.86 29.46 18.86
N ALA C 373 17.10 29.73 18.46
CA ALA C 373 18.17 29.87 19.44
C ALA C 373 17.89 30.95 20.48
N ALA C 374 16.99 31.89 20.18
CA ALA C 374 16.81 33.09 20.99
C ALA C 374 15.39 33.22 21.53
N THR C 375 14.59 32.15 21.57
CA THR C 375 13.23 32.31 22.08
C THR C 375 12.78 31.01 22.73
N ASP C 376 11.65 31.08 23.46
CA ASP C 376 10.97 29.91 24.01
C ASP C 376 10.24 29.15 22.93
N ARG C 377 9.87 27.91 23.24
CA ARG C 377 8.95 27.19 22.36
C ARG C 377 7.64 27.95 22.19
N TYR C 378 7.32 28.86 23.12
CA TYR C 378 6.06 29.58 23.09
C TYR C 378 6.28 31.07 22.88
N SER C 379 7.29 31.40 22.13
CA SER C 379 7.50 32.74 21.63
C SER C 379 6.78 32.94 20.31
N PRO C 380 6.32 34.15 20.01
CA PRO C 380 5.62 34.37 18.73
C PRO C 380 6.54 34.57 17.55
N TYR C 381 7.86 34.46 17.74
CA TYR C 381 8.82 34.48 16.63
C TYR C 381 8.90 33.13 15.93
N ARG C 382 8.48 32.08 16.61
CA ARG C 382 8.34 30.76 16.03
C ARG C 382 7.01 30.58 15.29
N LYS C 383 6.13 31.58 15.33
CA LYS C 383 4.82 31.44 14.73
C LYS C 383 4.60 32.41 13.56
N MET C 384 5.67 32.88 12.91
CA MET C 384 5.53 33.88 11.86
C MET C 384 5.60 33.31 10.44
N LEU C 385 5.83 32.02 10.25
CA LEU C 385 5.88 31.48 8.88
C LEU C 385 5.49 30.00 8.90
N ALA C 386 4.30 29.71 8.38
CA ALA C 386 3.64 28.43 8.38
C ALA C 386 2.33 28.63 7.63
N ALA C 387 1.80 27.54 7.09
CA ALA C 387 0.54 27.55 6.37
C ALA C 387 0.03 26.13 6.32
N LEU C 388 -1.28 25.98 6.13
CA LEU C 388 -1.84 24.67 5.87
C LEU C 388 -2.97 24.79 4.87
N TRP C 389 -3.27 23.69 4.19
CA TRP C 389 -4.33 23.62 3.18
C TRP C 389 -5.47 22.79 3.74
N ARG C 390 -6.70 23.28 3.60
CA ARG C 390 -7.87 22.58 4.11
C ARG C 390 -8.81 22.25 2.95
N GLU C 391 -9.38 21.03 2.99
CA GLU C 391 -10.38 20.61 2.01
C GLU C 391 -11.49 21.63 1.91
N SER C 392 -11.92 21.90 0.70
CA SER C 392 -13.16 22.65 0.57
C SER C 392 -14.33 21.70 0.76
N PRO C 393 -15.47 22.20 1.25
CA PRO C 393 -16.69 21.39 1.28
C PRO C 393 -17.63 21.59 0.09
N VAL C 394 -17.19 22.28 -0.95
CA VAL C 394 -17.98 22.53 -2.16
C VAL C 394 -18.16 21.29 -3.04
N PRO C 395 -17.12 20.48 -3.32
CA PRO C 395 -17.35 19.32 -4.20
C PRO C 395 -18.39 18.35 -3.65
N ALA C 396 -18.38 18.07 -2.35
CA ALA C 396 -19.22 17.03 -1.77
C ALA C 396 -20.70 17.39 -1.68
N LEU C 397 -21.15 18.40 -2.41
CA LEU C 397 -22.57 18.72 -2.40
C LEU C 397 -23.31 17.81 -3.38
N ARG C 398 -24.62 17.65 -3.13
CA ARG C 398 -25.58 17.09 -4.08
C ARG C 398 -26.46 18.20 -4.62
N ASP C 399 -27.38 17.86 -5.51
CA ASP C 399 -28.22 18.89 -6.11
C ASP C 399 -29.17 19.45 -5.05
N GLY C 400 -29.29 20.79 -5.03
CA GLY C 400 -30.12 21.47 -4.07
C GLY C 400 -29.44 21.77 -2.75
N GLU C 401 -28.24 21.23 -2.51
CA GLU C 401 -27.53 21.47 -1.26
C GLU C 401 -26.71 22.76 -1.35
N SER C 402 -26.73 23.54 -0.26
CA SER C 402 -26.03 24.81 -0.16
C SER C 402 -25.28 24.86 1.16
N LEU C 403 -24.43 25.86 1.33
CA LEU C 403 -23.54 25.94 2.47
C LEU C 403 -23.75 27.22 3.29
N THR C 404 -23.44 27.14 4.58
CA THR C 404 -23.46 28.30 5.45
C THR C 404 -22.60 28.06 6.68
N THR C 405 -22.12 29.13 7.27
CA THR C 405 -21.53 28.98 8.59
C THR C 405 -22.64 28.86 9.62
N MET C 406 -22.36 28.09 10.68
CA MET C 406 -23.36 27.95 11.73
C MET C 406 -23.65 29.28 12.41
N ALA C 407 -22.70 30.22 12.34
CA ALA C 407 -22.90 31.55 12.89
C ALA C 407 -24.09 32.27 12.26
N ALA C 408 -24.49 31.88 11.06
CA ALA C 408 -25.57 32.59 10.39
C ALA C 408 -26.90 32.39 11.10
N LEU C 409 -27.07 31.30 11.85
CA LEU C 409 -28.34 31.08 12.54
C LEU C 409 -28.63 32.21 13.52
N VAL C 410 -27.59 32.73 14.19
CA VAL C 410 -27.75 33.80 15.17
C VAL C 410 -27.56 35.19 14.59
N HIS C 411 -27.27 35.30 13.30
CA HIS C 411 -27.25 36.61 12.66
C HIS C 411 -28.67 37.13 12.46
N VAL C 412 -28.93 38.36 12.90
CA VAL C 412 -30.26 38.95 12.75
C VAL C 412 -30.19 40.05 11.71
N ASP C 413 -31.11 40.04 10.74
CA ASP C 413 -31.07 41.05 9.70
C ASP C 413 -31.72 42.34 10.20
N HIS C 414 -31.76 43.36 9.35
CA HIS C 414 -32.29 44.64 9.81
C HIS C 414 -33.81 44.64 9.94
N GLU C 415 -34.48 43.55 9.57
CA GLU C 415 -35.91 43.39 9.75
C GLU C 415 -36.25 42.48 10.93
N GLY C 416 -35.26 42.17 11.77
CA GLY C 416 -35.51 41.30 12.91
C GLY C 416 -35.78 39.84 12.60
N ARG C 417 -35.66 39.43 11.32
CA ARG C 417 -35.77 38.03 10.91
C ARG C 417 -34.36 37.42 10.91
N SER C 418 -34.11 36.46 11.80
CA SER C 418 -32.82 35.79 11.80
C SER C 418 -32.71 34.86 10.60
N VAL C 419 -31.50 34.35 10.34
CA VAL C 419 -31.38 33.37 9.27
C VAL C 419 -32.08 32.08 9.67
N ALA C 420 -31.92 31.67 10.94
CA ALA C 420 -32.76 30.61 11.47
C ALA C 420 -34.23 30.80 11.10
N GLY C 421 -34.75 32.02 11.28
CA GLY C 421 -36.07 32.38 10.84
C GLY C 421 -36.37 32.03 9.39
N GLU C 422 -35.75 32.72 8.42
CA GLU C 422 -36.04 32.45 7.02
C GLU C 422 -35.81 31.01 6.63
N LEU C 423 -34.98 30.27 7.37
CA LEU C 423 -34.80 28.87 7.01
C LEU C 423 -36.00 28.02 7.40
N ILE C 424 -36.64 28.35 8.52
CA ILE C 424 -37.82 27.61 8.95
C ILE C 424 -39.00 27.91 8.05
N ALA C 425 -39.15 29.17 7.62
CA ALA C 425 -40.29 29.56 6.78
C ALA C 425 -40.19 28.99 5.37
N ARG C 426 -38.96 28.85 4.85
CA ARG C 426 -38.80 28.26 3.52
C ARG C 426 -38.90 26.76 3.54
N SER C 427 -38.71 26.15 4.70
CA SER C 427 -38.73 24.72 4.82
C SER C 427 -40.12 24.20 5.12
N GLY C 428 -40.96 25.04 5.72
CA GLY C 428 -42.35 24.75 5.97
C GLY C 428 -42.62 23.86 7.16
N LEU C 429 -41.62 23.49 7.94
CA LEU C 429 -41.81 22.56 9.04
C LEU C 429 -42.28 23.27 10.30
N ALA C 430 -42.58 22.45 11.30
CA ALA C 430 -42.73 22.95 12.64
C ALA C 430 -41.36 23.31 13.19
N PRO C 431 -41.19 24.49 13.77
CA PRO C 431 -39.94 24.84 14.45
C PRO C 431 -39.33 23.74 15.30
N THR C 432 -40.12 23.05 16.13
CA THR C 432 -39.51 21.97 16.89
C THR C 432 -38.98 20.85 15.99
N ALA C 433 -39.52 20.71 14.78
CA ALA C 433 -39.01 19.70 13.85
C ALA C 433 -37.71 20.17 13.18
N TRP C 434 -37.74 21.32 12.51
CA TRP C 434 -36.54 21.89 11.92
C TRP C 434 -35.37 21.90 12.90
N LEU C 435 -35.63 22.23 14.16
CA LEU C 435 -34.59 22.17 15.18
C LEU C 435 -34.09 20.75 15.38
N ARG C 436 -35.01 19.79 15.46
CA ARG C 436 -34.64 18.40 15.65
C ARG C 436 -33.59 17.97 14.64
N HIS C 437 -33.81 18.32 13.38
CA HIS C 437 -32.84 17.97 12.34
C HIS C 437 -31.50 18.65 12.57
N TYR C 438 -31.52 19.93 12.95
CA TYR C 438 -30.28 20.63 13.24
C TYR C 438 -29.51 19.94 14.37
N LEU C 439 -30.18 19.68 15.49
CA LEU C 439 -29.50 19.03 16.61
C LEU C 439 -28.96 17.66 16.22
N ARG C 440 -29.71 16.91 15.40
CA ARG C 440 -29.21 15.63 14.90
C ARG C 440 -27.90 15.80 14.15
N ALA C 441 -27.74 16.92 13.43
CA ALA C 441 -26.54 17.11 12.63
C ALA C 441 -25.40 17.65 13.46
N TYR C 442 -25.65 18.69 14.26
CA TYR C 442 -24.62 19.43 14.97
C TYR C 442 -24.42 18.96 16.40
N TYR C 443 -25.51 18.72 17.12
CA TYR C 443 -25.43 18.48 18.55
C TYR C 443 -25.10 17.02 18.87
N THR C 444 -25.89 16.10 18.33
CA THR C 444 -25.73 14.68 18.66
C THR C 444 -24.30 14.15 18.50
N PRO C 445 -23.52 14.55 17.50
CA PRO C 445 -22.14 14.00 17.41
C PRO C 445 -21.28 14.35 18.60
N LEU C 446 -21.43 15.57 19.15
CA LEU C 446 -20.58 16.00 20.27
C LEU C 446 -20.79 15.15 21.51
N LEU C 447 -22.03 14.70 21.74
CA LEU C 447 -22.30 13.75 22.81
C LEU C 447 -21.46 12.49 22.65
N HIS C 448 -21.62 11.84 21.50
CA HIS C 448 -20.94 10.57 21.27
C HIS C 448 -19.43 10.74 21.31
N SER C 449 -18.92 11.82 20.72
CA SER C 449 -17.50 12.10 20.83
C SER C 449 -17.07 12.14 22.27
N PHE C 450 -17.85 12.83 23.11
CA PHE C 450 -17.51 12.92 24.52
C PHE C 450 -17.52 11.55 25.20
N TYR C 451 -18.68 10.89 25.20
CA TYR C 451 -18.85 9.70 26.04
C TYR C 451 -18.01 8.53 25.53
N ALA C 452 -18.19 8.15 24.26
CA ALA C 452 -17.54 6.96 23.71
C ALA C 452 -16.05 7.15 23.44
N TYR C 453 -15.57 8.39 23.31
CA TYR C 453 -14.16 8.59 23.01
C TYR C 453 -13.44 9.57 23.93
N ASP C 454 -14.15 10.28 24.81
CA ASP C 454 -13.55 11.31 25.66
C ASP C 454 -12.90 12.39 24.80
N LEU C 455 -13.71 12.95 23.91
CA LEU C 455 -13.23 13.81 22.83
C LEU C 455 -14.09 15.06 22.73
N ALA C 456 -13.47 16.23 22.86
CA ALA C 456 -14.15 17.51 22.76
C ALA C 456 -13.54 18.38 21.67
N PHE C 457 -14.39 19.14 20.99
CA PHE C 457 -14.01 20.04 19.91
C PHE C 457 -13.93 21.49 20.41
N MET C 458 -14.06 22.45 19.50
CA MET C 458 -14.41 23.82 19.84
C MET C 458 -15.44 24.26 18.81
N PRO C 459 -16.69 23.83 18.99
CA PRO C 459 -17.68 23.81 17.90
C PRO C 459 -18.53 25.07 17.86
N HIS C 460 -17.89 26.22 17.73
CA HIS C 460 -18.62 27.47 17.69
C HIS C 460 -18.94 27.86 16.24
N GLY C 461 -19.67 28.95 16.10
CA GLY C 461 -20.26 29.34 14.84
C GLY C 461 -19.30 29.48 13.70
N GLU C 462 -18.01 29.75 13.98
CA GLU C 462 -16.99 29.88 12.94
C GLU C 462 -16.39 28.54 12.53
N ASN C 463 -16.20 27.63 13.50
CA ASN C 463 -15.63 26.31 13.31
C ASN C 463 -16.65 25.25 12.85
N THR C 464 -17.82 25.68 12.40
CA THR C 464 -18.87 24.74 12.03
C THR C 464 -19.60 25.27 10.81
N ILE C 465 -19.80 24.41 9.83
CA ILE C 465 -20.55 24.72 8.62
C ILE C 465 -21.77 23.82 8.59
N LEU C 466 -22.88 24.33 8.10
CA LEU C 466 -24.07 23.53 7.89
C LEU C 466 -24.35 23.39 6.40
N VAL C 467 -24.93 22.23 6.03
CA VAL C 467 -25.43 21.99 4.68
C VAL C 467 -26.94 22.11 4.69
N LEU C 468 -27.49 22.73 3.64
CA LEU C 468 -28.91 23.08 3.56
C LEU C 468 -29.51 22.67 2.22
N LYS C 469 -30.67 22.02 2.27
CA LYS C 469 -31.44 21.63 1.10
C LYS C 469 -32.90 21.84 1.46
N ASP C 470 -33.65 22.50 0.56
CA ASP C 470 -35.05 22.86 0.82
C ASP C 470 -35.19 23.56 2.17
N GLY C 471 -34.18 24.36 2.53
CA GLY C 471 -34.15 25.09 3.78
C GLY C 471 -33.93 24.26 5.03
N VAL C 472 -33.70 22.96 4.91
CA VAL C 472 -33.50 22.10 6.08
C VAL C 472 -32.02 21.74 6.18
N VAL C 473 -31.52 21.71 7.41
CA VAL C 473 -30.14 21.33 7.69
C VAL C 473 -29.99 19.82 7.53
N GLN C 474 -29.13 19.40 6.61
CA GLN C 474 -28.92 17.98 6.36
C GLN C 474 -27.79 17.39 7.20
N ARG C 475 -26.66 18.08 7.34
CA ARG C 475 -25.51 17.53 8.04
C ARG C 475 -24.58 18.67 8.43
N ALA C 476 -23.69 18.41 9.39
CA ALA C 476 -22.71 19.40 9.85
C ALA C 476 -21.30 19.06 9.41
N VAL C 477 -20.49 20.10 9.23
CA VAL C 477 -19.08 19.96 8.87
C VAL C 477 -18.24 20.72 9.88
N TYR C 478 -17.30 20.00 10.52
CA TYR C 478 -16.41 20.56 11.51
C TYR C 478 -15.07 20.93 10.87
N LYS C 479 -14.47 22.03 11.35
CA LYS C 479 -13.16 22.48 10.91
C LYS C 479 -12.42 23.00 12.13
N ASP C 480 -11.26 23.62 11.89
CA ASP C 480 -10.26 23.91 12.92
C ASP C 480 -10.12 22.68 13.79
N ILE C 481 -9.41 21.69 13.30
CA ILE C 481 -9.42 20.41 14.01
C ILE C 481 -8.16 20.30 14.85
N ALA C 482 -6.99 20.32 14.22
CA ALA C 482 -5.77 19.93 14.91
C ALA C 482 -5.51 20.82 16.12
N GLU C 483 -5.57 22.14 15.94
CA GLU C 483 -5.30 23.08 17.02
C GLU C 483 -6.27 22.87 18.21
N GLU C 484 -7.51 22.50 17.93
CA GLU C 484 -8.58 22.69 18.91
C GLU C 484 -9.12 21.41 19.55
N ILE C 485 -8.71 20.23 19.12
CA ILE C 485 -9.32 19.03 19.70
C ILE C 485 -8.45 18.53 20.84
N VAL C 486 -9.12 17.89 21.80
CA VAL C 486 -8.46 17.26 22.94
C VAL C 486 -9.14 15.92 23.22
N VAL C 487 -8.35 14.93 23.66
CA VAL C 487 -8.88 13.71 24.25
C VAL C 487 -8.51 13.70 25.73
N MET C 488 -9.53 13.53 26.58
CA MET C 488 -9.37 13.69 28.02
C MET C 488 -9.24 12.32 28.68
N ASP C 489 -8.09 11.71 28.43
CA ASP C 489 -7.78 10.33 28.75
C ASP C 489 -6.29 10.18 28.46
N PRO C 490 -5.41 10.53 29.40
CA PRO C 490 -3.97 10.43 29.14
C PRO C 490 -3.47 9.00 29.02
N ASP C 491 -4.30 8.00 29.33
CA ASP C 491 -3.93 6.59 29.17
C ASP C 491 -4.55 5.98 27.91
N ALA C 492 -4.99 6.80 26.96
CA ALA C 492 -5.65 6.29 25.75
C ALA C 492 -4.64 5.88 24.69
N VAL C 493 -5.03 4.88 23.90
CA VAL C 493 -4.16 4.33 22.85
C VAL C 493 -4.37 5.14 21.58
N LEU C 494 -3.29 5.71 21.06
CA LEU C 494 -3.38 6.58 19.89
C LEU C 494 -2.09 6.47 19.10
N PRO C 495 -2.17 6.59 17.77
CA PRO C 495 -0.96 6.60 16.92
C PRO C 495 0.04 7.63 17.41
N PRO C 496 1.34 7.47 17.09
CA PRO C 496 2.36 8.23 17.82
C PRO C 496 2.20 9.74 17.70
N GLU C 497 1.93 10.28 16.50
CA GLU C 497 1.81 11.73 16.34
C GLU C 497 0.51 12.31 16.93
N VAL C 498 -0.56 11.52 17.03
CA VAL C 498 -1.80 12.01 17.62
C VAL C 498 -1.77 12.00 19.14
N ARG C 499 -0.74 11.42 19.75
CA ARG C 499 -0.70 11.29 21.20
C ARG C 499 -0.63 12.64 21.91
N ARG C 500 -0.10 13.70 21.26
CA ARG C 500 0.11 14.96 21.97
C ARG C 500 -1.18 15.72 22.26
N VAL C 501 -2.33 15.32 21.71
CA VAL C 501 -3.59 15.98 22.06
C VAL C 501 -4.24 15.42 23.32
N ARG C 502 -3.63 14.41 23.95
CA ARG C 502 -4.15 13.93 25.22
C ARG C 502 -3.90 14.97 26.32
N ALA C 503 -4.89 15.15 27.19
CA ALA C 503 -4.76 16.09 28.29
C ALA C 503 -5.57 15.61 29.48
N GLU C 504 -4.98 15.74 30.67
CA GLU C 504 -5.58 15.32 31.94
C GLU C 504 -6.41 16.49 32.46
N VAL C 505 -7.66 16.55 32.05
CA VAL C 505 -8.62 17.52 32.59
C VAL C 505 -9.11 16.97 33.92
N PRO C 506 -9.33 17.82 34.94
CA PRO C 506 -9.98 17.35 36.16
C PRO C 506 -11.31 16.68 35.84
N GLU C 507 -11.86 15.96 36.83
CA GLU C 507 -13.05 15.18 36.58
C GLU C 507 -14.27 16.08 36.35
N ASP C 508 -14.47 17.08 37.20
CA ASP C 508 -15.33 18.18 36.79
C ASP C 508 -14.71 18.84 35.56
N MET C 509 -15.36 19.88 35.04
CA MET C 509 -14.81 20.64 33.92
C MET C 509 -14.92 19.88 32.58
N LYS C 510 -14.78 18.55 32.61
CA LYS C 510 -14.74 17.76 31.39
C LYS C 510 -15.94 18.04 30.48
N LEU C 511 -17.14 18.16 31.06
CA LEU C 511 -18.36 18.40 30.30
C LEU C 511 -18.51 19.85 29.83
N LEU C 512 -17.60 20.77 30.20
CA LEU C 512 -17.85 22.16 29.84
C LEU C 512 -17.82 22.36 28.33
N SER C 513 -17.16 21.45 27.61
CA SER C 513 -17.14 21.53 26.15
C SER C 513 -18.53 21.45 25.56
N ILE C 514 -19.50 20.94 26.31
CA ILE C 514 -20.90 21.02 25.91
C ILE C 514 -21.61 22.19 26.58
N PHE C 515 -21.39 22.38 27.89
CA PHE C 515 -22.10 23.41 28.64
C PHE C 515 -21.74 24.81 28.18
N THR C 516 -20.47 25.17 28.31
CA THR C 516 -20.07 26.54 28.03
C THR C 516 -19.97 26.78 26.53
N ASP C 517 -19.32 25.86 25.82
CA ASP C 517 -19.03 26.12 24.42
C ASP C 517 -20.25 25.92 23.52
N VAL C 518 -21.19 25.04 23.90
CA VAL C 518 -22.37 24.73 23.07
C VAL C 518 -23.65 25.31 23.67
N PHE C 519 -23.89 25.09 24.95
CA PHE C 519 -25.09 25.66 25.59
C PHE C 519 -24.92 27.14 25.89
N ASP C 520 -23.94 27.45 26.74
CA ASP C 520 -23.77 28.80 27.27
C ASP C 520 -23.34 29.79 26.20
N CYS C 521 -22.61 29.34 25.17
CA CYS C 521 -22.01 30.27 24.21
C CYS C 521 -22.65 30.23 22.84
N PHE C 522 -23.72 29.46 22.65
CA PHE C 522 -24.42 29.47 21.38
C PHE C 522 -25.92 29.28 21.56
N PHE C 523 -26.35 28.20 22.22
CA PHE C 523 -27.77 27.92 22.31
C PHE C 523 -28.51 28.98 23.11
N ARG C 524 -27.87 29.51 24.16
CA ARG C 524 -28.29 30.74 24.82
C ARG C 524 -28.83 31.77 23.84
N PHE C 525 -28.01 32.10 22.84
CA PHE C 525 -28.38 33.13 21.88
C PHE C 525 -29.36 32.62 20.84
N LEU C 526 -29.30 31.34 20.48
CA LEU C 526 -30.23 30.81 19.49
C LEU C 526 -31.64 30.73 20.05
N ALA C 527 -31.80 30.12 21.23
CA ALA C 527 -33.12 30.07 21.86
C ALA C 527 -33.66 31.49 22.06
N ALA C 528 -32.87 32.37 22.66
CA ALA C 528 -33.36 33.70 23.00
C ALA C 528 -33.82 34.45 21.75
N GLY C 529 -33.04 34.41 20.67
CA GLY C 529 -33.40 35.16 19.48
C GLY C 529 -34.65 34.64 18.80
N LEU C 530 -34.80 33.32 18.76
CA LEU C 530 -35.99 32.73 18.14
C LEU C 530 -37.25 33.00 18.97
N ALA C 531 -37.12 33.01 20.30
CA ALA C 531 -38.26 33.37 21.14
C ALA C 531 -38.69 34.80 20.89
N THR C 532 -37.72 35.72 20.90
CA THR C 532 -38.01 37.12 20.64
C THR C 532 -38.60 37.32 19.25
N GLU C 533 -37.96 36.72 18.24
CA GLU C 533 -38.45 36.77 16.86
C GLU C 533 -39.89 36.25 16.72
N GLU C 534 -40.42 35.60 17.77
CA GLU C 534 -41.73 34.93 17.79
C GLU C 534 -41.78 33.80 16.77
N VAL C 535 -41.09 32.70 17.13
CA VAL C 535 -40.93 31.53 16.28
C VAL C 535 -40.85 30.27 17.13
N LEU C 536 -40.24 30.38 18.32
CA LEU C 536 -40.04 29.21 19.16
C LEU C 536 -39.83 29.64 20.60
N ALA C 537 -40.58 29.06 21.52
CA ALA C 537 -40.43 29.38 22.93
C ALA C 537 -39.25 28.66 23.55
N GLU C 538 -38.60 29.32 24.51
CA GLU C 538 -37.53 28.69 25.27
C GLU C 538 -37.95 27.31 25.76
N ASP C 539 -39.16 27.20 26.30
CA ASP C 539 -39.65 25.92 26.78
C ASP C 539 -39.59 24.87 25.68
N ASP C 540 -40.24 25.15 24.54
CA ASP C 540 -40.21 24.21 23.43
C ASP C 540 -38.78 23.90 22.99
N PHE C 541 -37.91 24.92 23.00
CA PHE C 541 -36.54 24.74 22.57
C PHE C 541 -35.84 23.70 23.41
N TRP C 542 -35.61 23.99 24.68
CA TRP C 542 -34.86 23.06 25.52
C TRP C 542 -35.58 21.73 25.69
N ARG C 543 -36.91 21.72 25.52
CA ARG C 543 -37.61 20.46 25.38
C ARG C 543 -36.98 19.63 24.26
N THR C 544 -36.88 20.22 23.07
CA THR C 544 -36.34 19.51 21.93
C THR C 544 -34.87 19.12 22.13
N VAL C 545 -34.14 19.84 22.97
CA VAL C 545 -32.77 19.41 23.26
C VAL C 545 -32.78 18.18 24.14
N ALA C 546 -33.68 18.15 25.12
CA ALA C 546 -33.81 16.97 25.97
C ALA C 546 -34.30 15.76 25.18
N GLU C 547 -35.37 15.95 24.39
CA GLU C 547 -35.89 14.90 23.53
C GLU C 547 -34.78 14.26 22.70
N VAL C 548 -33.90 15.08 22.14
CA VAL C 548 -32.81 14.58 21.30
C VAL C 548 -31.70 13.98 22.15
N THR C 549 -31.44 14.54 23.33
CA THR C 549 -30.40 13.97 24.17
C THR C 549 -30.77 12.58 24.66
N ARG C 550 -32.03 12.38 25.07
CA ARG C 550 -32.46 11.04 25.46
C ARG C 550 -32.56 10.11 24.26
N GLU C 551 -33.08 10.62 23.15
CA GLU C 551 -33.04 9.89 21.87
C GLU C 551 -31.66 9.26 21.64
N TYR C 552 -30.59 10.04 21.84
CA TYR C 552 -29.25 9.46 21.83
C TYR C 552 -29.08 8.50 22.99
N GLN C 553 -29.54 8.88 24.17
CA GLN C 553 -29.14 8.17 25.38
C GLN C 553 -29.86 6.83 25.50
N GLU C 554 -31.11 6.77 25.08
CA GLU C 554 -31.94 5.57 25.13
C GLU C 554 -31.59 4.58 24.06
N ALA C 555 -30.48 4.86 23.38
CA ALA C 555 -29.97 4.00 22.32
C ALA C 555 -28.62 3.37 22.64
N HIS C 556 -27.99 3.72 23.75
CA HIS C 556 -26.66 3.20 24.07
C HIS C 556 -26.54 2.98 25.57
N PRO C 557 -27.18 1.93 26.09
CA PRO C 557 -27.06 1.62 27.52
C PRO C 557 -25.69 1.13 27.93
N GLU C 558 -24.82 0.76 26.98
CA GLU C 558 -23.48 0.31 27.32
C GLU C 558 -22.66 1.41 27.98
N LEU C 559 -23.07 2.66 27.81
CA LEU C 559 -22.35 3.78 28.40
C LEU C 559 -23.10 4.40 29.56
N ASP C 560 -24.16 3.75 30.06
CA ASP C 560 -24.94 4.28 31.18
C ASP C 560 -24.03 4.67 32.33
N ASP C 561 -22.96 3.92 32.55
CA ASP C 561 -21.98 4.28 33.57
C ASP C 561 -21.46 5.70 33.38
N ARG C 562 -21.39 6.18 32.14
CA ARG C 562 -20.90 7.51 31.87
C ARG C 562 -22.03 8.54 31.76
N PHE C 563 -23.22 8.12 31.33
CA PHE C 563 -24.38 9.02 31.33
C PHE C 563 -24.69 9.52 32.73
N ARG C 564 -24.44 8.70 33.74
CA ARG C 564 -24.58 9.09 35.14
C ARG C 564 -23.31 9.74 35.70
N GLN C 565 -22.13 9.36 35.19
CA GLN C 565 -20.87 9.96 35.59
C GLN C 565 -20.71 11.37 35.05
N TYR C 566 -21.52 11.76 34.06
CA TYR C 566 -21.39 13.04 33.37
C TYR C 566 -22.80 13.46 32.95
N ASP C 567 -23.56 13.96 33.90
CA ASP C 567 -24.98 14.16 33.69
C ASP C 567 -25.24 15.48 32.99
N LEU C 568 -25.91 15.40 31.83
CA LEU C 568 -26.33 16.55 31.03
C LEU C 568 -27.66 17.12 31.49
N PHE C 569 -28.36 16.45 32.40
CA PHE C 569 -29.64 16.93 32.91
C PHE C 569 -29.52 17.44 34.36
N ALA C 570 -28.30 17.49 34.92
CA ALA C 570 -27.97 18.01 36.23
C ALA C 570 -28.63 19.37 36.43
N PRO C 571 -29.00 19.73 37.66
CA PRO C 571 -29.77 20.97 37.83
C PRO C 571 -28.94 22.21 37.54
N GLU C 572 -27.63 22.14 37.78
CA GLU C 572 -26.77 23.30 37.68
C GLU C 572 -25.39 22.88 37.21
N PHE C 573 -24.69 23.81 36.56
CA PHE C 573 -23.31 23.61 36.15
C PHE C 573 -22.57 24.93 36.19
N ALA C 574 -21.25 24.86 36.07
CA ALA C 574 -20.37 26.01 36.30
C ALA C 574 -20.65 27.13 35.31
N LEU C 575 -20.51 28.37 35.78
CA LEU C 575 -20.47 29.55 34.92
C LEU C 575 -19.02 29.77 34.49
N SER C 576 -18.70 29.40 33.25
CA SER C 576 -17.38 29.63 32.70
C SER C 576 -17.34 31.00 32.06
N CYS C 577 -16.62 31.92 32.68
CA CYS C 577 -16.62 33.32 32.26
C CYS C 577 -15.55 33.55 31.21
N LEU C 578 -15.96 33.80 29.97
CA LEU C 578 -14.99 33.98 28.90
C LEU C 578 -14.27 35.31 29.01
N ASN C 579 -15.04 36.41 29.04
CA ASN C 579 -14.46 37.76 28.95
C ASN C 579 -13.46 38.01 30.07
N ARG C 580 -13.63 37.35 31.21
CA ARG C 580 -12.67 37.52 32.29
C ARG C 580 -11.28 37.03 31.90
N LEU C 581 -11.19 36.03 31.03
CA LEU C 581 -9.88 35.57 30.55
C LEU C 581 -9.20 36.65 29.71
N GLN C 582 -9.93 37.19 28.73
CA GLN C 582 -9.39 38.26 27.91
C GLN C 582 -9.00 39.47 28.75
N LEU C 583 -9.73 39.69 29.86
CA LEU C 583 -9.44 40.83 30.72
C LEU C 583 -8.19 40.62 31.58
N ARG C 584 -7.86 39.37 31.94
CA ARG C 584 -6.65 39.12 32.73
C ARG C 584 -5.38 39.10 31.87
N ASP C 585 -5.53 38.81 30.58
CA ASP C 585 -4.44 38.74 29.61
C ASP C 585 -5.10 38.66 28.24
N ASN C 586 -4.95 39.69 27.40
CA ASN C 586 -5.56 39.64 26.08
C ASN C 586 -4.57 39.27 24.98
N ARG C 587 -3.34 38.89 25.36
CA ARG C 587 -2.34 38.35 24.45
C ARG C 587 -2.42 36.83 24.36
N GLN C 588 -2.66 36.18 25.50
CA GLN C 588 -2.61 34.73 25.64
C GLN C 588 -3.62 34.40 26.74
N MET C 589 -4.90 34.37 26.36
CA MET C 589 -6.00 34.12 27.31
C MET C 589 -5.72 32.90 28.18
N VAL C 590 -5.35 31.78 27.57
CA VAL C 590 -5.00 30.56 28.27
C VAL C 590 -3.56 30.20 27.95
N ASP C 591 -2.88 29.61 28.93
CA ASP C 591 -1.60 28.94 28.66
C ASP C 591 -1.89 27.65 27.91
N LEU C 592 -1.15 27.42 26.82
CA LEU C 592 -1.51 26.33 25.93
C LEU C 592 -1.13 24.97 26.51
N ALA C 593 -0.05 24.90 27.30
CA ALA C 593 0.33 23.65 27.96
C ALA C 593 -0.59 23.30 29.13
N ASP C 594 -1.38 24.27 29.61
CA ASP C 594 -2.35 24.06 30.69
C ASP C 594 -3.53 24.98 30.44
N PRO C 595 -4.47 24.56 29.58
CA PRO C 595 -5.61 25.42 29.25
C PRO C 595 -6.81 25.25 30.17
N SER C 596 -6.83 24.21 31.00
CA SER C 596 -7.89 24.06 31.99
C SER C 596 -7.57 24.74 33.32
N ALA C 597 -6.44 25.44 33.42
CA ALA C 597 -6.08 26.21 34.61
C ALA C 597 -6.40 27.68 34.50
N ALA C 598 -6.52 28.19 33.27
CA ALA C 598 -6.72 29.61 33.09
C ALA C 598 -8.17 30.03 33.35
N LEU C 599 -9.13 29.12 33.19
CA LEU C 599 -10.53 29.52 33.23
C LEU C 599 -10.93 30.08 34.59
N GLN C 600 -11.96 30.91 34.56
CA GLN C 600 -12.51 31.56 35.74
C GLN C 600 -13.93 31.04 35.85
N LEU C 601 -14.11 29.96 36.60
CA LEU C 601 -15.42 29.41 36.92
C LEU C 601 -15.91 30.08 38.19
N VAL C 602 -16.90 30.96 38.06
CA VAL C 602 -17.36 31.84 39.15
C VAL C 602 -18.88 31.70 39.21
N GLY C 603 -19.37 30.75 40.00
CA GLY C 603 -20.82 30.62 40.17
C GLY C 603 -21.44 29.48 39.41
N THR C 604 -22.72 29.60 39.03
CA THR C 604 -23.45 28.47 38.47
C THR C 604 -24.77 28.93 37.86
N LEU C 605 -25.29 28.14 36.90
CA LEU C 605 -26.47 28.49 36.14
C LEU C 605 -27.55 27.42 36.28
N ARG C 606 -28.81 27.85 36.22
CA ARG C 606 -29.92 26.90 36.13
C ARG C 606 -29.91 26.27 34.75
N ASN C 607 -29.52 25.00 34.69
CA ASN C 607 -29.56 24.24 33.45
C ASN C 607 -31.02 24.02 33.04
N PRO C 608 -31.40 24.35 31.80
CA PRO C 608 -32.80 24.20 31.40
C PRO C 608 -33.29 22.76 31.43
N LEU C 609 -32.40 21.79 31.25
CA LEU C 609 -32.80 20.42 31.00
C LEU C 609 -33.29 19.69 32.25
N ALA C 610 -33.20 20.29 33.44
CA ALA C 610 -33.59 19.59 34.67
C ALA C 610 -35.04 19.12 34.59
N GLY C 611 -35.94 19.95 34.07
CA GLY C 611 -37.32 19.57 33.91
C GLY C 611 -37.58 18.60 32.77
N SER D 22 -8.56 -19.77 -10.99
CA SER D 22 -9.73 -19.67 -11.85
C SER D 22 -10.54 -18.42 -11.56
N LEU D 23 -11.05 -18.28 -10.33
CA LEU D 23 -11.75 -17.06 -9.95
C LEU D 23 -10.91 -15.82 -10.23
N THR D 24 -9.65 -15.85 -9.81
CA THR D 24 -8.75 -14.70 -9.94
C THR D 24 -8.15 -14.60 -11.34
N ASP D 25 -7.86 -15.74 -11.98
CA ASP D 25 -7.38 -15.72 -13.36
C ASP D 25 -8.41 -15.09 -14.28
N ALA D 26 -9.70 -15.29 -13.98
CA ALA D 26 -10.75 -14.84 -14.87
C ALA D 26 -10.73 -13.33 -15.06
N VAL D 27 -10.46 -12.56 -14.00
CA VAL D 27 -10.47 -11.11 -14.13
C VAL D 27 -9.06 -10.53 -14.26
N ALA D 28 -8.06 -11.36 -14.54
CA ALA D 28 -6.67 -10.92 -14.57
C ALA D 28 -6.45 -9.81 -15.59
N HIS D 29 -7.19 -9.84 -16.70
CA HIS D 29 -7.05 -8.79 -17.68
C HIS D 29 -7.63 -7.47 -17.19
N LEU D 30 -8.35 -7.47 -16.07
CA LEU D 30 -8.95 -6.23 -15.56
C LEU D 30 -7.96 -5.53 -14.61
N SER D 31 -6.89 -4.94 -15.22
CA SER D 31 -5.86 -4.14 -14.55
C SER D 31 -6.13 -2.65 -14.75
N PRO D 32 -5.67 -1.79 -13.83
CA PRO D 32 -5.86 -0.34 -14.04
C PRO D 32 -5.20 0.17 -15.31
N GLU D 33 -3.98 -0.28 -15.59
CA GLU D 33 -3.24 0.23 -16.74
C GLU D 33 -3.94 -0.11 -18.04
N ARG D 34 -4.39 -1.37 -18.18
CA ARG D 34 -5.15 -1.74 -19.38
C ARG D 34 -6.51 -1.08 -19.39
N TRP D 35 -7.15 -0.94 -18.23
CA TRP D 35 -8.40 -0.20 -18.19
C TRP D 35 -8.18 1.26 -18.60
N GLU D 36 -7.07 1.87 -18.15
CA GLU D 36 -6.79 3.25 -18.55
C GLU D 36 -6.67 3.38 -20.05
N GLU D 37 -5.96 2.45 -20.67
CA GLU D 37 -5.81 2.45 -22.12
C GLU D 37 -7.17 2.29 -22.80
N ALA D 38 -7.86 1.16 -22.55
CA ALA D 38 -9.14 0.91 -23.22
C ALA D 38 -10.06 2.13 -23.14
N ASN D 39 -10.14 2.77 -21.99
CA ASN D 39 -10.93 3.98 -21.88
C ASN D 39 -10.44 5.05 -22.84
N ARG D 40 -9.12 5.24 -22.94
CA ARG D 40 -8.58 6.24 -23.87
C ARG D 40 -9.00 5.96 -25.31
N LEU D 41 -8.84 4.71 -25.77
CA LEU D 41 -9.18 4.45 -27.18
C LEU D 41 -10.67 4.53 -27.43
N LEU D 42 -11.48 4.10 -26.47
CA LEU D 42 -12.93 4.18 -26.66
C LEU D 42 -13.38 5.62 -26.75
N VAL D 43 -12.92 6.47 -25.83
CA VAL D 43 -13.33 7.86 -25.91
C VAL D 43 -12.73 8.53 -27.15
N ARG D 44 -11.54 8.11 -27.58
CA ARG D 44 -11.05 8.59 -28.86
C ARG D 44 -11.99 8.19 -29.99
N LYS D 45 -12.55 6.98 -29.95
CA LYS D 45 -13.50 6.58 -30.97
C LYS D 45 -14.82 7.33 -30.83
N ALA D 46 -15.36 7.38 -29.60
CA ALA D 46 -16.62 8.07 -29.40
C ALA D 46 -16.53 9.53 -29.86
N LEU D 47 -15.41 10.19 -29.56
CA LEU D 47 -15.27 11.56 -30.04
C LEU D 47 -15.33 11.61 -31.56
N ALA D 48 -14.54 10.75 -32.20
CA ALA D 48 -14.33 10.87 -33.63
C ALA D 48 -15.56 10.47 -34.43
N GLU D 49 -16.44 9.63 -33.84
CA GLU D 49 -17.60 9.16 -34.60
C GLU D 49 -18.88 9.90 -34.24
N PHE D 50 -19.04 10.33 -32.99
CA PHE D 50 -20.16 11.21 -32.69
C PHE D 50 -19.97 12.57 -33.36
N ALA D 51 -18.72 13.04 -33.50
CA ALA D 51 -18.46 14.24 -34.30
C ALA D 51 -18.86 14.03 -35.76
N HIS D 52 -18.47 12.90 -36.34
CA HIS D 52 -18.85 12.55 -37.71
C HIS D 52 -20.36 12.61 -37.87
N GLU D 53 -21.08 12.05 -36.91
CA GLU D 53 -22.53 12.03 -36.96
C GLU D 53 -23.16 13.31 -36.47
N ARG D 54 -22.33 14.33 -36.22
CA ARG D 54 -22.80 15.67 -35.86
C ARG D 54 -23.73 15.66 -34.63
N LEU D 55 -23.55 14.69 -33.75
CA LEU D 55 -24.16 14.76 -32.42
C LEU D 55 -23.57 15.93 -31.64
N PHE D 56 -22.34 16.31 -31.96
CA PHE D 56 -21.82 17.58 -31.50
C PHE D 56 -20.83 18.09 -32.53
N THR D 57 -20.48 19.37 -32.42
CA THR D 57 -19.60 20.03 -33.37
C THR D 57 -18.44 20.63 -32.60
N PRO D 58 -17.29 19.97 -32.60
CA PRO D 58 -16.13 20.50 -31.87
C PRO D 58 -15.73 21.87 -32.37
N GLU D 59 -15.69 22.86 -31.42
CA GLU D 59 -15.24 24.22 -31.72
C GLU D 59 -13.73 24.24 -31.82
N PRO D 60 -13.18 24.93 -32.82
CA PRO D 60 -11.72 25.08 -32.88
C PRO D 60 -11.21 25.73 -31.62
N ALA D 61 -10.39 24.99 -30.87
CA ALA D 61 -9.78 25.55 -29.67
C ALA D 61 -8.81 26.66 -30.05
N ASP D 62 -8.86 27.76 -29.30
CA ASP D 62 -8.05 28.92 -29.62
C ASP D 62 -6.57 28.57 -29.59
N GLY D 63 -5.86 28.89 -30.66
CA GLY D 63 -4.42 28.99 -30.66
C GLY D 63 -3.67 27.93 -31.43
N GLN D 64 -4.11 26.67 -31.36
CA GLN D 64 -3.52 25.58 -32.13
C GLN D 64 -4.56 25.13 -33.12
N ASP D 65 -4.21 25.16 -34.41
CA ASP D 65 -5.23 24.92 -35.45
C ASP D 65 -5.80 23.51 -35.36
N GLY D 66 -4.98 22.53 -35.00
CA GLY D 66 -5.45 21.17 -34.93
C GLY D 66 -6.20 20.81 -33.66
N ARG D 67 -6.22 21.68 -32.65
CA ARG D 67 -6.84 21.38 -31.37
C ARG D 67 -8.31 21.78 -31.41
N TYR D 68 -9.15 20.99 -30.73
CA TYR D 68 -10.59 21.22 -30.68
C TYR D 68 -11.10 20.95 -29.26
N VAL D 69 -12.33 21.39 -28.99
CA VAL D 69 -12.99 21.16 -27.70
C VAL D 69 -14.41 20.67 -27.92
N VAL D 70 -14.86 19.79 -27.02
CA VAL D 70 -16.22 19.25 -26.98
C VAL D 70 -16.67 19.27 -25.52
N ARG D 71 -17.86 19.82 -25.25
CA ARG D 71 -18.29 20.09 -23.88
C ARG D 71 -19.49 19.23 -23.50
N SER D 72 -19.67 19.04 -22.19
CA SER D 72 -20.71 18.18 -21.67
C SER D 72 -22.07 18.87 -21.77
N ASP D 73 -23.10 18.17 -21.24
CA ASP D 73 -24.45 18.76 -21.24
C ASP D 73 -24.44 20.13 -20.57
N ASP D 74 -23.99 20.18 -19.32
CA ASP D 74 -24.05 21.42 -18.56
C ASP D 74 -22.91 22.38 -18.91
N GLY D 75 -22.02 22.02 -19.83
CA GLY D 75 -20.94 22.89 -20.24
C GLY D 75 -19.71 22.84 -19.37
N LEU D 76 -19.78 22.21 -18.19
CA LEU D 76 -18.72 22.38 -17.20
C LEU D 76 -17.56 21.42 -17.42
N THR D 77 -17.81 20.25 -18.01
CA THR D 77 -16.76 19.30 -18.34
C THR D 77 -16.31 19.55 -19.78
N SER D 78 -15.01 19.81 -19.97
CA SER D 78 -14.44 20.09 -21.28
C SER D 78 -13.58 18.91 -21.72
N TYR D 79 -13.81 18.43 -22.94
CA TYR D 79 -12.99 17.40 -23.56
C TYR D 79 -12.18 18.03 -24.69
N ARG D 80 -10.85 18.04 -24.55
CA ARG D 80 -9.94 18.67 -25.49
C ARG D 80 -9.04 17.62 -26.13
N PHE D 81 -8.73 17.82 -27.42
CA PHE D 81 -7.95 16.85 -28.19
C PHE D 81 -7.44 17.50 -29.47
N THR D 82 -6.40 16.90 -30.05
CA THR D 82 -5.97 17.26 -31.39
C THR D 82 -6.56 16.28 -32.39
N ALA D 83 -6.68 16.70 -33.65
CA ALA D 83 -7.42 15.88 -34.60
C ALA D 83 -7.14 16.34 -36.03
N VAL D 84 -6.90 15.36 -36.90
CA VAL D 84 -6.67 15.60 -38.32
C VAL D 84 -7.97 15.36 -39.07
N ARG D 85 -8.46 16.37 -39.79
CA ARG D 85 -9.75 16.26 -40.48
C ARG D 85 -9.60 15.70 -41.88
N ARG D 86 -10.33 14.62 -42.18
CA ARG D 86 -10.17 13.98 -43.49
C ARG D 86 -11.49 13.82 -44.23
N ALA D 87 -11.44 13.16 -45.37
CA ALA D 87 -12.57 13.11 -46.29
C ALA D 87 -13.81 12.49 -45.64
N LEU D 88 -14.97 12.77 -46.22
CA LEU D 88 -16.26 12.27 -45.72
C LEU D 88 -16.50 12.68 -44.27
N ASP D 89 -16.11 13.90 -43.90
CA ASP D 89 -16.26 14.41 -42.54
C ASP D 89 -15.66 13.45 -41.53
N HIS D 90 -14.53 12.85 -41.89
CA HIS D 90 -13.82 11.99 -40.97
C HIS D 90 -13.12 12.83 -39.90
N TRP D 91 -12.88 12.22 -38.74
CA TRP D 91 -12.11 12.85 -37.64
C TRP D 91 -11.01 11.89 -37.14
N GLN D 92 -9.80 12.05 -37.68
CA GLN D 92 -8.63 11.33 -37.21
C GLN D 92 -8.20 11.94 -35.87
N VAL D 93 -8.90 11.55 -34.79
CA VAL D 93 -8.62 12.05 -33.45
C VAL D 93 -7.42 11.32 -32.89
N ASP D 94 -6.58 12.05 -32.17
CA ASP D 94 -5.37 11.49 -31.58
C ASP D 94 -5.63 10.95 -30.18
N ALA D 95 -5.36 9.65 -29.99
CA ALA D 95 -5.59 9.03 -28.69
C ALA D 95 -4.90 9.79 -27.55
N GLY D 96 -3.63 10.15 -27.72
CA GLY D 96 -2.86 10.67 -26.61
C GLY D 96 -3.25 12.08 -26.21
N SER D 97 -3.79 12.86 -27.15
CA SER D 97 -4.06 14.28 -26.90
C SER D 97 -5.26 14.52 -26.02
N ILE D 98 -6.06 13.50 -25.72
CA ILE D 98 -7.36 13.74 -25.10
C ILE D 98 -7.14 14.08 -23.63
N THR D 99 -7.70 15.21 -23.20
CA THR D 99 -7.68 15.62 -21.81
C THR D 99 -9.10 15.91 -21.34
N ARG D 100 -9.35 15.73 -20.05
CA ARG D 100 -10.67 15.96 -19.46
C ARG D 100 -10.52 17.04 -18.39
N THR D 101 -11.22 18.17 -18.57
CA THR D 101 -11.04 19.38 -17.78
C THR D 101 -12.37 19.81 -17.18
N ARG D 102 -12.37 20.04 -15.86
CA ARG D 102 -13.51 20.63 -15.18
C ARG D 102 -12.99 21.61 -14.13
N ASP D 103 -13.48 22.85 -14.18
CA ASP D 103 -13.03 23.91 -13.29
C ASP D 103 -11.53 24.17 -13.45
N GLY D 104 -11.03 23.99 -14.69
CA GLY D 104 -9.63 24.06 -15.00
C GLY D 104 -8.77 22.91 -14.49
N ALA D 105 -9.33 22.01 -13.69
CA ALA D 105 -8.62 20.89 -13.10
C ALA D 105 -8.72 19.64 -13.98
N GLU D 106 -7.62 18.90 -14.09
CA GLU D 106 -7.61 17.67 -14.88
C GLU D 106 -8.27 16.52 -14.13
N LEU D 107 -9.07 15.74 -14.86
CA LEU D 107 -9.76 14.54 -14.40
C LEU D 107 -9.37 13.36 -15.29
N PRO D 108 -9.57 12.12 -14.82
CA PRO D 108 -9.21 10.98 -15.65
C PRO D 108 -10.34 10.57 -16.60
N LEU D 109 -9.94 9.98 -17.73
CA LEU D 109 -10.85 9.62 -18.84
C LEU D 109 -11.64 8.37 -18.50
N ALA D 110 -12.88 8.52 -18.06
CA ALA D 110 -13.77 7.40 -17.81
C ALA D 110 -14.87 7.43 -18.86
N ALA D 111 -14.77 6.53 -19.84
CA ALA D 111 -15.82 6.38 -20.84
C ALA D 111 -17.20 6.41 -20.19
N LEU D 112 -17.36 5.78 -19.02
CA LEU D 112 -18.66 5.78 -18.37
C LEU D 112 -19.07 7.21 -18.01
N ASP D 113 -18.15 7.97 -17.42
CA ASP D 113 -18.44 9.35 -17.05
C ASP D 113 -18.82 10.19 -18.28
N PHE D 114 -18.05 10.03 -19.36
CA PHE D 114 -18.36 10.67 -20.65
C PHE D 114 -19.82 10.52 -21.02
N PHE D 115 -20.29 9.28 -21.17
CA PHE D 115 -21.66 9.04 -21.61
C PHE D 115 -22.68 9.62 -20.66
N ILE D 116 -22.42 9.54 -19.35
CA ILE D 116 -23.33 10.14 -18.38
C ILE D 116 -23.30 11.66 -18.50
N GLU D 117 -22.14 12.24 -18.80
CA GLU D 117 -22.05 13.69 -18.92
C GLU D 117 -22.75 14.21 -20.18
N LEU D 118 -22.81 13.41 -21.24
CA LEU D 118 -23.46 13.79 -22.48
C LEU D 118 -24.72 12.97 -22.71
N ARG D 119 -25.34 12.50 -21.63
CA ARG D 119 -26.52 11.65 -21.76
C ARG D 119 -27.59 12.31 -22.61
N HIS D 120 -27.70 13.64 -22.58
CA HIS D 120 -28.74 14.29 -23.36
C HIS D 120 -28.28 14.74 -24.74
N THR D 121 -27.00 15.09 -24.89
CA THR D 121 -26.46 15.43 -26.21
C THR D 121 -26.62 14.26 -27.18
N LEU D 122 -26.23 13.07 -26.77
CA LEU D 122 -26.59 11.83 -27.45
C LEU D 122 -28.00 11.46 -27.05
N GLY D 123 -28.64 10.60 -27.80
CA GLY D 123 -30.05 10.43 -27.51
C GLY D 123 -30.35 9.40 -26.44
N LEU D 124 -29.67 9.49 -25.30
CA LEU D 124 -29.66 8.40 -24.33
C LEU D 124 -30.84 8.55 -23.38
N SER D 125 -31.87 7.73 -23.57
CA SER D 125 -33.02 7.79 -22.69
C SER D 125 -32.63 7.29 -21.30
N ASP D 126 -33.48 7.61 -20.32
CA ASP D 126 -33.24 7.10 -18.99
C ASP D 126 -33.32 5.57 -18.97
N GLU D 127 -34.15 4.96 -19.83
CA GLU D 127 -34.28 3.51 -19.84
C GLU D 127 -33.09 2.83 -20.49
N ILE D 128 -32.48 3.46 -21.49
CA ILE D 128 -31.43 2.80 -22.25
C ILE D 128 -30.05 3.00 -21.61
N LEU D 129 -29.76 4.21 -21.13
CA LEU D 129 -28.47 4.56 -20.54
C LEU D 129 -27.84 3.47 -19.67
N PRO D 130 -28.52 2.86 -18.68
CA PRO D 130 -27.86 1.80 -17.90
C PRO D 130 -27.37 0.67 -18.78
N VAL D 131 -28.22 0.19 -19.67
CA VAL D 131 -27.84 -0.95 -20.49
C VAL D 131 -26.75 -0.55 -21.46
N TYR D 132 -26.82 0.68 -22.01
CA TYR D 132 -25.73 1.18 -22.85
C TYR D 132 -24.41 1.17 -22.08
N LEU D 133 -24.42 1.70 -20.85
CA LEU D 133 -23.22 1.66 -20.03
C LEU D 133 -22.68 0.24 -19.87
N GLU D 134 -23.58 -0.75 -19.74
CA GLU D 134 -23.17 -2.15 -19.70
C GLU D 134 -22.44 -2.58 -20.98
N GLU D 135 -23.03 -2.29 -22.14
CA GLU D 135 -22.33 -2.59 -23.37
C GLU D 135 -20.99 -1.87 -23.43
N ILE D 136 -20.95 -0.63 -22.94
CA ILE D 136 -19.69 0.11 -22.90
C ILE D 136 -18.70 -0.59 -21.97
N SER D 137 -19.11 -0.88 -20.73
CA SER D 137 -18.25 -1.68 -19.85
C SER D 137 -17.83 -2.99 -20.53
N SER D 138 -18.77 -3.67 -21.16
CA SER D 138 -18.45 -4.98 -21.73
C SER D 138 -17.50 -4.85 -22.92
N THR D 139 -17.62 -3.80 -23.73
CA THR D 139 -16.63 -3.58 -24.79
C THR D 139 -15.26 -3.26 -24.20
N LEU D 140 -15.21 -2.37 -23.20
CA LEU D 140 -13.94 -2.03 -22.56
C LEU D 140 -13.23 -3.28 -22.04
N SER D 141 -13.96 -4.18 -21.39
CA SER D 141 -13.37 -5.44 -20.93
C SER D 141 -12.76 -6.22 -22.08
N GLY D 142 -13.50 -6.34 -23.18
CA GLY D 142 -12.95 -7.00 -24.36
C GLY D 142 -11.60 -6.45 -24.76
N THR D 143 -11.50 -5.12 -24.94
CA THR D 143 -10.21 -4.55 -25.33
C THR D 143 -9.15 -4.77 -24.24
N CYS D 144 -9.54 -4.80 -22.96
CA CYS D 144 -8.59 -5.20 -21.92
C CYS D 144 -8.06 -6.60 -22.18
N TYR D 145 -8.94 -7.57 -22.39
CA TYR D 145 -8.41 -8.91 -22.70
C TYR D 145 -7.44 -8.85 -23.87
N LYS D 146 -7.81 -8.15 -24.94
CA LYS D 146 -7.02 -8.16 -26.16
C LYS D 146 -5.62 -7.61 -25.92
N LEU D 147 -5.49 -6.66 -24.99
CA LEU D 147 -4.19 -6.10 -24.62
C LEU D 147 -3.29 -7.15 -23.95
N THR D 148 -3.86 -8.16 -23.30
CA THR D 148 -3.01 -9.18 -22.71
C THR D 148 -2.54 -10.21 -23.74
N LYS D 149 -3.17 -10.26 -24.90
CA LYS D 149 -2.72 -11.17 -25.95
C LYS D 149 -1.33 -10.76 -26.40
N PRO D 150 -0.60 -11.69 -27.02
CA PRO D 150 0.73 -11.38 -27.55
C PRO D 150 0.65 -10.39 -28.70
N GLN D 151 1.49 -9.36 -28.64
CA GLN D 151 1.59 -8.42 -29.76
C GLN D 151 2.05 -9.13 -31.02
N VAL D 152 1.30 -8.95 -32.10
CA VAL D 152 1.59 -9.59 -33.39
C VAL D 152 1.61 -8.51 -34.46
N THR D 153 2.66 -8.52 -35.29
CA THR D 153 2.66 -7.55 -36.37
C THR D 153 1.61 -7.93 -37.42
N ALA D 154 1.27 -6.94 -38.25
CA ALA D 154 0.50 -7.24 -39.46
C ALA D 154 1.17 -8.36 -40.23
N ALA D 155 2.50 -8.30 -40.33
CA ALA D 155 3.27 -9.40 -40.89
C ALA D 155 2.95 -10.70 -40.15
N GLY D 156 3.01 -10.66 -38.81
CA GLY D 156 2.75 -11.87 -38.05
C GLY D 156 1.38 -12.46 -38.32
N LEU D 157 0.37 -11.60 -38.37
CA LEU D 157 -0.99 -12.07 -38.60
C LEU D 157 -1.11 -12.80 -39.92
N LEU D 158 -0.53 -12.23 -40.99
CA LEU D 158 -0.58 -12.89 -42.28
C LEU D 158 0.14 -14.23 -42.26
N GLU D 159 1.30 -14.30 -41.58
CA GLU D 159 2.00 -15.58 -41.49
C GLU D 159 1.24 -16.56 -40.62
N GLY D 160 0.47 -16.07 -39.65
CA GLY D 160 -0.37 -16.93 -38.85
C GLY D 160 -1.36 -17.78 -39.64
N GLY D 161 -2.19 -17.13 -40.44
CA GLY D 161 -3.17 -17.83 -41.23
C GLY D 161 -4.54 -17.21 -41.13
N PHE D 162 -5.51 -17.87 -41.76
CA PHE D 162 -6.88 -17.38 -41.81
C PHE D 162 -7.43 -17.07 -40.42
N GLN D 163 -7.39 -18.07 -39.52
CA GLN D 163 -8.01 -17.86 -38.22
C GLN D 163 -7.24 -16.85 -37.38
N ALA D 164 -5.90 -16.83 -37.50
CA ALA D 164 -5.11 -15.88 -36.73
C ALA D 164 -5.49 -14.46 -37.09
N LEU D 165 -5.93 -14.26 -38.33
CA LEU D 165 -6.56 -12.99 -38.70
C LEU D 165 -7.86 -12.78 -37.93
N GLU D 166 -8.81 -13.72 -38.06
CA GLU D 166 -10.12 -13.56 -37.43
C GLU D 166 -10.01 -13.32 -35.92
N SER D 167 -9.23 -14.15 -35.24
CA SER D 167 -9.10 -13.93 -33.81
C SER D 167 -8.19 -12.74 -33.48
N GLY D 168 -7.45 -12.25 -34.47
CA GLY D 168 -6.51 -11.18 -34.22
C GLY D 168 -7.15 -9.81 -34.23
N MET D 169 -8.24 -9.67 -34.96
CA MET D 169 -8.95 -8.40 -35.09
C MET D 169 -9.29 -7.83 -33.72
N THR D 170 -9.15 -6.51 -33.59
CA THR D 170 -9.37 -5.85 -32.31
C THR D 170 -10.46 -4.78 -32.39
N GLU D 171 -10.51 -4.04 -33.49
CA GLU D 171 -11.44 -2.94 -33.56
C GLU D 171 -12.89 -3.42 -33.47
N GLY D 172 -13.23 -4.41 -34.29
CA GLY D 172 -14.63 -4.69 -34.53
C GLY D 172 -15.19 -3.70 -35.54
N HIS D 173 -16.51 -3.64 -35.66
CA HIS D 173 -17.13 -2.74 -36.61
C HIS D 173 -16.65 -1.31 -36.37
N PRO D 174 -16.18 -0.60 -37.39
CA PRO D 174 -15.48 0.66 -37.16
C PRO D 174 -16.37 1.87 -36.88
N CYS D 175 -17.66 1.83 -37.21
CA CYS D 175 -18.48 2.99 -36.87
C CYS D 175 -18.99 2.88 -35.43
N PHE D 176 -19.72 1.82 -35.13
CA PHE D 176 -20.39 1.72 -33.83
C PHE D 176 -19.38 1.79 -32.69
N VAL D 177 -19.60 2.73 -31.78
CA VAL D 177 -18.77 2.82 -30.59
C VAL D 177 -18.97 1.60 -29.68
N ALA D 178 -20.22 1.34 -29.29
CA ALA D 178 -20.55 0.24 -28.38
C ALA D 178 -20.73 -1.05 -29.19
N ASN D 179 -19.61 -1.51 -29.73
CA ASN D 179 -19.67 -2.45 -30.85
C ASN D 179 -19.44 -3.90 -30.45
N ASN D 180 -18.66 -4.17 -29.40
CA ASN D 180 -18.45 -5.56 -28.98
C ASN D 180 -19.13 -5.86 -27.66
N GLY D 181 -20.46 -5.74 -27.61
CA GLY D 181 -21.15 -5.86 -26.35
C GLY D 181 -21.07 -7.24 -25.74
N ARG D 182 -21.61 -8.23 -26.44
CA ARG D 182 -21.72 -9.60 -25.93
C ARG D 182 -22.41 -9.62 -24.57
N LEU D 183 -23.56 -8.94 -24.49
CA LEU D 183 -24.30 -8.90 -23.23
C LEU D 183 -25.01 -10.23 -23.03
N GLY D 184 -24.67 -10.92 -21.95
CA GLY D 184 -25.24 -12.22 -21.67
C GLY D 184 -24.18 -13.21 -21.24
N PHE D 185 -22.96 -13.00 -21.72
CA PHE D 185 -21.81 -13.73 -21.22
C PHE D 185 -21.43 -13.26 -19.82
N GLY D 186 -21.31 -14.19 -18.89
CA GLY D 186 -20.46 -13.94 -17.74
C GLY D 186 -18.99 -13.91 -18.13
N VAL D 187 -18.14 -13.57 -17.17
CA VAL D 187 -16.73 -13.43 -17.47
C VAL D 187 -16.16 -14.75 -17.95
N ASP D 188 -16.62 -15.84 -17.32
CA ASP D 188 -16.13 -17.16 -17.71
C ASP D 188 -16.59 -17.51 -19.12
N GLU D 189 -17.83 -17.16 -19.45
CA GLU D 189 -18.32 -17.48 -20.79
C GLU D 189 -17.65 -16.61 -21.85
N TYR D 190 -17.41 -15.32 -21.53
CA TYR D 190 -16.59 -14.49 -22.42
C TYR D 190 -15.27 -15.16 -22.73
N LEU D 191 -14.58 -15.69 -21.71
CA LEU D 191 -13.31 -16.35 -21.95
C LEU D 191 -13.48 -17.59 -22.81
N ALA D 192 -14.59 -18.31 -22.64
CA ALA D 192 -14.75 -19.53 -23.43
C ALA D 192 -15.14 -19.24 -24.88
N TYR D 193 -16.06 -18.29 -25.10
CA TYR D 193 -16.80 -18.22 -26.34
C TYR D 193 -16.49 -17.03 -27.24
N ALA D 194 -15.77 -16.02 -26.77
CA ALA D 194 -15.52 -14.83 -27.60
C ALA D 194 -14.56 -15.17 -28.74
N PRO D 195 -14.68 -14.49 -29.88
CA PRO D 195 -13.76 -14.79 -31.00
C PRO D 195 -12.32 -14.39 -30.74
N GLU D 196 -12.11 -13.26 -30.06
CA GLU D 196 -10.75 -12.79 -29.78
C GLU D 196 -10.00 -13.72 -28.84
N THR D 197 -10.68 -14.60 -28.13
CA THR D 197 -9.94 -15.52 -27.28
C THR D 197 -9.53 -16.76 -28.03
N ALA D 198 -10.16 -17.00 -29.18
CA ALA D 198 -9.88 -18.16 -30.02
C ALA D 198 -9.82 -19.47 -29.23
N HIS D 199 -10.60 -19.61 -28.14
CA HIS D 199 -10.62 -20.90 -27.44
C HIS D 199 -11.56 -21.86 -28.16
N PRO D 200 -11.12 -23.09 -28.44
CA PRO D 200 -11.95 -24.03 -29.21
C PRO D 200 -13.27 -24.29 -28.50
N VAL D 201 -14.27 -24.65 -29.30
CA VAL D 201 -15.63 -24.80 -28.79
C VAL D 201 -16.26 -26.05 -29.40
N ARG D 202 -16.82 -26.89 -28.53
CA ARG D 202 -17.52 -28.09 -28.94
C ARG D 202 -19.02 -27.81 -28.98
N LEU D 203 -19.62 -27.96 -30.17
CA LEU D 203 -21.04 -27.68 -30.30
C LEU D 203 -21.85 -28.75 -29.59
N VAL D 204 -23.04 -28.37 -29.15
CA VAL D 204 -23.97 -29.30 -28.53
C VAL D 204 -24.98 -29.71 -29.59
N TRP D 205 -25.14 -31.01 -29.76
CA TRP D 205 -26.06 -31.56 -30.76
C TRP D 205 -27.37 -31.96 -30.11
N LEU D 206 -28.46 -31.67 -30.80
CA LEU D 206 -29.78 -32.02 -30.34
C LEU D 206 -30.53 -32.75 -31.44
N ALA D 207 -31.37 -33.69 -31.00
CA ALA D 207 -32.30 -34.39 -31.87
C ALA D 207 -33.65 -33.73 -31.67
N ALA D 208 -34.28 -33.34 -32.77
CA ALA D 208 -35.47 -32.50 -32.76
C ALA D 208 -36.61 -33.16 -33.53
N HIS D 209 -37.77 -33.27 -32.91
CA HIS D 209 -38.88 -33.97 -33.53
C HIS D 209 -39.40 -33.23 -34.75
N ARG D 210 -39.78 -33.99 -35.79
CA ARG D 210 -40.21 -33.38 -37.06
C ARG D 210 -41.61 -32.77 -36.98
N SER D 211 -42.36 -33.07 -35.93
CA SER D 211 -43.59 -32.35 -35.68
C SER D 211 -43.32 -30.87 -35.47
N ARG D 212 -42.15 -30.52 -34.93
CA ARG D 212 -41.79 -29.12 -34.73
C ARG D 212 -40.60 -28.66 -35.56
N ALA D 213 -39.82 -29.56 -36.16
CA ALA D 213 -38.53 -29.20 -36.73
C ALA D 213 -38.48 -29.51 -38.21
N ALA D 214 -37.75 -28.68 -38.97
CA ALA D 214 -37.73 -28.76 -40.43
C ALA D 214 -36.33 -28.53 -41.00
N PHE D 215 -35.91 -29.41 -41.91
CA PHE D 215 -34.62 -29.29 -42.58
C PHE D 215 -34.82 -28.88 -44.04
N THR D 216 -34.21 -27.77 -44.42
CA THR D 216 -34.30 -27.21 -45.75
C THR D 216 -32.95 -27.35 -46.43
N ALA D 217 -32.96 -27.84 -47.67
CA ALA D 217 -31.77 -28.15 -48.43
C ALA D 217 -31.66 -27.24 -49.63
N GLY D 218 -30.42 -27.00 -50.06
CA GLY D 218 -30.16 -26.40 -51.35
C GLY D 218 -30.18 -27.47 -52.42
N ALA D 219 -30.00 -27.03 -53.67
CA ALA D 219 -30.01 -27.95 -54.80
C ALA D 219 -28.94 -29.02 -54.65
N GLY D 220 -29.29 -30.26 -55.02
CA GLY D 220 -28.38 -31.38 -54.87
C GLY D 220 -27.86 -31.57 -53.46
N ILE D 221 -28.68 -31.25 -52.46
CA ILE D 221 -28.35 -31.57 -51.08
C ILE D 221 -29.37 -32.57 -50.58
N ASP D 222 -28.92 -33.46 -49.71
CA ASP D 222 -29.71 -34.58 -49.27
C ASP D 222 -29.43 -34.79 -47.78
N TYR D 223 -30.48 -34.83 -46.96
CA TYR D 223 -30.28 -34.74 -45.52
C TYR D 223 -29.37 -35.85 -44.99
N ALA D 224 -29.65 -37.12 -45.36
CA ALA D 224 -28.89 -38.23 -44.79
C ALA D 224 -27.42 -38.18 -45.16
N SER D 225 -27.09 -37.90 -46.43
CA SER D 225 -25.67 -37.84 -46.80
C SER D 225 -25.00 -36.64 -46.16
N PHE D 226 -25.75 -35.52 -46.05
CA PHE D 226 -25.22 -34.28 -45.48
C PHE D 226 -24.76 -34.46 -44.04
N VAL D 227 -25.60 -35.07 -43.20
CA VAL D 227 -25.22 -35.26 -41.80
C VAL D 227 -24.03 -36.20 -41.69
N ARG D 228 -23.93 -37.18 -42.59
CA ARG D 228 -22.80 -38.10 -42.55
C ARG D 228 -21.50 -37.40 -42.93
N GLN D 229 -21.53 -36.54 -43.97
CA GLN D 229 -20.36 -35.74 -44.29
C GLN D 229 -19.94 -34.89 -43.10
N GLU D 230 -20.91 -34.22 -42.47
CA GLU D 230 -20.56 -33.24 -41.45
C GLU D 230 -20.16 -33.88 -40.14
N LEU D 231 -20.65 -35.09 -39.84
CA LEU D 231 -20.49 -35.68 -38.51
C LEU D 231 -19.75 -37.00 -38.50
N GLY D 232 -19.81 -37.78 -39.59
CA GLY D 232 -19.18 -39.09 -39.60
C GLY D 232 -20.07 -40.21 -39.09
N GLU D 233 -19.96 -41.38 -39.73
CA GLU D 233 -20.93 -42.47 -39.52
C GLU D 233 -20.92 -42.96 -38.08
N GLU D 234 -19.73 -43.10 -37.49
CA GLU D 234 -19.60 -43.52 -36.11
C GLU D 234 -20.40 -42.64 -35.15
N THR D 235 -20.39 -41.32 -35.37
CA THR D 235 -21.14 -40.43 -34.48
C THR D 235 -22.63 -40.49 -34.75
N VAL D 236 -23.05 -40.53 -36.03
CA VAL D 236 -24.47 -40.65 -36.33
C VAL D 236 -25.05 -41.92 -35.72
N GLU D 237 -24.31 -43.04 -35.80
CA GLU D 237 -24.79 -44.26 -35.15
C GLU D 237 -24.94 -44.04 -33.66
N ARG D 238 -23.96 -43.37 -33.02
CA ARG D 238 -24.06 -43.11 -31.60
C ARG D 238 -25.31 -42.29 -31.28
N PHE D 239 -25.63 -41.31 -32.14
CA PHE D 239 -26.78 -40.45 -31.90
C PHE D 239 -28.09 -41.21 -32.09
N ASP D 240 -28.20 -41.95 -33.20
CA ASP D 240 -29.35 -42.84 -33.36
C ASP D 240 -29.43 -43.81 -32.19
N GLY D 241 -28.27 -44.24 -31.68
CA GLY D 241 -28.26 -45.18 -30.57
C GLY D 241 -28.81 -44.58 -29.29
N VAL D 242 -28.47 -43.32 -29.02
CA VAL D 242 -29.07 -42.62 -27.87
C VAL D 242 -30.57 -42.55 -28.04
N LEU D 243 -31.05 -42.32 -29.28
CA LEU D 243 -32.49 -42.19 -29.51
C LEU D 243 -33.22 -43.51 -29.24
N ARG D 244 -32.67 -44.63 -29.71
CA ARG D 244 -33.30 -45.93 -29.48
C ARG D 244 -33.29 -46.30 -28.00
N GLY D 245 -32.20 -45.95 -27.29
CA GLY D 245 -32.14 -46.20 -25.86
C GLY D 245 -33.28 -45.57 -25.08
N ARG D 246 -33.86 -44.50 -25.59
CA ARG D 246 -35.07 -43.92 -25.04
C ARG D 246 -36.33 -44.43 -25.75
N GLY D 247 -36.18 -45.44 -26.60
CA GLY D 247 -37.28 -46.03 -27.35
C GLY D 247 -37.90 -45.13 -28.39
N LEU D 248 -37.07 -44.50 -29.22
CA LEU D 248 -37.54 -43.52 -30.19
C LEU D 248 -37.04 -43.89 -31.57
N ASP D 249 -37.78 -43.47 -32.60
CA ASP D 249 -37.41 -43.77 -33.97
C ASP D 249 -36.57 -42.64 -34.54
N PRO D 250 -35.29 -42.87 -34.87
CA PRO D 250 -34.48 -41.78 -35.44
C PRO D 250 -35.02 -41.21 -36.74
N ALA D 251 -36.01 -41.87 -37.36
CA ALA D 251 -36.63 -41.30 -38.56
C ALA D 251 -37.56 -40.15 -38.19
N ASP D 252 -38.06 -40.13 -36.96
CA ASP D 252 -38.89 -39.06 -36.47
C ASP D 252 -38.09 -37.82 -36.05
N TYR D 253 -36.77 -37.85 -36.12
CA TYR D 253 -35.97 -36.79 -35.57
C TYR D 253 -35.02 -36.24 -36.63
N LEU D 254 -34.55 -35.02 -36.42
CA LEU D 254 -33.47 -34.49 -37.24
C LEU D 254 -32.55 -33.62 -36.40
N LEU D 255 -31.30 -33.54 -36.84
CA LEU D 255 -30.22 -33.05 -35.99
C LEU D 255 -30.14 -31.54 -36.00
N ILE D 256 -29.85 -30.96 -34.84
CA ILE D 256 -29.74 -29.50 -34.72
C ILE D 256 -28.55 -29.14 -33.85
N PRO D 257 -27.51 -28.49 -34.39
CA PRO D 257 -26.37 -28.08 -33.56
C PRO D 257 -26.64 -26.72 -32.94
N VAL D 258 -26.31 -26.57 -31.66
CA VAL D 258 -26.68 -25.36 -30.94
C VAL D 258 -25.48 -24.87 -30.15
N HIS D 259 -25.49 -23.58 -29.85
CA HIS D 259 -24.39 -22.99 -29.12
C HIS D 259 -24.45 -23.41 -27.64
N PRO D 260 -23.34 -23.87 -27.06
CA PRO D 260 -23.36 -24.30 -25.66
C PRO D 260 -24.01 -23.30 -24.73
N TRP D 261 -23.72 -22.01 -24.93
CA TRP D 261 -24.32 -21.00 -24.08
C TRP D 261 -25.84 -20.97 -24.26
N GLN D 262 -26.32 -21.24 -25.48
CA GLN D 262 -27.75 -21.33 -25.70
C GLN D 262 -28.36 -22.55 -25.01
N TRP D 263 -27.66 -23.69 -25.05
CA TRP D 263 -28.17 -24.89 -24.41
C TRP D 263 -28.26 -24.71 -22.90
N TRP D 264 -27.16 -24.24 -22.28
CA TRP D 264 -27.08 -24.24 -20.83
C TRP D 264 -27.89 -23.10 -20.21
N ASN D 265 -28.07 -22.00 -20.94
CA ASN D 265 -28.70 -20.84 -20.35
C ASN D 265 -30.08 -20.54 -20.90
N LYS D 266 -30.48 -21.15 -22.01
CA LYS D 266 -31.77 -20.77 -22.56
C LYS D 266 -32.62 -21.99 -22.91
N LEU D 267 -32.10 -22.88 -23.76
CA LEU D 267 -32.92 -23.99 -24.24
C LEU D 267 -33.30 -24.94 -23.10
N SER D 268 -32.31 -25.42 -22.34
CA SER D 268 -32.59 -26.33 -21.22
C SER D 268 -33.59 -25.74 -20.21
N VAL D 269 -33.68 -24.42 -20.09
CA VAL D 269 -34.65 -23.82 -19.17
C VAL D 269 -35.90 -23.40 -19.92
N THR D 270 -35.78 -22.36 -20.75
CA THR D 270 -36.93 -21.82 -21.47
C THR D 270 -37.69 -22.90 -22.26
N PHE D 271 -36.97 -23.82 -22.89
CA PHE D 271 -37.60 -24.88 -23.67
C PHE D 271 -37.70 -26.18 -22.89
N ALA D 272 -37.55 -26.12 -21.56
CA ALA D 272 -37.65 -27.29 -20.71
C ALA D 272 -38.80 -28.19 -21.14
N ALA D 273 -39.95 -27.59 -21.48
CA ALA D 273 -41.11 -28.33 -21.98
C ALA D 273 -40.72 -29.33 -23.06
N GLU D 274 -40.30 -28.81 -24.22
CA GLU D 274 -39.98 -29.68 -25.34
C GLU D 274 -38.90 -30.70 -25.00
N VAL D 275 -37.99 -30.37 -24.09
CA VAL D 275 -36.92 -31.29 -23.76
C VAL D 275 -37.47 -32.51 -23.04
N ALA D 276 -38.27 -32.28 -21.99
CA ALA D 276 -38.82 -33.37 -21.19
C ALA D 276 -39.71 -34.31 -22.02
N ARG D 277 -40.65 -33.74 -22.78
CA ARG D 277 -41.55 -34.46 -23.66
C ARG D 277 -40.83 -35.14 -24.82
N GLN D 278 -39.49 -35.08 -24.81
CA GLN D 278 -38.68 -35.73 -25.83
C GLN D 278 -38.94 -35.18 -27.24
N ASN D 279 -39.37 -33.90 -27.34
CA ASN D 279 -39.32 -33.21 -28.63
C ASN D 279 -37.92 -32.69 -28.92
N LEU D 280 -37.12 -32.52 -27.89
CA LEU D 280 -35.70 -32.33 -28.05
C LEU D 280 -34.97 -33.34 -27.20
N VAL D 281 -33.94 -33.94 -27.76
CA VAL D 281 -33.13 -34.88 -27.01
C VAL D 281 -31.71 -34.40 -27.07
N CYS D 282 -31.06 -34.35 -25.91
CA CYS D 282 -29.69 -33.89 -25.84
C CYS D 282 -28.77 -35.06 -26.15
N LEU D 283 -28.13 -35.05 -27.32
CA LEU D 283 -27.24 -36.13 -27.67
C LEU D 283 -25.83 -35.98 -27.12
N GLY D 284 -25.36 -34.75 -26.90
CA GLY D 284 -23.98 -34.51 -26.48
C GLY D 284 -23.23 -33.66 -27.48
N GLU D 285 -21.91 -33.62 -27.30
CA GLU D 285 -21.05 -32.74 -28.09
C GLU D 285 -20.67 -33.37 -29.43
N SER D 286 -20.40 -32.51 -30.41
CA SER D 286 -19.65 -32.92 -31.60
C SER D 286 -18.26 -33.40 -31.20
N ASP D 287 -17.62 -34.13 -32.11
CA ASP D 287 -16.22 -34.43 -31.86
C ASP D 287 -15.32 -33.34 -32.41
N ASP D 288 -15.73 -32.66 -33.47
CA ASP D 288 -14.90 -31.61 -34.07
C ASP D 288 -14.85 -30.35 -33.22
N GLU D 289 -13.69 -29.70 -33.19
CA GLU D 289 -13.47 -28.49 -32.41
C GLU D 289 -13.73 -27.25 -33.25
N TYR D 290 -14.57 -26.33 -32.77
CA TYR D 290 -14.97 -25.16 -33.56
C TYR D 290 -14.37 -23.85 -33.02
N LEU D 291 -14.29 -22.84 -33.89
CA LEU D 291 -13.76 -21.53 -33.49
C LEU D 291 -14.73 -20.38 -33.77
N ALA D 292 -15.07 -19.61 -32.74
CA ALA D 292 -15.97 -18.47 -32.92
C ALA D 292 -15.39 -17.45 -33.88
N GLN D 293 -16.15 -17.09 -34.90
CA GLN D 293 -15.82 -16.05 -35.85
C GLN D 293 -16.26 -14.68 -35.33
N GLN D 294 -16.07 -13.65 -36.15
CA GLN D 294 -16.27 -12.28 -35.67
C GLN D 294 -17.72 -12.01 -35.30
N SER D 295 -18.67 -12.63 -36.04
CA SER D 295 -20.08 -12.61 -35.69
C SER D 295 -20.29 -13.73 -34.69
N ILE D 296 -20.43 -13.37 -33.42
CA ILE D 296 -20.09 -14.26 -32.31
C ILE D 296 -20.65 -15.67 -32.51
N ARG D 297 -21.74 -15.78 -33.29
CA ARG D 297 -22.58 -16.96 -33.38
C ARG D 297 -22.21 -17.94 -34.50
N THR D 298 -21.19 -17.63 -35.29
CA THR D 298 -20.84 -18.48 -36.43
C THR D 298 -19.48 -19.11 -36.19
N PHE D 299 -19.39 -20.41 -36.40
CA PHE D 299 -18.23 -21.21 -36.03
C PHE D 299 -17.57 -21.81 -37.26
N PHE D 300 -16.27 -21.57 -37.36
CA PHE D 300 -15.37 -22.26 -38.28
C PHE D 300 -14.94 -23.57 -37.66
N ASN D 301 -14.92 -24.64 -38.47
CA ASN D 301 -14.51 -25.98 -38.03
C ASN D 301 -12.99 -26.06 -38.05
N ALA D 302 -12.39 -26.04 -36.85
CA ALA D 302 -10.93 -25.96 -36.76
C ALA D 302 -10.30 -27.28 -37.13
N THR D 303 -10.88 -28.39 -36.66
CA THR D 303 -10.32 -29.70 -36.92
C THR D 303 -10.36 -30.03 -38.41
N HIS D 304 -11.41 -29.61 -39.10
CA HIS D 304 -11.62 -29.96 -40.51
C HIS D 304 -12.06 -28.74 -41.30
N PRO D 305 -11.11 -27.80 -41.54
CA PRO D 305 -11.43 -26.55 -42.23
C PRO D 305 -12.28 -26.69 -43.48
N GLU D 306 -12.25 -27.87 -44.12
CA GLU D 306 -13.02 -28.06 -45.34
C GLU D 306 -14.51 -28.11 -45.06
N LYS D 307 -14.91 -28.39 -43.82
CA LYS D 307 -16.30 -28.64 -43.49
C LYS D 307 -17.10 -27.32 -43.43
N HIS D 308 -18.42 -27.46 -43.35
CA HIS D 308 -19.28 -26.29 -43.35
C HIS D 308 -19.13 -25.52 -42.05
N TYR D 309 -19.17 -24.19 -42.17
CA TYR D 309 -19.46 -23.33 -41.04
C TYR D 309 -20.83 -23.66 -40.45
N VAL D 310 -20.97 -23.47 -39.14
CA VAL D 310 -22.27 -23.66 -38.48
C VAL D 310 -22.65 -22.34 -37.83
N LYS D 311 -23.79 -21.80 -38.23
CA LYS D 311 -24.33 -20.55 -37.67
C LYS D 311 -25.44 -20.91 -36.67
N THR D 312 -25.22 -20.55 -35.41
CA THR D 312 -26.11 -20.97 -34.35
C THR D 312 -26.98 -19.81 -33.89
N ALA D 313 -28.06 -20.15 -33.20
CA ALA D 313 -28.89 -19.16 -32.53
C ALA D 313 -28.33 -18.89 -31.15
N LEU D 314 -28.16 -17.61 -30.82
CA LEU D 314 -27.45 -17.20 -29.61
C LEU D 314 -28.17 -15.95 -29.07
N SER D 315 -29.01 -16.15 -28.04
CA SER D 315 -29.85 -15.09 -27.49
C SER D 315 -29.07 -14.15 -26.55
N VAL D 316 -28.16 -13.39 -27.16
CA VAL D 316 -27.35 -12.36 -26.52
C VAL D 316 -27.46 -11.08 -27.33
N LEU D 317 -27.21 -9.95 -26.66
CA LEU D 317 -27.29 -8.61 -27.24
C LEU D 317 -25.89 -8.15 -27.68
N ASN D 318 -25.76 -7.82 -28.97
CA ASN D 318 -24.46 -7.39 -29.49
C ASN D 318 -24.69 -6.41 -30.63
N MET D 319 -24.19 -5.19 -30.47
CA MET D 319 -24.32 -4.14 -31.48
C MET D 319 -25.77 -4.04 -31.99
N GLY D 320 -26.70 -3.80 -31.05
CA GLY D 320 -28.07 -3.44 -31.37
C GLY D 320 -28.99 -4.51 -31.93
N PHE D 321 -28.61 -5.80 -31.88
CA PHE D 321 -29.55 -6.83 -32.29
C PHE D 321 -29.42 -8.04 -31.37
N MET D 322 -30.56 -8.63 -30.98
CA MET D 322 -30.51 -9.97 -30.44
C MET D 322 -30.05 -10.93 -31.53
N ARG D 323 -29.09 -11.78 -31.22
CA ARG D 323 -28.46 -12.59 -32.25
C ARG D 323 -28.99 -14.03 -32.28
N GLY D 324 -30.25 -14.21 -31.90
CA GLY D 324 -30.96 -15.43 -32.25
C GLY D 324 -31.23 -15.52 -33.74
N LEU D 325 -31.77 -16.66 -34.13
CA LEU D 325 -31.89 -17.03 -35.54
C LEU D 325 -33.33 -17.46 -35.81
N SER D 326 -33.98 -16.78 -36.75
CA SER D 326 -35.41 -17.01 -36.99
C SER D 326 -35.62 -18.40 -37.58
N ALA D 327 -36.46 -19.21 -36.94
CA ALA D 327 -36.79 -20.49 -37.56
C ALA D 327 -37.54 -20.29 -38.88
N ALA D 328 -38.45 -19.32 -38.92
CA ALA D 328 -39.34 -19.21 -40.07
C ALA D 328 -38.57 -18.84 -41.34
N TYR D 329 -37.47 -18.10 -41.19
CA TYR D 329 -36.72 -17.64 -42.35
C TYR D 329 -35.75 -18.69 -42.88
N MET D 330 -35.51 -19.75 -42.13
CA MET D 330 -34.56 -20.78 -42.55
C MET D 330 -35.05 -21.54 -43.77
N GLU D 331 -36.37 -21.60 -43.96
CA GLU D 331 -36.93 -22.40 -45.04
C GLU D 331 -36.62 -21.82 -46.40
N ALA D 332 -36.51 -20.51 -46.49
CA ALA D 332 -36.19 -19.86 -47.75
C ALA D 332 -34.69 -19.65 -47.95
N THR D 333 -33.87 -20.02 -46.95
CA THR D 333 -32.48 -19.61 -46.99
C THR D 333 -31.68 -20.35 -48.06
N PRO D 334 -31.67 -21.68 -48.12
CA PRO D 334 -30.92 -22.32 -49.21
C PRO D 334 -31.49 -21.99 -50.59
N ALA D 335 -32.81 -21.77 -50.71
CA ALA D 335 -33.37 -21.37 -52.00
C ALA D 335 -32.76 -20.05 -52.45
N ILE D 336 -32.72 -19.07 -51.56
CA ILE D 336 -32.22 -17.75 -51.93
C ILE D 336 -30.76 -17.82 -52.37
N ASN D 337 -29.94 -18.61 -51.67
CA ASN D 337 -28.55 -18.75 -52.09
C ASN D 337 -28.43 -19.43 -53.45
N ASP D 338 -29.19 -20.53 -53.67
CA ASP D 338 -29.13 -21.20 -54.96
C ASP D 338 -29.51 -20.24 -56.07
N TRP D 339 -30.35 -19.26 -55.77
CA TRP D 339 -30.78 -18.30 -56.78
C TRP D 339 -29.69 -17.29 -57.08
N LEU D 340 -29.07 -16.71 -56.05
CA LEU D 340 -27.96 -15.79 -56.26
C LEU D 340 -26.78 -16.48 -56.94
N ASP D 341 -26.40 -17.66 -56.43
CA ASP D 341 -25.29 -18.40 -57.03
C ASP D 341 -25.53 -18.59 -58.51
N ARG D 342 -26.74 -19.01 -58.87
CA ARG D 342 -27.11 -19.08 -60.28
C ARG D 342 -26.93 -17.73 -60.97
N LEU D 343 -27.45 -16.66 -60.35
CA LEU D 343 -27.41 -15.33 -60.98
C LEU D 343 -26.00 -14.91 -61.34
N ILE D 344 -25.05 -15.14 -60.41
CA ILE D 344 -23.65 -14.81 -60.65
C ILE D 344 -23.13 -15.61 -61.82
N ASP D 345 -23.10 -16.94 -61.69
CA ASP D 345 -22.57 -17.81 -62.72
C ASP D 345 -23.12 -17.48 -64.10
N ASN D 346 -24.35 -17.00 -64.17
CA ASN D 346 -24.99 -16.70 -65.45
C ASN D 346 -24.83 -15.26 -65.90
N ASP D 347 -23.98 -14.47 -65.23
CA ASP D 347 -23.72 -13.09 -65.64
C ASP D 347 -22.23 -12.92 -65.89
N PRO D 348 -21.81 -12.56 -67.09
CA PRO D 348 -20.36 -12.44 -67.37
C PRO D 348 -19.68 -11.35 -66.59
N VAL D 349 -20.36 -10.22 -66.35
CA VAL D 349 -19.73 -9.15 -65.61
C VAL D 349 -19.35 -9.64 -64.22
N LEU D 350 -20.19 -10.46 -63.59
CA LEU D 350 -19.85 -10.94 -62.27
C LEU D 350 -18.79 -12.04 -62.31
N LYS D 351 -18.92 -12.98 -63.25
CA LYS D 351 -17.90 -14.02 -63.39
C LYS D 351 -16.51 -13.42 -63.60
N SER D 352 -16.43 -12.28 -64.32
CA SER D 352 -15.10 -11.73 -64.59
C SER D 352 -14.44 -11.17 -63.34
N THR D 353 -15.20 -10.91 -62.29
CA THR D 353 -14.62 -10.42 -61.04
C THR D 353 -14.24 -11.55 -60.09
N GLY D 354 -14.42 -12.81 -60.49
CA GLY D 354 -14.15 -13.92 -59.60
C GLY D 354 -15.05 -13.95 -58.36
N LEU D 355 -16.04 -13.04 -58.35
CA LEU D 355 -16.98 -12.99 -57.24
C LEU D 355 -17.64 -14.34 -57.03
N SER D 356 -17.60 -14.80 -55.79
CA SER D 356 -18.40 -15.95 -55.40
C SER D 356 -19.06 -15.64 -54.07
N ILE D 357 -20.19 -16.25 -53.82
CA ILE D 357 -20.65 -16.34 -52.45
C ILE D 357 -20.18 -17.68 -51.90
N ILE D 358 -20.05 -17.75 -50.58
CA ILE D 358 -20.13 -19.02 -49.89
C ILE D 358 -21.60 -19.19 -49.54
N ARG D 359 -22.22 -20.20 -50.14
CA ARG D 359 -23.65 -20.40 -50.01
C ARG D 359 -24.01 -20.96 -48.65
N GLU D 360 -25.05 -20.40 -48.06
CA GLU D 360 -25.79 -21.10 -47.00
C GLU D 360 -26.51 -22.28 -47.63
N ARG D 361 -26.03 -23.49 -47.36
CA ARG D 361 -26.48 -24.66 -48.12
C ARG D 361 -27.63 -25.41 -47.45
N ALA D 362 -27.79 -25.30 -46.15
CA ALA D 362 -28.75 -26.14 -45.44
C ALA D 362 -29.09 -25.45 -44.12
N ALA D 363 -30.35 -25.53 -43.73
CA ALA D 363 -30.81 -24.84 -42.55
C ALA D 363 -31.85 -25.69 -41.85
N VAL D 364 -31.88 -25.63 -40.52
CA VAL D 364 -32.93 -26.29 -39.73
C VAL D 364 -33.59 -25.26 -38.82
N GLY D 365 -34.92 -25.30 -38.78
CA GLY D 365 -35.63 -24.47 -37.83
C GLY D 365 -36.38 -25.34 -36.86
N TYR D 366 -36.81 -24.75 -35.75
CA TYR D 366 -37.66 -25.40 -34.78
C TYR D 366 -38.81 -24.46 -34.41
N ARG D 367 -40.04 -24.88 -34.71
CA ARG D 367 -41.23 -24.06 -34.55
C ARG D 367 -41.83 -24.43 -33.19
N HIS D 368 -41.54 -23.60 -32.19
CA HIS D 368 -42.05 -23.76 -30.83
C HIS D 368 -43.48 -23.23 -30.78
N LEU D 369 -44.48 -24.13 -30.88
CA LEU D 369 -45.87 -23.68 -31.07
C LEU D 369 -46.37 -22.85 -29.90
N GLU D 370 -46.05 -23.29 -28.69
CA GLU D 370 -46.49 -22.55 -27.51
C GLU D 370 -45.95 -21.12 -27.50
N TYR D 371 -44.63 -20.91 -27.64
CA TYR D 371 -44.13 -19.53 -27.68
C TYR D 371 -44.58 -18.80 -28.94
N GLU D 372 -44.77 -19.49 -30.07
CA GLU D 372 -45.37 -18.81 -31.21
C GLU D 372 -46.73 -18.23 -30.84
N ALA D 373 -47.54 -19.04 -30.14
CA ALA D 373 -48.86 -18.60 -29.68
C ALA D 373 -48.77 -17.34 -28.83
N ALA D 374 -47.76 -17.25 -27.98
CA ALA D 374 -47.67 -16.19 -27.00
C ALA D 374 -47.02 -14.92 -27.53
N THR D 375 -46.69 -14.82 -28.82
CA THR D 375 -45.87 -13.70 -29.29
C THR D 375 -46.28 -13.27 -30.70
N ASP D 376 -45.63 -12.19 -31.19
CA ASP D 376 -45.79 -11.68 -32.54
C ASP D 376 -44.59 -12.08 -33.42
N ARG D 377 -44.61 -11.66 -34.69
CA ARG D 377 -43.56 -12.06 -35.65
C ARG D 377 -42.17 -11.74 -35.12
N TYR D 378 -41.94 -10.49 -34.76
CA TYR D 378 -40.59 -10.10 -34.40
C TYR D 378 -40.48 -10.09 -32.88
N SER D 379 -40.39 -11.30 -32.37
CA SER D 379 -40.15 -11.59 -30.98
C SER D 379 -38.90 -12.44 -30.86
N PRO D 380 -38.01 -12.12 -29.93
CA PRO D 380 -36.84 -12.97 -29.70
C PRO D 380 -37.18 -14.40 -29.32
N TYR D 381 -38.37 -14.67 -28.80
CA TYR D 381 -38.68 -16.05 -28.43
C TYR D 381 -38.81 -16.93 -29.68
N ARG D 382 -39.17 -16.34 -30.82
CA ARG D 382 -39.24 -17.09 -32.05
C ARG D 382 -37.87 -17.34 -32.70
N LYS D 383 -36.79 -16.82 -32.10
CA LYS D 383 -35.47 -16.85 -32.72
C LYS D 383 -34.47 -17.62 -31.86
N MET D 384 -34.95 -18.52 -31.02
CA MET D 384 -34.09 -19.19 -30.04
C MET D 384 -33.54 -20.53 -30.51
N LEU D 385 -34.08 -21.14 -31.57
CA LEU D 385 -33.57 -22.44 -31.99
C LEU D 385 -33.61 -22.58 -33.50
N ALA D 386 -32.42 -22.59 -34.11
CA ALA D 386 -32.22 -22.68 -35.55
C ALA D 386 -30.74 -22.76 -35.82
N ALA D 387 -30.40 -23.11 -37.05
CA ALA D 387 -29.02 -23.34 -37.44
C ALA D 387 -28.97 -23.33 -38.95
N LEU D 388 -27.84 -22.87 -39.49
CA LEU D 388 -27.57 -23.07 -40.89
C LEU D 388 -26.11 -23.51 -41.05
N TRP D 389 -25.82 -24.04 -42.25
CA TRP D 389 -24.50 -24.49 -42.63
C TRP D 389 -24.06 -23.68 -43.84
N ARG D 390 -22.80 -23.26 -43.83
CA ARG D 390 -22.23 -22.43 -44.89
C ARG D 390 -20.99 -23.12 -45.46
N GLU D 391 -20.90 -23.18 -46.79
CA GLU D 391 -19.71 -23.72 -47.48
C GLU D 391 -18.44 -23.13 -46.89
N SER D 392 -17.41 -23.98 -46.77
CA SER D 392 -16.10 -23.44 -46.44
C SER D 392 -15.46 -22.86 -47.69
N PRO D 393 -14.91 -21.66 -47.63
CA PRO D 393 -14.16 -21.11 -48.77
C PRO D 393 -12.76 -21.70 -48.94
N VAL D 394 -12.36 -22.67 -48.13
CA VAL D 394 -11.00 -23.21 -48.12
C VAL D 394 -10.76 -24.18 -49.27
N PRO D 395 -11.65 -25.16 -49.52
CA PRO D 395 -11.41 -26.06 -50.66
C PRO D 395 -11.10 -25.39 -52.00
N ALA D 396 -11.65 -24.20 -52.28
CA ALA D 396 -11.47 -23.61 -53.59
C ALA D 396 -10.13 -22.93 -53.78
N LEU D 397 -9.33 -22.81 -52.71
CA LEU D 397 -8.05 -22.12 -52.83
C LEU D 397 -7.13 -22.88 -53.79
N ARG D 398 -6.67 -22.18 -54.84
CA ARG D 398 -5.61 -22.71 -55.68
C ARG D 398 -4.27 -22.53 -54.99
N ASP D 399 -3.18 -22.89 -55.67
CA ASP D 399 -1.88 -22.86 -55.02
C ASP D 399 -1.41 -21.43 -54.80
N GLY D 400 -0.85 -21.18 -53.62
CA GLY D 400 -0.33 -19.87 -53.26
C GLY D 400 -1.39 -18.86 -52.90
N GLU D 401 -2.67 -19.25 -52.89
CA GLU D 401 -3.79 -18.41 -52.48
C GLU D 401 -4.10 -18.60 -50.99
N SER D 402 -4.42 -17.50 -50.31
CA SER D 402 -4.78 -17.58 -48.89
C SER D 402 -5.98 -16.69 -48.58
N LEU D 403 -6.49 -16.79 -47.35
CA LEU D 403 -7.77 -16.18 -46.97
C LEU D 403 -7.60 -15.09 -45.92
N THR D 404 -8.44 -14.05 -46.01
CA THR D 404 -8.52 -13.05 -44.94
C THR D 404 -9.92 -12.43 -44.85
N THR D 405 -10.31 -12.11 -43.63
CA THR D 405 -11.44 -11.22 -43.51
C THR D 405 -11.05 -9.87 -44.07
N MET D 406 -11.95 -9.27 -44.85
CA MET D 406 -11.74 -7.91 -45.31
C MET D 406 -11.57 -6.94 -44.13
N ALA D 407 -12.15 -7.25 -42.98
CA ALA D 407 -11.96 -6.44 -41.79
C ALA D 407 -10.49 -6.18 -41.47
N ALA D 408 -9.58 -6.99 -41.98
CA ALA D 408 -8.16 -6.83 -41.66
C ALA D 408 -7.52 -5.64 -42.35
N LEU D 409 -8.08 -5.16 -43.46
CA LEU D 409 -7.47 -4.06 -44.19
C LEU D 409 -7.33 -2.81 -43.32
N VAL D 410 -8.25 -2.63 -42.39
CA VAL D 410 -8.25 -1.47 -41.50
C VAL D 410 -7.82 -1.86 -40.11
N HIS D 411 -7.20 -3.01 -39.95
CA HIS D 411 -6.60 -3.41 -38.69
C HIS D 411 -5.17 -2.89 -38.64
N VAL D 412 -4.82 -2.19 -37.55
CA VAL D 412 -3.52 -1.55 -37.38
C VAL D 412 -2.79 -2.22 -36.21
N ASP D 413 -1.58 -2.72 -36.45
CA ASP D 413 -0.82 -3.39 -35.40
C ASP D 413 -0.08 -2.39 -34.53
N HIS D 414 0.56 -2.88 -33.46
CA HIS D 414 1.16 -1.97 -32.49
C HIS D 414 2.28 -1.12 -33.09
N GLU D 415 2.84 -1.55 -34.22
CA GLU D 415 3.83 -0.78 -34.97
C GLU D 415 3.23 0.33 -35.84
N GLY D 416 1.92 0.35 -36.05
CA GLY D 416 1.32 1.34 -36.92
C GLY D 416 1.12 0.91 -38.36
N ARG D 417 1.37 -0.36 -38.68
CA ARG D 417 1.20 -0.88 -40.03
C ARG D 417 -0.15 -1.59 -40.14
N SER D 418 -1.03 -1.08 -41.00
CA SER D 418 -2.23 -1.82 -41.36
C SER D 418 -1.88 -3.02 -42.22
N VAL D 419 -2.73 -4.05 -42.14
CA VAL D 419 -2.54 -5.21 -43.00
C VAL D 419 -2.58 -4.80 -44.47
N ALA D 420 -3.38 -3.80 -44.80
CA ALA D 420 -3.31 -3.27 -46.15
C ALA D 420 -1.89 -2.80 -46.44
N GLY D 421 -1.30 -2.04 -45.52
CA GLY D 421 0.10 -1.65 -45.63
C GLY D 421 0.98 -2.83 -45.96
N GLU D 422 0.99 -3.84 -45.09
CA GLU D 422 1.83 -5.00 -45.32
C GLU D 422 1.50 -5.67 -46.66
N LEU D 423 0.22 -5.78 -47.01
CA LEU D 423 -0.13 -6.41 -48.27
C LEU D 423 0.41 -5.62 -49.46
N ILE D 424 0.28 -4.29 -49.42
CA ILE D 424 0.79 -3.45 -50.52
C ILE D 424 2.30 -3.64 -50.65
N ALA D 425 3.01 -3.60 -49.52
CA ALA D 425 4.45 -3.85 -49.50
C ALA D 425 4.79 -5.23 -50.07
N ARG D 426 4.16 -6.29 -49.56
CA ARG D 426 4.49 -7.63 -50.06
C ARG D 426 4.24 -7.73 -51.55
N SER D 427 3.20 -7.06 -52.06
CA SER D 427 2.88 -7.18 -53.48
C SER D 427 3.96 -6.56 -54.36
N GLY D 428 4.66 -5.55 -53.84
CA GLY D 428 5.53 -4.75 -54.66
C GLY D 428 4.83 -3.84 -55.64
N LEU D 429 3.52 -3.95 -55.80
CA LEU D 429 2.80 -3.08 -56.73
C LEU D 429 2.79 -1.67 -56.20
N ALA D 430 2.60 -0.71 -57.11
CA ALA D 430 2.28 0.66 -56.69
C ALA D 430 0.96 0.63 -55.91
N PRO D 431 0.79 1.50 -54.92
CA PRO D 431 -0.44 1.48 -54.11
C PRO D 431 -1.73 1.47 -54.92
N THR D 432 -1.91 2.46 -55.78
CA THR D 432 -3.14 2.53 -56.58
C THR D 432 -3.33 1.29 -57.44
N ALA D 433 -2.26 0.70 -57.94
CA ALA D 433 -2.45 -0.54 -58.70
C ALA D 433 -2.96 -1.66 -57.80
N TRP D 434 -2.54 -1.67 -56.53
CA TRP D 434 -3.01 -2.68 -55.59
C TRP D 434 -4.45 -2.40 -55.20
N LEU D 435 -4.75 -1.13 -54.93
CA LEU D 435 -6.12 -0.75 -54.63
C LEU D 435 -7.05 -1.17 -55.77
N ARG D 436 -6.58 -1.01 -57.00
CA ARG D 436 -7.43 -1.30 -58.14
C ARG D 436 -7.83 -2.78 -58.16
N HIS D 437 -6.86 -3.68 -57.99
CA HIS D 437 -7.17 -5.10 -57.96
C HIS D 437 -8.18 -5.42 -56.87
N TYR D 438 -8.04 -4.77 -55.72
CA TYR D 438 -8.97 -4.99 -54.64
C TYR D 438 -10.35 -4.50 -55.03
N LEU D 439 -10.45 -3.23 -55.43
CA LEU D 439 -11.71 -2.65 -55.89
C LEU D 439 -12.38 -3.47 -57.00
N ARG D 440 -11.61 -4.07 -57.91
CA ARG D 440 -12.27 -4.80 -58.98
C ARG D 440 -12.92 -6.06 -58.45
N ALA D 441 -12.29 -6.71 -57.46
CA ALA D 441 -12.83 -7.94 -56.92
C ALA D 441 -14.03 -7.68 -56.03
N TYR D 442 -14.13 -6.47 -55.47
CA TYR D 442 -15.03 -6.26 -54.35
C TYR D 442 -16.00 -5.11 -54.60
N TYR D 443 -15.52 -3.97 -55.03
CA TYR D 443 -16.43 -2.85 -55.23
C TYR D 443 -17.19 -3.01 -56.54
N THR D 444 -16.50 -3.46 -57.59
CA THR D 444 -17.17 -3.58 -58.89
C THR D 444 -18.42 -4.44 -58.83
N PRO D 445 -18.42 -5.64 -58.22
CA PRO D 445 -19.67 -6.43 -58.20
C PRO D 445 -20.83 -5.71 -57.57
N LEU D 446 -20.61 -4.98 -56.48
CA LEU D 446 -21.71 -4.19 -55.92
C LEU D 446 -22.32 -3.28 -56.96
N LEU D 447 -21.48 -2.57 -57.70
CA LEU D 447 -21.97 -1.66 -58.72
C LEU D 447 -22.89 -2.37 -59.69
N HIS D 448 -22.41 -3.46 -60.30
CA HIS D 448 -23.22 -4.18 -61.27
C HIS D 448 -24.51 -4.68 -60.63
N SER D 449 -24.42 -5.31 -59.45
CA SER D 449 -25.63 -5.73 -58.73
C SER D 449 -26.67 -4.61 -58.66
N PHE D 450 -26.26 -3.44 -58.18
CA PHE D 450 -27.23 -2.36 -58.04
C PHE D 450 -27.81 -1.96 -59.40
N TYR D 451 -26.96 -1.61 -60.36
CA TYR D 451 -27.46 -0.98 -61.57
C TYR D 451 -28.15 -2.00 -62.49
N ALA D 452 -27.66 -3.24 -62.54
CA ALA D 452 -28.31 -4.23 -63.37
C ALA D 452 -29.48 -4.94 -62.67
N TYR D 453 -29.40 -5.20 -61.37
CA TYR D 453 -30.37 -6.09 -60.73
C TYR D 453 -31.10 -5.48 -59.53
N ASP D 454 -31.00 -4.17 -59.32
CA ASP D 454 -31.56 -3.53 -58.14
C ASP D 454 -31.21 -4.28 -56.86
N LEU D 455 -30.08 -4.95 -56.85
CA LEU D 455 -29.73 -5.85 -55.77
C LEU D 455 -28.66 -5.19 -54.89
N ALA D 456 -28.82 -5.34 -53.57
CA ALA D 456 -27.98 -4.70 -52.56
C ALA D 456 -27.58 -5.67 -51.47
N PHE D 457 -26.40 -5.45 -50.89
CA PHE D 457 -25.86 -6.28 -49.81
C PHE D 457 -25.62 -5.43 -48.57
N MET D 458 -25.14 -6.11 -47.54
CA MET D 458 -24.49 -5.49 -46.39
C MET D 458 -23.04 -5.95 -46.44
N PRO D 459 -22.19 -5.27 -47.19
CA PRO D 459 -20.87 -5.82 -47.49
C PRO D 459 -19.74 -5.20 -46.69
N HIS D 460 -19.87 -5.13 -45.38
CA HIS D 460 -18.82 -4.58 -44.54
C HIS D 460 -17.73 -5.61 -44.32
N GLY D 461 -16.81 -5.31 -43.40
CA GLY D 461 -15.63 -6.13 -43.22
C GLY D 461 -15.89 -7.53 -42.69
N GLU D 462 -16.98 -7.70 -41.92
CA GLU D 462 -17.28 -9.03 -41.38
C GLU D 462 -17.87 -9.96 -42.44
N ASN D 463 -18.81 -9.45 -43.24
CA ASN D 463 -19.49 -10.25 -44.25
C ASN D 463 -18.66 -10.47 -45.51
N THR D 464 -17.42 -9.98 -45.56
CA THR D 464 -16.62 -10.12 -46.78
C THR D 464 -15.32 -10.83 -46.47
N ILE D 465 -14.92 -11.74 -47.35
CA ILE D 465 -13.65 -12.45 -47.24
C ILE D 465 -12.87 -12.20 -48.53
N LEU D 466 -11.58 -11.97 -48.38
CA LEU D 466 -10.70 -11.74 -49.52
C LEU D 466 -9.85 -12.97 -49.79
N VAL D 467 -9.67 -13.31 -51.06
CA VAL D 467 -8.67 -14.30 -51.47
C VAL D 467 -7.41 -13.56 -51.87
N LEU D 468 -6.27 -13.98 -51.30
CA LEU D 468 -5.01 -13.32 -51.53
C LEU D 468 -4.02 -14.26 -52.21
N LYS D 469 -3.28 -13.71 -53.19
CA LYS D 469 -2.14 -14.40 -53.80
C LYS D 469 -1.06 -13.37 -54.05
N ASP D 470 0.15 -13.65 -53.57
CA ASP D 470 1.28 -12.72 -53.75
C ASP D 470 0.97 -11.35 -53.14
N GLY D 471 0.18 -11.31 -52.08
CA GLY D 471 -0.16 -10.03 -51.48
C GLY D 471 -1.24 -9.24 -52.20
N VAL D 472 -1.84 -9.81 -53.24
CA VAL D 472 -2.74 -9.07 -54.12
C VAL D 472 -4.12 -9.74 -54.11
N VAL D 473 -5.17 -8.93 -53.96
CA VAL D 473 -6.52 -9.46 -53.95
C VAL D 473 -6.84 -10.09 -55.30
N GLN D 474 -7.08 -11.41 -55.29
CA GLN D 474 -7.48 -12.16 -56.49
C GLN D 474 -8.97 -12.04 -56.73
N ARG D 475 -9.79 -12.24 -55.69
CA ARG D 475 -11.24 -12.27 -55.83
C ARG D 475 -11.86 -12.00 -54.46
N ALA D 476 -13.16 -11.71 -54.45
CA ALA D 476 -13.86 -11.47 -53.19
C ALA D 476 -14.91 -12.56 -52.94
N VAL D 477 -15.12 -12.89 -51.67
CA VAL D 477 -16.11 -13.88 -51.30
C VAL D 477 -17.08 -13.23 -50.31
N TYR D 478 -18.35 -13.16 -50.70
CA TYR D 478 -19.41 -12.58 -49.92
C TYR D 478 -20.09 -13.65 -49.07
N LYS D 479 -20.54 -13.25 -47.90
CA LYS D 479 -21.26 -14.14 -47.01
C LYS D 479 -22.36 -13.33 -46.30
N ASP D 480 -23.17 -14.06 -45.52
CA ASP D 480 -24.37 -13.56 -44.84
C ASP D 480 -25.38 -13.03 -45.87
N ILE D 481 -25.96 -13.98 -46.60
CA ILE D 481 -26.78 -13.67 -47.76
C ILE D 481 -28.27 -13.49 -47.48
N ALA D 482 -28.95 -14.54 -46.96
CA ALA D 482 -30.42 -14.53 -46.99
C ALA D 482 -31.01 -13.44 -46.10
N GLU D 483 -30.39 -13.20 -44.93
CA GLU D 483 -30.84 -12.17 -44.00
C GLU D 483 -30.64 -10.76 -44.52
N GLU D 484 -29.64 -10.55 -45.38
CA GLU D 484 -29.13 -9.21 -45.62
C GLU D 484 -29.40 -8.68 -47.02
N ILE D 485 -29.57 -9.55 -48.02
CA ILE D 485 -29.72 -9.01 -49.36
C ILE D 485 -31.11 -8.43 -49.53
N VAL D 486 -31.26 -7.57 -50.55
CA VAL D 486 -32.53 -6.94 -50.84
C VAL D 486 -32.58 -6.52 -52.31
N VAL D 487 -33.71 -6.76 -52.96
CA VAL D 487 -33.94 -6.39 -54.35
C VAL D 487 -34.94 -5.25 -54.33
N MET D 488 -34.49 -4.06 -54.77
CA MET D 488 -35.28 -2.84 -54.64
C MET D 488 -36.14 -2.59 -55.89
N ASP D 489 -37.04 -3.53 -56.10
CA ASP D 489 -38.10 -3.47 -57.09
C ASP D 489 -39.24 -4.32 -56.58
N PRO D 490 -40.31 -3.72 -56.07
CA PRO D 490 -41.45 -4.55 -55.60
C PRO D 490 -42.04 -5.44 -56.67
N ASP D 491 -41.96 -5.03 -57.93
CA ASP D 491 -42.47 -5.79 -59.07
C ASP D 491 -41.42 -6.70 -59.70
N ALA D 492 -40.29 -6.94 -59.04
CA ALA D 492 -39.19 -7.67 -59.68
C ALA D 492 -39.60 -9.12 -59.88
N VAL D 493 -39.39 -9.62 -61.09
CA VAL D 493 -39.74 -11.00 -61.43
C VAL D 493 -38.70 -11.93 -60.82
N LEU D 494 -39.14 -12.80 -59.91
CA LEU D 494 -38.22 -13.58 -59.09
C LEU D 494 -38.82 -14.96 -58.83
N PRO D 495 -37.96 -15.96 -58.59
CA PRO D 495 -38.45 -17.28 -58.13
C PRO D 495 -39.28 -17.17 -56.87
N PRO D 496 -40.42 -17.86 -56.80
CA PRO D 496 -41.34 -17.66 -55.65
C PRO D 496 -40.67 -17.68 -54.29
N GLU D 497 -39.90 -18.74 -53.97
CA GLU D 497 -39.28 -18.84 -52.67
C GLU D 497 -38.41 -17.64 -52.32
N VAL D 498 -38.09 -16.81 -53.31
CA VAL D 498 -37.13 -15.72 -53.17
C VAL D 498 -37.81 -14.36 -53.03
N ARG D 499 -39.06 -14.21 -53.47
CA ARG D 499 -39.68 -12.90 -53.49
C ARG D 499 -39.75 -12.27 -52.11
N ARG D 500 -39.57 -13.05 -51.04
CA ARG D 500 -39.39 -12.53 -49.68
C ARG D 500 -38.49 -11.30 -49.68
N VAL D 501 -37.44 -11.30 -50.53
CA VAL D 501 -36.36 -10.34 -50.41
C VAL D 501 -36.61 -9.02 -51.11
N ARG D 502 -37.67 -8.92 -51.92
CA ARG D 502 -37.97 -7.66 -52.56
C ARG D 502 -38.45 -6.67 -51.51
N ALA D 503 -38.22 -5.38 -51.79
CA ALA D 503 -38.58 -4.32 -50.87
C ALA D 503 -38.77 -3.02 -51.63
N GLU D 504 -39.68 -2.20 -51.12
CA GLU D 504 -39.83 -0.83 -51.60
C GLU D 504 -38.89 0.06 -50.83
N VAL D 505 -38.07 0.82 -51.55
CA VAL D 505 -37.11 1.75 -50.97
C VAL D 505 -37.33 3.10 -51.62
N PRO D 506 -37.28 4.21 -50.87
CA PRO D 506 -37.46 5.54 -51.48
C PRO D 506 -36.42 5.76 -52.58
N GLU D 507 -36.66 6.75 -53.43
CA GLU D 507 -35.82 6.89 -54.61
C GLU D 507 -34.39 7.27 -54.22
N ASP D 508 -34.22 8.38 -53.48
CA ASP D 508 -33.01 8.55 -52.68
C ASP D 508 -32.97 7.38 -51.70
N MET D 509 -31.93 7.23 -50.90
CA MET D 509 -31.79 6.03 -50.07
C MET D 509 -31.49 4.74 -50.84
N LYS D 510 -31.99 4.55 -52.06
CA LYS D 510 -31.65 3.33 -52.80
C LYS D 510 -30.14 3.15 -52.89
N LEU D 511 -29.41 4.26 -53.02
CA LEU D 511 -27.98 4.24 -53.27
C LEU D 511 -27.16 4.15 -51.99
N LEU D 512 -27.81 4.18 -50.83
CA LEU D 512 -27.05 4.22 -49.58
C LEU D 512 -26.33 2.92 -49.31
N SER D 513 -26.80 1.80 -49.87
CA SER D 513 -26.03 0.57 -49.69
C SER D 513 -24.59 0.74 -50.16
N ILE D 514 -24.34 1.64 -51.12
CA ILE D 514 -22.98 2.01 -51.52
C ILE D 514 -22.49 3.19 -50.67
N PHE D 515 -23.19 4.33 -50.78
CA PHE D 515 -22.79 5.56 -50.10
C PHE D 515 -22.51 5.33 -48.63
N THR D 516 -23.44 4.63 -47.97
CA THR D 516 -23.34 4.48 -46.53
C THR D 516 -22.57 3.23 -46.15
N ASP D 517 -22.91 2.11 -46.78
CA ASP D 517 -22.36 0.84 -46.31
C ASP D 517 -20.96 0.60 -46.80
N VAL D 518 -20.59 1.10 -48.00
CA VAL D 518 -19.24 0.94 -48.52
C VAL D 518 -18.39 2.18 -48.23
N PHE D 519 -18.82 3.35 -48.72
CA PHE D 519 -17.98 4.54 -48.60
C PHE D 519 -17.87 4.96 -47.14
N ASP D 520 -18.99 5.40 -46.55
CA ASP D 520 -18.88 6.08 -45.28
C ASP D 520 -18.53 5.15 -44.14
N CYS D 521 -18.71 3.84 -44.31
CA CYS D 521 -18.45 2.90 -43.24
C CYS D 521 -17.23 2.03 -43.45
N PHE D 522 -16.74 1.89 -44.67
CA PHE D 522 -15.47 1.20 -44.87
C PHE D 522 -14.42 2.07 -45.53
N PHE D 523 -14.67 2.58 -46.74
CA PHE D 523 -13.62 3.32 -47.46
C PHE D 523 -13.09 4.50 -46.64
N ARG D 524 -14.01 5.26 -46.01
CA ARG D 524 -13.60 6.35 -45.13
C ARG D 524 -12.46 5.93 -44.21
N PHE D 525 -12.55 4.74 -43.62
CA PHE D 525 -11.49 4.32 -42.71
C PHE D 525 -10.27 3.81 -43.47
N LEU D 526 -10.48 3.02 -44.53
CA LEU D 526 -9.35 2.49 -45.29
C LEU D 526 -8.52 3.63 -45.88
N ALA D 527 -9.17 4.51 -46.62
CA ALA D 527 -8.51 5.69 -47.17
C ALA D 527 -7.76 6.46 -46.07
N ALA D 528 -8.48 6.86 -45.00
CA ALA D 528 -7.84 7.62 -43.93
C ALA D 528 -6.66 6.88 -43.33
N GLY D 529 -6.74 5.55 -43.22
CA GLY D 529 -5.69 4.81 -42.55
C GLY D 529 -4.42 4.74 -43.36
N LEU D 530 -4.56 4.59 -44.68
CA LEU D 530 -3.41 4.52 -45.57
C LEU D 530 -2.77 5.88 -45.79
N ALA D 531 -3.51 6.97 -45.56
CA ALA D 531 -2.87 8.28 -45.65
C ALA D 531 -2.03 8.54 -44.41
N THR D 532 -2.62 8.32 -43.24
CA THR D 532 -1.89 8.37 -41.99
C THR D 532 -0.69 7.43 -42.04
N GLU D 533 -0.80 6.31 -42.73
CA GLU D 533 0.36 5.44 -42.87
C GLU D 533 1.38 5.97 -43.84
N GLU D 534 1.13 7.10 -44.49
CA GLU D 534 1.97 7.62 -45.57
C GLU D 534 2.23 6.55 -46.63
N VAL D 535 1.22 5.74 -46.93
CA VAL D 535 1.27 4.78 -48.02
C VAL D 535 0.56 5.30 -49.26
N LEU D 536 -0.64 5.83 -49.08
CA LEU D 536 -1.47 6.28 -50.20
C LEU D 536 -2.17 7.58 -49.82
N ALA D 537 -2.06 8.59 -50.67
CA ALA D 537 -2.74 9.86 -50.43
C ALA D 537 -4.25 9.68 -50.60
N GLU D 538 -5.01 10.48 -49.85
CA GLU D 538 -6.47 10.40 -49.85
C GLU D 538 -7.04 10.59 -51.25
N ASP D 539 -6.62 11.69 -51.90
CA ASP D 539 -7.08 11.97 -53.25
C ASP D 539 -6.63 10.91 -54.23
N ASP D 540 -5.55 10.20 -53.94
CA ASP D 540 -5.22 9.06 -54.77
C ASP D 540 -6.19 7.91 -54.56
N PHE D 541 -6.52 7.64 -53.30
CA PHE D 541 -7.51 6.62 -52.98
C PHE D 541 -8.81 6.87 -53.73
N TRP D 542 -9.40 8.04 -53.52
CA TRP D 542 -10.72 8.29 -54.08
C TRP D 542 -10.70 8.36 -55.60
N ARG D 543 -9.64 8.91 -56.19
CA ARG D 543 -9.54 8.92 -57.65
C ARG D 543 -9.51 7.51 -58.23
N THR D 544 -8.97 6.55 -57.49
CA THR D 544 -8.99 5.18 -57.98
C THR D 544 -10.42 4.62 -57.94
N VAL D 545 -11.10 4.79 -56.80
CA VAL D 545 -12.51 4.40 -56.69
C VAL D 545 -13.30 4.97 -57.86
N ALA D 546 -13.16 6.28 -58.09
CA ALA D 546 -13.89 6.91 -59.19
C ALA D 546 -13.50 6.29 -60.54
N GLU D 547 -12.20 6.01 -60.72
CA GLU D 547 -11.75 5.38 -61.96
C GLU D 547 -12.40 4.01 -62.16
N VAL D 548 -12.43 3.20 -61.10
CA VAL D 548 -13.06 1.89 -61.21
C VAL D 548 -14.56 2.02 -61.52
N THR D 549 -15.18 3.10 -61.04
CA THR D 549 -16.60 3.33 -61.29
C THR D 549 -16.88 3.67 -62.75
N ARG D 550 -16.06 4.53 -63.39
CA ARG D 550 -16.19 4.72 -64.85
C ARG D 550 -15.79 3.45 -65.58
N GLU D 551 -14.78 2.73 -65.07
CA GLU D 551 -14.38 1.50 -65.74
C GLU D 551 -15.59 0.61 -65.94
N TYR D 552 -16.45 0.54 -64.92
CA TYR D 552 -17.69 -0.22 -65.04
C TYR D 552 -18.72 0.52 -65.91
N GLN D 553 -19.02 1.78 -65.61
CA GLN D 553 -20.08 2.49 -66.33
C GLN D 553 -19.76 2.67 -67.82
N GLU D 554 -18.51 2.97 -68.19
CA GLU D 554 -18.25 3.10 -69.62
C GLU D 554 -18.40 1.77 -70.35
N ALA D 555 -18.24 0.66 -69.62
CA ALA D 555 -18.38 -0.65 -70.25
C ALA D 555 -19.82 -1.01 -70.56
N HIS D 556 -20.81 -0.33 -69.97
CA HIS D 556 -22.22 -0.70 -70.12
C HIS D 556 -23.09 0.51 -70.42
N PRO D 557 -22.98 1.07 -71.63
CA PRO D 557 -23.77 2.26 -71.97
C PRO D 557 -25.25 1.99 -72.11
N GLU D 558 -25.68 0.72 -72.05
CA GLU D 558 -27.10 0.42 -72.08
C GLU D 558 -27.81 0.86 -70.79
N LEU D 559 -27.09 0.96 -69.67
CA LEU D 559 -27.64 1.48 -68.43
C LEU D 559 -27.28 2.94 -68.15
N ASP D 560 -27.01 3.77 -69.16
CA ASP D 560 -26.71 5.17 -68.84
C ASP D 560 -27.89 5.86 -68.17
N ASP D 561 -29.11 5.46 -68.52
CA ASP D 561 -30.31 5.98 -67.86
C ASP D 561 -30.22 5.80 -66.35
N ARG D 562 -29.88 4.59 -65.92
CA ARG D 562 -29.80 4.32 -64.49
C ARG D 562 -28.58 4.99 -63.86
N PHE D 563 -27.47 5.11 -64.61
CA PHE D 563 -26.31 5.81 -64.08
C PHE D 563 -26.64 7.27 -63.81
N ARG D 564 -27.48 7.87 -64.67
CA ARG D 564 -27.96 9.24 -64.45
C ARG D 564 -28.94 9.32 -63.28
N GLN D 565 -29.85 8.34 -63.16
CA GLN D 565 -30.88 8.41 -62.14
C GLN D 565 -30.30 8.26 -60.74
N TYR D 566 -29.40 7.29 -60.54
CA TYR D 566 -28.74 7.06 -59.25
C TYR D 566 -27.27 7.43 -59.41
N ASP D 567 -26.99 8.73 -59.31
CA ASP D 567 -25.69 9.27 -59.68
C ASP D 567 -24.70 9.09 -58.53
N LEU D 568 -23.71 8.22 -58.73
CA LEU D 568 -22.63 8.03 -57.76
C LEU D 568 -21.63 9.18 -57.75
N PHE D 569 -21.61 10.03 -58.78
CA PHE D 569 -20.74 11.20 -58.77
C PHE D 569 -21.46 12.47 -58.35
N ALA D 570 -22.67 12.36 -57.81
CA ALA D 570 -23.36 13.55 -57.34
C ALA D 570 -22.52 14.25 -56.27
N PRO D 571 -22.57 15.60 -56.24
CA PRO D 571 -21.66 16.33 -55.33
C PRO D 571 -21.84 15.97 -53.86
N GLU D 572 -23.07 15.73 -53.42
CA GLU D 572 -23.32 15.37 -52.04
C GLU D 572 -24.24 14.17 -51.97
N PHE D 573 -24.23 13.50 -50.83
CA PHE D 573 -25.19 12.45 -50.55
C PHE D 573 -25.48 12.44 -49.05
N ALA D 574 -26.39 11.56 -48.65
CA ALA D 574 -26.92 11.58 -47.29
C ALA D 574 -25.90 11.12 -46.27
N LEU D 575 -25.81 11.85 -45.15
CA LEU D 575 -25.02 11.40 -44.01
C LEU D 575 -25.92 10.51 -43.15
N SER D 576 -25.89 9.21 -43.42
CA SER D 576 -26.68 8.25 -42.66
C SER D 576 -25.96 7.92 -41.36
N CYS D 577 -26.56 8.28 -40.23
CA CYS D 577 -25.96 8.07 -38.92
C CYS D 577 -26.32 6.68 -38.37
N LEU D 578 -25.29 5.96 -37.94
CA LEU D 578 -25.45 4.60 -37.40
C LEU D 578 -25.49 4.56 -35.88
N ASN D 579 -24.56 5.25 -35.22
CA ASN D 579 -24.56 5.24 -33.77
C ASN D 579 -25.86 5.81 -33.22
N ARG D 580 -26.46 6.77 -33.94
CA ARG D 580 -27.78 7.29 -33.58
C ARG D 580 -28.85 6.21 -33.58
N LEU D 581 -28.76 5.24 -34.50
CA LEU D 581 -29.68 4.11 -34.49
C LEU D 581 -29.59 3.34 -33.17
N GLN D 582 -28.36 2.95 -32.78
CA GLN D 582 -28.17 2.15 -31.57
C GLN D 582 -28.58 2.93 -30.32
N LEU D 583 -28.26 4.23 -30.26
CA LEU D 583 -28.61 5.04 -29.11
C LEU D 583 -30.12 5.29 -29.00
N ARG D 584 -30.86 5.19 -30.11
CA ARG D 584 -32.30 5.34 -30.00
C ARG D 584 -32.94 4.03 -29.55
N ASP D 585 -32.38 2.91 -29.98
CA ASP D 585 -32.93 1.58 -29.68
C ASP D 585 -31.77 0.58 -29.85
N ASN D 586 -31.24 0.09 -28.73
CA ASN D 586 -30.13 -0.87 -28.80
C ASN D 586 -30.57 -2.33 -28.65
N ARG D 587 -31.84 -2.64 -28.88
CA ARG D 587 -32.31 -4.00 -29.01
C ARG D 587 -32.66 -4.36 -30.44
N GLN D 588 -33.19 -3.39 -31.20
CA GLN D 588 -33.67 -3.55 -32.56
C GLN D 588 -33.45 -2.19 -33.26
N MET D 589 -32.20 -1.96 -33.71
CA MET D 589 -31.84 -0.67 -34.32
C MET D 589 -32.70 -0.36 -35.54
N VAL D 590 -33.03 -1.38 -36.33
CA VAL D 590 -33.94 -1.22 -37.46
C VAL D 590 -35.13 -2.15 -37.23
N ASP D 591 -36.33 -1.70 -37.63
CA ASP D 591 -37.45 -2.61 -37.76
C ASP D 591 -37.20 -3.47 -38.99
N LEU D 592 -37.10 -4.79 -38.80
CA LEU D 592 -36.79 -5.65 -39.95
C LEU D 592 -37.88 -5.58 -41.01
N ALA D 593 -39.12 -5.26 -40.63
CA ALA D 593 -40.21 -5.06 -41.59
C ALA D 593 -40.16 -3.71 -42.30
N ASP D 594 -39.47 -2.70 -41.73
CA ASP D 594 -39.38 -1.37 -42.36
C ASP D 594 -38.03 -0.74 -42.00
N PRO D 595 -36.94 -1.26 -42.57
CA PRO D 595 -35.61 -0.81 -42.14
C PRO D 595 -35.21 0.57 -42.63
N SER D 596 -35.96 1.15 -43.57
CA SER D 596 -35.64 2.49 -44.03
C SER D 596 -36.20 3.55 -43.12
N ALA D 597 -37.23 3.22 -42.32
CA ALA D 597 -37.85 4.18 -41.43
C ALA D 597 -36.90 4.59 -40.30
N ALA D 598 -36.15 3.63 -39.75
CA ALA D 598 -35.25 3.91 -38.64
C ALA D 598 -34.17 4.91 -39.04
N LEU D 599 -33.67 4.82 -40.27
CA LEU D 599 -32.51 5.59 -40.72
C LEU D 599 -32.65 7.07 -40.39
N GLN D 600 -31.64 7.62 -39.72
CA GLN D 600 -31.58 9.04 -39.39
C GLN D 600 -30.59 9.74 -40.32
N LEU D 601 -31.11 10.58 -41.22
CA LEU D 601 -30.27 11.34 -42.14
C LEU D 601 -30.11 12.77 -41.65
N VAL D 602 -28.86 13.19 -41.48
CA VAL D 602 -28.54 14.43 -40.82
C VAL D 602 -27.64 15.26 -41.72
N GLY D 603 -28.22 16.02 -42.65
CA GLY D 603 -27.36 16.77 -43.55
C GLY D 603 -26.65 15.87 -44.58
N THR D 604 -25.70 16.47 -45.27
CA THR D 604 -25.08 15.80 -46.39
C THR D 604 -23.59 15.64 -46.16
N LEU D 605 -22.95 14.93 -47.08
CA LEU D 605 -21.50 14.82 -47.10
C LEU D 605 -20.94 15.26 -48.46
N ARG D 606 -19.77 15.90 -48.44
CA ARG D 606 -19.02 16.16 -49.67
C ARG D 606 -18.55 14.84 -50.27
N ASN D 607 -19.19 14.41 -51.35
CA ASN D 607 -18.85 13.17 -52.05
C ASN D 607 -17.41 13.21 -52.57
N PRO D 608 -16.53 12.31 -52.15
CA PRO D 608 -15.15 12.34 -52.66
C PRO D 608 -15.07 12.15 -54.16
N LEU D 609 -16.01 11.39 -54.73
CA LEU D 609 -16.01 11.12 -56.16
C LEU D 609 -16.38 12.35 -57.00
N ALA D 610 -17.07 13.34 -56.42
CA ALA D 610 -17.48 14.49 -57.21
C ALA D 610 -16.26 15.25 -57.73
N GLY D 611 -16.33 15.66 -58.99
CA GLY D 611 -15.18 16.24 -59.64
C GLY D 611 -14.21 15.17 -60.05
N LEU D 612 -13.64 14.46 -59.07
CA LEU D 612 -12.61 13.45 -59.32
C LEU D 612 -13.13 12.32 -60.22
N MET E 21 -20.00 -30.04 -16.67
CA MET E 21 -20.38 -31.04 -15.68
C MET E 21 -21.47 -32.01 -16.19
N SER E 22 -21.25 -32.55 -17.40
CA SER E 22 -22.07 -33.57 -18.09
C SER E 22 -23.41 -33.06 -18.64
N LEU E 23 -23.51 -33.00 -19.98
CA LEU E 23 -24.68 -32.46 -20.64
C LEU E 23 -25.94 -33.25 -20.32
N THR E 24 -25.94 -34.54 -20.64
CA THR E 24 -27.16 -35.32 -20.52
C THR E 24 -27.56 -35.52 -19.07
N ASP E 25 -26.59 -35.61 -18.17
CA ASP E 25 -26.92 -35.78 -16.76
C ASP E 25 -27.64 -34.56 -16.21
N ALA E 26 -27.19 -33.38 -16.62
CA ALA E 26 -27.72 -32.12 -16.08
C ALA E 26 -29.22 -32.02 -16.30
N VAL E 27 -29.74 -32.58 -17.39
CA VAL E 27 -31.16 -32.48 -17.69
C VAL E 27 -31.88 -33.82 -17.51
N ALA E 28 -31.25 -34.77 -16.81
CA ALA E 28 -31.82 -36.11 -16.66
C ALA E 28 -33.19 -36.08 -16.00
N HIS E 29 -33.37 -35.19 -15.02
CA HIS E 29 -34.62 -35.06 -14.31
C HIS E 29 -35.78 -34.59 -15.19
N LEU E 30 -35.57 -34.35 -16.48
CA LEU E 30 -36.64 -33.91 -17.37
C LEU E 30 -37.03 -35.11 -18.25
N SER E 31 -37.79 -36.03 -17.67
CA SER E 31 -38.41 -37.18 -18.30
C SER E 31 -39.85 -36.87 -18.63
N PRO E 32 -40.49 -37.59 -19.56
CA PRO E 32 -41.92 -37.31 -19.81
C PRO E 32 -42.79 -37.62 -18.62
N GLU E 33 -42.44 -38.66 -17.86
CA GLU E 33 -43.26 -39.04 -16.72
C GLU E 33 -43.27 -37.94 -15.68
N ARG E 34 -42.08 -37.50 -15.24
CA ARG E 34 -42.02 -36.44 -14.23
C ARG E 34 -42.66 -35.15 -14.74
N TRP E 35 -42.37 -34.77 -15.99
CA TRP E 35 -43.02 -33.60 -16.57
C TRP E 35 -44.54 -33.70 -16.50
N GLU E 36 -45.10 -34.90 -16.79
CA GLU E 36 -46.55 -35.04 -16.75
C GLU E 36 -47.08 -34.79 -15.35
N GLU E 37 -46.45 -35.38 -14.34
CA GLU E 37 -46.92 -35.17 -12.98
C GLU E 37 -46.77 -33.71 -12.58
N ALA E 38 -45.61 -33.11 -12.87
CA ALA E 38 -45.37 -31.74 -12.44
C ALA E 38 -46.40 -30.80 -13.05
N ASN E 39 -46.72 -31.00 -14.32
CA ASN E 39 -47.78 -30.25 -14.98
C ASN E 39 -49.12 -30.46 -14.29
N ARG E 40 -49.46 -31.72 -13.98
CA ARG E 40 -50.69 -31.98 -13.24
C ARG E 40 -50.69 -31.20 -11.91
N LEU E 41 -49.64 -31.37 -11.10
CA LEU E 41 -49.60 -30.68 -9.82
C LEU E 41 -49.80 -29.18 -9.98
N LEU E 42 -49.08 -28.57 -10.95
CA LEU E 42 -49.15 -27.13 -11.10
C LEU E 42 -50.50 -26.68 -11.62
N VAL E 43 -51.16 -27.48 -12.45
CA VAL E 43 -52.48 -27.04 -12.88
C VAL E 43 -53.52 -27.14 -11.74
N ARG E 44 -53.44 -28.14 -10.84
CA ARG E 44 -54.41 -28.14 -9.75
C ARG E 44 -54.21 -26.93 -8.83
N LYS E 45 -52.95 -26.54 -8.58
CA LYS E 45 -52.72 -25.35 -7.77
C LYS E 45 -53.19 -24.08 -8.48
N ALA E 46 -52.96 -24.01 -9.79
CA ALA E 46 -53.51 -22.92 -10.57
C ALA E 46 -55.03 -22.89 -10.45
N LEU E 47 -55.69 -24.04 -10.64
CA LEU E 47 -57.14 -24.09 -10.56
C LEU E 47 -57.62 -23.67 -9.17
N ALA E 48 -57.01 -24.24 -8.14
CA ALA E 48 -57.36 -23.91 -6.77
C ALA E 48 -57.21 -22.42 -6.50
N GLU E 49 -56.00 -21.90 -6.71
CA GLU E 49 -55.69 -20.55 -6.24
C GLU E 49 -56.34 -19.48 -7.10
N PHE E 50 -56.57 -19.75 -8.39
CA PHE E 50 -57.20 -18.72 -9.21
C PHE E 50 -58.69 -18.67 -8.94
N ALA E 51 -59.28 -19.82 -8.61
CA ALA E 51 -60.68 -19.82 -8.13
C ALA E 51 -60.79 -18.96 -6.88
N HIS E 52 -59.99 -19.27 -5.87
CA HIS E 52 -59.98 -18.51 -4.62
C HIS E 52 -59.98 -17.02 -4.90
N GLU E 53 -59.06 -16.56 -5.76
CA GLU E 53 -58.92 -15.15 -6.06
C GLU E 53 -59.99 -14.64 -7.03
N ARG E 54 -60.98 -15.48 -7.37
CA ARG E 54 -62.12 -15.13 -8.23
C ARG E 54 -61.70 -14.65 -9.60
N LEU E 55 -60.54 -15.11 -10.08
CA LEU E 55 -60.13 -14.84 -11.45
C LEU E 55 -61.04 -15.54 -12.44
N PHE E 56 -61.41 -16.77 -12.15
CA PHE E 56 -62.56 -17.39 -12.77
C PHE E 56 -63.48 -17.92 -11.69
N THR E 57 -64.68 -18.28 -12.10
CA THR E 57 -65.66 -18.90 -11.20
C THR E 57 -66.03 -20.25 -11.77
N PRO E 58 -65.61 -21.34 -11.14
CA PRO E 58 -66.04 -22.67 -11.61
C PRO E 58 -67.55 -22.82 -11.47
N GLU E 59 -68.17 -23.29 -12.54
CA GLU E 59 -69.59 -23.58 -12.45
C GLU E 59 -69.79 -25.08 -12.28
N PRO E 60 -70.76 -25.51 -11.46
CA PRO E 60 -70.92 -26.95 -11.23
C PRO E 60 -71.27 -27.68 -12.51
N ALA E 61 -70.59 -28.81 -12.75
CA ALA E 61 -70.54 -29.47 -14.05
C ALA E 61 -71.65 -30.51 -14.18
N ASP E 62 -72.60 -30.27 -15.09
CA ASP E 62 -73.85 -31.02 -15.15
C ASP E 62 -74.29 -31.37 -13.73
N GLY E 63 -74.27 -30.36 -12.85
CA GLY E 63 -74.82 -30.39 -11.51
C GLY E 63 -74.44 -31.45 -10.50
N GLN E 64 -73.33 -32.19 -10.67
CA GLN E 64 -73.07 -33.34 -9.81
C GLN E 64 -72.75 -33.00 -8.37
N ASP E 65 -71.91 -33.79 -7.72
CA ASP E 65 -71.54 -33.36 -6.38
C ASP E 65 -70.30 -32.48 -6.48
N GLY E 66 -69.14 -33.05 -6.20
CA GLY E 66 -67.93 -32.25 -6.19
C GLY E 66 -67.40 -31.85 -7.56
N ARG E 67 -68.22 -31.96 -8.60
CA ARG E 67 -67.78 -31.69 -9.97
C ARG E 67 -67.82 -30.19 -10.27
N TYR E 68 -66.84 -29.71 -11.03
CA TYR E 68 -66.76 -28.32 -11.41
C TYR E 68 -66.04 -28.20 -12.74
N VAL E 69 -66.35 -27.15 -13.50
CA VAL E 69 -65.69 -26.90 -14.79
C VAL E 69 -65.24 -25.44 -14.87
N VAL E 70 -64.09 -25.22 -15.52
CA VAL E 70 -63.60 -23.90 -15.90
C VAL E 70 -63.16 -23.97 -17.36
N ARG E 71 -63.64 -23.04 -18.18
CA ARG E 71 -63.38 -23.12 -19.60
C ARG E 71 -62.30 -22.12 -20.04
N SER E 72 -61.93 -22.24 -21.31
CA SER E 72 -60.88 -21.42 -21.88
C SER E 72 -61.43 -20.03 -22.16
N ASP E 73 -60.55 -19.13 -22.61
CA ASP E 73 -61.02 -17.80 -23.01
C ASP E 73 -62.13 -17.91 -24.03
N ASP E 74 -62.00 -18.82 -24.99
CA ASP E 74 -62.95 -18.87 -26.10
C ASP E 74 -64.12 -19.80 -25.81
N GLY E 75 -63.96 -20.72 -24.86
CA GLY E 75 -65.05 -21.58 -24.42
C GLY E 75 -65.02 -22.98 -25.00
N LEU E 76 -64.11 -23.27 -25.92
CA LEU E 76 -64.06 -24.56 -26.58
C LEU E 76 -63.26 -25.60 -25.83
N THR E 77 -62.44 -25.21 -24.87
CA THR E 77 -61.67 -26.14 -24.07
C THR E 77 -62.19 -26.10 -22.64
N SER E 78 -62.33 -27.27 -22.04
CA SER E 78 -63.02 -27.41 -20.76
C SER E 78 -62.06 -28.12 -19.81
N TYR E 79 -61.81 -27.48 -18.66
CA TYR E 79 -60.95 -28.03 -17.60
C TYR E 79 -61.88 -28.54 -16.50
N ARG E 80 -62.09 -29.85 -16.47
CA ARG E 80 -63.04 -30.49 -15.56
C ARG E 80 -62.29 -31.14 -14.41
N PHE E 81 -62.80 -30.99 -13.19
CA PHE E 81 -62.10 -31.51 -12.02
C PHE E 81 -63.10 -31.68 -10.87
N THR E 82 -62.67 -32.42 -9.83
CA THR E 82 -63.42 -32.53 -8.59
C THR E 82 -62.65 -31.82 -7.48
N ALA E 83 -63.39 -31.26 -6.50
CA ALA E 83 -62.76 -30.45 -5.47
C ALA E 83 -63.63 -30.29 -4.24
N VAL E 84 -62.97 -30.33 -3.08
CA VAL E 84 -63.60 -30.23 -1.76
C VAL E 84 -63.52 -28.77 -1.32
N ARG E 85 -64.65 -28.04 -1.37
CA ARG E 85 -64.58 -26.63 -0.98
C ARG E 85 -64.61 -26.49 0.54
N ARG E 86 -63.89 -25.50 1.04
CA ARG E 86 -63.60 -25.40 2.47
C ARG E 86 -63.54 -23.93 2.87
N ALA E 87 -62.97 -23.67 4.04
CA ALA E 87 -63.09 -22.38 4.69
C ALA E 87 -62.27 -21.32 3.94
N LEU E 88 -62.74 -20.08 4.00
CA LEU E 88 -62.11 -18.98 3.27
C LEU E 88 -62.02 -19.28 1.76
N ASP E 89 -63.16 -19.62 1.16
CA ASP E 89 -63.22 -20.02 -0.26
C ASP E 89 -62.03 -20.87 -0.66
N HIS E 90 -61.57 -21.76 0.20
CA HIS E 90 -60.50 -22.67 -0.18
C HIS E 90 -61.04 -23.75 -1.12
N TRP E 91 -60.15 -24.28 -1.98
CA TRP E 91 -60.50 -25.30 -2.98
C TRP E 91 -59.44 -26.39 -2.93
N GLN E 92 -59.65 -27.41 -2.09
CA GLN E 92 -58.81 -28.59 -2.12
C GLN E 92 -59.15 -29.38 -3.38
N VAL E 93 -58.40 -29.14 -4.45
CA VAL E 93 -58.66 -29.75 -5.75
C VAL E 93 -57.96 -31.10 -5.85
N ASP E 94 -58.67 -32.10 -6.37
CA ASP E 94 -58.04 -33.38 -6.60
C ASP E 94 -57.12 -33.31 -7.81
N ALA E 95 -55.89 -33.77 -7.64
CA ALA E 95 -54.95 -33.72 -8.77
C ALA E 95 -55.28 -34.75 -9.83
N GLY E 96 -55.65 -35.97 -9.42
CA GLY E 96 -55.95 -37.02 -10.38
C GLY E 96 -57.22 -36.80 -11.17
N SER E 97 -58.11 -35.95 -10.66
CA SER E 97 -59.43 -35.82 -11.26
C SER E 97 -59.44 -35.02 -12.56
N ILE E 98 -58.37 -34.30 -12.87
CA ILE E 98 -58.42 -33.21 -13.84
C ILE E 98 -58.31 -33.77 -15.24
N THR E 99 -59.21 -33.33 -16.13
CA THR E 99 -59.06 -33.62 -17.55
C THR E 99 -59.30 -32.35 -18.36
N ARG E 100 -58.68 -32.32 -19.55
CA ARG E 100 -58.74 -31.21 -20.49
C ARG E 100 -59.44 -31.71 -21.74
N THR E 101 -60.53 -31.04 -22.12
CA THR E 101 -61.46 -31.54 -23.14
C THR E 101 -61.72 -30.44 -24.15
N ARG E 102 -61.41 -30.70 -25.42
CA ARG E 102 -61.80 -29.82 -26.51
C ARG E 102 -62.34 -30.65 -27.66
N ASP E 103 -63.36 -30.11 -28.34
CA ASP E 103 -63.98 -30.70 -29.53
C ASP E 103 -64.33 -32.17 -29.33
N GLY E 104 -64.74 -32.53 -28.12
CA GLY E 104 -65.07 -33.89 -27.78
C GLY E 104 -63.89 -34.81 -27.49
N ALA E 105 -62.65 -34.34 -27.63
CA ALA E 105 -61.47 -35.15 -27.39
C ALA E 105 -60.77 -34.76 -26.09
N GLU E 106 -60.00 -35.71 -25.53
CA GLU E 106 -59.22 -35.48 -24.32
C GLU E 106 -57.76 -35.20 -24.68
N LEU E 107 -57.29 -33.87 -24.41
CA LEU E 107 -55.96 -33.29 -24.59
C LEU E 107 -55.14 -33.45 -23.32
N PRO E 108 -53.83 -33.50 -23.44
CA PRO E 108 -52.98 -33.67 -22.25
C PRO E 108 -52.93 -32.42 -21.39
N LEU E 109 -52.63 -32.62 -20.11
CA LEU E 109 -52.41 -31.49 -19.21
C LEU E 109 -51.09 -30.79 -19.52
N ALA E 110 -51.17 -29.49 -19.86
CA ALA E 110 -50.01 -28.67 -20.21
C ALA E 110 -50.09 -27.30 -19.55
N ALA E 111 -49.37 -27.12 -18.45
CA ALA E 111 -49.32 -25.82 -17.78
C ALA E 111 -49.15 -24.65 -18.76
N LEU E 112 -48.28 -24.80 -19.76
CA LEU E 112 -48.13 -23.76 -20.77
C LEU E 112 -49.44 -23.51 -21.51
N ASP E 113 -50.01 -24.57 -22.15
CA ASP E 113 -51.24 -24.36 -22.90
C ASP E 113 -52.33 -23.80 -22.01
N PHE E 114 -52.35 -24.20 -20.74
CA PHE E 114 -53.29 -23.62 -19.79
C PHE E 114 -53.23 -22.10 -19.80
N PHE E 115 -52.05 -21.51 -19.50
CA PHE E 115 -52.02 -20.07 -19.35
C PHE E 115 -52.26 -19.34 -20.67
N ILE E 116 -51.88 -19.94 -21.78
CA ILE E 116 -52.18 -19.34 -23.08
C ILE E 116 -53.67 -19.45 -23.39
N GLU E 117 -54.30 -20.59 -23.05
CA GLU E 117 -55.73 -20.68 -23.27
C GLU E 117 -56.53 -19.72 -22.40
N LEU E 118 -55.97 -19.24 -21.29
CA LEU E 118 -56.67 -18.42 -20.32
C LEU E 118 -56.05 -17.02 -20.21
N ARG E 119 -55.39 -16.58 -21.28
CA ARG E 119 -54.53 -15.40 -21.21
C ARG E 119 -55.31 -14.12 -20.97
N HIS E 120 -56.49 -13.98 -21.60
CA HIS E 120 -57.36 -12.84 -21.33
C HIS E 120 -58.10 -13.01 -20.00
N THR E 121 -58.45 -14.24 -19.61
CA THR E 121 -59.16 -14.43 -18.33
C THR E 121 -58.28 -14.08 -17.14
N LEU E 122 -56.98 -14.37 -17.24
CA LEU E 122 -56.00 -13.88 -16.30
C LEU E 122 -55.44 -12.54 -16.79
N GLY E 123 -54.72 -11.85 -15.94
CA GLY E 123 -54.30 -10.56 -16.46
C GLY E 123 -53.09 -10.57 -17.37
N LEU E 124 -52.92 -11.57 -18.23
CA LEU E 124 -51.62 -11.80 -18.87
C LEU E 124 -51.53 -11.02 -20.17
N SER E 125 -50.89 -9.85 -20.11
CA SER E 125 -50.67 -9.04 -21.30
C SER E 125 -49.68 -9.73 -22.26
N ASP E 126 -49.68 -9.27 -23.51
CA ASP E 126 -48.74 -9.82 -24.49
C ASP E 126 -47.30 -9.65 -24.01
N GLU E 127 -47.04 -8.58 -23.24
CA GLU E 127 -45.72 -8.26 -22.74
C GLU E 127 -45.29 -9.18 -21.62
N ILE E 128 -46.23 -9.59 -20.77
CA ILE E 128 -45.84 -10.32 -19.58
C ILE E 128 -45.85 -11.82 -19.82
N LEU E 129 -46.84 -12.29 -20.59
CA LEU E 129 -47.08 -13.71 -20.85
C LEU E 129 -45.82 -14.51 -21.20
N PRO E 130 -44.95 -14.08 -22.12
CA PRO E 130 -43.81 -14.94 -22.45
C PRO E 130 -42.86 -15.10 -21.28
N VAL E 131 -42.65 -14.06 -20.49
CA VAL E 131 -41.79 -14.20 -19.33
C VAL E 131 -42.48 -15.04 -18.26
N TYR E 132 -43.80 -14.89 -18.11
CA TYR E 132 -44.54 -15.75 -17.17
C TYR E 132 -44.36 -17.23 -17.53
N LEU E 133 -44.56 -17.59 -18.80
CA LEU E 133 -44.34 -18.96 -19.22
C LEU E 133 -42.92 -19.43 -18.90
N GLU E 134 -41.94 -18.53 -18.99
CA GLU E 134 -40.61 -18.90 -18.52
C GLU E 134 -40.64 -19.22 -17.03
N GLU E 135 -41.29 -18.37 -16.23
CA GLU E 135 -41.41 -18.63 -14.80
C GLU E 135 -42.06 -19.97 -14.55
N ILE E 136 -43.10 -20.29 -15.33
CA ILE E 136 -43.80 -21.58 -15.18
C ILE E 136 -42.86 -22.73 -15.56
N SER E 137 -42.26 -22.68 -16.76
CA SER E 137 -41.33 -23.74 -17.15
C SER E 137 -40.29 -24.00 -16.09
N SER E 138 -39.81 -22.94 -15.44
CA SER E 138 -38.75 -23.12 -14.47
C SER E 138 -39.28 -23.70 -13.17
N THR E 139 -40.48 -23.29 -12.75
CA THR E 139 -41.07 -23.92 -11.57
C THR E 139 -41.33 -25.41 -11.82
N LEU E 140 -41.82 -25.76 -13.01
CA LEU E 140 -42.07 -27.18 -13.32
C LEU E 140 -40.77 -27.98 -13.34
N SER E 141 -39.73 -27.46 -13.99
CA SER E 141 -38.42 -28.10 -13.93
C SER E 141 -38.01 -28.38 -12.50
N GLY E 142 -38.21 -27.41 -11.61
CA GLY E 142 -37.88 -27.64 -10.21
C GLY E 142 -38.69 -28.75 -9.58
N THR E 143 -39.96 -28.89 -9.96
CA THR E 143 -40.74 -30.04 -9.49
C THR E 143 -40.12 -31.34 -9.99
N CYS E 144 -39.69 -31.37 -11.25
CA CYS E 144 -39.09 -32.57 -11.79
C CYS E 144 -37.83 -32.96 -11.03
N TYR E 145 -36.99 -31.99 -10.67
CA TYR E 145 -35.81 -32.35 -9.90
C TYR E 145 -36.22 -32.90 -8.55
N LYS E 146 -37.15 -32.22 -7.87
CA LYS E 146 -37.60 -32.69 -6.55
C LYS E 146 -38.22 -34.09 -6.64
N LEU E 147 -38.76 -34.44 -7.80
CA LEU E 147 -39.33 -35.77 -7.97
C LEU E 147 -38.27 -36.85 -8.08
N THR E 148 -37.03 -36.50 -8.44
CA THR E 148 -35.92 -37.45 -8.42
C THR E 148 -35.25 -37.52 -7.06
N LYS E 149 -35.75 -36.78 -6.10
CA LYS E 149 -35.24 -36.87 -4.74
C LYS E 149 -35.89 -38.06 -4.05
N PRO E 150 -35.15 -38.74 -3.17
CA PRO E 150 -35.74 -39.83 -2.38
C PRO E 150 -37.01 -39.36 -1.69
N GLN E 151 -38.04 -40.19 -1.76
CA GLN E 151 -39.25 -39.94 -0.99
C GLN E 151 -38.87 -40.01 0.48
N VAL E 152 -39.37 -39.07 1.28
CA VAL E 152 -38.99 -38.97 2.68
C VAL E 152 -40.21 -38.59 3.49
N THR E 153 -40.51 -39.40 4.52
CA THR E 153 -41.67 -39.19 5.39
C THR E 153 -41.44 -38.00 6.31
N ALA E 154 -42.56 -37.44 6.80
CA ALA E 154 -42.48 -36.37 7.79
C ALA E 154 -41.61 -36.78 8.97
N ALA E 155 -41.71 -38.03 9.41
CA ALA E 155 -40.81 -38.51 10.45
C ALA E 155 -39.36 -38.42 10.00
N GLY E 156 -39.08 -38.87 8.77
CA GLY E 156 -37.71 -38.89 8.29
C GLY E 156 -37.05 -37.54 8.19
N LEU E 157 -37.84 -36.47 8.03
CA LEU E 157 -37.28 -35.13 7.90
C LEU E 157 -36.84 -34.57 9.26
N LEU E 158 -37.70 -34.67 10.27
CA LEU E 158 -37.31 -34.25 11.61
C LEU E 158 -36.03 -34.93 12.06
N GLU E 159 -35.98 -36.26 11.95
CA GLU E 159 -34.77 -36.98 12.29
C GLU E 159 -33.61 -36.64 11.34
N GLY E 160 -33.91 -36.09 10.16
CA GLY E 160 -32.87 -35.62 9.26
C GLY E 160 -32.22 -34.32 9.69
N GLY E 161 -32.93 -33.50 10.46
CA GLY E 161 -32.37 -32.27 10.99
C GLY E 161 -33.02 -31.02 10.39
N PHE E 162 -32.49 -29.87 10.82
CA PHE E 162 -33.01 -28.57 10.40
C PHE E 162 -32.81 -28.37 8.91
N GLN E 163 -31.60 -28.63 8.41
CA GLN E 163 -31.31 -28.37 7.01
C GLN E 163 -31.94 -29.41 6.11
N ALA E 164 -32.13 -30.64 6.60
CA ALA E 164 -32.85 -31.64 5.83
C ALA E 164 -34.29 -31.22 5.61
N LEU E 165 -34.84 -30.42 6.53
CA LEU E 165 -36.17 -29.86 6.36
C LEU E 165 -36.20 -28.75 5.31
N GLU E 166 -35.25 -27.80 5.40
CA GLU E 166 -35.30 -26.65 4.50
C GLU E 166 -35.16 -27.08 3.05
N SER E 167 -34.25 -28.00 2.76
CA SER E 167 -34.15 -28.53 1.42
C SER E 167 -35.25 -29.53 1.08
N GLY E 168 -36.04 -29.97 2.07
CA GLY E 168 -37.03 -31.01 1.86
C GLY E 168 -38.36 -30.47 1.38
N MET E 169 -38.57 -29.18 1.60
CA MET E 169 -39.81 -28.54 1.16
C MET E 169 -39.93 -28.57 -0.35
N THR E 170 -41.15 -28.56 -0.81
CA THR E 170 -41.48 -28.73 -2.21
C THR E 170 -42.40 -27.65 -2.73
N GLU E 171 -43.41 -27.25 -1.95
CA GLU E 171 -44.40 -26.31 -2.46
C GLU E 171 -43.83 -24.92 -2.63
N GLY E 172 -42.93 -24.50 -1.73
CA GLY E 172 -42.70 -23.09 -1.66
C GLY E 172 -43.99 -22.41 -1.21
N HIS E 173 -43.98 -21.09 -1.36
CA HIS E 173 -45.13 -20.28 -0.95
C HIS E 173 -46.41 -20.84 -1.56
N PRO E 174 -47.44 -21.11 -0.76
CA PRO E 174 -48.57 -21.92 -1.26
C PRO E 174 -49.61 -21.13 -2.01
N CYS E 175 -49.55 -19.79 -2.01
CA CYS E 175 -50.55 -19.00 -2.73
C CYS E 175 -50.12 -18.71 -4.15
N PHE E 176 -48.84 -18.51 -4.37
CA PHE E 176 -48.34 -18.09 -5.66
C PHE E 176 -48.11 -19.31 -6.54
N VAL E 177 -48.82 -19.37 -7.68
CA VAL E 177 -48.60 -20.46 -8.63
C VAL E 177 -47.18 -20.44 -9.17
N ALA E 178 -46.74 -19.29 -9.69
CA ALA E 178 -45.40 -19.14 -10.28
C ALA E 178 -44.37 -18.78 -9.21
N ASN E 179 -44.15 -19.73 -8.31
CA ASN E 179 -43.50 -19.43 -7.05
C ASN E 179 -41.99 -19.66 -7.06
N ASN E 180 -41.50 -20.52 -7.94
CA ASN E 180 -40.10 -20.96 -7.90
C ASN E 180 -39.47 -20.79 -9.28
N GLY E 181 -39.55 -19.55 -9.79
CA GLY E 181 -39.04 -19.27 -11.13
C GLY E 181 -37.53 -19.30 -11.22
N ARG E 182 -36.85 -18.55 -10.35
CA ARG E 182 -35.38 -18.46 -10.38
C ARG E 182 -34.83 -18.06 -11.76
N LEU E 183 -35.56 -17.22 -12.48
CA LEU E 183 -35.20 -16.88 -13.84
C LEU E 183 -33.83 -16.21 -13.95
N GLY E 184 -32.91 -16.87 -14.66
CA GLY E 184 -31.56 -16.38 -14.80
C GLY E 184 -30.60 -17.48 -14.43
N PHE E 185 -31.08 -18.45 -13.67
CA PHE E 185 -30.31 -19.66 -13.44
C PHE E 185 -30.29 -20.48 -14.72
N GLY E 186 -29.12 -20.72 -15.26
CA GLY E 186 -28.97 -21.80 -16.20
C GLY E 186 -29.16 -23.14 -15.51
N VAL E 187 -29.42 -24.17 -16.30
CA VAL E 187 -29.70 -25.46 -15.69
C VAL E 187 -28.50 -25.92 -14.83
N ASP E 188 -27.27 -25.70 -15.29
CA ASP E 188 -26.15 -26.02 -14.42
C ASP E 188 -26.12 -25.13 -13.18
N GLU E 189 -26.62 -23.89 -13.29
CA GLU E 189 -26.72 -22.97 -12.16
C GLU E 189 -27.87 -23.31 -11.23
N TYR E 190 -29.00 -23.79 -11.77
CA TYR E 190 -30.06 -24.34 -10.94
C TYR E 190 -29.52 -25.46 -10.06
N LEU E 191 -28.90 -26.46 -10.67
CA LEU E 191 -28.41 -27.60 -9.91
C LEU E 191 -27.44 -27.19 -8.82
N ALA E 192 -26.57 -26.22 -9.10
CA ALA E 192 -25.60 -25.81 -8.10
C ALA E 192 -26.26 -25.02 -6.96
N TYR E 193 -27.17 -24.11 -7.28
CA TYR E 193 -27.55 -23.07 -6.34
C TYR E 193 -29.00 -23.17 -5.83
N ALA E 194 -29.84 -24.05 -6.38
CA ALA E 194 -31.22 -24.13 -5.92
C ALA E 194 -31.28 -24.68 -4.50
N PRO E 195 -32.12 -24.11 -3.62
CA PRO E 195 -32.21 -24.64 -2.25
C PRO E 195 -32.65 -26.10 -2.20
N GLU E 196 -33.60 -26.48 -3.05
CA GLU E 196 -34.06 -27.86 -3.03
C GLU E 196 -33.02 -28.82 -3.51
N THR E 197 -31.81 -28.43 -3.89
CA THR E 197 -30.77 -29.41 -4.17
C THR E 197 -29.77 -29.57 -3.04
N ALA E 198 -29.73 -28.62 -2.10
CA ALA E 198 -28.83 -28.67 -0.95
C ALA E 198 -27.36 -28.92 -1.34
N HIS E 199 -26.96 -28.55 -2.57
CA HIS E 199 -25.56 -28.64 -2.91
C HIS E 199 -24.78 -27.49 -2.25
N PRO E 200 -23.62 -27.76 -1.66
CA PRO E 200 -22.94 -26.72 -0.86
C PRO E 200 -22.20 -25.72 -1.73
N VAL E 201 -22.26 -24.45 -1.32
CA VAL E 201 -21.66 -23.36 -2.09
C VAL E 201 -20.57 -22.67 -1.28
N ARG E 202 -19.49 -22.30 -1.95
CA ARG E 202 -18.47 -21.46 -1.35
C ARG E 202 -18.68 -20.03 -1.85
N LEU E 203 -18.84 -19.11 -0.91
CA LEU E 203 -19.09 -17.72 -1.26
C LEU E 203 -17.88 -17.13 -1.97
N VAL E 204 -18.11 -16.01 -2.65
CA VAL E 204 -17.02 -15.24 -3.24
C VAL E 204 -16.80 -13.99 -2.41
N TRP E 205 -15.56 -13.75 -2.00
CA TRP E 205 -15.24 -12.64 -1.13
C TRP E 205 -14.55 -11.54 -1.93
N LEU E 206 -15.05 -10.33 -1.79
CA LEU E 206 -14.48 -9.17 -2.45
C LEU E 206 -13.89 -8.22 -1.43
N ALA E 207 -12.78 -7.60 -1.82
CA ALA E 207 -12.27 -6.41 -1.14
C ALA E 207 -12.91 -5.19 -1.80
N ALA E 208 -13.57 -4.35 -0.99
CA ALA E 208 -14.21 -3.13 -1.48
C ALA E 208 -13.59 -1.92 -0.81
N HIS E 209 -13.31 -0.91 -1.63
CA HIS E 209 -12.64 0.32 -1.21
C HIS E 209 -13.60 1.28 -0.50
N ARG E 210 -13.14 1.89 0.60
CA ARG E 210 -14.07 2.63 1.46
C ARG E 210 -14.61 3.89 0.79
N SER E 211 -14.12 4.27 -0.40
CA SER E 211 -14.71 5.43 -1.06
C SER E 211 -16.09 5.10 -1.62
N ARG E 212 -16.35 3.84 -2.01
CA ARG E 212 -17.69 3.42 -2.39
C ARG E 212 -18.33 2.46 -1.40
N ALA E 213 -17.53 1.78 -0.58
CA ALA E 213 -18.03 0.75 0.31
C ALA E 213 -18.44 1.36 1.65
N ALA E 214 -19.09 0.54 2.48
CA ALA E 214 -19.60 1.00 3.77
C ALA E 214 -20.11 -0.15 4.64
N PHE E 215 -19.31 -0.52 5.64
CA PHE E 215 -19.70 -1.52 6.64
C PHE E 215 -20.54 -0.84 7.74
N THR E 216 -21.81 -1.19 7.82
CA THR E 216 -22.68 -0.76 8.91
C THR E 216 -22.66 -1.80 10.03
N ALA E 217 -22.40 -1.34 11.26
CA ALA E 217 -22.28 -2.22 12.41
C ALA E 217 -23.48 -2.07 13.34
N GLY E 218 -23.82 -3.17 14.01
CA GLY E 218 -24.83 -3.16 15.05
C GLY E 218 -24.21 -2.98 16.44
N ALA E 219 -25.10 -2.93 17.44
CA ALA E 219 -24.67 -2.83 18.82
C ALA E 219 -23.60 -3.87 19.15
N GLY E 220 -22.49 -3.41 19.69
CA GLY E 220 -21.45 -4.33 20.13
C GLY E 220 -20.76 -5.12 19.03
N ILE E 221 -20.89 -4.69 17.77
CA ILE E 221 -20.13 -5.25 16.66
C ILE E 221 -18.94 -4.36 16.37
N ASP E 222 -17.77 -4.97 16.30
CA ASP E 222 -16.55 -4.34 15.84
C ASP E 222 -16.25 -4.98 14.49
N TYR E 223 -15.94 -4.17 13.48
CA TYR E 223 -15.61 -4.72 12.16
C TYR E 223 -14.41 -5.66 12.23
N ALA E 224 -13.34 -5.23 12.89
CA ALA E 224 -12.12 -6.02 12.87
C ALA E 224 -12.31 -7.35 13.59
N SER E 225 -12.94 -7.31 14.77
CA SER E 225 -13.22 -8.55 15.49
C SER E 225 -14.15 -9.44 14.69
N PHE E 226 -15.22 -8.85 14.17
CA PHE E 226 -16.32 -9.57 13.53
C PHE E 226 -15.85 -10.47 12.39
N VAL E 227 -15.01 -9.95 11.50
CA VAL E 227 -14.53 -10.78 10.41
C VAL E 227 -13.68 -11.93 10.93
N ARG E 228 -12.91 -11.71 12.00
CA ARG E 228 -12.13 -12.82 12.54
C ARG E 228 -13.03 -13.90 13.11
N GLN E 229 -14.12 -13.49 13.77
CA GLN E 229 -15.09 -14.46 14.28
C GLN E 229 -15.71 -15.27 13.15
N GLU E 230 -15.80 -14.69 11.96
CA GLU E 230 -16.49 -15.33 10.84
C GLU E 230 -15.57 -16.01 9.85
N LEU E 231 -14.29 -15.66 9.82
CA LEU E 231 -13.39 -16.27 8.87
C LEU E 231 -12.17 -16.91 9.49
N GLY E 232 -11.83 -16.59 10.74
CA GLY E 232 -10.57 -17.05 11.28
C GLY E 232 -9.43 -16.12 10.89
N GLU E 233 -8.44 -16.05 11.79
CA GLU E 233 -7.33 -15.13 11.57
C GLU E 233 -6.49 -15.54 10.35
N GLU E 234 -6.38 -16.83 10.09
CA GLU E 234 -5.52 -17.29 9.00
C GLU E 234 -6.04 -16.82 7.65
N THR E 235 -7.37 -16.77 7.50
CA THR E 235 -7.98 -16.35 6.23
C THR E 235 -7.85 -14.83 6.04
N VAL E 236 -8.19 -14.04 7.06
CA VAL E 236 -8.00 -12.60 6.97
C VAL E 236 -6.52 -12.27 6.81
N GLU E 237 -5.64 -13.09 7.38
CA GLU E 237 -4.23 -13.02 7.05
C GLU E 237 -4.03 -13.16 5.54
N ARG E 238 -4.65 -14.19 4.94
CA ARG E 238 -4.50 -14.41 3.51
C ARG E 238 -5.14 -13.31 2.68
N PHE E 239 -6.25 -12.73 3.16
CA PHE E 239 -6.96 -11.71 2.37
C PHE E 239 -6.21 -10.38 2.37
N ASP E 240 -5.85 -9.88 3.54
CA ASP E 240 -5.05 -8.66 3.57
C ASP E 240 -3.72 -8.88 2.86
N GLY E 241 -3.30 -10.14 2.70
CA GLY E 241 -2.09 -10.40 1.94
C GLY E 241 -2.23 -10.08 0.46
N VAL E 242 -3.32 -10.51 -0.17
CA VAL E 242 -3.46 -10.35 -1.61
C VAL E 242 -3.64 -8.88 -1.97
N LEU E 243 -4.19 -8.07 -1.06
CA LEU E 243 -4.17 -6.63 -1.25
C LEU E 243 -2.74 -6.10 -1.32
N ARG E 244 -1.93 -6.44 -0.31
CA ARG E 244 -0.54 -6.00 -0.28
C ARG E 244 0.22 -6.42 -1.53
N GLY E 245 0.04 -7.68 -1.96
CA GLY E 245 0.67 -8.13 -3.21
C GLY E 245 0.36 -7.21 -4.38
N ARG E 246 -0.81 -6.58 -4.37
CA ARG E 246 -1.18 -5.60 -5.38
C ARG E 246 -0.82 -4.19 -4.93
N GLY E 247 -0.19 -4.05 -3.78
CA GLY E 247 0.36 -2.77 -3.37
C GLY E 247 -0.64 -1.82 -2.75
N LEU E 248 -1.57 -2.34 -1.95
CA LEU E 248 -2.74 -1.61 -1.48
C LEU E 248 -2.77 -1.59 0.05
N ASP E 249 -3.66 -0.76 0.62
CA ASP E 249 -3.77 -0.71 2.07
C ASP E 249 -5.02 -1.44 2.54
N PRO E 250 -4.90 -2.65 3.08
CA PRO E 250 -6.07 -3.37 3.61
C PRO E 250 -6.94 -2.58 4.59
N ALA E 251 -6.48 -1.40 5.00
CA ALA E 251 -7.31 -0.53 5.82
C ALA E 251 -8.25 0.30 4.96
N ASP E 252 -7.82 0.64 3.75
CA ASP E 252 -8.66 1.33 2.77
C ASP E 252 -9.78 0.44 2.22
N TYR E 253 -9.76 -0.85 2.54
CA TYR E 253 -10.72 -1.81 2.03
C TYR E 253 -11.51 -2.43 3.17
N LEU E 254 -12.62 -3.05 2.82
CA LEU E 254 -13.36 -3.91 3.74
C LEU E 254 -14.10 -4.97 2.93
N LEU E 255 -14.37 -6.11 3.56
CA LEU E 255 -14.76 -7.31 2.82
C LEU E 255 -16.25 -7.34 2.52
N ILE E 256 -16.60 -8.00 1.40
CA ILE E 256 -17.99 -8.27 1.07
C ILE E 256 -18.17 -9.69 0.50
N PRO E 257 -19.11 -10.48 1.02
CA PRO E 257 -19.41 -11.77 0.40
C PRO E 257 -20.49 -11.60 -0.65
N VAL E 258 -20.41 -12.41 -1.69
CA VAL E 258 -21.33 -12.30 -2.81
C VAL E 258 -21.65 -13.69 -3.35
N HIS E 259 -22.91 -13.89 -3.74
CA HIS E 259 -23.34 -15.14 -4.34
C HIS E 259 -22.55 -15.43 -5.62
N PRO E 260 -22.07 -16.66 -5.81
CA PRO E 260 -21.23 -16.94 -6.99
C PRO E 260 -21.89 -16.58 -8.30
N TRP E 261 -23.20 -16.80 -8.41
CA TRP E 261 -23.90 -16.41 -9.62
C TRP E 261 -23.83 -14.92 -9.87
N GLN E 262 -23.88 -14.12 -8.81
CA GLN E 262 -23.82 -12.66 -8.96
C GLN E 262 -22.46 -12.21 -9.44
N TRP E 263 -21.40 -12.83 -8.91
CA TRP E 263 -20.05 -12.46 -9.33
C TRP E 263 -19.80 -12.85 -10.77
N TRP E 264 -20.03 -14.11 -11.11
CA TRP E 264 -19.67 -14.59 -12.44
C TRP E 264 -20.49 -13.95 -13.53
N ASN E 265 -21.80 -13.85 -13.31
CA ASN E 265 -22.69 -13.43 -14.38
C ASN E 265 -23.02 -11.97 -14.38
N LYS E 266 -22.70 -11.24 -13.29
CA LYS E 266 -23.09 -9.84 -13.17
C LYS E 266 -21.90 -8.94 -12.83
N LEU E 267 -21.34 -9.09 -11.61
CA LEU E 267 -20.41 -8.07 -11.13
C LEU E 267 -19.16 -8.00 -11.99
N SER E 268 -18.61 -9.15 -12.39
CA SER E 268 -17.41 -9.17 -13.22
C SER E 268 -17.64 -8.55 -14.59
N VAL E 269 -18.88 -8.28 -14.97
CA VAL E 269 -19.17 -7.64 -16.25
C VAL E 269 -19.76 -6.25 -16.03
N THR E 270 -20.91 -6.16 -15.36
CA THR E 270 -21.57 -4.87 -15.18
C THR E 270 -20.68 -3.90 -14.41
N PHE E 271 -19.90 -4.44 -13.46
CA PHE E 271 -19.03 -3.67 -12.60
C PHE E 271 -17.57 -3.84 -12.98
N ALA E 272 -17.31 -4.10 -14.26
CA ALA E 272 -15.92 -4.33 -14.67
C ALA E 272 -15.02 -3.15 -14.30
N ALA E 273 -15.50 -1.92 -14.54
CA ALA E 273 -14.72 -0.74 -14.22
C ALA E 273 -14.21 -0.78 -12.79
N GLU E 274 -15.10 -1.10 -11.85
CA GLU E 274 -14.67 -1.14 -10.46
C GLU E 274 -13.60 -2.21 -10.24
N VAL E 275 -13.75 -3.37 -10.87
CA VAL E 275 -12.77 -4.44 -10.68
C VAL E 275 -11.39 -3.99 -11.14
N ALA E 276 -11.32 -3.38 -12.33
CA ALA E 276 -10.03 -3.06 -12.92
C ALA E 276 -9.41 -1.82 -12.27
N ARG E 277 -10.22 -0.87 -11.82
CA ARG E 277 -9.72 0.29 -11.08
C ARG E 277 -9.41 -0.05 -9.64
N GLN E 278 -9.46 -1.33 -9.29
CA GLN E 278 -9.16 -1.84 -7.96
C GLN E 278 -10.03 -1.22 -6.87
N ASN E 279 -11.21 -0.71 -7.23
CA ASN E 279 -12.23 -0.44 -6.24
C ASN E 279 -12.87 -1.71 -5.75
N LEU E 280 -12.74 -2.78 -6.53
CA LEU E 280 -13.11 -4.12 -6.13
C LEU E 280 -11.96 -5.04 -6.48
N VAL E 281 -11.54 -5.86 -5.51
CA VAL E 281 -10.53 -6.88 -5.74
C VAL E 281 -11.12 -8.22 -5.38
N CYS E 282 -10.98 -9.18 -6.28
CA CYS E 282 -11.52 -10.52 -6.09
C CYS E 282 -10.59 -11.34 -5.21
N LEU E 283 -11.06 -11.73 -4.02
CA LEU E 283 -10.18 -12.39 -3.05
C LEU E 283 -10.14 -13.91 -3.18
N GLY E 284 -11.26 -14.57 -3.55
CA GLY E 284 -11.31 -16.01 -3.66
C GLY E 284 -12.49 -16.56 -2.89
N GLU E 285 -12.50 -17.88 -2.74
CA GLU E 285 -13.60 -18.57 -2.07
C GLU E 285 -13.40 -18.56 -0.55
N SER E 286 -14.53 -18.64 0.16
CA SER E 286 -14.51 -18.85 1.60
C SER E 286 -14.15 -20.30 1.91
N ASP E 287 -13.54 -20.51 3.07
CA ASP E 287 -13.15 -21.86 3.42
C ASP E 287 -14.35 -22.69 3.89
N ASP E 288 -15.38 -22.04 4.45
CA ASP E 288 -16.56 -22.76 4.91
C ASP E 288 -17.46 -23.16 3.74
N GLU E 289 -18.47 -23.96 4.04
CA GLU E 289 -19.47 -24.42 3.08
C GLU E 289 -20.84 -23.93 3.51
N TYR E 290 -21.60 -23.38 2.57
CA TYR E 290 -22.88 -22.77 2.88
C TYR E 290 -24.00 -23.49 2.13
N LEU E 291 -25.24 -23.36 2.64
CA LEU E 291 -26.43 -24.02 2.09
C LEU E 291 -27.53 -23.01 1.77
N ALA E 292 -27.86 -22.89 0.49
CA ALA E 292 -28.94 -22.00 0.08
C ALA E 292 -30.24 -22.29 0.82
N GLN E 293 -30.81 -21.25 1.43
CA GLN E 293 -32.09 -21.34 2.14
C GLN E 293 -33.24 -21.24 1.15
N GLN E 294 -34.48 -21.23 1.66
CA GLN E 294 -35.60 -21.23 0.73
C GLN E 294 -35.69 -19.92 -0.03
N SER E 295 -35.13 -18.85 0.53
CA SER E 295 -35.01 -17.58 -0.14
C SER E 295 -33.99 -17.59 -1.29
N ILE E 296 -33.20 -18.66 -1.41
CA ILE E 296 -32.19 -18.85 -2.43
C ILE E 296 -30.99 -17.94 -2.21
N ARG E 297 -31.23 -16.68 -1.82
CA ARG E 297 -30.16 -15.68 -1.72
C ARG E 297 -29.53 -15.62 -0.34
N THR E 298 -30.18 -16.19 0.67
CA THR E 298 -29.61 -16.31 2.01
C THR E 298 -28.96 -17.69 2.15
N PHE E 299 -27.80 -17.71 2.79
CA PHE E 299 -26.99 -18.91 2.96
C PHE E 299 -26.75 -19.19 4.44
N PHE E 300 -26.92 -20.45 4.81
CA PHE E 300 -26.68 -20.96 6.15
C PHE E 300 -25.31 -21.61 6.18
N ASN E 301 -24.55 -21.36 7.25
CA ASN E 301 -23.19 -21.90 7.34
C ASN E 301 -23.28 -23.36 7.77
N ALA E 302 -23.07 -24.27 6.83
CA ALA E 302 -23.11 -25.70 7.13
C ALA E 302 -21.94 -26.09 8.02
N THR E 303 -20.72 -25.73 7.63
CA THR E 303 -19.53 -26.11 8.41
C THR E 303 -19.61 -25.63 9.86
N HIS E 304 -20.30 -24.53 10.11
CA HIS E 304 -20.36 -23.94 11.45
C HIS E 304 -21.74 -23.33 11.64
N PRO E 305 -22.75 -24.17 11.93
CA PRO E 305 -24.12 -23.65 12.09
C PRO E 305 -24.23 -22.47 13.05
N GLU E 306 -23.21 -22.27 13.89
CA GLU E 306 -23.24 -21.20 14.87
C GLU E 306 -22.85 -19.84 14.28
N LYS E 307 -21.96 -19.83 13.27
CA LYS E 307 -21.67 -18.58 12.59
C LYS E 307 -22.88 -18.11 11.80
N HIS E 308 -22.86 -16.82 11.47
CA HIS E 308 -24.02 -16.10 10.94
C HIS E 308 -24.46 -16.61 9.58
N TYR E 309 -25.75 -16.39 9.30
CA TYR E 309 -26.27 -16.41 7.94
C TYR E 309 -25.63 -15.31 7.09
N VAL E 310 -25.64 -15.50 5.78
CA VAL E 310 -25.15 -14.47 4.85
C VAL E 310 -26.20 -14.27 3.78
N LYS E 311 -26.84 -13.11 3.79
CA LYS E 311 -27.77 -12.74 2.74
C LYS E 311 -27.05 -11.98 1.63
N THR E 312 -27.22 -12.43 0.38
CA THR E 312 -26.50 -11.90 -0.76
C THR E 312 -27.42 -11.17 -1.73
N ALA E 313 -26.79 -10.41 -2.61
CA ALA E 313 -27.47 -9.78 -3.73
C ALA E 313 -27.48 -10.77 -4.88
N LEU E 314 -28.69 -11.10 -5.38
CA LEU E 314 -28.87 -12.09 -6.42
C LEU E 314 -29.83 -11.54 -7.47
N SER E 315 -29.28 -10.83 -8.47
CA SER E 315 -30.11 -10.18 -9.49
C SER E 315 -30.76 -11.22 -10.39
N VAL E 316 -31.73 -11.94 -9.82
CA VAL E 316 -32.47 -13.01 -10.46
C VAL E 316 -33.93 -12.81 -10.08
N LEU E 317 -34.84 -13.14 -11.00
CA LEU E 317 -36.28 -12.90 -10.81
C LEU E 317 -36.96 -14.12 -10.18
N ASN E 318 -37.57 -13.92 -9.01
CA ASN E 318 -38.32 -15.00 -8.36
C ASN E 318 -39.57 -14.46 -7.66
N MET E 319 -40.71 -15.06 -7.99
CA MET E 319 -42.02 -14.69 -7.44
C MET E 319 -42.17 -13.18 -7.30
N GLY E 320 -42.17 -12.52 -8.46
CA GLY E 320 -42.57 -11.15 -8.55
C GLY E 320 -41.59 -10.10 -8.06
N PHE E 321 -40.33 -10.46 -7.80
CA PHE E 321 -39.34 -9.49 -7.36
C PHE E 321 -37.94 -9.90 -7.82
N MET E 322 -37.18 -8.94 -8.33
CA MET E 322 -35.75 -9.17 -8.51
C MET E 322 -35.09 -9.24 -7.13
N ARG E 323 -34.28 -10.26 -6.92
CA ARG E 323 -33.78 -10.50 -5.55
C ARG E 323 -32.43 -9.82 -5.31
N GLY E 324 -32.30 -8.58 -5.84
CA GLY E 324 -31.19 -7.73 -5.46
C GLY E 324 -31.37 -7.14 -4.06
N LEU E 325 -30.25 -6.71 -3.50
CA LEU E 325 -30.17 -6.14 -2.16
C LEU E 325 -29.66 -4.72 -2.27
N SER E 326 -30.41 -3.75 -1.74
CA SER E 326 -30.10 -2.33 -1.95
C SER E 326 -29.02 -1.86 -0.99
N ALA E 327 -27.88 -1.43 -1.55
CA ALA E 327 -26.78 -0.96 -0.73
C ALA E 327 -27.18 0.23 0.15
N ALA E 328 -28.13 1.05 -0.31
CA ALA E 328 -28.52 2.22 0.46
C ALA E 328 -29.32 1.82 1.70
N TYR E 329 -30.24 0.87 1.57
CA TYR E 329 -31.02 0.43 2.71
C TYR E 329 -30.18 -0.31 3.75
N MET E 330 -28.94 -0.64 3.42
CA MET E 330 -28.11 -1.35 4.38
C MET E 330 -27.60 -0.43 5.48
N GLU E 331 -27.41 0.86 5.20
CA GLU E 331 -26.97 1.77 6.25
C GLU E 331 -27.91 1.71 7.45
N ALA E 332 -29.20 1.48 7.21
CA ALA E 332 -30.22 1.40 8.23
C ALA E 332 -30.32 0.02 8.89
N THR E 333 -30.19 -1.05 8.10
CA THR E 333 -30.68 -2.38 8.48
C THR E 333 -30.29 -2.84 9.90
N PRO E 334 -29.03 -2.73 10.35
CA PRO E 334 -28.75 -3.19 11.72
C PRO E 334 -29.48 -2.43 12.80
N ALA E 335 -29.71 -1.13 12.61
CA ALA E 335 -30.36 -0.34 13.65
C ALA E 335 -31.79 -0.81 13.87
N ILE E 336 -32.55 -1.04 12.79
CA ILE E 336 -33.92 -1.49 12.96
C ILE E 336 -33.97 -2.82 13.71
N ASN E 337 -32.96 -3.66 13.54
CA ASN E 337 -32.95 -4.93 14.27
C ASN E 337 -32.58 -4.72 15.72
N ASP E 338 -31.60 -3.86 15.98
CA ASP E 338 -31.26 -3.52 17.36
C ASP E 338 -32.44 -2.88 18.07
N TRP E 339 -33.22 -2.06 17.37
CA TRP E 339 -34.38 -1.41 17.97
C TRP E 339 -35.49 -2.40 18.28
N LEU E 340 -35.77 -3.35 17.39
CA LEU E 340 -36.81 -4.32 17.69
C LEU E 340 -36.40 -5.23 18.82
N ASP E 341 -35.13 -5.66 18.84
CA ASP E 341 -34.63 -6.48 19.93
C ASP E 341 -34.90 -5.84 21.29
N ARG E 342 -34.68 -4.52 21.38
CA ARG E 342 -35.02 -3.77 22.59
C ARG E 342 -36.50 -3.93 22.92
N LEU E 343 -37.37 -3.73 21.93
CA LEU E 343 -38.80 -3.77 22.17
C LEU E 343 -39.23 -5.11 22.75
N ILE E 344 -38.66 -6.22 22.26
CA ILE E 344 -39.06 -7.53 22.78
C ILE E 344 -38.58 -7.69 24.21
N ASP E 345 -37.33 -7.32 24.47
CA ASP E 345 -36.80 -7.41 25.82
C ASP E 345 -37.59 -6.54 26.78
N ASN E 346 -37.85 -5.29 26.39
CA ASN E 346 -38.53 -4.31 27.24
C ASN E 346 -40.05 -4.48 27.29
N ASP E 347 -40.59 -5.56 26.73
CA ASP E 347 -42.01 -5.84 26.87
C ASP E 347 -42.18 -7.21 27.51
N PRO E 348 -42.81 -7.30 28.67
CA PRO E 348 -43.05 -8.62 29.28
C PRO E 348 -44.07 -9.47 28.52
N VAL E 349 -45.02 -8.84 27.82
CA VAL E 349 -45.99 -9.61 27.04
C VAL E 349 -45.28 -10.48 26.02
N LEU E 350 -44.23 -9.94 25.41
CA LEU E 350 -43.49 -10.69 24.39
C LEU E 350 -42.51 -11.68 25.00
N LYS E 351 -41.77 -11.27 26.04
CA LYS E 351 -40.87 -12.18 26.72
C LYS E 351 -41.59 -13.40 27.27
N SER E 352 -42.90 -13.28 27.52
CA SER E 352 -43.70 -14.41 27.96
C SER E 352 -43.83 -15.47 26.88
N THR E 353 -43.72 -15.07 25.60
CA THR E 353 -43.91 -15.97 24.47
C THR E 353 -42.60 -16.51 23.91
N GLY E 354 -41.48 -16.26 24.59
CA GLY E 354 -40.18 -16.76 24.16
C GLY E 354 -39.70 -16.19 22.84
N LEU E 355 -40.45 -15.20 22.36
CA LEU E 355 -40.24 -14.65 21.02
C LEU E 355 -38.85 -14.04 20.90
N SER E 356 -38.13 -14.49 19.89
CA SER E 356 -36.87 -13.85 19.51
C SER E 356 -36.93 -13.49 18.04
N ILE E 357 -36.04 -12.61 17.64
CA ILE E 357 -35.72 -12.41 16.24
C ILE E 357 -34.27 -12.81 16.05
N ILE E 358 -33.94 -13.29 14.86
CA ILE E 358 -32.55 -13.47 14.48
C ILE E 358 -32.12 -12.15 13.83
N ARG E 359 -31.56 -11.27 14.67
CA ARG E 359 -31.23 -9.92 14.23
C ARG E 359 -30.30 -9.94 13.03
N GLU E 360 -30.48 -8.96 12.16
CA GLU E 360 -29.53 -8.74 11.08
C GLU E 360 -28.45 -7.80 11.65
N ARG E 361 -27.31 -8.39 12.03
CA ARG E 361 -26.33 -7.79 12.93
C ARG E 361 -25.35 -6.86 12.23
N ALA E 362 -24.99 -7.15 10.98
CA ALA E 362 -24.10 -6.29 10.23
C ALA E 362 -24.54 -6.27 8.77
N ALA E 363 -24.06 -5.28 8.03
CA ALA E 363 -24.46 -5.11 6.63
C ALA E 363 -23.37 -4.37 5.85
N VAL E 364 -23.14 -4.77 4.60
CA VAL E 364 -22.26 -4.06 3.69
C VAL E 364 -23.05 -3.54 2.50
N GLY E 365 -22.68 -2.35 2.05
CA GLY E 365 -23.23 -1.79 0.82
C GLY E 365 -22.14 -1.23 -0.06
N TYR E 366 -22.41 -1.21 -1.36
CA TYR E 366 -21.52 -0.63 -2.36
C TYR E 366 -22.32 0.33 -3.21
N ARG E 367 -21.99 1.61 -3.13
CA ARG E 367 -22.62 2.63 -3.96
C ARG E 367 -21.78 2.74 -5.24
N HIS E 368 -22.32 2.24 -6.35
CA HIS E 368 -21.72 2.46 -7.67
C HIS E 368 -22.03 3.89 -8.09
N LEU E 369 -21.02 4.79 -7.99
CA LEU E 369 -21.29 6.21 -8.20
C LEU E 369 -21.84 6.46 -9.60
N GLU E 370 -21.19 5.90 -10.62
CA GLU E 370 -21.61 6.11 -11.99
C GLU E 370 -23.05 5.63 -12.22
N TYR E 371 -23.36 4.40 -11.81
CA TYR E 371 -24.72 3.91 -12.03
C TYR E 371 -25.74 4.71 -11.23
N GLU E 372 -25.38 5.15 -10.03
CA GLU E 372 -26.26 6.04 -9.27
C GLU E 372 -26.58 7.29 -10.06
N ALA E 373 -25.58 7.86 -10.73
CA ALA E 373 -25.83 9.02 -11.59
C ALA E 373 -26.91 8.73 -12.62
N ALA E 374 -26.90 7.51 -13.17
CA ALA E 374 -27.68 7.16 -14.36
C ALA E 374 -28.97 6.43 -14.06
N THR E 375 -29.45 6.45 -12.81
CA THR E 375 -30.65 5.72 -12.44
C THR E 375 -31.44 6.55 -11.45
N ASP E 376 -32.67 6.11 -11.17
CA ASP E 376 -33.46 6.67 -10.08
C ASP E 376 -33.15 5.91 -8.80
N ARG E 377 -33.95 6.16 -7.75
CA ARG E 377 -33.70 5.54 -6.46
C ARG E 377 -33.99 4.03 -6.50
N TYR E 378 -35.06 3.65 -7.19
CA TYR E 378 -35.56 2.26 -7.16
C TYR E 378 -35.18 1.54 -8.46
N SER E 379 -33.88 1.33 -8.59
CA SER E 379 -33.36 0.73 -9.80
C SER E 379 -32.57 -0.52 -9.46
N PRO E 380 -32.66 -1.55 -10.29
CA PRO E 380 -31.94 -2.80 -9.99
C PRO E 380 -30.42 -2.66 -10.02
N TYR E 381 -29.86 -1.63 -10.66
CA TYR E 381 -28.40 -1.42 -10.63
C TYR E 381 -27.91 -0.99 -9.24
N ARG E 382 -28.73 -0.28 -8.48
CA ARG E 382 -28.39 0.03 -7.10
C ARG E 382 -28.54 -1.15 -6.17
N LYS E 383 -28.95 -2.32 -6.67
CA LYS E 383 -29.20 -3.48 -5.82
C LYS E 383 -28.33 -4.67 -6.19
N MET E 384 -27.24 -4.45 -6.92
CA MET E 384 -26.45 -5.55 -7.44
C MET E 384 -25.34 -6.01 -6.51
N LEU E 385 -24.86 -5.14 -5.62
CA LEU E 385 -23.77 -5.52 -4.73
C LEU E 385 -24.11 -5.04 -3.35
N ALA E 386 -24.33 -5.99 -2.44
CA ALA E 386 -24.67 -5.71 -1.06
C ALA E 386 -24.87 -7.04 -0.35
N ALA E 387 -24.63 -7.02 0.96
CA ALA E 387 -24.73 -8.21 1.78
C ALA E 387 -25.11 -7.78 3.19
N LEU E 388 -25.81 -8.67 3.90
CA LEU E 388 -26.03 -8.51 5.33
C LEU E 388 -25.75 -9.83 6.01
N TRP E 389 -25.44 -9.77 7.31
CA TRP E 389 -25.29 -10.96 8.14
C TRP E 389 -26.42 -11.07 9.17
N ARG E 390 -26.79 -12.31 9.50
CA ARG E 390 -27.89 -12.59 10.42
C ARG E 390 -27.46 -13.67 11.42
N GLU E 391 -27.98 -13.56 12.66
CA GLU E 391 -27.64 -14.51 13.70
C GLU E 391 -28.15 -15.92 13.37
N SER E 392 -27.45 -16.91 13.92
CA SER E 392 -27.87 -18.31 13.97
C SER E 392 -28.73 -18.56 15.19
N PRO E 393 -29.84 -19.29 15.07
CA PRO E 393 -30.61 -19.71 16.25
C PRO E 393 -30.08 -20.95 16.97
N VAL E 394 -28.88 -21.43 16.64
CA VAL E 394 -28.37 -22.72 17.11
C VAL E 394 -27.70 -22.63 18.48
N PRO E 395 -26.84 -21.64 18.77
CA PRO E 395 -26.34 -21.52 20.15
C PRO E 395 -27.41 -21.06 21.13
N ALA E 396 -28.55 -20.57 20.67
CA ALA E 396 -29.66 -20.21 21.54
C ALA E 396 -30.51 -21.43 21.93
N LEU E 397 -29.98 -22.63 21.73
CA LEU E 397 -30.72 -23.88 21.92
C LEU E 397 -30.35 -24.52 23.25
N ARG E 398 -31.38 -24.82 24.04
CA ARG E 398 -31.22 -25.70 25.18
C ARG E 398 -31.47 -27.13 24.73
N ASP E 399 -31.40 -28.07 25.68
CA ASP E 399 -31.43 -29.49 25.33
C ASP E 399 -32.83 -29.94 24.95
N GLY E 400 -32.90 -30.89 24.03
CA GLY E 400 -34.16 -31.36 23.49
C GLY E 400 -34.79 -30.41 22.49
N GLU E 401 -34.18 -29.25 22.25
CA GLU E 401 -34.70 -28.26 21.33
C GLU E 401 -34.05 -28.42 19.95
N SER E 402 -34.87 -28.32 18.90
CA SER E 402 -34.47 -28.46 17.52
C SER E 402 -35.03 -27.31 16.71
N LEU E 403 -34.56 -27.15 15.47
CA LEU E 403 -35.04 -26.07 14.61
C LEU E 403 -35.85 -26.62 13.43
N THR E 404 -36.81 -25.81 12.97
CA THR E 404 -37.48 -26.05 11.71
C THR E 404 -38.07 -24.75 11.18
N THR E 405 -38.17 -24.66 9.85
CA THR E 405 -38.92 -23.56 9.25
C THR E 405 -40.40 -23.80 9.43
N MET E 406 -41.10 -22.73 9.81
CA MET E 406 -42.55 -22.81 9.98
C MET E 406 -43.27 -23.20 8.69
N ALA E 407 -42.60 -23.13 7.54
CA ALA E 407 -43.24 -23.55 6.30
C ALA E 407 -43.51 -25.04 6.29
N ALA E 408 -42.89 -25.81 7.20
CA ALA E 408 -43.07 -27.26 7.20
C ALA E 408 -44.41 -27.69 7.75
N LEU E 409 -45.14 -26.78 8.42
CA LEU E 409 -46.46 -27.11 8.89
C LEU E 409 -47.40 -27.47 7.74
N VAL E 410 -47.16 -26.89 6.56
CA VAL E 410 -48.01 -27.17 5.41
C VAL E 410 -47.37 -28.17 4.45
N HIS E 411 -46.23 -28.74 4.82
CA HIS E 411 -45.60 -29.74 3.98
C HIS E 411 -46.25 -31.10 4.17
N VAL E 412 -46.50 -31.80 3.07
CA VAL E 412 -47.19 -33.09 3.05
C VAL E 412 -46.27 -34.09 2.35
N ASP E 413 -46.06 -35.25 2.97
CA ASP E 413 -45.24 -36.26 2.33
C ASP E 413 -46.07 -37.04 1.32
N HIS E 414 -45.46 -38.05 0.70
CA HIS E 414 -46.16 -38.92 -0.24
C HIS E 414 -47.24 -39.76 0.43
N GLU E 415 -47.12 -40.01 1.73
CA GLU E 415 -48.09 -40.84 2.43
C GLU E 415 -49.34 -40.06 2.84
N GLY E 416 -49.33 -38.73 2.72
CA GLY E 416 -50.46 -37.90 3.09
C GLY E 416 -50.33 -37.21 4.43
N ARG E 417 -49.25 -37.44 5.15
CA ARG E 417 -49.09 -36.95 6.52
C ARG E 417 -48.30 -35.65 6.51
N SER E 418 -48.90 -34.57 7.02
CA SER E 418 -48.17 -33.33 7.18
C SER E 418 -47.24 -33.40 8.39
N VAL E 419 -46.24 -32.52 8.40
CA VAL E 419 -45.34 -32.41 9.54
C VAL E 419 -46.06 -31.84 10.76
N ALA E 420 -47.13 -31.08 10.56
CA ALA E 420 -48.01 -30.77 11.67
C ALA E 420 -48.63 -32.04 12.27
N GLY E 421 -48.85 -33.07 11.45
CA GLY E 421 -49.39 -34.32 11.98
C GLY E 421 -48.41 -35.06 12.87
N GLU E 422 -47.20 -35.33 12.36
CA GLU E 422 -46.24 -36.14 13.11
C GLU E 422 -45.85 -35.49 14.43
N LEU E 423 -45.92 -34.16 14.50
CA LEU E 423 -45.55 -33.43 15.72
C LEU E 423 -46.65 -33.43 16.77
N ILE E 424 -47.90 -33.61 16.38
CA ILE E 424 -48.94 -33.88 17.37
C ILE E 424 -48.89 -35.32 17.83
N ALA E 425 -48.31 -36.22 17.03
CA ALA E 425 -48.14 -37.60 17.46
C ALA E 425 -47.07 -37.72 18.54
N ARG E 426 -45.87 -37.24 18.26
CA ARG E 426 -44.75 -37.43 19.18
C ARG E 426 -44.89 -36.61 20.46
N SER E 427 -45.76 -35.59 20.46
CA SER E 427 -46.04 -34.87 21.70
C SER E 427 -47.10 -35.54 22.55
N GLY E 428 -47.95 -36.37 21.95
CA GLY E 428 -49.04 -37.02 22.64
C GLY E 428 -50.24 -36.15 22.91
N LEU E 429 -50.10 -34.83 22.83
CA LEU E 429 -51.19 -33.95 23.23
C LEU E 429 -52.37 -34.06 22.26
N ALA E 430 -53.51 -33.54 22.71
CA ALA E 430 -54.66 -33.40 21.84
C ALA E 430 -54.38 -32.31 20.81
N PRO E 431 -54.97 -32.43 19.62
CA PRO E 431 -54.78 -31.39 18.59
C PRO E 431 -54.95 -29.97 19.13
N THR E 432 -56.11 -29.67 19.72
CA THR E 432 -56.37 -28.30 20.15
C THR E 432 -55.40 -27.83 21.23
N ALA E 433 -54.67 -28.74 21.88
CA ALA E 433 -53.71 -28.37 22.91
C ALA E 433 -52.35 -28.02 22.30
N TRP E 434 -51.83 -28.89 21.44
CA TRP E 434 -50.59 -28.62 20.72
C TRP E 434 -50.72 -27.36 19.87
N LEU E 435 -51.91 -27.12 19.33
CA LEU E 435 -52.14 -25.93 18.53
C LEU E 435 -51.99 -24.67 19.39
N ARG E 436 -52.41 -24.77 20.66
CA ARG E 436 -52.39 -23.63 21.58
C ARG E 436 -50.97 -23.12 21.81
N HIS E 437 -50.04 -24.03 22.09
CA HIS E 437 -48.65 -23.62 22.33
C HIS E 437 -48.08 -22.94 21.09
N TYR E 438 -48.54 -23.35 19.92
CA TYR E 438 -48.01 -22.78 18.69
C TYR E 438 -48.53 -21.36 18.48
N LEU E 439 -49.82 -21.13 18.66
CA LEU E 439 -50.30 -19.76 18.50
C LEU E 439 -49.76 -18.86 19.60
N ARG E 440 -49.50 -19.43 20.79
CA ARG E 440 -48.93 -18.64 21.87
C ARG E 440 -47.49 -18.24 21.60
N ALA E 441 -46.79 -18.98 20.74
CA ALA E 441 -45.44 -18.62 20.34
C ALA E 441 -45.43 -17.73 19.12
N TYR E 442 -46.25 -18.06 18.12
CA TYR E 442 -46.28 -17.41 16.82
C TYR E 442 -47.43 -16.42 16.65
N TYR E 443 -48.66 -16.85 16.93
CA TYR E 443 -49.80 -16.00 16.59
C TYR E 443 -49.89 -14.79 17.52
N THR E 444 -49.75 -15.00 18.83
CA THR E 444 -50.04 -13.91 19.79
C THR E 444 -49.14 -12.70 19.63
N PRO E 445 -47.82 -12.82 19.40
CA PRO E 445 -46.99 -11.61 19.27
C PRO E 445 -47.43 -10.68 18.14
N LEU E 446 -48.07 -11.22 17.11
CA LEU E 446 -48.57 -10.35 16.04
C LEU E 446 -49.71 -9.46 16.53
N LEU E 447 -50.59 -9.96 17.39
CA LEU E 447 -51.68 -9.11 17.86
C LEU E 447 -51.16 -8.02 18.79
N HIS E 448 -50.21 -8.37 19.68
CA HIS E 448 -49.67 -7.37 20.59
C HIS E 448 -48.92 -6.27 19.83
N SER E 449 -48.07 -6.68 18.87
CA SER E 449 -47.33 -5.73 18.04
C SER E 449 -48.27 -4.78 17.34
N PHE E 450 -49.36 -5.31 16.79
CA PHE E 450 -50.32 -4.49 16.09
C PHE E 450 -51.06 -3.56 17.03
N TYR E 451 -51.62 -4.12 18.11
CA TYR E 451 -52.56 -3.37 18.93
C TYR E 451 -51.86 -2.34 19.81
N ALA E 452 -50.68 -2.67 20.32
CA ALA E 452 -49.98 -1.76 21.23
C ALA E 452 -48.94 -0.90 20.52
N TYR E 453 -48.55 -1.25 19.29
CA TYR E 453 -47.47 -0.55 18.59
C TYR E 453 -47.75 -0.19 17.13
N ASP E 454 -48.84 -0.65 16.51
CA ASP E 454 -49.12 -0.40 15.09
C ASP E 454 -48.03 -0.98 14.18
N LEU E 455 -47.59 -2.21 14.49
CA LEU E 455 -46.43 -2.84 13.86
C LEU E 455 -46.83 -4.13 13.16
N ALA E 456 -46.52 -4.23 11.86
CA ALA E 456 -46.92 -5.35 11.02
C ALA E 456 -45.70 -6.04 10.41
N PHE E 457 -45.84 -7.36 10.22
CA PHE E 457 -44.78 -8.20 9.68
C PHE E 457 -45.23 -8.82 8.35
N MET E 458 -44.33 -9.62 7.77
CA MET E 458 -44.62 -10.54 6.67
C MET E 458 -44.31 -11.96 7.13
N PRO E 459 -45.06 -12.47 8.09
CA PRO E 459 -44.62 -13.67 8.82
C PRO E 459 -45.18 -14.97 8.24
N HIS E 460 -44.75 -15.30 7.02
CA HIS E 460 -45.20 -16.51 6.36
C HIS E 460 -44.21 -17.65 6.64
N GLY E 461 -44.23 -18.69 5.81
CA GLY E 461 -43.45 -19.88 6.13
C GLY E 461 -41.95 -19.68 6.03
N GLU E 462 -41.50 -18.88 5.05
CA GLU E 462 -40.05 -18.69 4.91
C GLU E 462 -39.47 -17.80 6.00
N ASN E 463 -40.15 -16.69 6.32
CA ASN E 463 -39.59 -15.71 7.24
C ASN E 463 -39.78 -16.06 8.72
N THR E 464 -40.32 -17.25 9.04
CA THR E 464 -40.54 -17.66 10.43
C THR E 464 -39.84 -18.99 10.71
N ILE E 465 -39.37 -19.14 11.94
CA ILE E 465 -38.71 -20.35 12.38
C ILE E 465 -39.31 -20.76 13.72
N LEU E 466 -39.51 -22.06 13.90
CA LEU E 466 -40.02 -22.62 15.14
C LEU E 466 -38.94 -23.45 15.86
N VAL E 467 -38.89 -23.31 17.18
CA VAL E 467 -38.06 -24.15 18.04
C VAL E 467 -38.97 -25.21 18.68
N LEU E 468 -38.48 -26.45 18.70
CA LEU E 468 -39.28 -27.63 18.99
C LEU E 468 -38.65 -28.47 20.09
N LYS E 469 -39.47 -28.93 21.03
CA LYS E 469 -39.02 -29.84 22.07
C LYS E 469 -40.09 -30.89 22.32
N ASP E 470 -39.72 -32.16 22.23
CA ASP E 470 -40.64 -33.28 22.43
C ASP E 470 -41.89 -33.14 21.54
N GLY E 471 -41.73 -32.49 20.39
CA GLY E 471 -42.83 -32.23 19.48
C GLY E 471 -43.69 -31.03 19.81
N VAL E 472 -43.25 -30.17 20.72
CA VAL E 472 -44.05 -29.05 21.20
C VAL E 472 -43.42 -27.76 20.71
N VAL E 473 -44.27 -26.79 20.39
CA VAL E 473 -43.84 -25.47 19.91
C VAL E 473 -43.42 -24.66 21.13
N GLN E 474 -42.11 -24.56 21.37
CA GLN E 474 -41.61 -23.80 22.52
C GLN E 474 -41.82 -22.30 22.30
N ARG E 475 -41.25 -21.76 21.23
CA ARG E 475 -41.27 -20.33 20.96
C ARG E 475 -41.23 -20.13 19.46
N ALA E 476 -41.37 -18.87 19.05
CA ALA E 476 -41.16 -18.50 17.65
C ALA E 476 -39.89 -17.67 17.50
N VAL E 477 -39.33 -17.74 16.30
CA VAL E 477 -38.25 -16.87 15.85
C VAL E 477 -38.69 -16.19 14.55
N TYR E 478 -38.37 -14.90 14.40
CA TYR E 478 -38.72 -14.12 13.23
C TYR E 478 -37.48 -13.64 12.49
N LYS E 479 -37.62 -13.40 11.18
CA LYS E 479 -36.52 -12.88 10.39
C LYS E 479 -37.08 -12.13 9.19
N ASP E 480 -36.16 -11.65 8.34
CA ASP E 480 -36.43 -10.69 7.27
C ASP E 480 -37.18 -9.53 7.89
N ILE E 481 -36.45 -8.65 8.56
CA ILE E 481 -37.06 -7.64 9.41
C ILE E 481 -37.07 -6.30 8.70
N ALA E 482 -35.88 -5.73 8.47
CA ALA E 482 -35.79 -4.34 8.02
C ALA E 482 -36.45 -4.14 6.66
N GLU E 483 -36.31 -5.13 5.75
CA GLU E 483 -36.99 -5.07 4.46
C GLU E 483 -38.51 -5.07 4.60
N GLU E 484 -39.05 -5.81 5.57
CA GLU E 484 -40.44 -6.23 5.52
C GLU E 484 -41.34 -5.58 6.55
N ILE E 485 -40.82 -5.19 7.72
CA ILE E 485 -41.70 -4.68 8.75
C ILE E 485 -42.14 -3.27 8.39
N VAL E 486 -43.11 -2.74 9.14
CA VAL E 486 -43.73 -1.47 8.82
C VAL E 486 -44.47 -0.99 10.05
N VAL E 487 -44.33 0.30 10.36
CA VAL E 487 -45.02 0.95 11.47
C VAL E 487 -46.09 1.87 10.88
N MET E 488 -47.33 1.65 11.27
CA MET E 488 -48.48 2.27 10.62
C MET E 488 -49.07 3.35 11.52
N ASP E 489 -48.30 4.43 11.63
CA ASP E 489 -48.49 5.62 12.43
C ASP E 489 -47.48 6.59 11.88
N PRO E 490 -47.83 7.41 10.89
CA PRO E 490 -46.86 8.38 10.34
C PRO E 490 -46.40 9.40 11.37
N ASP E 491 -47.08 9.47 12.52
CA ASP E 491 -46.77 10.38 13.61
C ASP E 491 -46.16 9.65 14.81
N ALA E 492 -45.60 8.47 14.59
CA ALA E 492 -45.08 7.65 15.69
C ALA E 492 -43.71 8.13 16.13
N VAL E 493 -43.44 7.98 17.42
CA VAL E 493 -42.13 8.28 17.97
C VAL E 493 -41.22 7.06 17.80
N LEU E 494 -40.08 7.28 17.15
CA LEU E 494 -39.07 6.25 16.94
C LEU E 494 -37.71 6.91 16.88
N PRO E 495 -36.63 6.17 17.15
CA PRO E 495 -35.27 6.68 16.86
C PRO E 495 -35.16 7.13 15.42
N PRO E 496 -34.08 7.87 15.05
CA PRO E 496 -34.05 8.48 13.70
C PRO E 496 -33.74 7.51 12.56
N GLU E 497 -32.82 6.55 12.74
CA GLU E 497 -32.55 5.61 11.64
C GLU E 497 -33.67 4.59 11.47
N VAL E 498 -34.55 4.46 12.47
CA VAL E 498 -35.67 3.52 12.39
C VAL E 498 -36.94 4.18 11.88
N ARG E 499 -36.99 5.51 11.81
CA ARG E 499 -38.17 6.20 11.28
C ARG E 499 -38.46 5.83 9.82
N ARG E 500 -37.58 5.05 9.16
CA ARG E 500 -37.80 4.64 7.76
C ARG E 500 -39.02 3.73 7.61
N VAL E 501 -39.35 2.95 8.64
CA VAL E 501 -40.46 2.01 8.54
C VAL E 501 -41.83 2.65 8.77
N ARG E 502 -41.89 3.96 9.02
CA ARG E 502 -43.18 4.63 9.14
C ARG E 502 -43.89 4.62 7.80
N ALA E 503 -45.16 4.20 7.80
CA ALA E 503 -45.95 4.23 6.58
C ALA E 503 -47.40 4.57 6.93
N GLU E 504 -48.00 5.41 6.10
CA GLU E 504 -49.42 5.74 6.20
C GLU E 504 -50.17 4.66 5.42
N VAL E 505 -50.91 3.82 6.14
CA VAL E 505 -51.79 2.80 5.56
C VAL E 505 -53.21 3.22 5.86
N PRO E 506 -54.17 3.04 4.93
CA PRO E 506 -55.57 3.40 5.24
C PRO E 506 -56.07 2.74 6.52
N GLU E 507 -57.17 3.24 7.09
CA GLU E 507 -57.62 2.75 8.40
C GLU E 507 -58.07 1.30 8.33
N ASP E 508 -58.89 0.96 7.34
CA ASP E 508 -58.99 -0.43 6.94
C ASP E 508 -57.71 -0.83 6.20
N MET E 509 -57.59 -2.10 5.83
CA MET E 509 -56.34 -2.65 5.29
C MET E 509 -55.27 -2.77 6.37
N LYS E 510 -55.25 -1.83 7.33
CA LYS E 510 -54.27 -1.90 8.41
C LYS E 510 -54.25 -3.29 9.04
N LEU E 511 -55.42 -3.91 9.11
CA LEU E 511 -55.59 -5.21 9.72
C LEU E 511 -55.22 -6.35 8.78
N LEU E 512 -54.94 -6.05 7.52
CA LEU E 512 -54.75 -7.10 6.51
C LEU E 512 -53.47 -7.90 6.70
N SER E 513 -52.47 -7.34 7.38
CA SER E 513 -51.25 -8.11 7.63
C SER E 513 -51.52 -9.35 8.48
N ILE E 514 -52.69 -9.43 9.11
CA ILE E 514 -53.15 -10.64 9.76
C ILE E 514 -54.14 -11.39 8.90
N PHE E 515 -55.15 -10.69 8.42
CA PHE E 515 -56.24 -11.29 7.66
C PHE E 515 -55.71 -12.00 6.43
N THR E 516 -54.87 -11.33 5.65
CA THR E 516 -54.38 -11.91 4.42
C THR E 516 -53.07 -12.66 4.63
N ASP E 517 -52.08 -12.02 5.25
CA ASP E 517 -50.75 -12.61 5.35
C ASP E 517 -50.73 -13.79 6.33
N VAL E 518 -51.64 -13.84 7.30
CA VAL E 518 -51.63 -14.91 8.30
C VAL E 518 -52.80 -15.87 8.07
N PHE E 519 -54.01 -15.34 8.00
CA PHE E 519 -55.18 -16.21 7.90
C PHE E 519 -55.32 -16.79 6.49
N ASP E 520 -55.35 -15.92 5.48
CA ASP E 520 -55.72 -16.34 4.13
C ASP E 520 -54.57 -16.97 3.37
N CYS E 521 -53.35 -16.90 3.88
CA CYS E 521 -52.21 -17.43 3.14
C CYS E 521 -51.49 -18.57 3.83
N PHE E 522 -51.57 -18.67 5.15
CA PHE E 522 -50.90 -19.76 5.84
C PHE E 522 -51.86 -20.68 6.58
N PHE E 523 -52.81 -20.13 7.33
CA PHE E 523 -53.72 -20.97 8.10
C PHE E 523 -54.69 -21.72 7.20
N ARG E 524 -55.31 -21.01 6.26
CA ARG E 524 -56.16 -21.59 5.22
C ARG E 524 -55.60 -22.91 4.72
N PHE E 525 -54.29 -23.00 4.56
CA PHE E 525 -53.67 -24.23 4.11
C PHE E 525 -53.33 -25.18 5.24
N LEU E 526 -53.32 -24.70 6.48
CA LEU E 526 -53.01 -25.56 7.61
C LEU E 526 -54.27 -26.18 8.24
N ALA E 527 -55.36 -25.41 8.30
CA ALA E 527 -56.63 -25.98 8.75
C ALA E 527 -57.08 -27.07 7.80
N ALA E 528 -57.32 -26.71 6.53
CA ALA E 528 -57.80 -27.67 5.55
C ALA E 528 -56.84 -28.86 5.43
N GLY E 529 -55.56 -28.64 5.69
CA GLY E 529 -54.60 -29.73 5.58
C GLY E 529 -54.77 -30.77 6.66
N LEU E 530 -55.01 -30.32 7.90
CA LEU E 530 -55.25 -31.24 9.01
C LEU E 530 -56.66 -31.82 8.97
N ALA E 531 -57.60 -31.09 8.37
CA ALA E 531 -58.94 -31.62 8.18
C ALA E 531 -58.93 -32.81 7.22
N THR E 532 -58.39 -32.63 6.02
CA THR E 532 -58.33 -33.76 5.09
C THR E 532 -57.41 -34.87 5.61
N GLU E 533 -56.46 -34.52 6.47
CA GLU E 533 -55.63 -35.51 7.14
C GLU E 533 -56.35 -36.22 8.27
N GLU E 534 -57.53 -35.74 8.66
CA GLU E 534 -58.29 -36.28 9.79
C GLU E 534 -57.49 -36.17 11.07
N VAL E 535 -57.20 -34.93 11.47
CA VAL E 535 -56.41 -34.67 12.68
C VAL E 535 -57.08 -33.52 13.43
N LEU E 536 -57.88 -32.74 12.72
CA LEU E 536 -58.58 -31.62 13.33
C LEU E 536 -59.58 -31.08 12.31
N ALA E 537 -60.86 -31.02 12.67
CA ALA E 537 -61.84 -30.45 11.77
C ALA E 537 -61.70 -28.93 11.76
N GLU E 538 -62.18 -28.32 10.68
CA GLU E 538 -62.02 -26.87 10.54
C GLU E 538 -62.67 -26.13 11.69
N ASP E 539 -63.86 -26.56 12.10
CA ASP E 539 -64.55 -25.93 13.22
C ASP E 539 -63.65 -25.90 14.45
N ASP E 540 -63.05 -27.05 14.78
CA ASP E 540 -62.25 -27.12 16.00
C ASP E 540 -60.97 -26.32 15.88
N PHE E 541 -60.49 -26.10 14.66
CA PHE E 541 -59.23 -25.37 14.49
C PHE E 541 -59.44 -23.88 14.69
N TRP E 542 -60.41 -23.29 14.01
CA TRP E 542 -60.66 -21.87 14.15
C TRP E 542 -61.18 -21.52 15.53
N ARG E 543 -61.82 -22.46 16.22
CA ARG E 543 -62.23 -22.21 17.59
C ARG E 543 -61.01 -21.97 18.47
N THR E 544 -60.01 -22.86 18.38
CA THR E 544 -58.79 -22.67 19.15
C THR E 544 -58.14 -21.34 18.82
N VAL E 545 -58.33 -20.86 17.59
CA VAL E 545 -57.86 -19.52 17.25
C VAL E 545 -58.65 -18.47 18.04
N ALA E 546 -59.98 -18.47 17.90
CA ALA E 546 -60.79 -17.46 18.59
C ALA E 546 -60.55 -17.48 20.10
N GLU E 547 -60.22 -18.64 20.68
CA GLU E 547 -60.02 -18.70 22.12
C GLU E 547 -58.74 -17.98 22.54
N VAL E 548 -57.66 -18.12 21.76
CA VAL E 548 -56.40 -17.48 22.14
C VAL E 548 -56.37 -16.00 21.77
N THR E 549 -57.25 -15.54 20.88
CA THR E 549 -57.34 -14.09 20.62
C THR E 549 -58.00 -13.36 21.79
N ARG E 550 -59.23 -13.74 22.16
CA ARG E 550 -59.89 -13.10 23.29
C ARG E 550 -59.13 -13.37 24.59
N GLU E 551 -58.44 -14.52 24.68
CA GLU E 551 -57.51 -14.73 25.78
C GLU E 551 -56.51 -13.57 25.88
N TYR E 552 -56.06 -13.04 24.72
CA TYR E 552 -55.23 -11.84 24.69
C TYR E 552 -56.05 -10.57 24.93
N GLN E 553 -57.27 -10.51 24.39
CA GLN E 553 -58.05 -9.28 24.37
C GLN E 553 -58.51 -8.89 25.78
N GLU E 554 -59.03 -9.86 26.53
CA GLU E 554 -59.39 -9.60 27.91
C GLU E 554 -58.15 -9.49 28.80
N ALA E 555 -57.00 -10.00 28.35
CA ALA E 555 -55.78 -9.92 29.16
C ALA E 555 -55.25 -8.49 29.25
N HIS E 556 -55.54 -7.64 28.26
CA HIS E 556 -55.08 -6.25 28.25
C HIS E 556 -56.22 -5.34 27.78
N PRO E 557 -57.25 -5.16 28.61
CA PRO E 557 -58.38 -4.32 28.19
C PRO E 557 -58.09 -2.83 28.16
N GLU E 558 -56.85 -2.40 28.43
CA GLU E 558 -56.50 -1.00 28.26
C GLU E 558 -56.44 -0.60 26.79
N LEU E 559 -56.79 -1.50 25.88
CA LEU E 559 -56.81 -1.21 24.46
C LEU E 559 -58.13 -1.58 23.77
N ASP E 560 -59.12 -2.10 24.53
CA ASP E 560 -60.43 -2.44 23.98
C ASP E 560 -60.97 -1.36 23.03
N ASP E 561 -60.51 -0.10 23.18
CA ASP E 561 -60.84 0.94 22.22
C ASP E 561 -60.34 0.59 20.83
N ARG E 562 -59.11 0.08 20.74
CA ARG E 562 -58.52 -0.31 19.46
C ARG E 562 -59.00 -1.68 18.99
N PHE E 563 -59.55 -2.50 19.90
CA PHE E 563 -60.05 -3.82 19.56
C PHE E 563 -61.40 -3.74 18.88
N ARG E 564 -62.22 -2.76 19.25
CA ARG E 564 -63.43 -2.44 18.49
C ARG E 564 -63.10 -1.65 17.24
N GLN E 565 -62.05 -0.82 17.31
CA GLN E 565 -61.58 -0.08 16.16
C GLN E 565 -61.15 -1.00 15.03
N TYR E 566 -60.42 -2.07 15.36
CA TYR E 566 -59.88 -3.03 14.40
C TYR E 566 -60.44 -4.41 14.74
N ASP E 567 -61.72 -4.61 14.46
CA ASP E 567 -62.41 -5.80 14.96
C ASP E 567 -61.99 -7.02 14.16
N LEU E 568 -61.46 -8.04 14.84
CA LEU E 568 -61.02 -9.27 14.20
C LEU E 568 -62.12 -10.33 14.15
N PHE E 569 -63.32 -10.02 14.64
CA PHE E 569 -64.44 -10.94 14.64
C PHE E 569 -65.52 -10.53 13.66
N ALA E 570 -65.20 -9.61 12.75
CA ALA E 570 -66.17 -9.04 11.84
C ALA E 570 -66.89 -10.14 11.06
N PRO E 571 -68.05 -9.81 10.46
CA PRO E 571 -68.74 -10.83 9.65
C PRO E 571 -67.94 -11.29 8.45
N GLU E 572 -67.18 -10.37 7.86
CA GLU E 572 -66.50 -10.60 6.61
C GLU E 572 -65.24 -9.75 6.60
N PHE E 573 -64.27 -10.11 5.75
CA PHE E 573 -63.11 -9.25 5.54
C PHE E 573 -62.61 -9.34 4.10
N ALA E 574 -61.91 -8.28 3.70
CA ALA E 574 -61.57 -8.06 2.30
C ALA E 574 -60.62 -9.14 1.80
N LEU E 575 -60.86 -9.58 0.57
CA LEU E 575 -60.06 -10.61 -0.07
C LEU E 575 -58.92 -9.94 -0.82
N SER E 576 -57.70 -10.08 -0.30
CA SER E 576 -56.51 -9.51 -0.95
C SER E 576 -55.90 -10.59 -1.83
N CYS E 577 -55.89 -10.36 -3.14
CA CYS E 577 -55.46 -11.36 -4.11
C CYS E 577 -53.98 -11.19 -4.42
N LEU E 578 -53.21 -12.27 -4.24
CA LEU E 578 -51.77 -12.21 -4.45
C LEU E 578 -51.37 -12.54 -5.89
N ASN E 579 -51.91 -13.62 -6.48
CA ASN E 579 -51.53 -13.97 -7.83
C ASN E 579 -51.93 -12.89 -8.82
N ARG E 580 -53.04 -12.17 -8.56
CA ARG E 580 -53.42 -11.05 -9.41
C ARG E 580 -52.30 -10.01 -9.50
N LEU E 581 -51.53 -9.83 -8.43
CA LEU E 581 -50.40 -8.91 -8.49
C LEU E 581 -49.33 -9.41 -9.44
N GLN E 582 -49.00 -10.70 -9.34
CA GLN E 582 -47.93 -11.22 -10.19
C GLN E 582 -48.32 -11.25 -11.65
N LEU E 583 -49.59 -11.46 -11.96
CA LEU E 583 -49.99 -11.42 -13.37
C LEU E 583 -49.99 -10.00 -13.92
N ARG E 584 -50.30 -8.99 -13.09
CA ARG E 584 -50.26 -7.61 -13.58
C ARG E 584 -48.82 -7.13 -13.82
N ASP E 585 -47.87 -7.62 -13.00
CA ASP E 585 -46.46 -7.26 -13.12
C ASP E 585 -45.60 -8.24 -12.34
N ASN E 586 -44.82 -9.10 -13.01
CA ASN E 586 -44.03 -10.10 -12.30
C ASN E 586 -42.57 -9.69 -12.09
N ARG E 587 -42.17 -8.49 -12.53
CA ARG E 587 -40.86 -7.94 -12.17
C ARG E 587 -40.90 -7.07 -10.92
N GLN E 588 -42.07 -6.58 -10.54
CA GLN E 588 -42.28 -5.72 -9.38
C GLN E 588 -43.77 -5.69 -9.06
N MET E 589 -44.24 -6.68 -8.30
CA MET E 589 -45.68 -6.84 -8.03
C MET E 589 -46.28 -5.59 -7.41
N VAL E 590 -45.52 -4.94 -6.52
CA VAL E 590 -45.95 -3.78 -5.77
C VAL E 590 -44.92 -2.67 -5.96
N ASP E 591 -45.37 -1.43 -5.87
CA ASP E 591 -44.46 -0.30 -5.73
C ASP E 591 -44.03 -0.24 -4.27
N LEU E 592 -42.73 -0.03 -4.03
CA LEU E 592 -42.22 -0.05 -2.66
C LEU E 592 -42.31 1.30 -1.95
N ALA E 593 -42.50 2.40 -2.69
CA ALA E 593 -42.83 3.68 -2.06
C ALA E 593 -44.30 3.75 -1.63
N ASP E 594 -45.16 2.90 -2.21
CA ASP E 594 -46.59 2.87 -1.86
C ASP E 594 -47.11 1.46 -2.14
N PRO E 595 -46.81 0.50 -1.26
CA PRO E 595 -47.30 -0.86 -1.48
C PRO E 595 -48.80 -0.99 -1.40
N SER E 596 -49.48 -0.06 -0.71
CA SER E 596 -50.90 -0.23 -0.40
C SER E 596 -51.82 0.02 -1.60
N ALA E 597 -51.32 0.64 -2.68
CA ALA E 597 -52.15 0.91 -3.85
C ALA E 597 -52.18 -0.26 -4.83
N ALA E 598 -51.10 -1.03 -4.88
CA ALA E 598 -51.01 -2.14 -5.82
C ALA E 598 -51.91 -3.31 -5.42
N LEU E 599 -52.24 -3.51 -4.14
CA LEU E 599 -53.07 -4.65 -3.77
C LEU E 599 -54.40 -4.60 -4.50
N GLN E 600 -54.88 -5.77 -4.89
CA GLN E 600 -56.13 -5.89 -5.61
C GLN E 600 -57.11 -6.64 -4.73
N LEU E 601 -58.09 -5.90 -4.21
CA LEU E 601 -59.15 -6.45 -3.35
C LEU E 601 -60.36 -6.76 -4.20
N VAL E 602 -60.85 -7.99 -4.11
CA VAL E 602 -62.00 -8.45 -4.90
C VAL E 602 -63.01 -9.06 -3.95
N GLY E 603 -64.12 -8.34 -3.72
CA GLY E 603 -65.14 -8.92 -2.88
C GLY E 603 -64.63 -9.17 -1.47
N THR E 604 -65.23 -10.17 -0.83
CA THR E 604 -65.09 -10.32 0.61
C THR E 604 -65.11 -11.79 1.00
N LEU E 605 -64.43 -12.08 2.12
CA LEU E 605 -64.34 -13.42 2.68
C LEU E 605 -65.25 -13.54 3.90
N ARG E 606 -66.04 -14.62 3.97
CA ARG E 606 -66.75 -14.94 5.20
C ARG E 606 -65.74 -15.25 6.32
N ASN E 607 -65.67 -14.38 7.31
CA ASN E 607 -64.69 -14.54 8.38
C ASN E 607 -65.00 -15.77 9.23
N PRO E 608 -64.06 -16.71 9.38
CA PRO E 608 -64.33 -17.88 10.23
C PRO E 608 -64.52 -17.54 11.69
N LEU E 609 -64.09 -16.36 12.15
CA LEU E 609 -64.11 -16.00 13.55
C LEU E 609 -65.43 -15.38 14.02
N ALA E 610 -66.54 -15.66 13.33
CA ALA E 610 -67.83 -15.18 13.81
C ALA E 610 -68.24 -15.91 15.09
N GLY E 611 -68.61 -17.19 14.96
CA GLY E 611 -68.98 -17.99 16.10
C GLY E 611 -67.78 -18.54 16.86
#